data_5XV8
#
_entry.id   5XV8
#
loop_
_entity.id
_entity.type
_entity.pdbx_description
1 polymer 'UV-stimulated scaffold protein A'
2 polymer 'General transcription factor IIH subunit 1'
#
loop_
_entity_poly.entity_id
_entity_poly.type
_entity_poly.pdbx_seq_one_letter_code
_entity_poly.pdbx_strand_id
1 'polypeptide(L)' GSMRRRTEALGDAEEDEDDEDFVEVPEKEGYEPHIPDHLRPEYGLEAA A
2 'polypeptide(L)'
;GSMATSSEEVLLIVKKVRQKKQDGALYLMAERIAWAPEGKDRFTISHMYADIKCQKISPEGKAKIQLQLVLHAGDTTNFH
FSNESTAVKERDAVKDLLQQLLPKFKRKAN
;
B
#
# COMPACT_ATOMS: atom_id res chain seq x y z
N ARG A 4 -23.47 -19.04 -14.51
CA ARG A 4 -22.95 -17.71 -14.90
C ARG A 4 -21.55 -17.53 -14.34
N ARG A 5 -20.79 -16.62 -14.94
CA ARG A 5 -19.41 -16.31 -14.55
C ARG A 5 -18.45 -17.40 -14.98
N ARG A 6 -18.55 -18.57 -14.37
CA ARG A 6 -17.67 -19.68 -14.73
C ARG A 6 -18.15 -20.34 -16.02
N THR A 7 -19.38 -20.04 -16.42
CA THR A 7 -19.94 -20.58 -17.64
C THR A 7 -19.62 -19.66 -18.81
N GLU A 8 -18.98 -18.54 -18.51
CA GLU A 8 -18.61 -17.57 -19.52
C GLU A 8 -17.11 -17.65 -19.79
N ALA A 9 -16.66 -16.96 -20.83
CA ALA A 9 -15.24 -16.96 -21.19
C ALA A 9 -14.45 -16.01 -20.30
N LEU A 10 -14.65 -16.11 -19.00
CA LEU A 10 -13.96 -15.26 -18.05
C LEU A 10 -12.64 -15.90 -17.62
N GLY A 11 -11.55 -15.41 -18.17
CA GLY A 11 -10.23 -15.92 -17.85
C GLY A 11 -9.20 -14.81 -17.90
N ASP A 12 -8.14 -14.92 -17.12
CA ASP A 12 -7.11 -13.90 -17.10
C ASP A 12 -5.72 -14.49 -16.86
N ALA A 13 -4.75 -13.89 -17.54
CA ALA A 13 -3.35 -14.26 -17.42
C ALA A 13 -2.49 -13.14 -17.97
N GLU A 14 -3.08 -11.97 -18.09
CA GLU A 14 -2.37 -10.81 -18.63
C GLU A 14 -2.89 -9.49 -18.07
N GLU A 15 -3.69 -9.56 -17.03
CA GLU A 15 -4.20 -8.36 -16.38
C GLU A 15 -3.08 -7.74 -15.55
N ASP A 16 -2.20 -7.02 -16.24
CA ASP A 16 -1.05 -6.39 -15.59
C ASP A 16 -1.43 -5.11 -14.86
N GLU A 17 -0.61 -4.74 -13.91
CA GLU A 17 -0.83 -3.55 -13.09
C GLU A 17 -0.47 -2.28 -13.84
N ASP A 18 -1.35 -1.28 -13.75
CA ASP A 18 -1.09 0.00 -14.39
C ASP A 18 0.15 0.58 -13.74
N ASP A 19 1.06 1.09 -14.54
CA ASP A 19 2.28 1.66 -13.99
C ASP A 19 2.23 3.17 -14.05
N GLU A 20 1.14 3.68 -14.60
CA GLU A 20 0.95 5.11 -14.71
C GLU A 20 -0.35 5.54 -14.07
N ASP A 21 -0.58 6.84 -14.07
CA ASP A 21 -1.78 7.43 -13.52
C ASP A 21 -1.91 7.09 -12.04
N PHE A 22 -0.99 7.61 -11.25
CA PHE A 22 -1.01 7.48 -9.81
C PHE A 22 -0.87 8.87 -9.25
N VAL A 23 -1.80 9.22 -8.41
CA VAL A 23 -1.81 10.53 -7.81
C VAL A 23 -0.97 10.52 -6.58
N GLU A 24 0.04 11.35 -6.59
CA GLU A 24 0.99 11.40 -5.51
C GLU A 24 0.30 11.58 -4.16
N VAL A 25 0.67 10.72 -3.24
CA VAL A 25 0.17 10.72 -1.91
C VAL A 25 1.22 11.28 -0.96
N PRO A 26 0.95 12.49 -0.45
CA PRO A 26 1.84 13.20 0.49
C PRO A 26 1.80 12.60 1.88
N GLU A 27 2.66 13.08 2.78
CA GLU A 27 2.70 12.59 4.15
C GLU A 27 1.84 13.47 5.07
N LYS A 28 1.42 12.91 6.21
CA LYS A 28 0.60 13.65 7.16
C LYS A 28 1.40 14.04 8.39
N GLU A 29 2.15 13.06 8.91
CA GLU A 29 2.96 13.22 10.11
C GLU A 29 2.08 13.48 11.34
N GLY A 30 1.53 14.68 11.42
CA GLY A 30 0.69 15.04 12.55
C GLY A 30 -0.76 15.02 12.18
N TYR A 31 -1.34 13.82 12.14
CA TYR A 31 -2.74 13.65 11.79
C TYR A 31 -3.30 12.43 12.52
N GLU A 32 -4.58 12.47 12.81
CA GLU A 32 -5.25 11.38 13.49
C GLU A 32 -6.61 11.16 12.84
N PRO A 33 -6.90 9.91 12.43
CA PRO A 33 -8.18 9.56 11.79
C PRO A 33 -9.37 9.98 12.66
N HIS A 34 -9.26 9.70 13.96
CA HIS A 34 -10.28 10.05 14.94
C HIS A 34 -11.66 9.54 14.55
N ILE A 35 -12.66 10.30 14.95
CA ILE A 35 -14.03 9.97 14.69
C ILE A 35 -14.85 11.25 14.61
N PRO A 36 -15.93 11.25 13.82
CA PRO A 36 -16.81 12.42 13.67
C PRO A 36 -17.30 12.97 15.01
N ASP A 37 -16.73 14.09 15.43
CA ASP A 37 -17.13 14.72 16.67
C ASP A 37 -17.92 15.99 16.39
N HIS A 38 -19.14 16.01 16.87
CA HIS A 38 -20.04 17.14 16.70
C HIS A 38 -20.75 17.40 18.02
N LEU A 39 -20.12 16.97 19.09
CA LEU A 39 -20.67 17.13 20.43
C LEU A 39 -19.77 18.06 21.25
N ARG A 40 -19.54 19.24 20.70
CA ARG A 40 -18.69 20.24 21.35
C ARG A 40 -19.49 21.05 22.37
N PRO A 41 -19.21 20.87 23.67
CA PRO A 41 -19.89 21.61 24.73
C PRO A 41 -19.22 22.97 24.96
N GLU A 42 -18.73 23.54 23.88
CA GLU A 42 -18.06 24.83 23.92
C GLU A 42 -18.69 25.79 22.90
N TYR A 43 -20.00 25.66 22.70
CA TYR A 43 -20.70 26.51 21.74
C TYR A 43 -20.92 27.91 22.31
N GLY A 44 -21.06 27.99 23.63
CA GLY A 44 -21.27 29.27 24.27
C GLY A 44 -22.71 29.48 24.66
N LEU A 45 -23.51 28.43 24.56
CA LEU A 45 -24.91 28.50 24.90
C LEU A 45 -25.21 27.56 26.07
N GLU A 46 -24.18 26.84 26.49
CA GLU A 46 -24.28 25.90 27.60
C GLU A 46 -24.28 26.64 28.94
N ALA A 47 -25.37 27.33 29.21
CA ALA A 47 -25.52 28.09 30.45
C ALA A 47 -26.80 27.69 31.16
N ALA A 48 -27.39 26.59 30.71
CA ALA A 48 -28.63 26.07 31.28
C ALA A 48 -28.77 24.61 30.88
N MET B 3 15.01 -12.04 8.72
CA MET B 3 15.35 -12.20 7.28
C MET B 3 14.44 -13.23 6.64
N ALA B 4 14.10 -13.01 5.37
CA ALA B 4 13.21 -13.91 4.63
C ALA B 4 11.84 -14.00 5.32
N THR B 5 11.64 -15.05 6.09
CA THR B 5 10.39 -15.22 6.81
C THR B 5 10.42 -14.41 8.11
N SER B 6 9.95 -13.18 8.02
CA SER B 6 9.91 -12.30 9.18
C SER B 6 8.69 -11.40 9.09
N SER B 7 7.95 -11.31 10.18
CA SER B 7 6.75 -10.49 10.22
C SER B 7 6.64 -9.73 11.53
N GLU B 8 6.90 -8.43 11.48
CA GLU B 8 6.81 -7.58 12.66
C GLU B 8 5.36 -7.16 12.85
N GLU B 9 5.11 -6.39 13.91
CA GLU B 9 3.77 -5.91 14.22
C GLU B 9 3.07 -5.34 12.99
N VAL B 10 2.08 -6.07 12.51
CA VAL B 10 1.31 -5.65 11.35
C VAL B 10 0.20 -4.70 11.80
N LEU B 11 0.27 -3.47 11.32
CA LEU B 11 -0.73 -2.47 11.68
C LEU B 11 -1.90 -2.48 10.71
N LEU B 12 -1.64 -2.88 9.47
CA LEU B 12 -2.68 -2.92 8.47
C LEU B 12 -2.59 -4.18 7.61
N ILE B 13 -3.70 -4.91 7.53
CA ILE B 13 -3.74 -6.13 6.74
C ILE B 13 -4.68 -5.97 5.56
N VAL B 14 -4.12 -5.93 4.37
CA VAL B 14 -4.88 -5.79 3.15
C VAL B 14 -4.83 -7.10 2.36
N LYS B 15 -5.96 -7.52 1.83
CA LYS B 15 -6.02 -8.77 1.10
C LYS B 15 -6.21 -8.54 -0.40
N LYS B 16 -5.94 -9.59 -1.18
CA LYS B 16 -6.05 -9.56 -2.63
C LYS B 16 -5.37 -8.32 -3.23
N VAL B 17 -4.05 -8.38 -3.28
CA VAL B 17 -3.25 -7.30 -3.84
C VAL B 17 -2.32 -7.85 -4.90
N ARG B 18 -2.45 -7.33 -6.11
CA ARG B 18 -1.63 -7.79 -7.21
C ARG B 18 -0.39 -6.93 -7.41
N GLN B 19 0.74 -7.59 -7.56
CA GLN B 19 2.00 -6.92 -7.81
C GLN B 19 2.58 -7.48 -9.10
N LYS B 20 2.46 -6.70 -10.18
CA LYS B 20 2.95 -7.09 -11.50
C LYS B 20 2.45 -8.49 -11.90
N LYS B 21 1.12 -8.59 -12.07
CA LYS B 21 0.44 -9.82 -12.47
C LYS B 21 0.62 -10.96 -11.47
N GLN B 22 0.71 -10.61 -10.19
CA GLN B 22 0.86 -11.61 -9.14
C GLN B 22 -0.10 -11.27 -7.99
N ASP B 23 -1.04 -12.16 -7.72
CA ASP B 23 -2.01 -11.95 -6.65
C ASP B 23 -1.43 -12.32 -5.30
N GLY B 24 -1.66 -11.47 -4.32
CA GLY B 24 -1.15 -11.72 -2.98
C GLY B 24 -1.84 -10.84 -1.95
N ALA B 25 -1.07 -10.40 -0.96
CA ALA B 25 -1.61 -9.54 0.09
C ALA B 25 -0.57 -8.53 0.55
N LEU B 26 -1.04 -7.35 0.92
CA LEU B 26 -0.16 -6.29 1.38
C LEU B 26 -0.34 -6.09 2.88
N TYR B 27 0.77 -6.12 3.60
CA TYR B 27 0.72 -5.95 5.04
C TYR B 27 1.54 -4.74 5.47
N LEU B 28 0.88 -3.76 6.09
CA LEU B 28 1.56 -2.58 6.57
C LEU B 28 2.09 -2.89 7.95
N MET B 29 3.39 -2.73 8.13
CA MET B 29 4.00 -3.06 9.40
C MET B 29 4.46 -1.80 10.09
N ALA B 30 4.64 -1.90 11.40
CA ALA B 30 5.06 -0.79 12.23
C ALA B 30 6.23 0.02 11.67
N GLU B 31 7.25 -0.66 11.15
CA GLU B 31 8.41 0.04 10.62
C GLU B 31 8.62 -0.16 9.11
N ARG B 32 7.78 -0.96 8.46
CA ARG B 32 7.96 -1.21 7.03
C ARG B 32 6.68 -1.68 6.35
N ILE B 33 6.75 -1.78 5.04
CA ILE B 33 5.63 -2.26 4.24
C ILE B 33 6.11 -3.47 3.44
N ALA B 34 5.33 -4.54 3.46
CA ALA B 34 5.73 -5.74 2.75
C ALA B 34 4.56 -6.37 2.01
N TRP B 35 4.88 -7.02 0.90
CA TRP B 35 3.90 -7.70 0.09
C TRP B 35 4.34 -9.12 -0.19
N ALA B 36 3.40 -10.04 -0.15
CA ALA B 36 3.68 -11.44 -0.41
C ALA B 36 2.48 -12.08 -1.08
N PRO B 37 2.70 -13.00 -2.03
CA PRO B 37 1.61 -13.68 -2.71
C PRO B 37 0.76 -14.44 -1.69
N GLU B 38 -0.49 -14.74 -2.04
CA GLU B 38 -1.38 -15.42 -1.12
C GLU B 38 -0.81 -16.78 -0.68
N GLY B 39 -0.95 -17.06 0.61
CA GLY B 39 -0.46 -18.30 1.18
C GLY B 39 1.05 -18.41 1.19
N LYS B 40 1.74 -17.29 1.25
CA LYS B 40 3.20 -17.29 1.28
C LYS B 40 3.71 -16.76 2.62
N ASP B 41 4.74 -17.40 3.15
CA ASP B 41 5.34 -16.99 4.43
C ASP B 41 6.46 -15.98 4.20
N ARG B 42 7.00 -15.96 3.00
CA ARG B 42 8.09 -15.06 2.66
C ARG B 42 7.60 -13.92 1.78
N PHE B 43 7.93 -12.69 2.19
CA PHE B 43 7.54 -11.51 1.46
C PHE B 43 8.50 -11.24 0.32
N THR B 44 7.99 -11.21 -0.90
CA THR B 44 8.82 -10.96 -2.07
C THR B 44 9.13 -9.47 -2.19
N ILE B 45 8.28 -8.66 -1.58
CA ILE B 45 8.45 -7.22 -1.58
C ILE B 45 8.55 -6.71 -0.16
N SER B 46 9.63 -6.02 0.16
CA SER B 46 9.81 -5.49 1.50
C SER B 46 10.53 -4.15 1.44
N HIS B 47 9.84 -3.09 1.87
CA HIS B 47 10.41 -1.75 1.86
C HIS B 47 10.21 -1.10 3.21
N MET B 48 11.26 -0.55 3.77
CA MET B 48 11.15 0.14 5.04
C MET B 48 10.71 1.55 4.72
N TYR B 49 9.95 2.15 5.61
CA TYR B 49 9.46 3.51 5.37
C TYR B 49 10.63 4.49 5.23
N ALA B 50 11.79 4.10 5.73
CA ALA B 50 12.99 4.93 5.67
C ALA B 50 13.61 4.93 4.27
N ASP B 51 13.13 4.05 3.41
CA ASP B 51 13.66 3.95 2.05
C ASP B 51 12.67 4.54 1.05
N ILE B 52 11.53 4.99 1.54
CA ILE B 52 10.51 5.55 0.67
C ILE B 52 10.53 7.09 0.72
N LYS B 53 10.39 7.71 -0.46
CA LYS B 53 10.39 9.16 -0.56
C LYS B 53 8.96 9.70 -0.45
N CYS B 54 8.06 9.09 -1.20
CA CYS B 54 6.66 9.48 -1.21
C CYS B 54 5.86 8.34 -1.82
N GLN B 55 4.54 8.50 -1.90
CA GLN B 55 3.74 7.45 -2.46
C GLN B 55 2.77 8.08 -3.43
N LYS B 56 2.10 7.28 -4.24
CA LYS B 56 1.10 7.75 -5.19
C LYS B 56 0.01 6.71 -5.23
N ILE B 57 -1.12 7.06 -5.79
CA ILE B 57 -2.23 6.12 -5.88
C ILE B 57 -2.90 6.20 -7.22
N SER B 58 -3.15 5.07 -7.88
CA SER B 58 -3.87 5.14 -9.14
C SER B 58 -5.26 5.63 -8.77
N PRO B 59 -5.55 6.89 -9.16
CA PRO B 59 -6.78 7.62 -8.83
C PRO B 59 -8.05 6.95 -9.34
N GLU B 60 -9.18 7.44 -8.87
CA GLU B 60 -10.47 6.95 -9.30
C GLU B 60 -10.59 7.18 -10.80
N GLY B 61 -11.26 6.27 -11.48
CA GLY B 61 -11.41 6.38 -12.92
C GLY B 61 -10.68 5.25 -13.62
N LYS B 62 -9.57 4.81 -13.04
CA LYS B 62 -8.84 3.69 -13.60
C LYS B 62 -9.66 2.42 -13.34
N ALA B 63 -9.51 1.42 -14.18
CA ALA B 63 -10.25 0.17 -14.02
C ALA B 63 -9.84 -0.56 -12.75
N LYS B 64 -8.71 -0.15 -12.19
CA LYS B 64 -8.19 -0.76 -10.98
C LYS B 64 -7.54 0.30 -10.09
N ILE B 65 -7.95 0.32 -8.83
CA ILE B 65 -7.41 1.26 -7.86
C ILE B 65 -6.09 0.72 -7.30
N GLN B 66 -5.01 1.50 -7.42
CA GLN B 66 -3.71 0.98 -6.98
C GLN B 66 -2.88 2.01 -6.22
N LEU B 67 -1.79 1.53 -5.62
CA LEU B 67 -0.87 2.37 -4.89
C LEU B 67 0.53 2.25 -5.50
N GLN B 68 1.30 3.32 -5.44
CA GLN B 68 2.65 3.35 -5.98
C GLN B 68 3.63 3.91 -4.96
N LEU B 69 4.63 3.14 -4.59
CA LEU B 69 5.64 3.60 -3.65
C LEU B 69 6.86 4.14 -4.38
N VAL B 70 7.12 5.43 -4.24
CA VAL B 70 8.27 6.02 -4.89
C VAL B 70 9.42 6.12 -3.90
N LEU B 71 10.50 5.42 -4.20
CA LEU B 71 11.65 5.41 -3.32
C LEU B 71 12.50 6.66 -3.56
N HIS B 72 13.63 6.74 -2.86
CA HIS B 72 14.51 7.90 -2.95
C HIS B 72 15.21 8.06 -4.30
N ALA B 73 15.56 6.95 -4.94
CA ALA B 73 16.26 7.03 -6.23
C ALA B 73 15.31 7.09 -7.41
N GLY B 74 14.02 7.19 -7.13
CA GLY B 74 13.03 7.24 -8.19
C GLY B 74 12.48 5.86 -8.48
N ASP B 75 12.66 4.99 -7.51
CA ASP B 75 12.20 3.61 -7.59
C ASP B 75 10.71 3.59 -7.34
N THR B 76 10.01 2.60 -7.85
CA THR B 76 8.58 2.54 -7.64
C THR B 76 8.06 1.11 -7.49
N THR B 77 7.20 0.93 -6.51
CA THR B 77 6.58 -0.35 -6.24
C THR B 77 5.07 -0.20 -6.36
N ASN B 78 4.48 -0.86 -7.35
CA ASN B 78 3.04 -0.77 -7.60
C ASN B 78 2.28 -1.88 -6.90
N PHE B 79 1.18 -1.52 -6.26
CA PHE B 79 0.34 -2.48 -5.57
C PHE B 79 -1.12 -2.31 -5.99
N HIS B 80 -1.63 -3.30 -6.70
CA HIS B 80 -3.01 -3.27 -7.18
C HIS B 80 -3.94 -3.93 -6.17
N PHE B 81 -4.95 -3.19 -5.74
CA PHE B 81 -5.92 -3.73 -4.81
C PHE B 81 -6.98 -4.49 -5.58
N SER B 82 -6.68 -5.75 -5.88
CA SER B 82 -7.58 -6.60 -6.65
C SER B 82 -8.77 -7.08 -5.84
N ASN B 83 -8.82 -6.70 -4.56
CA ASN B 83 -9.93 -7.08 -3.71
C ASN B 83 -11.14 -6.20 -4.01
N GLU B 84 -12.04 -6.71 -4.82
CA GLU B 84 -13.25 -6.00 -5.23
C GLU B 84 -14.05 -5.51 -4.02
N SER B 85 -14.04 -6.31 -2.97
CA SER B 85 -14.77 -6.01 -1.75
C SER B 85 -14.36 -4.66 -1.12
N THR B 86 -13.08 -4.47 -0.89
CA THR B 86 -12.59 -3.24 -0.26
C THR B 86 -11.40 -2.62 -0.99
N ALA B 87 -11.40 -2.65 -2.32
CA ALA B 87 -10.29 -2.11 -3.11
C ALA B 87 -9.97 -0.66 -2.75
N VAL B 88 -10.89 0.24 -3.10
CA VAL B 88 -10.74 1.66 -2.81
C VAL B 88 -10.55 1.91 -1.31
N LYS B 89 -11.29 1.15 -0.52
CA LYS B 89 -11.26 1.29 0.93
C LYS B 89 -9.91 0.91 1.52
N GLU B 90 -9.38 -0.24 1.12
CA GLU B 90 -8.08 -0.70 1.60
C GLU B 90 -6.97 0.18 1.05
N ARG B 91 -7.17 0.69 -0.17
CA ARG B 91 -6.20 1.57 -0.80
C ARG B 91 -5.97 2.80 0.05
N ASP B 92 -7.06 3.46 0.40
CA ASP B 92 -7.00 4.67 1.22
C ASP B 92 -6.50 4.36 2.62
N ALA B 93 -6.78 3.16 3.11
CA ALA B 93 -6.32 2.75 4.43
C ALA B 93 -4.80 2.66 4.42
N VAL B 94 -4.26 2.06 3.36
CA VAL B 94 -2.81 1.92 3.21
C VAL B 94 -2.21 3.28 2.92
N LYS B 95 -2.95 4.05 2.15
CA LYS B 95 -2.55 5.38 1.73
C LYS B 95 -2.40 6.30 2.93
N ASP B 96 -3.47 6.47 3.70
CA ASP B 96 -3.47 7.34 4.88
C ASP B 96 -2.47 6.89 5.93
N LEU B 97 -2.37 5.59 6.12
CA LEU B 97 -1.44 5.05 7.11
C LEU B 97 -0.01 5.21 6.62
N LEU B 98 0.18 5.17 5.30
CA LEU B 98 1.51 5.38 4.74
C LEU B 98 1.93 6.81 4.96
N GLN B 99 1.12 7.79 4.53
CA GLN B 99 1.44 9.18 4.78
C GLN B 99 1.67 9.43 6.27
N GLN B 100 1.15 8.53 7.09
CA GLN B 100 1.30 8.59 8.53
C GLN B 100 2.64 7.99 8.98
N LEU B 101 2.96 6.79 8.49
CA LEU B 101 4.18 6.09 8.89
C LEU B 101 5.41 6.45 8.03
N LEU B 102 5.19 6.90 6.81
CA LEU B 102 6.28 7.25 5.90
C LEU B 102 7.22 8.31 6.50
N PRO B 103 6.72 9.48 6.95
CA PRO B 103 7.57 10.54 7.52
C PRO B 103 8.23 10.12 8.84
N LYS B 104 7.67 9.09 9.48
CA LYS B 104 8.19 8.58 10.74
C LYS B 104 9.63 8.10 10.56
N PHE B 105 9.95 7.70 9.34
CA PHE B 105 11.29 7.24 9.01
C PHE B 105 11.92 8.13 7.96
N LYS B 106 11.10 8.65 7.07
CA LYS B 106 11.59 9.51 6.01
C LYS B 106 12.04 10.86 6.54
N ARG B 107 13.35 11.05 6.51
CA ARG B 107 13.96 12.29 6.94
C ARG B 107 15.22 12.48 6.12
N LYS B 108 15.09 13.22 5.02
CA LYS B 108 16.19 13.47 4.10
C LYS B 108 15.83 14.61 3.17
N ALA B 109 16.71 14.91 2.24
CA ALA B 109 16.48 15.97 1.25
C ALA B 109 16.17 15.35 -0.10
N ASN B 110 15.75 14.09 -0.05
CA ASN B 110 15.43 13.32 -1.23
C ASN B 110 14.77 12.01 -0.79
N ARG A 4 -6.52 -13.62 -10.96
CA ARG A 4 -7.90 -13.68 -10.42
C ARG A 4 -7.89 -14.20 -8.99
N ARG A 5 -9.06 -14.54 -8.47
CA ARG A 5 -9.17 -15.06 -7.12
C ARG A 5 -8.88 -16.55 -7.11
N ARG A 6 -9.25 -17.21 -8.20
CA ARG A 6 -9.04 -18.63 -8.35
C ARG A 6 -8.51 -18.91 -9.76
N THR A 7 -8.63 -20.16 -10.20
CA THR A 7 -8.15 -20.55 -11.52
C THR A 7 -9.14 -20.12 -12.61
N GLU A 8 -9.99 -19.16 -12.27
CA GLU A 8 -11.01 -18.63 -13.18
C GLU A 8 -10.37 -18.15 -14.48
N ALA A 9 -9.26 -17.45 -14.36
CA ALA A 9 -8.55 -16.94 -15.52
C ALA A 9 -7.12 -17.49 -15.54
N LEU A 10 -7.02 -18.82 -15.42
CA LEU A 10 -5.73 -19.51 -15.42
C LEU A 10 -4.83 -18.94 -14.32
N GLY A 11 -5.41 -18.74 -13.15
CA GLY A 11 -4.68 -18.17 -12.04
C GLY A 11 -4.75 -16.67 -12.06
N ASP A 12 -3.95 -16.05 -12.92
CA ASP A 12 -3.92 -14.61 -13.06
C ASP A 12 -3.35 -14.22 -14.41
N ALA A 13 -4.08 -14.50 -15.46
CA ALA A 13 -3.65 -14.18 -16.82
C ALA A 13 -4.53 -13.09 -17.41
N GLU A 14 -5.04 -12.24 -16.53
CA GLU A 14 -5.92 -11.14 -16.93
C GLU A 14 -5.11 -9.91 -17.37
N GLU A 15 -5.61 -8.73 -17.04
CA GLU A 15 -4.95 -7.48 -17.41
C GLU A 15 -3.75 -7.22 -16.52
N ASP A 16 -2.73 -6.59 -17.09
CA ASP A 16 -1.53 -6.27 -16.33
C ASP A 16 -1.72 -4.99 -15.52
N GLU A 17 -0.89 -4.81 -14.51
CA GLU A 17 -0.97 -3.64 -13.66
C GLU A 17 -0.39 -2.44 -14.37
N ASP A 18 -1.22 -1.43 -14.62
CA ASP A 18 -0.76 -0.23 -15.30
C ASP A 18 0.03 0.63 -14.34
N ASP A 19 1.33 0.69 -14.58
CA ASP A 19 2.25 1.46 -13.73
C ASP A 19 2.14 2.95 -14.03
N GLU A 20 0.99 3.38 -14.48
CA GLU A 20 0.76 4.77 -14.81
C GLU A 20 -0.55 5.27 -14.22
N ASP A 21 -0.67 6.60 -14.06
CA ASP A 21 -1.84 7.25 -13.53
C ASP A 21 -2.03 6.95 -12.05
N PHE A 22 -1.11 7.48 -11.26
CA PHE A 22 -1.16 7.38 -9.82
C PHE A 22 -0.98 8.77 -9.27
N VAL A 23 -1.91 9.16 -8.43
CA VAL A 23 -1.90 10.46 -7.85
C VAL A 23 -1.03 10.46 -6.63
N GLU A 24 -0.02 11.29 -6.67
CA GLU A 24 0.95 11.35 -5.61
C GLU A 24 0.30 11.56 -4.25
N VAL A 25 0.61 10.66 -3.35
CA VAL A 25 0.12 10.69 -2.00
C VAL A 25 1.18 11.30 -1.09
N PRO A 26 0.88 12.50 -0.56
CA PRO A 26 1.79 13.24 0.32
C PRO A 26 1.84 12.66 1.74
N GLU A 27 2.73 13.19 2.55
CA GLU A 27 2.87 12.76 3.93
C GLU A 27 1.96 13.60 4.82
N LYS A 28 1.53 13.06 5.95
CA LYS A 28 0.66 13.80 6.85
C LYS A 28 1.29 13.97 8.23
N GLU A 29 1.82 12.87 8.77
CA GLU A 29 2.46 12.85 10.10
C GLU A 29 1.50 13.25 11.22
N GLY A 30 1.13 14.52 11.27
CA GLY A 30 0.23 15.00 12.31
C GLY A 30 -1.22 14.71 12.01
N TYR A 31 -1.55 13.44 11.90
CA TYR A 31 -2.92 13.01 11.61
C TYR A 31 -3.20 11.67 12.29
N GLU A 32 -2.37 10.68 11.98
CA GLU A 32 -2.47 9.32 12.51
C GLU A 32 -3.75 8.62 12.02
N PRO A 33 -3.71 7.28 11.95
CA PRO A 33 -4.83 6.47 11.46
C PRO A 33 -6.09 6.52 12.33
N HIS A 34 -6.78 7.64 12.30
CA HIS A 34 -8.03 7.80 13.04
C HIS A 34 -8.81 8.98 12.55
N ILE A 35 -9.76 8.71 11.69
CA ILE A 35 -10.62 9.71 11.14
C ILE A 35 -11.79 9.04 10.44
N PRO A 36 -12.97 9.65 10.53
CA PRO A 36 -14.17 9.12 9.89
C PRO A 36 -14.01 9.03 8.37
N ASP A 37 -14.48 7.95 7.78
CA ASP A 37 -14.37 7.76 6.33
C ASP A 37 -15.54 8.38 5.60
N HIS A 38 -15.27 9.48 4.90
CA HIS A 38 -16.28 10.18 4.12
C HIS A 38 -15.92 10.08 2.64
N LEU A 39 -15.14 9.05 2.32
CA LEU A 39 -14.71 8.84 0.95
C LEU A 39 -15.39 7.60 0.38
N ARG A 40 -16.62 7.77 -0.06
CA ARG A 40 -17.38 6.66 -0.63
C ARG A 40 -17.54 6.85 -2.14
N PRO A 41 -17.03 5.91 -2.93
CA PRO A 41 -17.13 5.98 -4.40
C PRO A 41 -18.54 5.61 -4.87
N GLU A 42 -19.50 6.42 -4.47
CA GLU A 42 -20.89 6.20 -4.83
C GLU A 42 -21.53 7.52 -5.27
N TYR A 43 -22.84 7.49 -5.52
CA TYR A 43 -23.57 8.67 -5.95
C TYR A 43 -24.75 8.94 -5.03
N GLY A 44 -25.27 7.89 -4.42
CA GLY A 44 -26.39 8.03 -3.51
C GLY A 44 -26.00 7.70 -2.09
N LEU A 45 -25.00 6.84 -1.94
CA LEU A 45 -24.52 6.45 -0.62
C LEU A 45 -23.46 7.43 -0.11
N GLU A 46 -23.20 8.47 -0.89
CA GLU A 46 -22.23 9.48 -0.53
C GLU A 46 -22.95 10.76 -0.13
N ALA A 47 -22.90 11.10 1.15
CA ALA A 47 -23.56 12.30 1.66
C ALA A 47 -23.12 12.60 3.09
N ALA A 48 -23.00 11.58 3.91
CA ALA A 48 -22.60 11.73 5.30
C ALA A 48 -21.40 10.85 5.61
N MET B 3 8.72 -8.35 15.85
CA MET B 3 9.75 -8.61 16.87
C MET B 3 11.13 -8.19 16.35
N ALA B 4 11.74 -9.07 15.56
CA ALA B 4 13.07 -8.82 14.98
C ALA B 4 13.50 -10.03 14.15
N THR B 5 12.89 -10.21 12.99
CA THR B 5 13.24 -11.32 12.12
C THR B 5 12.93 -10.98 10.66
N SER B 6 11.65 -11.08 10.30
CA SER B 6 11.22 -10.81 8.93
C SER B 6 9.75 -10.38 8.96
N SER B 7 8.91 -11.26 9.47
CA SER B 7 7.49 -10.98 9.59
C SER B 7 7.23 -10.29 10.92
N GLU B 8 7.44 -8.97 10.94
CA GLU B 8 7.26 -8.18 12.14
C GLU B 8 5.81 -7.81 12.34
N GLU B 9 5.54 -7.11 13.45
CA GLU B 9 4.22 -6.67 13.81
C GLU B 9 3.52 -6.00 12.63
N VAL B 10 2.50 -6.68 12.11
CA VAL B 10 1.74 -6.17 11.00
C VAL B 10 0.68 -5.18 11.49
N LEU B 11 0.85 -3.93 11.12
CA LEU B 11 -0.07 -2.88 11.53
C LEU B 11 -1.30 -2.85 10.62
N LEU B 12 -1.11 -3.18 9.36
CA LEU B 12 -2.22 -3.17 8.42
C LEU B 12 -2.21 -4.40 7.52
N ILE B 13 -3.35 -5.06 7.39
CA ILE B 13 -3.46 -6.25 6.56
C ILE B 13 -4.45 -6.04 5.41
N VAL B 14 -3.93 -6.10 4.20
CA VAL B 14 -4.73 -5.96 2.99
C VAL B 14 -4.70 -7.27 2.21
N LYS B 15 -5.83 -7.66 1.64
CA LYS B 15 -5.90 -8.92 0.92
C LYS B 15 -6.07 -8.71 -0.57
N LYS B 16 -5.85 -9.79 -1.33
CA LYS B 16 -5.97 -9.79 -2.78
C LYS B 16 -5.30 -8.57 -3.42
N VAL B 17 -3.99 -8.50 -3.26
CA VAL B 17 -3.21 -7.41 -3.81
C VAL B 17 -2.26 -7.96 -4.87
N ARG B 18 -2.30 -7.36 -6.04
CA ARG B 18 -1.46 -7.82 -7.14
C ARG B 18 -0.25 -6.94 -7.37
N GLN B 19 0.87 -7.57 -7.60
CA GLN B 19 2.10 -6.87 -7.90
C GLN B 19 2.58 -7.33 -9.27
N LYS B 20 2.35 -6.48 -10.27
CA LYS B 20 2.73 -6.77 -11.65
C LYS B 20 2.35 -8.19 -12.08
N LYS B 21 1.03 -8.47 -12.14
CA LYS B 21 0.50 -9.77 -12.53
C LYS B 21 0.76 -10.88 -11.52
N GLN B 22 1.04 -10.50 -10.28
CA GLN B 22 1.26 -11.48 -9.22
C GLN B 22 0.25 -11.26 -8.12
N ASP B 23 -0.60 -12.25 -7.88
CA ASP B 23 -1.62 -12.15 -6.84
C ASP B 23 -1.05 -12.47 -5.46
N GLY B 24 -1.53 -11.75 -4.45
CA GLY B 24 -1.06 -11.96 -3.10
C GLY B 24 -1.78 -11.08 -2.09
N ALA B 25 -1.05 -10.65 -1.07
CA ALA B 25 -1.59 -9.81 -0.02
C ALA B 25 -0.55 -8.80 0.45
N LEU B 26 -1.01 -7.62 0.83
CA LEU B 26 -0.12 -6.56 1.29
C LEU B 26 -0.22 -6.41 2.80
N TYR B 27 0.93 -6.36 3.45
CA TYR B 27 0.97 -6.21 4.90
C TYR B 27 1.83 -5.02 5.31
N LEU B 28 1.21 -4.03 5.94
CA LEU B 28 1.94 -2.87 6.42
C LEU B 28 2.55 -3.23 7.76
N MET B 29 3.84 -3.03 7.90
CA MET B 29 4.51 -3.37 9.14
C MET B 29 4.98 -2.12 9.86
N ALA B 30 5.40 -2.31 11.11
CA ALA B 30 5.86 -1.22 11.96
C ALA B 30 6.83 -0.25 11.28
N GLU B 31 7.90 -0.77 10.70
CA GLU B 31 8.89 0.09 10.06
C GLU B 31 8.99 -0.15 8.56
N ARG B 32 8.07 -0.92 8.00
CA ARG B 32 8.16 -1.24 6.58
C ARG B 32 6.85 -1.71 5.99
N ILE B 33 6.82 -1.80 4.68
CA ILE B 33 5.67 -2.30 3.96
C ILE B 33 6.09 -3.51 3.15
N ALA B 34 5.41 -4.62 3.33
CA ALA B 34 5.77 -5.83 2.63
C ALA B 34 4.58 -6.45 1.90
N TRP B 35 4.90 -7.18 0.84
CA TRP B 35 3.89 -7.84 0.04
C TRP B 35 4.30 -9.29 -0.19
N ALA B 36 3.34 -10.19 -0.05
CA ALA B 36 3.61 -11.60 -0.24
C ALA B 36 2.57 -12.21 -1.18
N PRO B 37 3.00 -13.10 -2.08
CA PRO B 37 2.09 -13.76 -3.02
C PRO B 37 1.08 -14.63 -2.29
N GLU B 38 -0.05 -14.91 -2.94
CA GLU B 38 -1.10 -15.70 -2.33
C GLU B 38 -0.58 -17.08 -1.90
N GLY B 39 -0.94 -17.45 -0.67
CA GLY B 39 -0.51 -18.72 -0.12
C GLY B 39 0.97 -18.76 0.21
N LYS B 40 1.54 -17.61 0.56
CA LYS B 40 2.96 -17.54 0.92
C LYS B 40 3.13 -17.18 2.38
N ASP B 41 4.17 -17.71 3.00
CA ASP B 41 4.47 -17.44 4.40
C ASP B 41 5.48 -16.30 4.52
N ARG B 42 6.23 -16.08 3.45
CA ARG B 42 7.23 -15.04 3.43
C ARG B 42 6.90 -14.00 2.36
N PHE B 43 7.34 -12.77 2.59
CA PHE B 43 7.09 -11.67 1.67
C PHE B 43 8.19 -11.57 0.63
N THR B 44 7.81 -11.29 -0.61
CA THR B 44 8.77 -11.15 -1.69
C THR B 44 9.16 -9.68 -1.85
N ILE B 45 8.28 -8.80 -1.41
CA ILE B 45 8.50 -7.37 -1.49
C ILE B 45 8.59 -6.79 -0.09
N SER B 46 9.66 -6.06 0.20
CA SER B 46 9.83 -5.45 1.51
C SER B 46 10.52 -4.09 1.38
N HIS B 47 9.78 -3.04 1.65
CA HIS B 47 10.31 -1.69 1.58
C HIS B 47 10.15 -0.97 2.90
N MET B 48 11.26 -0.53 3.46
CA MET B 48 11.23 0.19 4.72
C MET B 48 10.74 1.59 4.47
N TYR B 49 9.99 2.14 5.40
CA TYR B 49 9.45 3.50 5.26
C TYR B 49 10.60 4.50 5.11
N ALA B 50 11.74 4.16 5.68
CA ALA B 50 12.93 5.01 5.64
C ALA B 50 13.60 4.99 4.26
N ASP B 51 13.11 4.14 3.36
CA ASP B 51 13.69 4.05 2.02
C ASP B 51 12.73 4.57 0.96
N ILE B 52 11.52 4.91 1.39
CA ILE B 52 10.52 5.41 0.46
C ILE B 52 10.48 6.94 0.50
N LYS B 53 10.44 7.57 -0.66
CA LYS B 53 10.41 9.03 -0.76
C LYS B 53 9.00 9.54 -0.53
N CYS B 54 8.10 9.12 -1.41
CA CYS B 54 6.69 9.50 -1.34
C CYS B 54 5.87 8.37 -1.92
N GLN B 55 4.55 8.52 -1.98
CA GLN B 55 3.74 7.46 -2.52
C GLN B 55 2.76 8.07 -3.50
N LYS B 56 2.09 7.25 -4.27
CA LYS B 56 1.07 7.70 -5.21
C LYS B 56 -0.02 6.66 -5.22
N ILE B 57 -1.15 7.01 -5.77
CA ILE B 57 -2.26 6.06 -5.82
C ILE B 57 -2.95 6.12 -7.15
N SER B 58 -3.20 5.01 -7.81
CA SER B 58 -3.93 5.07 -9.05
C SER B 58 -5.31 5.54 -8.64
N PRO B 59 -5.63 6.80 -9.03
CA PRO B 59 -6.85 7.53 -8.65
C PRO B 59 -8.15 6.83 -9.04
N GLU B 60 -9.24 7.36 -8.49
CA GLU B 60 -10.56 6.87 -8.79
C GLU B 60 -10.85 7.11 -10.26
N GLY B 61 -11.53 6.18 -10.89
CA GLY B 61 -11.79 6.29 -12.30
C GLY B 61 -11.06 5.20 -13.06
N LYS B 62 -9.90 4.84 -12.53
CA LYS B 62 -9.12 3.75 -13.12
C LYS B 62 -9.87 2.45 -12.89
N ALA B 63 -9.78 1.52 -13.84
CA ALA B 63 -10.46 0.24 -13.70
C ALA B 63 -9.76 -0.63 -12.65
N LYS B 64 -8.71 -0.08 -12.07
CA LYS B 64 -7.93 -0.76 -11.06
C LYS B 64 -7.35 0.25 -10.07
N ILE B 65 -7.85 0.22 -8.84
CA ILE B 65 -7.39 1.11 -7.78
C ILE B 65 -6.07 0.59 -7.23
N GLN B 66 -5.01 1.37 -7.33
CA GLN B 66 -3.69 0.87 -6.90
C GLN B 66 -2.87 1.91 -6.14
N LEU B 67 -1.78 1.46 -5.55
CA LEU B 67 -0.86 2.32 -4.84
C LEU B 67 0.53 2.23 -5.50
N GLN B 68 1.29 3.31 -5.44
CA GLN B 68 2.62 3.34 -6.01
C GLN B 68 3.63 3.87 -4.99
N LEU B 69 4.64 3.08 -4.69
CA LEU B 69 5.67 3.50 -3.75
C LEU B 69 6.86 4.09 -4.48
N VAL B 70 7.04 5.39 -4.39
CA VAL B 70 8.18 6.03 -5.03
C VAL B 70 9.32 6.12 -4.05
N LEU B 71 10.34 5.30 -4.28
CA LEU B 71 11.49 5.25 -3.41
C LEU B 71 12.35 6.52 -3.55
N HIS B 72 13.42 6.58 -2.78
CA HIS B 72 14.30 7.76 -2.77
C HIS B 72 14.96 8.03 -4.12
N ALA B 73 15.50 7.00 -4.77
CA ALA B 73 16.18 7.19 -6.05
C ALA B 73 15.20 7.49 -7.17
N GLY B 74 13.94 7.13 -6.96
CA GLY B 74 12.92 7.35 -7.98
C GLY B 74 12.32 6.03 -8.40
N ASP B 75 12.53 5.04 -7.56
CA ASP B 75 12.06 3.69 -7.75
C ASP B 75 10.57 3.66 -7.50
N THR B 76 9.87 2.70 -8.07
CA THR B 76 8.44 2.64 -7.85
C THR B 76 7.94 1.20 -7.69
N THR B 77 7.16 0.99 -6.65
CA THR B 77 6.59 -0.31 -6.37
C THR B 77 5.06 -0.22 -6.44
N ASN B 78 4.50 -0.76 -7.50
CA ASN B 78 3.05 -0.73 -7.70
C ASN B 78 2.35 -1.86 -6.96
N PHE B 79 1.24 -1.51 -6.32
CA PHE B 79 0.43 -2.47 -5.59
C PHE B 79 -1.03 -2.33 -6.00
N HIS B 80 -1.52 -3.30 -6.75
CA HIS B 80 -2.90 -3.28 -7.23
C HIS B 80 -3.84 -3.94 -6.23
N PHE B 81 -4.82 -3.18 -5.78
CA PHE B 81 -5.80 -3.70 -4.85
C PHE B 81 -6.88 -4.42 -5.65
N SER B 82 -6.56 -5.64 -6.06
CA SER B 82 -7.44 -6.47 -6.86
C SER B 82 -8.63 -7.02 -6.08
N ASN B 83 -8.74 -6.65 -4.81
CA ASN B 83 -9.85 -7.12 -3.99
C ASN B 83 -11.11 -6.32 -4.31
N GLU B 84 -11.97 -6.92 -5.12
CA GLU B 84 -13.22 -6.28 -5.55
C GLU B 84 -14.14 -5.94 -4.38
N SER B 85 -13.81 -6.43 -3.20
CA SER B 85 -14.62 -6.19 -2.02
C SER B 85 -14.31 -4.84 -1.36
N THR B 86 -13.06 -4.60 -1.00
CA THR B 86 -12.70 -3.34 -0.34
C THR B 86 -11.47 -2.68 -0.96
N ALA B 87 -11.31 -2.83 -2.27
CA ALA B 87 -10.16 -2.27 -3.00
C ALA B 87 -9.90 -0.80 -2.67
N VAL B 88 -10.92 0.01 -2.88
CA VAL B 88 -10.82 1.45 -2.64
C VAL B 88 -10.47 1.78 -1.18
N LYS B 89 -11.18 1.17 -0.25
CA LYS B 89 -10.97 1.45 1.17
C LYS B 89 -9.65 0.88 1.68
N GLU B 90 -9.27 -0.31 1.24
CA GLU B 90 -8.01 -0.90 1.67
C GLU B 90 -6.86 -0.07 1.11
N ARG B 91 -7.10 0.51 -0.08
CA ARG B 91 -6.12 1.38 -0.70
C ARG B 91 -5.94 2.61 0.16
N ASP B 92 -7.07 3.15 0.60
CA ASP B 92 -7.07 4.32 1.48
C ASP B 92 -6.36 4.03 2.77
N ALA B 93 -6.58 2.84 3.31
CA ALA B 93 -5.96 2.43 4.56
C ALA B 93 -4.44 2.45 4.43
N VAL B 94 -3.92 1.86 3.36
CA VAL B 94 -2.49 1.82 3.13
C VAL B 94 -1.97 3.22 2.82
N LYS B 95 -2.77 3.93 2.06
CA LYS B 95 -2.45 5.29 1.63
C LYS B 95 -2.31 6.23 2.81
N ASP B 96 -3.35 6.28 3.64
CA ASP B 96 -3.36 7.14 4.82
C ASP B 96 -2.33 6.71 5.85
N LEU B 97 -2.15 5.41 5.98
CA LEU B 97 -1.18 4.88 6.93
C LEU B 97 0.22 5.15 6.43
N LEU B 98 0.39 5.24 5.13
CA LEU B 98 1.69 5.54 4.56
C LEU B 98 2.05 6.98 4.85
N GLN B 99 1.19 7.94 4.49
CA GLN B 99 1.44 9.34 4.83
C GLN B 99 1.66 9.49 6.33
N GLN B 100 1.21 8.49 7.07
CA GLN B 100 1.37 8.46 8.51
C GLN B 100 2.72 7.89 8.95
N LEU B 101 3.05 6.71 8.45
CA LEU B 101 4.29 6.04 8.85
C LEU B 101 5.51 6.43 8.00
N LEU B 102 5.30 6.82 6.75
CA LEU B 102 6.38 7.17 5.85
C LEU B 102 7.32 8.25 6.43
N PRO B 103 6.82 9.44 6.83
CA PRO B 103 7.68 10.51 7.35
C PRO B 103 8.30 10.21 8.72
N LYS B 104 7.51 9.73 9.68
CA LYS B 104 8.02 9.43 11.01
C LYS B 104 9.16 8.42 10.98
N PHE B 105 9.09 7.47 10.06
CA PHE B 105 10.13 6.44 9.95
C PHE B 105 11.14 6.79 8.88
N LYS B 106 10.95 7.94 8.23
CA LYS B 106 11.84 8.37 7.18
C LYS B 106 13.19 8.76 7.77
N ARG B 107 14.20 7.96 7.50
CA ARG B 107 15.54 8.20 8.04
C ARG B 107 16.61 8.00 6.96
N LYS B 108 17.23 9.10 6.57
CA LYS B 108 18.29 9.09 5.56
C LYS B 108 19.20 10.27 5.79
N ALA B 109 18.63 11.46 5.70
CA ALA B 109 19.35 12.70 5.92
C ALA B 109 18.57 13.53 6.94
N ASN B 110 17.78 12.81 7.72
CA ASN B 110 16.92 13.39 8.74
C ASN B 110 16.53 12.28 9.70
N ARG A 4 -7.88 -20.81 -10.38
CA ARG A 4 -7.28 -20.01 -9.30
C ARG A 4 -6.76 -20.91 -8.19
N ARG A 5 -5.77 -20.40 -7.44
CA ARG A 5 -5.16 -21.11 -6.30
C ARG A 5 -4.14 -22.19 -6.72
N ARG A 6 -4.13 -22.57 -8.00
CA ARG A 6 -3.20 -23.61 -8.44
C ARG A 6 -2.14 -23.03 -9.38
N THR A 7 -1.81 -21.75 -9.19
CA THR A 7 -0.81 -21.07 -9.99
C THR A 7 -1.21 -20.98 -11.46
N GLU A 8 -2.15 -20.07 -11.74
CA GLU A 8 -2.64 -19.84 -13.10
C GLU A 8 -3.50 -18.58 -13.14
N ALA A 9 -3.92 -18.21 -14.33
CA ALA A 9 -4.75 -17.02 -14.51
C ALA A 9 -6.18 -17.39 -14.89
N LEU A 10 -6.66 -18.53 -14.36
CA LEU A 10 -8.01 -18.97 -14.65
C LEU A 10 -9.01 -18.20 -13.79
N GLY A 11 -9.45 -17.07 -14.31
CA GLY A 11 -10.41 -16.24 -13.61
C GLY A 11 -9.86 -14.83 -13.41
N ASP A 12 -10.05 -14.27 -12.23
CA ASP A 12 -9.55 -12.94 -11.93
C ASP A 12 -8.05 -13.00 -11.67
N ALA A 13 -7.26 -12.81 -12.72
CA ALA A 13 -5.81 -12.82 -12.60
C ALA A 13 -5.15 -12.16 -13.78
N GLU A 14 -5.91 -11.37 -14.51
CA GLU A 14 -5.36 -10.70 -15.67
C GLU A 14 -5.17 -9.22 -15.39
N GLU A 15 -4.93 -8.43 -16.45
CA GLU A 15 -4.67 -7.01 -16.32
C GLU A 15 -3.29 -6.86 -15.67
N ASP A 16 -2.26 -6.66 -16.50
CA ASP A 16 -0.87 -6.57 -16.05
C ASP A 16 -0.62 -5.47 -15.03
N GLU A 17 -1.65 -4.69 -14.76
CA GLU A 17 -1.57 -3.61 -13.80
C GLU A 17 -0.77 -2.43 -14.36
N ASP A 18 -1.47 -1.36 -14.73
CA ASP A 18 -0.83 -0.18 -15.29
C ASP A 18 0.08 0.47 -14.27
N ASP A 19 1.31 0.72 -14.66
CA ASP A 19 2.30 1.34 -13.78
C ASP A 19 2.25 2.85 -13.91
N GLU A 20 1.14 3.35 -14.45
CA GLU A 20 0.98 4.77 -14.65
C GLU A 20 -0.30 5.29 -14.03
N ASP A 21 -0.41 6.61 -13.99
CA ASP A 21 -1.55 7.31 -13.44
C ASP A 21 -1.72 7.00 -11.97
N PHE A 22 -0.77 7.47 -11.17
CA PHE A 22 -0.82 7.36 -9.73
C PHE A 22 -0.57 8.73 -9.18
N VAL A 23 -1.48 9.16 -8.35
CA VAL A 23 -1.42 10.47 -7.76
C VAL A 23 -0.56 10.43 -6.53
N GLU A 24 0.49 11.23 -6.57
CA GLU A 24 1.46 11.26 -5.50
C GLU A 24 0.82 11.58 -4.17
N VAL A 25 0.92 10.62 -3.29
CA VAL A 25 0.38 10.71 -1.96
C VAL A 25 1.45 11.27 -1.02
N PRO A 26 1.18 12.45 -0.45
CA PRO A 26 2.10 13.13 0.46
C PRO A 26 2.03 12.58 1.88
N GLU A 27 2.95 13.06 2.72
CA GLU A 27 2.99 12.66 4.12
C GLU A 27 2.05 13.52 4.94
N LYS A 28 1.52 12.99 6.04
CA LYS A 28 0.62 13.75 6.88
C LYS A 28 1.22 14.00 8.25
N GLU A 29 1.80 12.96 8.85
CA GLU A 29 2.41 13.04 10.17
C GLU A 29 1.38 13.38 11.26
N GLY A 30 0.94 14.63 11.27
CA GLY A 30 -0.04 15.09 12.25
C GLY A 30 -1.44 14.76 11.81
N TYR A 31 -1.73 13.49 11.72
CA TYR A 31 -3.03 13.02 11.30
C TYR A 31 -3.61 12.06 12.33
N GLU A 32 -4.75 12.41 12.89
CA GLU A 32 -5.40 11.58 13.89
C GLU A 32 -6.80 11.20 13.42
N PRO A 33 -6.98 9.95 12.98
CA PRO A 33 -8.25 9.44 12.47
C PRO A 33 -9.10 8.72 13.53
N HIS A 34 -8.46 8.33 14.65
CA HIS A 34 -9.11 7.59 15.76
C HIS A 34 -10.14 6.56 15.27
N ILE A 35 -11.15 6.31 16.10
CA ILE A 35 -12.21 5.37 15.77
C ILE A 35 -13.54 5.82 16.38
N PRO A 36 -13.63 5.84 17.72
CA PRO A 36 -14.82 6.20 18.46
C PRO A 36 -14.80 7.65 18.95
N ASP A 37 -15.85 8.40 18.62
CA ASP A 37 -15.93 9.79 19.05
C ASP A 37 -16.62 9.89 20.41
N HIS A 38 -15.95 10.56 21.34
CA HIS A 38 -16.46 10.76 22.67
C HIS A 38 -16.14 12.17 23.15
N LEU A 39 -15.97 13.07 22.19
CA LEU A 39 -15.66 14.45 22.49
C LEU A 39 -16.93 15.29 22.50
N ARG A 40 -18.04 14.62 22.75
CA ARG A 40 -19.34 15.24 22.80
C ARG A 40 -20.06 14.89 24.09
N PRO A 41 -21.05 15.69 24.49
CA PRO A 41 -21.82 15.45 25.72
C PRO A 41 -22.92 14.41 25.53
N GLU A 42 -22.66 13.47 24.63
CA GLU A 42 -23.59 12.39 24.33
C GLU A 42 -22.83 11.08 24.22
N TYR A 43 -22.64 10.39 25.33
CA TYR A 43 -21.91 9.12 25.33
C TYR A 43 -22.52 8.12 26.31
N GLY A 44 -23.68 8.45 26.85
CA GLY A 44 -24.34 7.56 27.78
C GLY A 44 -23.89 7.82 29.21
N LEU A 45 -23.26 8.96 29.41
CA LEU A 45 -22.77 9.35 30.72
C LEU A 45 -23.52 10.59 31.19
N GLU A 46 -24.58 10.90 30.46
CA GLU A 46 -25.42 12.05 30.73
C GLU A 46 -26.27 11.82 31.98
N ALA A 47 -25.80 12.34 33.09
CA ALA A 47 -26.51 12.21 34.36
C ALA A 47 -26.82 13.59 34.95
N ALA A 48 -27.73 13.61 35.90
CA ALA A 48 -28.13 14.85 36.56
C ALA A 48 -28.71 14.53 37.92
N MET B 3 9.49 -4.86 14.97
CA MET B 3 10.23 -4.05 15.96
C MET B 3 10.18 -4.71 17.33
N ALA B 4 9.00 -5.19 17.71
CA ALA B 4 8.84 -5.86 19.00
C ALA B 4 9.10 -7.35 18.86
N THR B 5 8.57 -7.92 17.78
CA THR B 5 8.74 -9.34 17.51
C THR B 5 9.91 -9.53 16.52
N SER B 6 10.07 -10.76 16.03
CA SER B 6 11.15 -11.08 15.09
C SER B 6 10.82 -10.58 13.67
N SER B 7 9.84 -9.70 13.59
CA SER B 7 9.41 -9.11 12.32
C SER B 7 8.77 -7.77 12.61
N GLU B 8 8.21 -7.12 11.59
CA GLU B 8 7.58 -5.84 11.79
C GLU B 8 6.11 -6.06 12.06
N GLU B 9 5.66 -5.54 13.19
CA GLU B 9 4.28 -5.66 13.62
C GLU B 9 3.34 -5.25 12.49
N VAL B 10 2.42 -6.13 12.12
CA VAL B 10 1.49 -5.85 11.05
C VAL B 10 0.34 -5.00 11.57
N LEU B 11 0.32 -3.75 11.13
CA LEU B 11 -0.72 -2.81 11.55
C LEU B 11 -1.88 -2.82 10.57
N LEU B 12 -1.60 -3.13 9.31
CA LEU B 12 -2.65 -3.15 8.30
C LEU B 12 -2.57 -4.40 7.43
N ILE B 13 -3.72 -5.04 7.23
CA ILE B 13 -3.79 -6.25 6.41
C ILE B 13 -4.75 -6.04 5.24
N VAL B 14 -4.20 -5.96 4.05
CA VAL B 14 -4.99 -5.77 2.84
C VAL B 14 -4.91 -7.00 1.95
N LYS B 15 -6.02 -7.68 1.75
CA LYS B 15 -6.06 -8.87 0.92
C LYS B 15 -6.33 -8.50 -0.53
N LYS B 16 -6.15 -9.47 -1.42
CA LYS B 16 -6.35 -9.28 -2.85
C LYS B 16 -5.56 -8.10 -3.39
N VAL B 17 -4.25 -8.25 -3.39
CA VAL B 17 -3.35 -7.22 -3.91
C VAL B 17 -2.39 -7.83 -4.92
N ARG B 18 -2.46 -7.39 -6.16
CA ARG B 18 -1.61 -7.93 -7.19
C ARG B 18 -0.42 -7.02 -7.49
N GLN B 19 0.73 -7.63 -7.64
CA GLN B 19 1.95 -6.91 -7.94
C GLN B 19 2.56 -7.47 -9.22
N LYS B 20 2.40 -6.75 -10.33
CA LYS B 20 2.92 -7.17 -11.62
C LYS B 20 2.52 -8.61 -11.97
N LYS B 21 1.21 -8.83 -12.14
CA LYS B 21 0.66 -10.14 -12.47
C LYS B 21 0.89 -11.19 -11.39
N GLN B 22 1.08 -10.76 -10.16
CA GLN B 22 1.29 -11.68 -9.06
C GLN B 22 0.24 -11.45 -7.98
N ASP B 23 -0.57 -12.47 -7.73
CA ASP B 23 -1.63 -12.38 -6.73
C ASP B 23 -1.06 -12.54 -5.33
N GLY B 24 -1.39 -11.59 -4.46
CA GLY B 24 -0.92 -11.65 -3.09
C GLY B 24 -1.69 -10.74 -2.18
N ALA B 25 -1.05 -10.33 -1.09
CA ALA B 25 -1.66 -9.45 -0.12
C ALA B 25 -0.64 -8.46 0.42
N LEU B 26 -1.10 -7.25 0.72
CA LEU B 26 -0.23 -6.21 1.22
C LEU B 26 -0.41 -6.06 2.72
N TYR B 27 0.69 -6.08 3.45
CA TYR B 27 0.66 -5.95 4.90
C TYR B 27 1.49 -4.75 5.34
N LEU B 28 0.83 -3.77 5.94
CA LEU B 28 1.52 -2.59 6.43
C LEU B 28 2.11 -2.91 7.79
N MET B 29 3.41 -2.80 7.89
CA MET B 29 4.09 -3.11 9.13
C MET B 29 4.54 -1.82 9.81
N ALA B 30 4.70 -1.90 11.12
CA ALA B 30 5.09 -0.76 11.95
C ALA B 30 6.28 0.03 11.39
N GLU B 31 7.28 -0.66 10.84
CA GLU B 31 8.46 0.02 10.33
C GLU B 31 8.65 -0.13 8.81
N ARG B 32 7.79 -0.93 8.17
CA ARG B 32 7.95 -1.16 6.75
C ARG B 32 6.66 -1.61 6.09
N ILE B 33 6.69 -1.68 4.77
CA ILE B 33 5.55 -2.15 4.01
C ILE B 33 5.98 -3.39 3.23
N ALA B 34 5.25 -4.48 3.42
CA ALA B 34 5.61 -5.71 2.76
C ALA B 34 4.43 -6.33 2.01
N TRP B 35 4.75 -7.04 0.95
CA TRP B 35 3.76 -7.71 0.13
C TRP B 35 4.18 -9.16 -0.06
N ALA B 36 3.23 -10.05 0.10
CA ALA B 36 3.49 -11.47 -0.05
C ALA B 36 2.45 -12.12 -0.93
N PRO B 37 2.85 -13.04 -1.81
CA PRO B 37 1.93 -13.74 -2.70
C PRO B 37 0.91 -14.53 -1.88
N GLU B 38 -0.31 -14.61 -2.37
CA GLU B 38 -1.36 -15.31 -1.65
C GLU B 38 -1.03 -16.80 -1.51
N GLY B 39 -0.87 -17.23 -0.27
CA GLY B 39 -0.54 -18.61 0.00
C GLY B 39 0.95 -18.82 0.21
N LYS B 40 1.68 -17.72 0.33
CA LYS B 40 3.12 -17.81 0.55
C LYS B 40 3.47 -17.38 1.97
N ASP B 41 4.35 -18.15 2.59
CA ASP B 41 4.80 -17.91 3.96
C ASP B 41 5.94 -16.89 4.02
N ARG B 42 6.16 -16.15 2.95
CA ARG B 42 7.25 -15.18 2.91
C ARG B 42 6.91 -14.00 2.02
N PHE B 43 7.31 -12.82 2.43
CA PHE B 43 7.07 -11.60 1.67
C PHE B 43 8.15 -11.43 0.61
N THR B 44 7.75 -11.25 -0.63
CA THR B 44 8.70 -11.07 -1.72
C THR B 44 9.07 -9.59 -1.86
N ILE B 45 8.19 -8.73 -1.36
CA ILE B 45 8.40 -7.29 -1.41
C ILE B 45 8.49 -6.73 0.00
N SER B 46 9.58 -6.05 0.31
CA SER B 46 9.78 -5.48 1.62
C SER B 46 10.48 -4.12 1.51
N HIS B 47 9.75 -3.05 1.80
CA HIS B 47 10.31 -1.71 1.73
C HIS B 47 10.13 -1.00 3.06
N MET B 48 11.22 -0.47 3.59
CA MET B 48 11.13 0.26 4.84
C MET B 48 10.69 1.66 4.51
N TYR B 49 9.96 2.30 5.41
CA TYR B 49 9.50 3.66 5.15
C TYR B 49 10.67 4.62 4.98
N ALA B 50 11.81 4.23 5.52
CA ALA B 50 13.02 5.04 5.44
C ALA B 50 13.65 4.99 4.05
N ASP B 51 13.20 4.06 3.21
CA ASP B 51 13.73 3.92 1.87
C ASP B 51 12.76 4.49 0.85
N ILE B 52 11.57 4.84 1.31
CA ILE B 52 10.54 5.35 0.43
C ILE B 52 10.51 6.88 0.45
N LYS B 53 10.56 7.50 -0.72
CA LYS B 53 10.52 8.96 -0.82
C LYS B 53 9.11 9.44 -0.52
N CYS B 54 8.15 8.86 -1.23
CA CYS B 54 6.75 9.19 -1.09
C CYS B 54 5.92 8.08 -1.69
N GLN B 55 4.62 8.23 -1.70
CA GLN B 55 3.77 7.21 -2.23
C GLN B 55 2.88 7.85 -3.28
N LYS B 56 2.21 7.05 -4.07
CA LYS B 56 1.28 7.55 -5.07
C LYS B 56 0.14 6.57 -5.13
N ILE B 57 -0.96 6.98 -5.71
CA ILE B 57 -2.11 6.09 -5.80
C ILE B 57 -2.78 6.20 -7.15
N SER B 58 -3.08 5.09 -7.81
CA SER B 58 -3.79 5.19 -9.07
C SER B 58 -5.15 5.74 -8.71
N PRO B 59 -5.37 7.02 -9.11
CA PRO B 59 -6.55 7.82 -8.78
C PRO B 59 -7.87 7.20 -9.23
N GLU B 60 -8.96 7.80 -8.75
CA GLU B 60 -10.29 7.36 -9.10
C GLU B 60 -10.49 7.59 -10.60
N GLY B 61 -11.20 6.68 -11.24
CA GLY B 61 -11.43 6.79 -12.67
C GLY B 61 -10.76 5.66 -13.41
N LYS B 62 -9.63 5.19 -12.89
CA LYS B 62 -8.94 4.07 -13.48
C LYS B 62 -9.79 2.82 -13.28
N ALA B 63 -9.60 1.80 -14.10
CA ALA B 63 -10.37 0.56 -13.98
C ALA B 63 -9.99 -0.22 -12.73
N LYS B 64 -9.04 0.32 -11.98
CA LYS B 64 -8.58 -0.29 -10.77
C LYS B 64 -7.93 0.76 -9.88
N ILE B 65 -8.03 0.55 -8.58
CA ILE B 65 -7.47 1.47 -7.62
C ILE B 65 -6.17 0.89 -7.08
N GLN B 66 -5.05 1.60 -7.26
CA GLN B 66 -3.76 1.05 -6.82
C GLN B 66 -2.89 2.05 -6.09
N LEU B 67 -1.81 1.53 -5.50
CA LEU B 67 -0.83 2.36 -4.79
C LEU B 67 0.53 2.19 -5.45
N GLN B 68 1.36 3.22 -5.39
CA GLN B 68 2.69 3.19 -5.96
C GLN B 68 3.71 3.72 -4.96
N LEU B 69 4.72 2.92 -4.67
CA LEU B 69 5.76 3.32 -3.73
C LEU B 69 6.95 3.89 -4.48
N VAL B 70 7.19 5.18 -4.35
CA VAL B 70 8.32 5.80 -5.00
C VAL B 70 9.48 5.89 -4.02
N LEU B 71 10.53 5.15 -4.30
CA LEU B 71 11.68 5.12 -3.43
C LEU B 71 12.57 6.34 -3.63
N HIS B 72 13.68 6.38 -2.92
CA HIS B 72 14.61 7.52 -2.98
C HIS B 72 15.39 7.61 -4.30
N ALA B 73 15.57 6.50 -5.00
CA ALA B 73 16.33 6.52 -6.24
C ALA B 73 15.41 6.58 -7.46
N GLY B 74 14.13 6.86 -7.21
CA GLY B 74 13.17 6.93 -8.29
C GLY B 74 12.56 5.58 -8.58
N ASP B 75 12.73 4.68 -7.63
CA ASP B 75 12.22 3.33 -7.72
C ASP B 75 10.72 3.36 -7.47
N THR B 76 9.99 2.42 -8.04
CA THR B 76 8.55 2.40 -7.85
C THR B 76 8.01 0.98 -7.73
N THR B 77 7.19 0.77 -6.71
CA THR B 77 6.56 -0.51 -6.48
C THR B 77 5.04 -0.35 -6.56
N ASN B 78 4.43 -0.98 -7.56
CA ASN B 78 2.99 -0.89 -7.76
C ASN B 78 2.24 -1.96 -7.00
N PHE B 79 1.15 -1.56 -6.37
CA PHE B 79 0.30 -2.47 -5.62
C PHE B 79 -1.15 -2.29 -6.05
N HIS B 80 -1.65 -3.23 -6.83
CA HIS B 80 -3.01 -3.19 -7.33
C HIS B 80 -3.96 -3.87 -6.35
N PHE B 81 -4.91 -3.11 -5.85
CA PHE B 81 -5.89 -3.66 -4.94
C PHE B 81 -6.98 -4.37 -5.73
N SER B 82 -6.73 -5.64 -6.02
CA SER B 82 -7.65 -6.45 -6.81
C SER B 82 -8.87 -6.88 -5.99
N ASN B 83 -9.03 -6.31 -4.81
CA ASN B 83 -10.17 -6.61 -3.95
C ASN B 83 -11.39 -5.85 -4.46
N GLU B 84 -12.19 -6.52 -5.27
CA GLU B 84 -13.37 -5.91 -5.88
C GLU B 84 -14.38 -5.44 -4.83
N SER B 85 -14.30 -5.97 -3.63
CA SER B 85 -15.21 -5.59 -2.57
C SER B 85 -14.93 -4.17 -2.07
N THR B 86 -13.73 -3.93 -1.56
CA THR B 86 -13.38 -2.62 -1.04
C THR B 86 -12.02 -2.12 -1.54
N ALA B 87 -11.74 -2.32 -2.82
CA ALA B 87 -10.46 -1.90 -3.43
C ALA B 87 -10.10 -0.46 -3.11
N VAL B 88 -11.12 0.39 -3.13
CA VAL B 88 -10.92 1.81 -2.87
C VAL B 88 -10.60 2.04 -1.40
N LYS B 89 -11.36 1.38 -0.54
CA LYS B 89 -11.20 1.51 0.89
C LYS B 89 -9.85 0.96 1.38
N GLU B 90 -9.43 -0.19 0.85
CA GLU B 90 -8.14 -0.77 1.27
C GLU B 90 -7.00 0.12 0.79
N ARG B 91 -7.14 0.67 -0.41
CA ARG B 91 -6.12 1.53 -0.97
C ARG B 91 -5.94 2.75 -0.08
N ASP B 92 -7.05 3.33 0.32
CA ASP B 92 -7.04 4.50 1.17
C ASP B 92 -6.52 4.17 2.56
N ALA B 93 -6.80 2.96 3.03
CA ALA B 93 -6.32 2.53 4.33
C ALA B 93 -4.79 2.53 4.31
N VAL B 94 -4.23 2.02 3.22
CA VAL B 94 -2.79 1.96 3.05
C VAL B 94 -2.25 3.36 2.77
N LYS B 95 -2.99 4.11 1.98
CA LYS B 95 -2.63 5.45 1.57
C LYS B 95 -2.51 6.38 2.79
N ASP B 96 -3.57 6.44 3.56
CA ASP B 96 -3.62 7.28 4.75
C ASP B 96 -2.64 6.82 5.82
N LEU B 97 -2.49 5.52 5.95
CA LEU B 97 -1.58 4.97 6.94
C LEU B 97 -0.14 5.19 6.49
N LEU B 98 0.07 5.29 5.19
CA LEU B 98 1.40 5.56 4.68
C LEU B 98 1.78 6.99 5.01
N GLN B 99 0.94 7.97 4.65
CA GLN B 99 1.21 9.35 5.02
C GLN B 99 1.34 9.47 6.54
N GLN B 100 0.91 8.44 7.26
CA GLN B 100 1.04 8.37 8.70
C GLN B 100 2.38 7.77 9.13
N LEU B 101 2.75 6.63 8.54
CA LEU B 101 3.98 5.93 8.88
C LEU B 101 5.21 6.40 8.11
N LEU B 102 5.02 6.87 6.88
CA LEU B 102 6.13 7.34 6.06
C LEU B 102 6.92 8.48 6.75
N PRO B 103 6.24 9.54 7.23
CA PRO B 103 6.92 10.66 7.91
C PRO B 103 7.43 10.28 9.30
N LYS B 104 7.10 9.06 9.74
CA LYS B 104 7.55 8.57 11.02
C LYS B 104 9.04 8.27 10.94
N PHE B 105 9.51 8.08 9.70
CA PHE B 105 10.91 7.78 9.46
C PHE B 105 11.63 9.00 8.88
N LYS B 106 10.87 10.06 8.64
CA LYS B 106 11.44 11.31 8.11
C LYS B 106 10.84 12.48 8.88
N ARG B 107 11.66 13.13 9.69
CA ARG B 107 11.17 14.25 10.47
C ARG B 107 11.68 15.58 9.93
N LYS B 108 10.81 16.57 9.96
CA LYS B 108 11.14 17.90 9.48
C LYS B 108 11.56 18.79 10.65
N ALA B 109 11.90 20.04 10.35
CA ALA B 109 12.32 20.99 11.37
C ALA B 109 11.09 21.63 12.00
N ASN B 110 10.07 20.81 12.23
CA ASN B 110 8.81 21.24 12.81
C ASN B 110 8.07 20.02 13.33
N ARG A 4 1.54 -21.67 -37.21
CA ARG A 4 1.45 -20.91 -35.94
C ARG A 4 2.65 -21.19 -35.07
N ARG A 5 3.16 -20.17 -34.38
CA ARG A 5 4.31 -20.35 -33.50
C ARG A 5 3.88 -20.45 -32.04
N ARG A 6 3.36 -19.35 -31.50
CA ARG A 6 2.91 -19.33 -30.12
C ARG A 6 1.70 -20.24 -29.91
N THR A 7 1.98 -21.47 -29.54
CA THR A 7 0.96 -22.47 -29.30
C THR A 7 1.35 -23.34 -28.11
N GLU A 8 2.44 -22.95 -27.47
CA GLU A 8 2.96 -23.66 -26.32
C GLU A 8 2.73 -22.83 -25.05
N ALA A 9 3.33 -23.26 -23.95
CA ALA A 9 3.17 -22.57 -22.67
C ALA A 9 4.18 -21.44 -22.52
N LEU A 10 4.68 -20.94 -23.64
CA LEU A 10 5.65 -19.86 -23.62
C LEU A 10 4.97 -18.55 -24.02
N GLY A 11 3.80 -18.33 -23.44
CA GLY A 11 3.05 -17.14 -23.74
C GLY A 11 2.41 -16.56 -22.49
N ASP A 12 2.01 -15.30 -22.56
CA ASP A 12 1.38 -14.63 -21.43
C ASP A 12 -0.08 -14.35 -21.74
N ALA A 13 -0.80 -13.82 -20.77
CA ALA A 13 -2.21 -13.51 -20.93
C ALA A 13 -2.48 -12.02 -20.83
N GLU A 14 -1.47 -11.30 -20.41
CA GLU A 14 -1.55 -9.85 -20.24
C GLU A 14 -0.20 -9.28 -19.82
N GLU A 15 -0.25 -8.11 -19.17
CA GLU A 15 0.92 -7.40 -18.66
C GLU A 15 0.51 -5.96 -18.35
N ASP A 16 -0.53 -5.82 -17.56
CA ASP A 16 -1.03 -4.51 -17.19
C ASP A 16 -1.41 -4.45 -15.72
N GLU A 17 -0.97 -3.39 -15.06
CA GLU A 17 -1.25 -3.20 -13.66
C GLU A 17 -1.50 -1.73 -13.40
N ASP A 18 -2.12 -1.04 -14.37
CA ASP A 18 -2.43 0.38 -14.25
C ASP A 18 -1.20 1.14 -13.79
N ASP A 19 -0.04 0.65 -14.24
CA ASP A 19 1.29 1.16 -13.88
C ASP A 19 1.42 2.68 -13.90
N GLU A 20 0.68 3.33 -14.75
CA GLU A 20 0.75 4.78 -14.84
C GLU A 20 -0.52 5.39 -14.26
N ASP A 21 -0.49 6.68 -14.00
CA ASP A 21 -1.61 7.42 -13.47
C ASP A 21 -1.80 7.14 -11.99
N PHE A 22 -0.78 7.51 -11.21
CA PHE A 22 -0.82 7.41 -9.76
C PHE A 22 -0.62 8.81 -9.21
N VAL A 23 -1.54 9.20 -8.36
CA VAL A 23 -1.51 10.50 -7.77
C VAL A 23 -0.62 10.46 -6.56
N GLU A 24 0.40 11.28 -6.61
CA GLU A 24 1.39 11.31 -5.56
C GLU A 24 0.77 11.64 -4.22
N VAL A 25 0.82 10.66 -3.35
CA VAL A 25 0.30 10.76 -2.02
C VAL A 25 1.35 11.37 -1.10
N PRO A 26 1.04 12.53 -0.53
CA PRO A 26 1.95 13.25 0.37
C PRO A 26 1.95 12.65 1.77
N GLU A 27 2.84 13.14 2.61
CA GLU A 27 2.92 12.65 3.98
C GLU A 27 2.14 13.59 4.89
N LYS A 28 1.61 13.06 5.99
CA LYS A 28 0.83 13.87 6.90
C LYS A 28 1.47 13.98 8.27
N GLU A 29 1.93 12.85 8.80
CA GLU A 29 2.58 12.78 10.11
C GLU A 29 1.59 13.11 11.24
N GLY A 30 1.24 14.39 11.37
CA GLY A 30 0.35 14.83 12.41
C GLY A 30 -1.11 14.71 12.04
N TYR A 31 -1.57 13.48 11.86
CA TYR A 31 -2.96 13.22 11.52
C TYR A 31 -3.37 11.86 12.07
N GLU A 32 -4.59 11.77 12.55
CA GLU A 32 -5.11 10.52 13.08
C GLU A 32 -6.33 10.09 12.26
N PRO A 33 -6.57 8.78 12.13
CA PRO A 33 -7.71 8.26 11.38
C PRO A 33 -9.02 8.43 12.16
N HIS A 34 -9.35 9.67 12.45
CA HIS A 34 -10.55 9.99 13.21
C HIS A 34 -11.09 11.34 12.76
N ILE A 35 -12.39 11.54 12.92
CA ILE A 35 -13.00 12.78 12.55
C ILE A 35 -14.40 12.92 13.12
N PRO A 36 -14.75 14.15 13.53
CA PRO A 36 -16.07 14.47 14.08
C PRO A 36 -17.19 14.33 13.06
N ASP A 37 -18.01 13.31 13.19
CA ASP A 37 -19.12 13.13 12.26
C ASP A 37 -20.24 14.07 12.64
N HIS A 38 -20.64 14.89 11.68
CA HIS A 38 -21.71 15.85 11.90
C HIS A 38 -22.40 16.12 10.56
N LEU A 39 -22.23 15.19 9.63
CA LEU A 39 -22.81 15.32 8.30
C LEU A 39 -23.64 14.10 7.95
N ARG A 40 -24.09 13.39 8.98
CA ARG A 40 -24.90 12.20 8.79
C ARG A 40 -26.34 12.57 8.47
N PRO A 41 -26.83 12.18 7.28
CA PRO A 41 -28.20 12.47 6.85
C PRO A 41 -29.21 11.50 7.45
N GLU A 42 -29.07 11.26 8.75
CA GLU A 42 -29.94 10.35 9.46
C GLU A 42 -30.12 10.85 10.89
N TYR A 43 -31.31 10.66 11.44
CA TYR A 43 -31.60 11.10 12.79
C TYR A 43 -32.48 10.07 13.51
N GLY A 44 -32.02 8.83 13.52
CA GLY A 44 -32.75 7.78 14.17
C GLY A 44 -32.07 7.33 15.43
N LEU A 45 -30.76 7.50 15.48
CA LEU A 45 -29.98 7.13 16.65
C LEU A 45 -30.18 8.15 17.77
N GLU A 46 -30.20 9.41 17.39
CA GLU A 46 -30.39 10.49 18.33
C GLU A 46 -31.87 10.68 18.62
N ALA A 47 -32.39 9.91 19.58
CA ALA A 47 -33.78 9.98 19.96
C ALA A 47 -34.02 11.15 20.93
N ALA A 48 -33.80 12.35 20.43
CA ALA A 48 -33.97 13.55 21.22
C ALA A 48 -34.18 14.75 20.30
N MET B 3 13.49 -2.07 10.55
CA MET B 3 14.97 -2.23 10.64
C MET B 3 15.38 -2.82 11.99
N ALA B 4 14.55 -2.61 13.00
CA ALA B 4 14.83 -3.12 14.35
C ALA B 4 14.98 -4.64 14.34
N THR B 5 14.17 -5.31 13.53
CA THR B 5 14.21 -6.76 13.43
C THR B 5 14.19 -7.19 11.97
N SER B 6 14.26 -8.50 11.74
CA SER B 6 14.22 -9.04 10.39
C SER B 6 12.88 -8.72 9.74
N SER B 7 11.87 -8.55 10.59
CA SER B 7 10.52 -8.21 10.17
C SER B 7 9.86 -7.45 11.32
N GLU B 8 9.03 -6.47 10.99
CA GLU B 8 8.35 -5.69 12.01
C GLU B 8 6.92 -6.16 12.19
N GLU B 9 6.26 -5.64 13.21
CA GLU B 9 4.88 -6.00 13.53
C GLU B 9 3.94 -5.54 12.41
N VAL B 10 2.95 -6.37 12.11
CA VAL B 10 2.00 -6.06 11.07
C VAL B 10 0.91 -5.14 11.63
N LEU B 11 0.95 -3.88 11.23
CA LEU B 11 -0.01 -2.89 11.69
C LEU B 11 -1.25 -2.86 10.80
N LEU B 12 -1.05 -3.09 9.51
CA LEU B 12 -2.16 -3.08 8.56
C LEU B 12 -2.17 -4.33 7.70
N ILE B 13 -3.33 -4.94 7.57
CA ILE B 13 -3.46 -6.14 6.75
C ILE B 13 -4.39 -5.90 5.58
N VAL B 14 -3.86 -6.09 4.39
CA VAL B 14 -4.61 -5.90 3.15
C VAL B 14 -4.74 -7.23 2.43
N LYS B 15 -5.86 -7.46 1.76
CA LYS B 15 -6.07 -8.70 1.04
C LYS B 15 -6.27 -8.47 -0.45
N LYS B 16 -5.99 -9.52 -1.23
CA LYS B 16 -6.12 -9.50 -2.68
C LYS B 16 -5.42 -8.29 -3.31
N VAL B 17 -4.10 -8.36 -3.38
CA VAL B 17 -3.30 -7.30 -3.96
C VAL B 17 -2.35 -7.86 -5.00
N ARG B 18 -2.46 -7.39 -6.23
CA ARG B 18 -1.61 -7.86 -7.31
C ARG B 18 -0.35 -7.02 -7.45
N GLN B 19 0.77 -7.70 -7.51
CA GLN B 19 2.05 -7.07 -7.70
C GLN B 19 2.57 -7.55 -9.05
N LYS B 20 2.45 -6.71 -10.06
CA LYS B 20 2.88 -7.03 -11.41
C LYS B 20 2.48 -8.44 -11.84
N LYS B 21 1.17 -8.67 -11.95
CA LYS B 21 0.57 -9.93 -12.36
C LYS B 21 0.63 -11.04 -11.30
N GLN B 22 0.86 -10.66 -10.06
CA GLN B 22 0.89 -11.64 -8.98
C GLN B 22 -0.06 -11.21 -7.87
N ASP B 23 -1.08 -12.00 -7.60
CA ASP B 23 -2.06 -11.66 -6.57
C ASP B 23 -1.57 -12.16 -5.21
N GLY B 24 -1.99 -11.50 -4.15
CA GLY B 24 -1.58 -11.90 -2.83
C GLY B 24 -2.13 -11.00 -1.75
N ALA B 25 -1.36 -10.81 -0.70
CA ALA B 25 -1.78 -9.97 0.41
C ALA B 25 -0.68 -8.98 0.82
N LEU B 26 -1.10 -7.77 1.13
CA LEU B 26 -0.18 -6.72 1.54
C LEU B 26 -0.26 -6.53 3.04
N TYR B 27 0.89 -6.35 3.67
CA TYR B 27 0.95 -6.16 5.11
C TYR B 27 1.83 -4.97 5.47
N LEU B 28 1.24 -3.96 6.10
CA LEU B 28 1.99 -2.78 6.52
C LEU B 28 2.61 -3.07 7.87
N MET B 29 3.88 -2.80 8.02
CA MET B 29 4.57 -3.06 9.26
C MET B 29 5.09 -1.77 9.88
N ALA B 30 5.51 -1.87 11.14
CA ALA B 30 6.02 -0.73 11.89
C ALA B 30 7.02 0.12 11.12
N GLU B 31 8.07 -0.50 10.58
CA GLU B 31 9.09 0.26 9.86
C GLU B 31 9.13 -0.07 8.38
N ARG B 32 8.15 -0.80 7.86
CA ARG B 32 8.19 -1.16 6.44
C ARG B 32 6.85 -1.63 5.92
N ILE B 33 6.79 -1.84 4.62
CA ILE B 33 5.62 -2.34 3.95
C ILE B 33 6.03 -3.58 3.17
N ALA B 34 5.35 -4.69 3.39
CA ALA B 34 5.69 -5.92 2.72
C ALA B 34 4.49 -6.55 2.03
N TRP B 35 4.77 -7.28 0.97
CA TRP B 35 3.73 -7.96 0.20
C TRP B 35 4.09 -9.42 0.02
N ALA B 36 3.12 -10.27 0.24
CA ALA B 36 3.31 -11.71 0.08
C ALA B 36 2.27 -12.25 -0.88
N PRO B 37 2.68 -13.15 -1.79
CA PRO B 37 1.76 -13.75 -2.77
C PRO B 37 0.62 -14.52 -2.11
N GLU B 38 -0.37 -14.87 -2.90
CA GLU B 38 -1.55 -15.59 -2.44
C GLU B 38 -1.23 -16.87 -1.65
N GLY B 39 -1.64 -16.90 -0.40
CA GLY B 39 -1.42 -18.07 0.44
C GLY B 39 0.03 -18.28 0.81
N LYS B 40 0.88 -17.33 0.49
CA LYS B 40 2.30 -17.45 0.81
C LYS B 40 2.63 -16.61 2.04
N ASP B 41 3.41 -17.17 2.94
CA ASP B 41 3.80 -16.48 4.16
C ASP B 41 5.14 -15.80 3.99
N ARG B 42 5.69 -15.90 2.79
CA ARG B 42 6.98 -15.31 2.49
C ARG B 42 6.79 -14.06 1.63
N PHE B 43 7.10 -12.92 2.21
CA PHE B 43 6.98 -11.65 1.51
C PHE B 43 8.10 -11.50 0.49
N THR B 44 7.73 -11.34 -0.77
CA THR B 44 8.70 -11.17 -1.83
C THR B 44 9.05 -9.69 -2.00
N ILE B 45 8.13 -8.85 -1.56
CA ILE B 45 8.32 -7.41 -1.64
C ILE B 45 8.43 -6.83 -0.23
N SER B 46 9.57 -6.24 0.08
CA SER B 46 9.78 -5.65 1.39
C SER B 46 10.47 -4.30 1.26
N HIS B 47 9.72 -3.23 1.52
CA HIS B 47 10.26 -1.88 1.43
C HIS B 47 10.12 -1.17 2.75
N MET B 48 11.20 -0.62 3.25
CA MET B 48 11.17 0.10 4.49
C MET B 48 10.75 1.53 4.22
N TYR B 49 10.11 2.15 5.19
CA TYR B 49 9.66 3.53 5.05
C TYR B 49 10.87 4.45 4.86
N ALA B 50 12.02 3.97 5.32
CA ALA B 50 13.26 4.73 5.24
C ALA B 50 13.84 4.71 3.82
N ASP B 51 13.21 3.95 2.92
CA ASP B 51 13.68 3.89 1.54
C ASP B 51 12.65 4.51 0.62
N ILE B 52 11.50 4.88 1.17
CA ILE B 52 10.43 5.45 0.37
C ILE B 52 10.44 6.98 0.43
N LYS B 53 10.49 7.61 -0.75
CA LYS B 53 10.51 9.06 -0.84
C LYS B 53 9.09 9.61 -0.63
N CYS B 54 8.14 8.97 -1.30
CA CYS B 54 6.74 9.35 -1.21
C CYS B 54 5.90 8.20 -1.71
N GLN B 55 4.59 8.38 -1.75
CA GLN B 55 3.72 7.33 -2.20
C GLN B 55 2.83 7.92 -3.27
N LYS B 56 2.19 7.09 -4.06
CA LYS B 56 1.26 7.56 -5.07
C LYS B 56 0.13 6.58 -5.10
N ILE B 57 -0.96 6.96 -5.72
CA ILE B 57 -2.11 6.06 -5.81
C ILE B 57 -2.79 6.20 -7.15
N SER B 58 -3.12 5.10 -7.83
CA SER B 58 -3.85 5.26 -9.06
C SER B 58 -5.21 5.75 -8.65
N PRO B 59 -5.48 7.03 -8.97
CA PRO B 59 -6.69 7.78 -8.59
C PRO B 59 -8.00 7.09 -8.96
N GLU B 60 -9.08 7.61 -8.39
CA GLU B 60 -10.41 7.09 -8.67
C GLU B 60 -10.73 7.34 -10.13
N GLY B 61 -11.29 6.34 -10.79
CA GLY B 61 -11.60 6.47 -12.20
C GLY B 61 -10.75 5.54 -13.03
N LYS B 62 -9.60 5.16 -12.49
CA LYS B 62 -8.70 4.23 -13.17
C LYS B 62 -9.31 2.83 -13.09
N ALA B 63 -8.84 1.94 -13.93
CA ALA B 63 -9.38 0.58 -13.95
C ALA B 63 -8.97 -0.18 -12.70
N LYS B 64 -7.87 0.23 -12.09
CA LYS B 64 -7.40 -0.42 -10.88
C LYS B 64 -6.97 0.60 -9.84
N ILE B 65 -7.63 0.59 -8.70
CA ILE B 65 -7.29 1.48 -7.61
C ILE B 65 -6.05 0.93 -6.95
N GLN B 66 -4.93 1.66 -7.03
CA GLN B 66 -3.68 1.12 -6.50
C GLN B 66 -2.81 2.14 -5.78
N LEU B 67 -1.78 1.61 -5.13
CA LEU B 67 -0.80 2.42 -4.43
C LEU B 67 0.58 2.20 -5.06
N GLN B 68 1.32 3.27 -5.24
CA GLN B 68 2.65 3.20 -5.82
C GLN B 68 3.68 3.71 -4.82
N LEU B 69 4.74 2.95 -4.61
CA LEU B 69 5.78 3.34 -3.69
C LEU B 69 6.95 3.94 -4.43
N VAL B 70 7.11 5.25 -4.37
CA VAL B 70 8.23 5.89 -5.02
C VAL B 70 9.38 5.99 -4.03
N LEU B 71 10.40 5.19 -4.28
CA LEU B 71 11.55 5.14 -3.41
C LEU B 71 12.46 6.35 -3.61
N HIS B 72 13.51 6.44 -2.81
CA HIS B 72 14.44 7.56 -2.87
C HIS B 72 15.21 7.66 -4.19
N ALA B 73 15.48 6.53 -4.83
CA ALA B 73 16.23 6.54 -6.09
C ALA B 73 15.32 6.60 -7.31
N GLY B 74 14.04 6.82 -7.08
CA GLY B 74 13.09 6.89 -8.18
C GLY B 74 12.51 5.53 -8.49
N ASP B 75 12.59 4.64 -7.51
CA ASP B 75 12.08 3.28 -7.64
C ASP B 75 10.59 3.32 -7.40
N THR B 76 9.85 2.39 -7.97
CA THR B 76 8.41 2.40 -7.77
C THR B 76 7.84 0.99 -7.66
N THR B 77 7.02 0.78 -6.65
CA THR B 77 6.35 -0.50 -6.44
C THR B 77 4.85 -0.32 -6.62
N ASN B 78 4.27 -1.00 -7.59
CA ASN B 78 2.84 -0.89 -7.88
C ASN B 78 2.01 -1.96 -7.20
N PHE B 79 1.19 -1.55 -6.24
CA PHE B 79 0.33 -2.48 -5.52
C PHE B 79 -1.12 -2.33 -5.98
N HIS B 80 -1.57 -3.29 -6.77
CA HIS B 80 -2.93 -3.29 -7.31
C HIS B 80 -3.89 -3.94 -6.33
N PHE B 81 -4.85 -3.17 -5.84
CA PHE B 81 -5.84 -3.69 -4.91
C PHE B 81 -6.91 -4.42 -5.72
N SER B 82 -6.63 -5.68 -6.03
CA SER B 82 -7.53 -6.50 -6.83
C SER B 82 -8.72 -7.00 -6.02
N ASN B 83 -8.80 -6.57 -4.76
CA ASN B 83 -9.91 -6.97 -3.90
C ASN B 83 -11.18 -6.26 -4.32
N GLU B 84 -12.06 -6.98 -5.00
CA GLU B 84 -13.31 -6.42 -5.48
C GLU B 84 -14.21 -5.97 -4.34
N SER B 85 -13.94 -6.46 -3.14
CA SER B 85 -14.75 -6.12 -1.98
C SER B 85 -14.25 -4.85 -1.27
N THR B 86 -12.95 -4.72 -1.10
CA THR B 86 -12.40 -3.57 -0.38
C THR B 86 -11.24 -2.88 -1.09
N ALA B 87 -11.20 -2.92 -2.42
CA ALA B 87 -10.11 -2.30 -3.20
C ALA B 87 -9.86 -0.86 -2.77
N VAL B 88 -10.83 0.00 -3.06
CA VAL B 88 -10.74 1.41 -2.73
C VAL B 88 -10.54 1.61 -1.22
N LYS B 89 -11.31 0.87 -0.43
CA LYS B 89 -11.28 0.95 1.02
C LYS B 89 -9.89 0.65 1.59
N GLU B 90 -9.30 -0.47 1.19
CA GLU B 90 -7.98 -0.85 1.67
C GLU B 90 -6.93 0.09 1.11
N ARG B 91 -7.17 0.58 -0.11
CA ARG B 91 -6.25 1.51 -0.75
C ARG B 91 -6.07 2.74 0.12
N ASP B 92 -7.19 3.26 0.62
CA ASP B 92 -7.18 4.44 1.47
C ASP B 92 -6.51 4.15 2.79
N ALA B 93 -6.71 2.94 3.32
CA ALA B 93 -6.11 2.55 4.58
C ALA B 93 -4.59 2.58 4.46
N VAL B 94 -4.08 1.97 3.40
CA VAL B 94 -2.64 1.94 3.16
C VAL B 94 -2.13 3.33 2.81
N LYS B 95 -2.95 4.08 2.08
CA LYS B 95 -2.60 5.41 1.64
C LYS B 95 -2.45 6.36 2.83
N ASP B 96 -3.50 6.43 3.64
CA ASP B 96 -3.53 7.31 4.80
C ASP B 96 -2.53 6.89 5.87
N LEU B 97 -2.35 5.59 6.01
CA LEU B 97 -1.43 5.08 7.02
C LEU B 97 0.00 5.32 6.58
N LEU B 98 0.23 5.36 5.28
CA LEU B 98 1.56 5.62 4.78
C LEU B 98 1.95 7.05 5.11
N GLN B 99 1.16 8.04 4.65
CA GLN B 99 1.42 9.44 5.00
C GLN B 99 1.56 9.61 6.52
N GLN B 100 1.00 8.65 7.26
CA GLN B 100 1.08 8.66 8.71
C GLN B 100 2.42 8.10 9.20
N LEU B 101 2.84 6.96 8.66
CA LEU B 101 4.08 6.31 9.08
C LEU B 101 5.32 6.77 8.32
N LEU B 102 5.19 6.96 7.00
CA LEU B 102 6.30 7.35 6.11
C LEU B 102 7.21 8.44 6.69
N PRO B 103 6.68 9.62 7.08
CA PRO B 103 7.51 10.72 7.61
C PRO B 103 8.19 10.38 8.94
N LYS B 104 7.53 9.55 9.75
CA LYS B 104 8.06 9.18 11.05
C LYS B 104 9.25 8.24 10.93
N PHE B 105 9.37 7.59 9.79
CA PHE B 105 10.46 6.65 9.59
C PHE B 105 11.35 7.06 8.43
N LYS B 106 11.28 8.33 8.05
CA LYS B 106 12.11 8.83 6.97
C LYS B 106 13.55 8.91 7.44
N ARG B 107 14.38 8.03 6.88
CA ARG B 107 15.79 7.96 7.24
C ARG B 107 16.60 7.65 5.99
N LYS B 108 17.91 7.78 6.09
CA LYS B 108 18.79 7.50 4.95
C LYS B 108 18.94 6.00 4.75
N ALA B 109 17.84 5.33 4.40
CA ALA B 109 17.83 3.87 4.17
C ALA B 109 18.47 3.14 5.34
N ASN B 110 18.19 3.61 6.55
CA ASN B 110 18.74 3.02 7.76
C ASN B 110 17.75 3.16 8.89
N ARG A 4 1.13 -18.10 -24.03
CA ARG A 4 0.14 -17.80 -25.09
C ARG A 4 -1.13 -18.61 -24.86
N ARG A 5 -2.03 -18.06 -24.05
CA ARG A 5 -3.31 -18.70 -23.75
C ARG A 5 -4.38 -17.63 -23.68
N ARG A 6 -4.90 -17.35 -22.49
CA ARG A 6 -5.89 -16.29 -22.33
C ARG A 6 -5.14 -14.97 -22.34
N THR A 7 -5.07 -14.34 -23.51
CA THR A 7 -4.33 -13.09 -23.70
C THR A 7 -2.84 -13.41 -23.79
N GLU A 8 -2.36 -14.13 -22.78
CA GLU A 8 -0.98 -14.58 -22.70
C GLU A 8 -0.80 -15.51 -21.50
N ALA A 9 -1.28 -15.07 -20.35
CA ALA A 9 -1.18 -15.84 -19.11
C ALA A 9 -2.12 -17.04 -19.09
N LEU A 10 -2.58 -17.42 -17.91
CA LEU A 10 -3.46 -18.57 -17.74
C LEU A 10 -4.91 -18.11 -17.63
N GLY A 11 -5.69 -18.79 -16.80
CA GLY A 11 -7.09 -18.44 -16.62
C GLY A 11 -7.27 -17.45 -15.48
N ASP A 12 -6.43 -16.42 -15.47
CA ASP A 12 -6.47 -15.40 -14.44
C ASP A 12 -7.16 -14.15 -14.96
N ALA A 13 -6.86 -13.01 -14.37
CA ALA A 13 -7.48 -11.75 -14.76
C ALA A 13 -6.46 -10.72 -15.20
N GLU A 14 -6.81 -9.95 -16.23
CA GLU A 14 -5.94 -8.90 -16.77
C GLU A 14 -4.73 -9.50 -17.47
N GLU A 15 -3.73 -8.66 -17.74
CA GLU A 15 -2.50 -9.13 -18.33
C GLU A 15 -1.32 -8.27 -17.90
N ASP A 16 -1.61 -7.31 -17.03
CA ASP A 16 -0.60 -6.41 -16.47
C ASP A 16 -1.25 -5.39 -15.54
N GLU A 17 -0.42 -4.67 -14.81
CA GLU A 17 -0.87 -3.67 -13.87
C GLU A 17 -0.62 -2.28 -14.44
N ASP A 18 -1.48 -1.33 -14.09
CA ASP A 18 -1.33 0.04 -14.57
C ASP A 18 -0.18 0.68 -13.82
N ASP A 19 0.90 1.00 -14.52
CA ASP A 19 2.07 1.59 -13.89
C ASP A 19 2.03 3.12 -13.95
N GLU A 20 1.00 3.66 -14.58
CA GLU A 20 0.87 5.10 -14.69
C GLU A 20 -0.41 5.56 -14.01
N ASP A 21 -0.63 6.86 -14.08
CA ASP A 21 -1.80 7.49 -13.51
C ASP A 21 -1.94 7.17 -12.03
N PHE A 22 -0.99 7.65 -11.24
CA PHE A 22 -1.01 7.51 -9.80
C PHE A 22 -0.94 8.90 -9.22
N VAL A 23 -1.88 9.21 -8.38
CA VAL A 23 -1.95 10.49 -7.76
C VAL A 23 -1.09 10.48 -6.53
N GLU A 24 -0.11 11.36 -6.53
CA GLU A 24 0.85 11.41 -5.47
C GLU A 24 0.19 11.57 -4.11
N VAL A 25 0.52 10.67 -3.23
CA VAL A 25 0.01 10.66 -1.89
C VAL A 25 1.05 11.30 -0.97
N PRO A 26 0.72 12.47 -0.44
CA PRO A 26 1.61 13.24 0.45
C PRO A 26 1.70 12.63 1.86
N GLU A 27 2.59 13.19 2.66
CA GLU A 27 2.78 12.75 4.03
C GLU A 27 1.87 13.54 4.95
N LYS A 28 1.49 12.96 6.08
CA LYS A 28 0.64 13.66 7.02
C LYS A 28 1.31 13.82 8.38
N GLU A 29 1.90 12.72 8.87
CA GLU A 29 2.60 12.70 10.17
C GLU A 29 1.67 13.08 11.33
N GLY A 30 1.34 14.36 11.43
CA GLY A 30 0.49 14.85 12.49
C GLY A 30 -0.96 14.65 12.16
N TYR A 31 -1.35 13.40 12.07
CA TYR A 31 -2.71 13.02 11.74
C TYR A 31 -3.13 11.84 12.61
N GLU A 32 -4.42 11.73 12.85
CA GLU A 32 -4.94 10.64 13.67
C GLU A 32 -5.91 9.78 12.87
N PRO A 33 -5.72 8.46 12.86
CA PRO A 33 -6.59 7.53 12.15
C PRO A 33 -7.89 7.30 12.92
N HIS A 34 -8.76 8.29 12.88
CA HIS A 34 -10.05 8.20 13.57
C HIS A 34 -11.03 7.33 12.82
N ILE A 35 -12.19 7.18 13.44
CA ILE A 35 -13.27 6.39 12.90
C ILE A 35 -14.45 7.28 12.50
N PRO A 36 -14.88 8.22 13.37
CA PRO A 36 -16.01 9.11 13.06
C PRO A 36 -15.65 10.14 11.99
N ASP A 37 -16.09 9.91 10.76
CA ASP A 37 -15.81 10.85 9.69
C ASP A 37 -16.58 12.14 9.93
N HIS A 38 -15.87 13.24 9.90
CA HIS A 38 -16.47 14.54 10.14
C HIS A 38 -15.73 15.61 9.33
N LEU A 39 -15.08 15.17 8.25
CA LEU A 39 -14.32 16.08 7.42
C LEU A 39 -15.12 16.51 6.21
N ARG A 40 -16.38 16.14 6.21
CA ARG A 40 -17.30 16.48 5.13
C ARG A 40 -18.73 16.09 5.51
N PRO A 41 -19.70 16.92 5.12
CA PRO A 41 -21.12 16.65 5.39
C PRO A 41 -21.64 15.57 4.45
N GLU A 42 -22.79 15.01 4.79
CA GLU A 42 -23.38 13.96 3.97
C GLU A 42 -24.06 14.55 2.75
N TYR A 43 -23.38 14.50 1.61
CA TYR A 43 -23.94 15.04 0.38
C TYR A 43 -24.72 13.96 -0.35
N GLY A 44 -24.15 12.77 -0.41
CA GLY A 44 -24.80 11.66 -1.08
C GLY A 44 -24.16 11.35 -2.41
N LEU A 45 -22.96 11.85 -2.62
CA LEU A 45 -22.22 11.63 -3.86
C LEU A 45 -20.84 11.03 -3.57
N GLU A 46 -20.47 11.04 -2.30
CA GLU A 46 -19.18 10.53 -1.87
C GLU A 46 -19.20 9.00 -1.81
N ALA A 47 -19.35 8.37 -2.96
CA ALA A 47 -19.37 6.92 -3.04
C ALA A 47 -18.00 6.38 -3.42
N ALA A 48 -17.06 6.47 -2.49
CA ALA A 48 -15.70 6.00 -2.72
C ALA A 48 -15.08 5.53 -1.41
N MET B 3 9.98 -5.12 14.13
CA MET B 3 11.16 -5.24 15.01
C MET B 3 12.40 -5.62 14.19
N ALA B 4 12.70 -6.91 14.13
CA ALA B 4 13.85 -7.42 13.38
C ALA B 4 13.70 -8.92 13.17
N THR B 5 12.55 -9.33 12.67
CA THR B 5 12.26 -10.73 12.45
C THR B 5 11.70 -10.98 11.05
N SER B 6 11.80 -9.97 10.18
CA SER B 6 11.29 -10.04 8.81
C SER B 6 9.77 -9.91 8.83
N SER B 7 9.12 -10.84 9.51
CA SER B 7 7.69 -10.81 9.69
C SER B 7 7.38 -9.97 10.92
N GLU B 8 7.58 -8.66 10.77
CA GLU B 8 7.39 -7.72 11.87
C GLU B 8 5.93 -7.49 12.19
N GLU B 9 5.71 -6.66 13.20
CA GLU B 9 4.38 -6.29 13.64
C GLU B 9 3.54 -5.78 12.48
N VAL B 10 2.57 -6.57 12.07
CA VAL B 10 1.71 -6.19 10.96
C VAL B 10 0.61 -5.28 11.46
N LEU B 11 0.71 -4.01 11.10
CA LEU B 11 -0.27 -3.01 11.51
C LEU B 11 -1.47 -2.99 10.56
N LEU B 12 -1.23 -3.30 9.30
CA LEU B 12 -2.31 -3.30 8.32
C LEU B 12 -2.27 -4.54 7.43
N ILE B 13 -3.43 -5.15 7.23
CA ILE B 13 -3.53 -6.34 6.40
C ILE B 13 -4.51 -6.12 5.26
N VAL B 14 -3.99 -6.03 4.04
CA VAL B 14 -4.81 -5.86 2.86
C VAL B 14 -4.75 -7.13 2.02
N LYS B 15 -5.90 -7.66 1.64
CA LYS B 15 -5.93 -8.89 0.87
C LYS B 15 -6.10 -8.63 -0.62
N LYS B 16 -5.87 -9.67 -1.41
CA LYS B 16 -5.97 -9.63 -2.85
C LYS B 16 -5.23 -8.43 -3.45
N VAL B 17 -3.93 -8.40 -3.26
CA VAL B 17 -3.09 -7.33 -3.78
C VAL B 17 -2.16 -7.92 -4.83
N ARG B 18 -2.20 -7.38 -6.03
CA ARG B 18 -1.38 -7.88 -7.11
C ARG B 18 -0.14 -7.03 -7.36
N GLN B 19 0.97 -7.71 -7.55
CA GLN B 19 2.22 -7.07 -7.87
C GLN B 19 2.64 -7.58 -9.25
N LYS B 20 2.43 -6.77 -10.27
CA LYS B 20 2.74 -7.14 -11.64
C LYS B 20 2.11 -8.49 -11.99
N LYS B 21 0.79 -8.54 -11.87
CA LYS B 21 -0.03 -9.70 -12.17
C LYS B 21 0.20 -10.89 -11.24
N GLN B 22 0.67 -10.62 -10.03
CA GLN B 22 0.88 -11.68 -9.05
C GLN B 22 -0.12 -11.49 -7.92
N ASP B 23 -1.02 -12.45 -7.74
CA ASP B 23 -2.04 -12.35 -6.69
C ASP B 23 -1.45 -12.64 -5.33
N GLY B 24 -1.61 -11.70 -4.42
CA GLY B 24 -1.10 -11.86 -3.07
C GLY B 24 -1.78 -10.95 -2.08
N ALA B 25 -1.03 -10.46 -1.11
CA ALA B 25 -1.57 -9.57 -0.10
C ALA B 25 -0.50 -8.60 0.40
N LEU B 26 -0.94 -7.41 0.75
CA LEU B 26 -0.02 -6.39 1.24
C LEU B 26 -0.16 -6.24 2.74
N TYR B 27 0.96 -6.30 3.43
CA TYR B 27 0.97 -6.20 4.88
C TYR B 27 1.81 -5.01 5.33
N LEU B 28 1.16 -4.01 5.90
CA LEU B 28 1.87 -2.84 6.40
C LEU B 28 2.47 -3.20 7.76
N MET B 29 3.75 -2.97 7.91
CA MET B 29 4.42 -3.32 9.14
C MET B 29 4.87 -2.07 9.88
N ALA B 30 5.22 -2.25 11.14
CA ALA B 30 5.65 -1.17 12.03
C ALA B 30 6.63 -0.19 11.37
N GLU B 31 7.72 -0.69 10.81
CA GLU B 31 8.74 0.17 10.22
C GLU B 31 8.88 -0.05 8.72
N ARG B 32 7.99 -0.84 8.12
CA ARG B 32 8.14 -1.14 6.71
C ARG B 32 6.85 -1.63 6.07
N ILE B 33 6.88 -1.77 4.76
CA ILE B 33 5.75 -2.27 4.01
C ILE B 33 6.20 -3.48 3.21
N ALA B 34 5.50 -4.59 3.36
CA ALA B 34 5.88 -5.80 2.65
C ALA B 34 4.70 -6.43 1.93
N TRP B 35 5.00 -7.11 0.84
CA TRP B 35 3.99 -7.78 0.05
C TRP B 35 4.37 -9.24 -0.13
N ALA B 36 3.40 -10.12 -0.01
CA ALA B 36 3.62 -11.55 -0.16
C ALA B 36 2.49 -12.17 -0.96
N PRO B 37 2.81 -13.09 -1.88
CA PRO B 37 1.79 -13.77 -2.67
C PRO B 37 0.87 -14.59 -1.77
N GLU B 38 -0.38 -14.76 -2.19
CA GLU B 38 -1.36 -15.48 -1.40
C GLU B 38 -0.89 -16.89 -1.05
N GLY B 39 -1.09 -17.26 0.20
CA GLY B 39 -0.72 -18.58 0.68
C GLY B 39 0.76 -18.70 0.99
N LYS B 40 1.46 -17.58 1.06
CA LYS B 40 2.88 -17.58 1.39
C LYS B 40 3.14 -16.91 2.73
N ASP B 41 4.00 -17.52 3.54
CA ASP B 41 4.34 -16.99 4.85
C ASP B 41 5.51 -16.02 4.77
N ARG B 42 6.18 -15.99 3.62
CA ARG B 42 7.32 -15.10 3.43
C ARG B 42 6.99 -14.03 2.40
N PHE B 43 7.47 -12.82 2.65
CA PHE B 43 7.23 -11.69 1.77
C PHE B 43 8.29 -11.61 0.69
N THR B 44 7.87 -11.32 -0.53
CA THR B 44 8.79 -11.20 -1.65
C THR B 44 9.21 -9.75 -1.86
N ILE B 45 8.36 -8.84 -1.40
CA ILE B 45 8.64 -7.41 -1.52
C ILE B 45 8.73 -6.81 -0.12
N SER B 46 9.84 -6.15 0.17
CA SER B 46 10.04 -5.53 1.47
C SER B 46 10.69 -4.16 1.31
N HIS B 47 9.95 -3.12 1.68
CA HIS B 47 10.45 -1.77 1.60
C HIS B 47 10.27 -1.06 2.92
N MET B 48 11.32 -0.43 3.40
CA MET B 48 11.25 0.29 4.65
C MET B 48 10.73 1.68 4.36
N TYR B 49 10.00 2.24 5.31
CA TYR B 49 9.46 3.58 5.15
C TYR B 49 10.59 4.59 4.95
N ALA B 50 11.76 4.24 5.48
CA ALA B 50 12.94 5.09 5.40
C ALA B 50 13.52 5.14 3.99
N ASP B 51 13.12 4.21 3.12
CA ASP B 51 13.65 4.18 1.76
C ASP B 51 12.64 4.80 0.80
N ILE B 52 11.43 5.02 1.27
CA ILE B 52 10.39 5.58 0.43
C ILE B 52 10.37 7.10 0.51
N LYS B 53 10.41 7.76 -0.64
CA LYS B 53 10.38 9.21 -0.72
C LYS B 53 8.96 9.71 -0.48
N CYS B 54 8.05 9.26 -1.33
CA CYS B 54 6.65 9.62 -1.25
C CYS B 54 5.82 8.48 -1.84
N GLN B 55 4.51 8.59 -1.87
CA GLN B 55 3.71 7.53 -2.41
C GLN B 55 2.73 8.13 -3.40
N LYS B 56 2.10 7.30 -4.20
CA LYS B 56 1.08 7.74 -5.14
C LYS B 56 0.04 6.66 -5.21
N ILE B 57 -1.09 6.97 -5.78
CA ILE B 57 -2.16 6.00 -5.89
C ILE B 57 -2.85 6.11 -7.23
N SER B 58 -3.07 5.01 -7.94
CA SER B 58 -3.79 5.13 -9.19
C SER B 58 -5.21 5.49 -8.80
N PRO B 59 -5.57 6.77 -9.10
CA PRO B 59 -6.83 7.43 -8.73
C PRO B 59 -8.08 6.71 -9.22
N GLU B 60 -9.23 7.15 -8.70
CA GLU B 60 -10.51 6.62 -9.11
C GLU B 60 -10.69 6.88 -10.61
N GLY B 61 -11.33 5.95 -11.28
CA GLY B 61 -11.51 6.09 -12.72
C GLY B 61 -10.75 5.02 -13.45
N LYS B 62 -9.60 4.64 -12.89
CA LYS B 62 -8.80 3.57 -13.46
C LYS B 62 -9.53 2.25 -13.22
N ALA B 63 -9.25 1.25 -14.03
CA ALA B 63 -9.88 -0.05 -13.88
C ALA B 63 -9.23 -0.83 -12.74
N LYS B 64 -8.23 -0.21 -12.11
CA LYS B 64 -7.51 -0.82 -11.02
C LYS B 64 -6.99 0.23 -10.04
N ILE B 65 -7.57 0.24 -8.84
CA ILE B 65 -7.15 1.17 -7.80
C ILE B 65 -5.86 0.63 -7.20
N GLN B 66 -4.77 1.37 -7.35
CA GLN B 66 -3.47 0.86 -6.88
C GLN B 66 -2.64 1.90 -6.14
N LEU B 67 -1.57 1.44 -5.52
CA LEU B 67 -0.64 2.31 -4.81
C LEU B 67 0.74 2.23 -5.47
N GLN B 68 1.46 3.34 -5.45
CA GLN B 68 2.79 3.39 -6.03
C GLN B 68 3.78 3.98 -5.02
N LEU B 69 4.77 3.19 -4.66
CA LEU B 69 5.77 3.64 -3.71
C LEU B 69 6.99 4.21 -4.41
N VAL B 70 7.14 5.52 -4.40
CA VAL B 70 8.28 6.15 -5.03
C VAL B 70 9.40 6.26 -4.02
N LEU B 71 10.43 5.46 -4.24
CA LEU B 71 11.58 5.44 -3.34
C LEU B 71 12.42 6.70 -3.52
N HIS B 72 13.45 6.83 -2.70
CA HIS B 72 14.31 8.01 -2.73
C HIS B 72 15.01 8.23 -4.07
N ALA B 73 15.64 7.21 -4.61
CA ALA B 73 16.36 7.34 -5.87
C ALA B 73 15.42 7.61 -7.06
N GLY B 74 14.16 7.23 -6.90
CA GLY B 74 13.19 7.42 -7.95
C GLY B 74 12.62 6.09 -8.37
N ASP B 75 12.70 5.16 -7.45
CA ASP B 75 12.23 3.80 -7.63
C ASP B 75 10.73 3.79 -7.42
N THR B 76 10.05 2.76 -7.90
CA THR B 76 8.62 2.70 -7.72
C THR B 76 8.13 1.27 -7.56
N THR B 77 7.31 1.07 -6.54
CA THR B 77 6.74 -0.25 -6.26
C THR B 77 5.21 -0.17 -6.40
N ASN B 78 4.69 -0.79 -7.44
CA ASN B 78 3.24 -0.79 -7.68
C ASN B 78 2.55 -1.90 -6.91
N PHE B 79 1.44 -1.54 -6.27
CA PHE B 79 0.63 -2.48 -5.52
C PHE B 79 -0.83 -2.33 -5.92
N HIS B 80 -1.33 -3.31 -6.65
CA HIS B 80 -2.70 -3.31 -7.14
C HIS B 80 -3.65 -3.90 -6.11
N PHE B 81 -4.59 -3.09 -5.66
CA PHE B 81 -5.59 -3.56 -4.70
C PHE B 81 -6.67 -4.28 -5.47
N SER B 82 -6.36 -5.49 -5.89
CA SER B 82 -7.28 -6.31 -6.67
C SER B 82 -8.34 -6.97 -5.81
N ASN B 83 -8.75 -6.30 -4.74
CA ASN B 83 -9.79 -6.83 -3.88
C ASN B 83 -11.11 -6.21 -4.29
N GLU B 84 -11.89 -6.97 -5.03
CA GLU B 84 -13.18 -6.50 -5.55
C GLU B 84 -14.15 -6.14 -4.42
N SER B 85 -13.80 -6.48 -3.19
CA SER B 85 -14.65 -6.18 -2.05
C SER B 85 -14.47 -4.74 -1.58
N THR B 86 -13.26 -4.40 -1.14
CA THR B 86 -12.99 -3.05 -0.64
C THR B 86 -11.71 -2.44 -1.23
N ALA B 87 -11.45 -2.70 -2.51
CA ALA B 87 -10.25 -2.21 -3.20
C ALA B 87 -9.96 -0.75 -2.88
N VAL B 88 -10.95 0.09 -3.14
CA VAL B 88 -10.83 1.52 -2.88
C VAL B 88 -10.51 1.82 -1.41
N LYS B 89 -11.24 1.15 -0.51
CA LYS B 89 -11.07 1.37 0.91
C LYS B 89 -9.73 0.86 1.43
N GLU B 90 -9.33 -0.35 1.04
CA GLU B 90 -8.06 -0.91 1.47
C GLU B 90 -6.93 -0.05 0.93
N ARG B 91 -7.16 0.55 -0.23
CA ARG B 91 -6.19 1.44 -0.85
C ARG B 91 -5.99 2.63 0.07
N ASP B 92 -7.09 3.19 0.52
CA ASP B 92 -7.09 4.35 1.41
C ASP B 92 -6.42 4.00 2.74
N ALA B 93 -6.66 2.79 3.22
CA ALA B 93 -6.08 2.34 4.47
C ALA B 93 -4.55 2.35 4.40
N VAL B 94 -4.01 1.85 3.30
CA VAL B 94 -2.56 1.82 3.12
C VAL B 94 -2.04 3.22 2.84
N LYS B 95 -2.81 3.94 2.05
CA LYS B 95 -2.49 5.29 1.65
C LYS B 95 -2.39 6.22 2.85
N ASP B 96 -3.43 6.23 3.66
CA ASP B 96 -3.49 7.08 4.84
C ASP B 96 -2.49 6.65 5.90
N LEU B 97 -2.30 5.35 6.04
CA LEU B 97 -1.37 4.84 7.03
C LEU B 97 0.05 5.12 6.58
N LEU B 98 0.24 5.23 5.28
CA LEU B 98 1.55 5.55 4.74
C LEU B 98 1.90 6.99 5.07
N GLN B 99 1.04 7.96 4.67
CA GLN B 99 1.27 9.35 5.03
C GLN B 99 1.44 9.50 6.55
N GLN B 100 0.95 8.50 7.27
CA GLN B 100 1.06 8.46 8.71
C GLN B 100 2.45 7.99 9.16
N LEU B 101 2.89 6.84 8.66
CA LEU B 101 4.17 6.26 9.06
C LEU B 101 5.37 6.72 8.23
N LEU B 102 5.17 6.93 6.93
CA LEU B 102 6.25 7.32 6.01
C LEU B 102 7.17 8.43 6.55
N PRO B 103 6.64 9.61 6.91
CA PRO B 103 7.48 10.73 7.39
C PRO B 103 8.21 10.46 8.72
N LYS B 104 7.51 9.92 9.71
CA LYS B 104 8.13 9.65 11.01
C LYS B 104 9.21 8.59 10.92
N PHE B 105 9.18 7.79 9.87
CA PHE B 105 10.20 6.76 9.67
C PHE B 105 11.15 7.14 8.56
N LYS B 106 10.92 8.32 7.97
CA LYS B 106 11.75 8.81 6.88
C LYS B 106 13.14 9.19 7.40
N ARG B 107 14.14 8.42 7.00
CA ARG B 107 15.51 8.66 7.44
C ARG B 107 16.48 8.46 6.29
N LYS B 108 16.84 9.56 5.62
CA LYS B 108 17.77 9.49 4.51
C LYS B 108 18.98 10.36 4.79
N ALA B 109 19.95 10.34 3.89
CA ALA B 109 21.15 11.13 4.03
C ALA B 109 20.90 12.56 3.57
N ASN B 110 20.86 13.47 4.53
CA ASN B 110 20.63 14.90 4.25
C ASN B 110 19.29 15.08 3.54
N ARG A 4 0.63 -9.48 -19.23
CA ARG A 4 1.13 -10.10 -20.49
C ARG A 4 2.28 -9.27 -21.05
N ARG A 5 3.35 -9.94 -21.44
CA ARG A 5 4.52 -9.28 -21.99
C ARG A 5 5.11 -10.11 -23.13
N ARG A 6 6.41 -9.96 -23.35
CA ARG A 6 7.09 -10.72 -24.38
C ARG A 6 8.14 -11.62 -23.74
N THR A 7 8.23 -11.53 -22.41
CA THR A 7 9.16 -12.31 -21.63
C THR A 7 8.44 -13.06 -20.52
N GLU A 8 7.24 -12.56 -20.19
CA GLU A 8 6.39 -13.14 -19.14
C GLU A 8 7.06 -13.12 -17.76
N ALA A 9 6.67 -12.14 -16.96
CA ALA A 9 7.21 -12.00 -15.61
C ALA A 9 6.56 -13.01 -14.67
N LEU A 10 6.98 -14.27 -14.80
CA LEU A 10 6.48 -15.38 -13.98
C LEU A 10 5.04 -15.74 -14.34
N GLY A 11 4.12 -14.84 -14.03
CA GLY A 11 2.72 -15.07 -14.33
C GLY A 11 2.11 -13.88 -15.04
N ASP A 12 2.70 -13.53 -16.17
CA ASP A 12 2.24 -12.38 -16.95
C ASP A 12 0.97 -12.69 -17.72
N ALA A 13 -0.12 -12.90 -17.01
CA ALA A 13 -1.40 -13.17 -17.62
C ALA A 13 -2.15 -11.87 -17.88
N GLU A 14 -3.38 -11.98 -18.36
CA GLU A 14 -4.25 -10.82 -18.65
C GLU A 14 -3.47 -9.66 -19.25
N GLU A 15 -3.77 -8.45 -18.82
CA GLU A 15 -3.07 -7.26 -19.30
C GLU A 15 -1.97 -6.87 -18.32
N ASP A 16 -1.56 -5.62 -18.31
CA ASP A 16 -0.53 -5.17 -17.38
C ASP A 16 -1.11 -4.19 -16.38
N GLU A 17 -0.59 -4.23 -15.16
CA GLU A 17 -1.05 -3.33 -14.11
C GLU A 17 -0.77 -1.89 -14.52
N ASP A 18 -1.78 -1.02 -14.32
CA ASP A 18 -1.65 0.38 -14.65
C ASP A 18 -0.45 0.97 -13.92
N ASP A 19 0.57 1.36 -14.66
CA ASP A 19 1.78 1.92 -14.05
C ASP A 19 1.73 3.43 -14.05
N GLU A 20 0.70 3.98 -14.68
CA GLU A 20 0.54 5.43 -14.75
C GLU A 20 -0.71 5.87 -14.04
N ASP A 21 -0.94 7.18 -14.05
CA ASP A 21 -2.10 7.77 -13.44
C ASP A 21 -2.19 7.41 -11.96
N PHE A 22 -1.20 7.87 -11.21
CA PHE A 22 -1.18 7.69 -9.77
C PHE A 22 -1.06 9.06 -9.16
N VAL A 23 -1.98 9.35 -8.28
CA VAL A 23 -1.99 10.61 -7.63
C VAL A 23 -1.06 10.56 -6.47
N GLU A 24 -0.08 11.44 -6.51
CA GLU A 24 0.94 11.45 -5.50
C GLU A 24 0.36 11.59 -4.11
N VAL A 25 0.67 10.61 -3.28
CA VAL A 25 0.23 10.59 -1.92
C VAL A 25 1.27 11.25 -1.04
N PRO A 26 0.91 12.41 -0.49
CA PRO A 26 1.79 13.19 0.38
C PRO A 26 1.84 12.61 1.78
N GLU A 27 2.79 13.09 2.57
CA GLU A 27 2.93 12.64 3.95
C GLU A 27 2.06 13.51 4.85
N LYS A 28 1.61 12.97 5.98
CA LYS A 28 0.78 13.75 6.87
C LYS A 28 1.42 13.93 8.24
N GLU A 29 1.94 12.84 8.81
CA GLU A 29 2.57 12.86 10.14
C GLU A 29 1.59 13.30 11.24
N GLY A 30 1.26 14.59 11.25
CA GLY A 30 0.36 15.13 12.25
C GLY A 30 -1.09 14.86 11.92
N TYR A 31 -1.43 13.58 11.85
CA TYR A 31 -2.77 13.15 11.54
C TYR A 31 -3.13 11.97 12.43
N GLU A 32 -2.50 10.82 12.14
CA GLU A 32 -2.71 9.59 12.89
C GLU A 32 -4.17 9.12 12.83
N PRO A 33 -4.44 7.84 13.14
CA PRO A 33 -5.79 7.31 13.11
C PRO A 33 -6.53 7.55 14.43
N HIS A 34 -6.33 8.74 14.99
CA HIS A 34 -6.96 9.14 16.24
C HIS A 34 -6.77 10.63 16.44
N ILE A 35 -7.14 11.12 17.61
CA ILE A 35 -7.01 12.54 17.88
C ILE A 35 -5.64 12.88 18.47
N PRO A 36 -5.11 14.05 18.09
CA PRO A 36 -3.81 14.56 18.56
C PRO A 36 -3.80 14.93 20.05
N ASP A 37 -4.34 14.05 20.89
CA ASP A 37 -4.38 14.30 22.34
C ASP A 37 -2.97 14.30 22.91
N HIS A 38 -2.10 13.53 22.29
CA HIS A 38 -0.71 13.42 22.70
C HIS A 38 0.05 14.72 22.47
N LEU A 39 -0.61 15.69 21.84
CA LEU A 39 -0.02 16.99 21.57
C LEU A 39 -0.82 18.09 22.26
N ARG A 40 -1.57 17.70 23.27
CA ARG A 40 -2.38 18.63 24.03
C ARG A 40 -1.70 19.02 25.34
N PRO A 41 -1.21 20.26 25.44
CA PRO A 41 -0.53 20.75 26.65
C PRO A 41 -1.54 21.18 27.72
N GLU A 42 -2.62 20.43 27.80
CA GLU A 42 -3.69 20.70 28.75
C GLU A 42 -4.36 19.40 29.14
N TYR A 43 -4.72 19.27 30.41
CA TYR A 43 -5.37 18.07 30.91
C TYR A 43 -6.26 18.43 32.10
N GLY A 44 -7.28 19.24 31.84
CA GLY A 44 -8.17 19.65 32.91
C GLY A 44 -9.60 19.80 32.44
N LEU A 45 -9.82 19.71 31.13
CA LEU A 45 -11.16 19.82 30.56
C LEU A 45 -12.01 18.63 30.97
N GLU A 46 -11.38 17.48 31.08
CA GLU A 46 -12.07 16.25 31.47
C GLU A 46 -12.35 16.23 32.96
N ALA A 47 -13.28 17.07 33.40
CA ALA A 47 -13.66 17.15 34.79
C ALA A 47 -15.08 16.65 35.00
N ALA A 48 -15.63 16.07 33.95
CA ALA A 48 -16.99 15.54 33.98
C ALA A 48 -17.16 14.55 32.83
N MET B 3 9.78 -4.22 14.79
CA MET B 3 10.89 -4.51 15.74
C MET B 3 12.13 -5.01 14.99
N ALA B 4 12.32 -4.50 13.76
CA ALA B 4 13.46 -4.87 12.91
C ALA B 4 13.73 -6.38 12.87
N THR B 5 12.96 -7.10 12.08
CA THR B 5 13.12 -8.55 11.98
C THR B 5 12.78 -9.07 10.58
N SER B 6 12.45 -8.16 9.66
CA SER B 6 12.10 -8.51 8.26
C SER B 6 10.73 -9.19 8.22
N SER B 7 10.08 -9.21 9.37
CA SER B 7 8.76 -9.78 9.54
C SER B 7 8.20 -9.20 10.84
N GLU B 8 8.24 -7.88 10.90
CA GLU B 8 7.80 -7.13 12.06
C GLU B 8 6.31 -7.21 12.28
N GLU B 9 5.87 -6.58 13.35
CA GLU B 9 4.46 -6.53 13.73
C GLU B 9 3.63 -5.91 12.61
N VAL B 10 2.63 -6.65 12.18
CA VAL B 10 1.76 -6.18 11.11
C VAL B 10 0.69 -5.26 11.66
N LEU B 11 0.67 -4.03 11.17
CA LEU B 11 -0.29 -3.04 11.62
C LEU B 11 -1.50 -3.01 10.68
N LEU B 12 -1.25 -3.29 9.40
CA LEU B 12 -2.33 -3.28 8.42
C LEU B 12 -2.26 -4.52 7.53
N ILE B 13 -3.41 -5.16 7.33
CA ILE B 13 -3.49 -6.36 6.50
C ILE B 13 -4.48 -6.17 5.36
N VAL B 14 -3.96 -6.14 4.15
CA VAL B 14 -4.79 -6.00 2.95
C VAL B 14 -4.71 -7.29 2.15
N LYS B 15 -5.85 -7.83 1.75
CA LYS B 15 -5.86 -9.07 1.01
C LYS B 15 -6.09 -8.84 -0.48
N LYS B 16 -5.75 -9.86 -1.28
CA LYS B 16 -5.89 -9.81 -2.73
C LYS B 16 -5.25 -8.56 -3.32
N VAL B 17 -3.92 -8.57 -3.33
CA VAL B 17 -3.14 -7.47 -3.88
C VAL B 17 -2.19 -8.02 -4.92
N ARG B 18 -2.27 -7.51 -6.13
CA ARG B 18 -1.43 -7.97 -7.22
C ARG B 18 -0.23 -7.07 -7.46
N GLN B 19 0.91 -7.72 -7.65
CA GLN B 19 2.14 -7.05 -7.96
C GLN B 19 2.58 -7.54 -9.32
N LYS B 20 2.37 -6.71 -10.34
CA LYS B 20 2.70 -7.07 -11.72
C LYS B 20 2.17 -8.46 -12.09
N LYS B 21 0.84 -8.56 -12.12
CA LYS B 21 0.11 -9.79 -12.45
C LYS B 21 0.34 -10.94 -11.48
N GLN B 22 0.89 -10.65 -10.31
CA GLN B 22 1.10 -11.67 -9.30
C GLN B 22 0.18 -11.40 -8.12
N ASP B 23 -0.73 -12.32 -7.84
CA ASP B 23 -1.68 -12.14 -6.75
C ASP B 23 -1.05 -12.46 -5.41
N GLY B 24 -1.42 -11.68 -4.41
CA GLY B 24 -0.90 -11.85 -3.07
C GLY B 24 -1.61 -10.98 -2.06
N ALA B 25 -0.88 -10.52 -1.07
CA ALA B 25 -1.44 -9.67 -0.04
C ALA B 25 -0.42 -8.66 0.44
N LEU B 26 -0.88 -7.47 0.75
CA LEU B 26 -0.01 -6.40 1.21
C LEU B 26 -0.16 -6.23 2.71
N TYR B 27 0.95 -6.24 3.42
CA TYR B 27 0.95 -6.10 4.86
C TYR B 27 1.78 -4.90 5.28
N LEU B 28 1.16 -3.98 6.02
CA LEU B 28 1.86 -2.81 6.51
C LEU B 28 2.43 -3.12 7.88
N MET B 29 3.72 -3.02 8.02
CA MET B 29 4.37 -3.32 9.27
C MET B 29 4.81 -2.04 9.96
N ALA B 30 5.15 -2.15 11.23
CA ALA B 30 5.56 -1.00 12.04
C ALA B 30 6.60 -0.13 11.34
N GLU B 31 7.70 -0.71 10.89
CA GLU B 31 8.76 0.07 10.25
C GLU B 31 8.89 -0.22 8.75
N ARG B 32 7.96 -0.95 8.16
CA ARG B 32 8.09 -1.26 6.73
C ARG B 32 6.78 -1.71 6.11
N ILE B 33 6.81 -1.84 4.80
CA ILE B 33 5.67 -2.32 4.03
C ILE B 33 6.13 -3.52 3.22
N ALA B 34 5.40 -4.62 3.30
CA ALA B 34 5.79 -5.81 2.59
C ALA B 34 4.62 -6.46 1.87
N TRP B 35 4.93 -7.11 0.76
CA TRP B 35 3.94 -7.80 -0.04
C TRP B 35 4.35 -9.25 -0.23
N ALA B 36 3.41 -10.15 -0.02
CA ALA B 36 3.68 -11.57 -0.17
C ALA B 36 2.60 -12.23 -0.99
N PRO B 37 2.97 -13.10 -1.94
CA PRO B 37 2.00 -13.81 -2.77
C PRO B 37 1.10 -14.68 -1.91
N GLU B 38 -0.19 -14.73 -2.25
CA GLU B 38 -1.17 -15.49 -1.48
C GLU B 38 -0.73 -16.92 -1.24
N GLY B 39 -0.94 -17.39 -0.02
CA GLY B 39 -0.58 -18.74 0.35
C GLY B 39 0.83 -18.83 0.89
N LYS B 40 1.56 -17.73 0.86
CA LYS B 40 2.93 -17.71 1.36
C LYS B 40 3.05 -16.81 2.59
N ASP B 41 3.91 -17.21 3.52
CA ASP B 41 4.12 -16.46 4.75
C ASP B 41 5.31 -15.51 4.61
N ARG B 42 6.07 -15.69 3.54
CA ARG B 42 7.25 -14.88 3.32
C ARG B 42 6.99 -13.85 2.22
N PHE B 43 7.32 -12.61 2.53
CA PHE B 43 7.12 -11.50 1.61
C PHE B 43 8.27 -11.39 0.63
N THR B 44 7.95 -11.26 -0.65
CA THR B 44 8.96 -11.13 -1.68
C THR B 44 9.32 -9.66 -1.87
N ILE B 45 8.37 -8.79 -1.55
CA ILE B 45 8.58 -7.35 -1.66
C ILE B 45 8.67 -6.75 -0.26
N SER B 46 9.82 -6.18 0.05
CA SER B 46 10.03 -5.59 1.37
C SER B 46 10.64 -4.20 1.23
N HIS B 47 9.91 -3.19 1.69
CA HIS B 47 10.38 -1.82 1.62
C HIS B 47 10.21 -1.15 2.97
N MET B 48 11.26 -0.53 3.46
CA MET B 48 11.19 0.16 4.73
C MET B 48 10.70 1.57 4.47
N TYR B 49 10.00 2.13 5.43
CA TYR B 49 9.49 3.49 5.29
C TYR B 49 10.63 4.47 5.10
N ALA B 50 11.79 4.10 5.63
CA ALA B 50 12.99 4.93 5.55
C ALA B 50 13.62 4.91 4.15
N ASP B 51 13.14 4.03 3.28
CA ASP B 51 13.69 3.96 1.92
C ASP B 51 12.72 4.58 0.92
N ILE B 52 11.50 4.87 1.37
CA ILE B 52 10.50 5.43 0.49
C ILE B 52 10.48 6.95 0.55
N LYS B 53 10.54 7.59 -0.61
CA LYS B 53 10.53 9.05 -0.71
C LYS B 53 9.12 9.58 -0.53
N CYS B 54 8.23 9.13 -1.42
CA CYS B 54 6.83 9.54 -1.40
C CYS B 54 6.00 8.41 -1.97
N GLN B 55 4.69 8.58 -2.05
CA GLN B 55 3.86 7.55 -2.57
C GLN B 55 2.87 8.16 -3.52
N LYS B 56 2.19 7.34 -4.30
CA LYS B 56 1.15 7.80 -5.21
C LYS B 56 0.09 6.72 -5.25
N ILE B 57 -1.05 7.05 -5.78
CA ILE B 57 -2.13 6.08 -5.86
C ILE B 57 -2.89 6.21 -7.16
N SER B 58 -3.11 5.13 -7.91
CA SER B 58 -3.90 5.28 -9.11
C SER B 58 -5.28 5.64 -8.63
N PRO B 59 -5.67 6.92 -8.89
CA PRO B 59 -6.91 7.54 -8.45
C PRO B 59 -8.16 6.76 -8.84
N GLU B 60 -9.29 7.16 -8.25
CA GLU B 60 -10.55 6.54 -8.56
C GLU B 60 -10.90 6.85 -10.01
N GLY B 61 -11.52 5.92 -10.69
CA GLY B 61 -11.83 6.10 -12.10
C GLY B 61 -11.06 5.12 -12.95
N LYS B 62 -9.86 4.76 -12.50
CA LYS B 62 -9.06 3.77 -13.19
C LYS B 62 -9.72 2.41 -13.03
N ALA B 63 -9.41 1.49 -13.92
CA ALA B 63 -9.99 0.15 -13.84
C ALA B 63 -9.34 -0.64 -12.71
N LYS B 64 -8.24 -0.11 -12.19
CA LYS B 64 -7.52 -0.76 -11.11
C LYS B 64 -7.00 0.27 -10.10
N ILE B 65 -7.61 0.29 -8.93
CA ILE B 65 -7.20 1.20 -7.86
C ILE B 65 -5.91 0.67 -7.28
N GLN B 66 -4.83 1.45 -7.36
CA GLN B 66 -3.53 0.92 -6.89
C GLN B 66 -2.70 1.96 -6.15
N LEU B 67 -1.62 1.48 -5.53
CA LEU B 67 -0.69 2.34 -4.82
C LEU B 67 0.69 2.25 -5.48
N GLN B 68 1.41 3.35 -5.47
CA GLN B 68 2.74 3.41 -6.06
C GLN B 68 3.73 3.95 -5.04
N LEU B 69 4.75 3.16 -4.71
CA LEU B 69 5.75 3.59 -3.76
C LEU B 69 6.97 4.13 -4.48
N VAL B 70 7.21 5.44 -4.36
CA VAL B 70 8.37 6.04 -5.00
C VAL B 70 9.50 6.13 -3.99
N LEU B 71 10.51 5.31 -4.20
CA LEU B 71 11.65 5.25 -3.30
C LEU B 71 12.52 6.50 -3.44
N HIS B 72 13.55 6.58 -2.60
CA HIS B 72 14.45 7.74 -2.59
C HIS B 72 15.16 7.98 -3.92
N ALA B 73 15.73 6.93 -4.50
CA ALA B 73 16.46 7.07 -5.76
C ALA B 73 15.54 7.39 -6.93
N GLY B 74 14.27 7.02 -6.78
CA GLY B 74 13.30 7.24 -7.83
C GLY B 74 12.72 5.94 -8.29
N ASP B 75 12.76 4.98 -7.37
CA ASP B 75 12.28 3.64 -7.60
C ASP B 75 10.78 3.63 -7.39
N THR B 76 10.10 2.64 -7.93
CA THR B 76 8.65 2.59 -7.77
C THR B 76 8.13 1.16 -7.67
N THR B 77 7.19 0.96 -6.76
CA THR B 77 6.58 -0.34 -6.56
C THR B 77 5.07 -0.21 -6.65
N ASN B 78 4.49 -0.78 -7.71
CA ASN B 78 3.05 -0.73 -7.93
C ASN B 78 2.31 -1.86 -7.23
N PHE B 79 1.30 -1.50 -6.46
CA PHE B 79 0.49 -2.48 -5.75
C PHE B 79 -0.96 -2.38 -6.17
N HIS B 80 -1.40 -3.35 -6.96
CA HIS B 80 -2.76 -3.39 -7.48
C HIS B 80 -3.68 -4.08 -6.48
N PHE B 81 -4.71 -3.37 -6.04
CA PHE B 81 -5.66 -3.95 -5.10
C PHE B 81 -6.71 -4.75 -5.86
N SER B 82 -6.44 -6.05 -6.01
CA SER B 82 -7.34 -6.94 -6.73
C SER B 82 -8.49 -7.42 -5.85
N ASN B 83 -8.79 -6.68 -4.79
CA ASN B 83 -9.88 -7.03 -3.91
C ASN B 83 -11.09 -6.19 -4.27
N GLU B 84 -11.91 -6.71 -5.16
CA GLU B 84 -13.12 -6.05 -5.64
C GLU B 84 -14.03 -5.57 -4.51
N SER B 85 -13.98 -6.27 -3.38
CA SER B 85 -14.81 -5.92 -2.23
C SER B 85 -14.53 -4.51 -1.70
N THR B 86 -13.31 -4.25 -1.26
CA THR B 86 -12.96 -2.94 -0.73
C THR B 86 -11.65 -2.40 -1.30
N ALA B 87 -11.43 -2.62 -2.59
CA ALA B 87 -10.19 -2.18 -3.26
C ALA B 87 -9.87 -0.72 -3.00
N VAL B 88 -10.89 0.13 -3.05
CA VAL B 88 -10.69 1.55 -2.84
C VAL B 88 -10.42 1.86 -1.38
N LYS B 89 -11.10 1.15 -0.49
CA LYS B 89 -10.97 1.38 0.95
C LYS B 89 -9.70 0.79 1.53
N GLU B 90 -9.31 -0.40 1.08
CA GLU B 90 -8.08 -1.00 1.57
C GLU B 90 -6.91 -0.18 1.05
N ARG B 91 -7.09 0.39 -0.14
CA ARG B 91 -6.08 1.25 -0.72
C ARG B 91 -5.98 2.51 0.12
N ASP B 92 -7.14 3.00 0.55
CA ASP B 92 -7.22 4.19 1.39
C ASP B 92 -6.50 3.93 2.70
N ALA B 93 -6.74 2.76 3.28
CA ALA B 93 -6.13 2.37 4.53
C ALA B 93 -4.61 2.42 4.41
N VAL B 94 -4.09 1.81 3.35
CA VAL B 94 -2.65 1.79 3.11
C VAL B 94 -2.14 3.19 2.80
N LYS B 95 -2.92 3.93 2.04
CA LYS B 95 -2.56 5.28 1.64
C LYS B 95 -2.45 6.22 2.84
N ASP B 96 -3.52 6.28 3.61
CA ASP B 96 -3.57 7.14 4.79
C ASP B 96 -2.57 6.72 5.86
N LEU B 97 -2.38 5.43 6.03
CA LEU B 97 -1.45 4.91 7.01
C LEU B 97 -0.02 5.11 6.55
N LEU B 98 0.17 5.21 5.24
CA LEU B 98 1.49 5.44 4.71
C LEU B 98 1.91 6.87 5.00
N GLN B 99 1.11 7.85 4.57
CA GLN B 99 1.40 9.25 4.91
C GLN B 99 1.61 9.40 6.41
N GLN B 100 1.08 8.44 7.17
CA GLN B 100 1.24 8.40 8.60
C GLN B 100 2.59 7.82 9.04
N LEU B 101 2.90 6.62 8.55
CA LEU B 101 4.13 5.93 8.94
C LEU B 101 5.35 6.27 8.09
N LEU B 102 5.15 6.55 6.81
CA LEU B 102 6.26 6.85 5.89
C LEU B 102 7.22 7.91 6.45
N PRO B 103 6.75 9.14 6.72
CA PRO B 103 7.62 10.21 7.22
C PRO B 103 7.99 10.04 8.70
N LYS B 104 7.30 9.12 9.37
CA LYS B 104 7.56 8.88 10.79
C LYS B 104 8.81 8.04 10.98
N PHE B 105 9.12 7.21 9.99
CA PHE B 105 10.28 6.34 10.06
C PHE B 105 11.35 6.72 9.04
N LYS B 106 11.23 7.91 8.47
CA LYS B 106 12.21 8.35 7.48
C LYS B 106 12.94 9.59 7.95
N ARG B 107 14.05 9.90 7.30
CA ARG B 107 14.84 11.07 7.65
C ARG B 107 14.13 12.34 7.19
N LYS B 108 13.51 13.04 8.14
CA LYS B 108 12.80 14.28 7.86
C LYS B 108 13.77 15.38 7.41
N ALA B 109 13.22 16.50 6.97
CA ALA B 109 14.03 17.62 6.52
C ALA B 109 14.50 18.47 7.69
N ASN B 110 15.31 17.87 8.55
CA ASN B 110 15.85 18.54 9.74
C ASN B 110 16.94 17.68 10.36
N ARG A 4 -4.76 -15.51 -34.36
CA ARG A 4 -3.43 -15.58 -33.72
C ARG A 4 -3.42 -14.71 -32.47
N ARG A 5 -2.73 -15.17 -31.43
CA ARG A 5 -2.63 -14.40 -30.20
C ARG A 5 -1.56 -13.33 -30.35
N ARG A 6 -1.18 -12.68 -29.26
CA ARG A 6 -0.17 -11.64 -29.34
C ARG A 6 1.23 -12.26 -29.37
N THR A 7 1.59 -12.83 -30.51
CA THR A 7 2.89 -13.44 -30.69
C THR A 7 3.93 -12.34 -30.84
N GLU A 8 3.55 -11.30 -31.56
CA GLU A 8 4.39 -10.15 -31.79
C GLU A 8 4.29 -9.24 -30.56
N ALA A 9 5.01 -9.61 -29.51
CA ALA A 9 5.01 -8.90 -28.23
C ALA A 9 3.75 -9.23 -27.45
N LEU A 10 3.92 -9.98 -26.37
CA LEU A 10 2.81 -10.41 -25.52
C LEU A 10 2.06 -9.22 -24.95
N GLY A 11 0.86 -9.01 -25.44
CA GLY A 11 0.02 -7.93 -24.97
C GLY A 11 -1.36 -8.42 -24.60
N ASP A 12 -1.47 -9.74 -24.44
CA ASP A 12 -2.73 -10.38 -24.10
C ASP A 12 -2.55 -11.25 -22.85
N ALA A 13 -1.55 -10.89 -22.06
CA ALA A 13 -1.24 -11.63 -20.85
C ALA A 13 -2.10 -11.15 -19.67
N GLU A 14 -3.42 -11.32 -19.83
CA GLU A 14 -4.38 -10.92 -18.80
C GLU A 14 -4.41 -9.40 -18.64
N GLU A 15 -5.19 -8.93 -17.67
CA GLU A 15 -5.32 -7.51 -17.41
C GLU A 15 -4.14 -7.05 -16.56
N ASP A 16 -3.06 -6.65 -17.23
CA ASP A 16 -1.85 -6.22 -16.53
C ASP A 16 -2.08 -4.91 -15.79
N GLU A 17 -1.44 -4.80 -14.64
CA GLU A 17 -1.54 -3.63 -13.79
C GLU A 17 -0.94 -2.39 -14.46
N ASP A 18 -1.75 -1.35 -14.62
CA ASP A 18 -1.26 -0.12 -15.23
C ASP A 18 -0.32 0.57 -14.26
N ASP A 19 0.94 0.71 -14.67
CA ASP A 19 1.97 1.31 -13.83
C ASP A 19 1.98 2.83 -13.97
N GLU A 20 0.91 3.38 -14.51
CA GLU A 20 0.81 4.81 -14.71
C GLU A 20 -0.49 5.35 -14.13
N ASP A 21 -0.53 6.68 -13.94
CA ASP A 21 -1.69 7.38 -13.42
C ASP A 21 -1.89 7.09 -11.95
N PHE A 22 -0.92 7.54 -11.17
CA PHE A 22 -0.96 7.41 -9.72
C PHE A 22 -0.73 8.79 -9.15
N VAL A 23 -1.63 9.21 -8.31
CA VAL A 23 -1.55 10.50 -7.70
C VAL A 23 -0.66 10.44 -6.50
N GLU A 24 0.39 11.23 -6.55
CA GLU A 24 1.39 11.23 -5.51
C GLU A 24 0.78 11.56 -4.16
N VAL A 25 0.82 10.57 -3.30
CA VAL A 25 0.31 10.67 -1.97
C VAL A 25 1.38 11.28 -1.06
N PRO A 26 1.08 12.47 -0.52
CA PRO A 26 2.01 13.18 0.37
C PRO A 26 2.06 12.58 1.76
N GLU A 27 2.99 13.09 2.56
CA GLU A 27 3.16 12.63 3.93
C GLU A 27 2.36 13.51 4.87
N LYS A 28 1.91 12.96 5.98
CA LYS A 28 1.15 13.74 6.95
C LYS A 28 1.94 13.93 8.23
N GLU A 29 2.50 12.83 8.73
CA GLU A 29 3.32 12.80 9.95
C GLU A 29 2.62 13.40 11.18
N GLY A 30 2.42 14.72 11.16
CA GLY A 30 1.81 15.43 12.28
C GLY A 30 0.31 15.23 12.33
N TYR A 31 -0.08 13.98 12.41
CA TYR A 31 -1.46 13.58 12.47
C TYR A 31 -1.50 12.14 12.95
N GLU A 32 -2.60 11.72 13.54
CA GLU A 32 -2.74 10.34 14.00
C GLU A 32 -4.04 9.75 13.44
N PRO A 33 -4.14 8.42 13.31
CA PRO A 33 -5.32 7.75 12.75
C PRO A 33 -6.64 8.26 13.33
N HIS A 34 -7.26 9.19 12.59
CA HIS A 34 -8.53 9.80 12.99
C HIS A 34 -9.03 10.71 11.89
N ILE A 35 -10.06 11.45 12.22
CA ILE A 35 -10.66 12.40 11.30
C ILE A 35 -10.61 13.81 11.90
N PRO A 36 -11.09 14.01 13.15
CA PRO A 36 -11.05 15.31 13.80
C PRO A 36 -9.75 15.48 14.60
N ASP A 37 -8.69 14.87 14.11
CA ASP A 37 -7.40 14.92 14.76
C ASP A 37 -6.64 16.18 14.37
N HIS A 38 -6.59 17.14 15.27
CA HIS A 38 -5.89 18.40 15.02
C HIS A 38 -5.03 18.78 16.21
N LEU A 39 -4.63 17.77 16.97
CA LEU A 39 -3.81 18.01 18.16
C LEU A 39 -2.67 16.98 18.21
N ARG A 40 -2.17 16.72 19.41
CA ARG A 40 -1.08 15.76 19.63
C ARG A 40 -0.58 15.76 21.07
N PRO A 41 -0.34 16.94 21.69
CA PRO A 41 0.13 17.01 23.07
C PRO A 41 -0.99 16.78 24.09
N GLU A 42 -1.69 15.66 23.94
CA GLU A 42 -2.77 15.32 24.84
C GLU A 42 -2.41 14.08 25.66
N TYR A 43 -3.26 13.73 26.61
CA TYR A 43 -3.03 12.57 27.46
C TYR A 43 -4.36 12.14 28.08
N GLY A 44 -4.49 10.84 28.32
CA GLY A 44 -5.71 10.33 28.91
C GLY A 44 -6.51 9.50 27.92
N LEU A 45 -5.82 8.98 26.92
CA LEU A 45 -6.45 8.17 25.88
C LEU A 45 -5.79 6.81 25.82
N GLU A 46 -5.05 6.48 26.86
CA GLU A 46 -4.33 5.22 26.96
C GLU A 46 -5.23 4.13 27.54
N ALA A 47 -6.44 4.50 27.88
CA ALA A 47 -7.40 3.57 28.44
C ALA A 47 -8.79 3.81 27.87
N ALA A 48 -9.57 2.76 27.77
CA ALA A 48 -10.93 2.83 27.24
C ALA A 48 -11.74 1.65 27.74
N MET B 3 15.80 -0.34 4.47
CA MET B 3 17.18 -0.71 4.84
C MET B 3 17.26 -2.20 5.17
N ALA B 4 16.43 -2.66 6.10
CA ALA B 4 16.43 -4.06 6.49
C ALA B 4 15.02 -4.65 6.41
N THR B 5 14.95 -5.97 6.39
CA THR B 5 13.67 -6.67 6.33
C THR B 5 13.44 -7.50 7.58
N SER B 6 12.43 -7.12 8.34
CA SER B 6 12.08 -7.84 9.56
C SER B 6 10.67 -8.39 9.45
N SER B 7 10.25 -9.14 10.45
CA SER B 7 8.91 -9.71 10.47
C SER B 7 8.20 -9.32 11.75
N GLU B 8 7.99 -8.02 11.91
CA GLU B 8 7.32 -7.49 13.09
C GLU B 8 5.81 -7.52 12.92
N GLU B 9 5.11 -7.07 13.95
CA GLU B 9 3.66 -7.01 13.96
C GLU B 9 3.11 -6.32 12.70
N VAL B 10 2.03 -6.86 12.17
CA VAL B 10 1.41 -6.33 10.97
C VAL B 10 0.37 -5.28 11.34
N LEU B 11 0.70 -4.03 11.07
CA LEU B 11 -0.20 -2.92 11.40
C LEU B 11 -1.41 -2.89 10.46
N LEU B 12 -1.20 -3.22 9.21
CA LEU B 12 -2.29 -3.21 8.24
C LEU B 12 -2.25 -4.44 7.33
N ILE B 13 -3.38 -5.13 7.23
CA ILE B 13 -3.48 -6.32 6.40
C ILE B 13 -4.42 -6.07 5.23
N VAL B 14 -3.88 -6.12 4.02
CA VAL B 14 -4.65 -5.92 2.80
C VAL B 14 -4.68 -7.23 2.02
N LYS B 15 -5.81 -7.55 1.43
CA LYS B 15 -5.94 -8.80 0.68
C LYS B 15 -6.20 -8.56 -0.80
N LYS B 16 -5.98 -9.61 -1.59
CA LYS B 16 -6.17 -9.59 -3.04
C LYS B 16 -5.50 -8.38 -3.69
N VAL B 17 -4.18 -8.34 -3.58
CA VAL B 17 -3.39 -7.26 -4.14
C VAL B 17 -2.38 -7.83 -5.13
N ARG B 18 -2.42 -7.35 -6.36
CA ARG B 18 -1.53 -7.84 -7.39
C ARG B 18 -0.39 -6.87 -7.69
N GLN B 19 0.78 -7.43 -7.89
CA GLN B 19 1.96 -6.66 -8.23
C GLN B 19 2.54 -7.19 -9.53
N LYS B 20 2.32 -6.45 -10.61
CA LYS B 20 2.82 -6.83 -11.94
C LYS B 20 2.46 -8.28 -12.31
N LYS B 21 1.16 -8.53 -12.45
CA LYS B 21 0.64 -9.85 -12.81
C LYS B 21 0.84 -10.91 -11.72
N GLN B 22 1.34 -10.50 -10.57
CA GLN B 22 1.54 -11.42 -9.47
C GLN B 22 0.51 -11.16 -8.39
N ASP B 23 -0.34 -12.14 -8.12
CA ASP B 23 -1.38 -11.99 -7.11
C ASP B 23 -0.84 -12.25 -5.72
N GLY B 24 -1.41 -11.57 -4.73
CA GLY B 24 -0.96 -11.75 -3.37
C GLY B 24 -1.67 -10.84 -2.39
N ALA B 25 -0.97 -10.47 -1.32
CA ALA B 25 -1.53 -9.60 -0.30
C ALA B 25 -0.49 -8.62 0.20
N LEU B 26 -0.95 -7.44 0.60
CA LEU B 26 -0.07 -6.40 1.10
C LEU B 26 -0.19 -6.29 2.62
N TYR B 27 0.94 -6.26 3.29
CA TYR B 27 0.97 -6.17 4.74
C TYR B 27 1.82 -4.99 5.20
N LEU B 28 1.19 -4.01 5.83
CA LEU B 28 1.90 -2.86 6.35
C LEU B 28 2.49 -3.24 7.69
N MET B 29 3.77 -3.02 7.87
CA MET B 29 4.43 -3.38 9.10
C MET B 29 4.92 -2.15 9.83
N ALA B 30 5.31 -2.35 11.09
CA ALA B 30 5.78 -1.26 11.95
C ALA B 30 6.82 -0.35 11.27
N GLU B 31 7.88 -0.92 10.70
CA GLU B 31 8.90 -0.09 10.07
C GLU B 31 9.00 -0.33 8.57
N ARG B 32 8.07 -1.07 7.98
CA ARG B 32 8.17 -1.34 6.55
C ARG B 32 6.85 -1.80 5.95
N ILE B 33 6.82 -1.89 4.64
CA ILE B 33 5.66 -2.36 3.91
C ILE B 33 6.08 -3.55 3.07
N ALA B 34 5.41 -4.67 3.24
CA ALA B 34 5.77 -5.86 2.49
C ALA B 34 4.58 -6.46 1.75
N TRP B 35 4.88 -7.12 0.65
CA TRP B 35 3.87 -7.76 -0.17
C TRP B 35 4.29 -9.21 -0.41
N ALA B 36 3.35 -10.12 -0.23
CA ALA B 36 3.63 -11.53 -0.42
C ALA B 36 2.51 -12.19 -1.20
N PRO B 37 2.85 -13.08 -2.14
CA PRO B 37 1.86 -13.79 -2.94
C PRO B 37 0.96 -14.64 -2.04
N GLU B 38 -0.32 -14.72 -2.38
CA GLU B 38 -1.27 -15.47 -1.58
C GLU B 38 -0.86 -16.94 -1.49
N GLY B 39 -0.57 -17.39 -0.27
CA GLY B 39 -0.16 -18.75 -0.07
C GLY B 39 1.28 -18.86 0.39
N LYS B 40 2.00 -17.74 0.34
CA LYS B 40 3.40 -17.72 0.75
C LYS B 40 3.55 -17.10 2.14
N ASP B 41 4.43 -17.69 2.93
CA ASP B 41 4.70 -17.23 4.30
C ASP B 41 5.70 -16.08 4.31
N ARG B 42 6.45 -15.92 3.23
CA ARG B 42 7.45 -14.87 3.16
C ARG B 42 7.13 -13.87 2.07
N PHE B 43 7.35 -12.61 2.38
CA PHE B 43 7.09 -11.52 1.46
C PHE B 43 8.23 -11.38 0.45
N THR B 44 7.88 -11.23 -0.81
CA THR B 44 8.88 -11.07 -1.86
C THR B 44 9.24 -9.60 -2.03
N ILE B 45 8.31 -8.74 -1.68
CA ILE B 45 8.50 -7.30 -1.78
C ILE B 45 8.63 -6.72 -0.37
N SER B 46 9.74 -6.06 -0.09
CA SER B 46 9.96 -5.47 1.22
C SER B 46 10.59 -4.09 1.10
N HIS B 47 9.86 -3.08 1.53
CA HIS B 47 10.35 -1.71 1.48
C HIS B 47 10.17 -1.04 2.82
N MET B 48 11.24 -0.48 3.36
CA MET B 48 11.14 0.22 4.63
C MET B 48 10.66 1.61 4.36
N TYR B 49 9.88 2.15 5.29
CA TYR B 49 9.36 3.49 5.17
C TYR B 49 10.46 4.51 4.95
N ALA B 50 11.60 4.25 5.58
CA ALA B 50 12.76 5.14 5.49
C ALA B 50 13.41 5.17 4.10
N ASP B 51 13.15 4.17 3.28
CA ASP B 51 13.75 4.12 1.93
C ASP B 51 12.80 4.66 0.88
N ILE B 52 11.57 4.94 1.28
CA ILE B 52 10.55 5.45 0.35
C ILE B 52 10.50 6.98 0.38
N LYS B 53 10.52 7.60 -0.80
CA LYS B 53 10.46 9.06 -0.91
C LYS B 53 9.04 9.54 -0.64
N CYS B 54 8.09 8.86 -1.27
CA CYS B 54 6.68 9.19 -1.14
C CYS B 54 5.88 8.06 -1.75
N GLN B 55 4.58 8.21 -1.77
CA GLN B 55 3.74 7.18 -2.31
C GLN B 55 2.82 7.82 -3.33
N LYS B 56 2.16 7.02 -4.14
CA LYS B 56 1.22 7.52 -5.11
C LYS B 56 0.08 6.53 -5.16
N ILE B 57 -1.03 6.95 -5.71
CA ILE B 57 -2.18 6.06 -5.80
C ILE B 57 -2.88 6.23 -7.12
N SER B 58 -3.15 5.15 -7.84
CA SER B 58 -3.90 5.33 -9.08
C SER B 58 -5.27 5.79 -8.64
N PRO B 59 -5.54 7.09 -8.95
CA PRO B 59 -6.73 7.85 -8.56
C PRO B 59 -8.07 7.21 -8.95
N GLU B 60 -9.14 7.75 -8.41
CA GLU B 60 -10.49 7.30 -8.73
C GLU B 60 -10.75 7.51 -10.22
N GLY B 61 -11.38 6.55 -10.84
CA GLY B 61 -11.66 6.64 -12.26
C GLY B 61 -10.89 5.59 -13.02
N LYS B 62 -9.70 5.26 -12.51
CA LYS B 62 -8.87 4.23 -13.12
C LYS B 62 -9.54 2.88 -12.88
N ALA B 63 -9.47 1.99 -13.85
CA ALA B 63 -10.07 0.67 -13.70
C ALA B 63 -9.34 -0.13 -12.63
N LYS B 64 -8.17 0.35 -12.26
CA LYS B 64 -7.37 -0.29 -11.24
C LYS B 64 -7.02 0.70 -10.14
N ILE B 65 -7.62 0.52 -8.98
CA ILE B 65 -7.34 1.36 -7.82
C ILE B 65 -6.07 0.82 -7.19
N GLN B 66 -4.97 1.56 -7.27
CA GLN B 66 -3.70 1.01 -6.77
C GLN B 66 -2.85 2.02 -6.01
N LEU B 67 -1.80 1.50 -5.39
CA LEU B 67 -0.83 2.31 -4.67
C LEU B 67 0.54 2.12 -5.32
N GLN B 68 1.33 3.18 -5.35
CA GLN B 68 2.66 3.15 -5.93
C GLN B 68 3.69 3.68 -4.94
N LEU B 69 4.72 2.90 -4.67
CA LEU B 69 5.78 3.32 -3.76
C LEU B 69 6.94 3.91 -4.53
N VAL B 70 7.15 5.21 -4.40
CA VAL B 70 8.26 5.86 -5.07
C VAL B 70 9.43 5.95 -4.12
N LEU B 71 10.48 5.23 -4.43
CA LEU B 71 11.65 5.19 -3.58
C LEU B 71 12.54 6.41 -3.83
N HIS B 72 13.66 6.46 -3.12
CA HIS B 72 14.59 7.59 -3.22
C HIS B 72 15.34 7.67 -4.55
N ALA B 73 15.52 6.54 -5.23
CA ALA B 73 16.25 6.55 -6.50
C ALA B 73 15.32 6.60 -7.70
N GLY B 74 14.04 6.90 -7.44
CA GLY B 74 13.07 6.96 -8.52
C GLY B 74 12.48 5.60 -8.80
N ASP B 75 12.56 4.74 -7.79
CA ASP B 75 12.05 3.39 -7.88
C ASP B 75 10.57 3.42 -7.60
N THR B 76 9.82 2.47 -8.14
CA THR B 76 8.39 2.45 -7.91
C THR B 76 7.85 1.03 -7.82
N THR B 77 7.07 0.78 -6.79
CA THR B 77 6.44 -0.51 -6.58
C THR B 77 4.93 -0.37 -6.67
N ASN B 78 4.32 -1.04 -7.63
CA ASN B 78 2.88 -0.97 -7.83
C ASN B 78 2.11 -2.07 -7.12
N PHE B 79 1.05 -1.67 -6.44
CA PHE B 79 0.19 -2.60 -5.71
C PHE B 79 -1.25 -2.41 -6.15
N HIS B 80 -1.76 -3.34 -6.94
CA HIS B 80 -3.12 -3.29 -7.46
C HIS B 80 -4.09 -3.91 -6.47
N PHE B 81 -5.00 -3.09 -5.97
CA PHE B 81 -6.01 -3.57 -5.03
C PHE B 81 -7.16 -4.20 -5.82
N SER B 82 -6.95 -5.45 -6.22
CA SER B 82 -7.92 -6.19 -7.01
C SER B 82 -9.09 -6.70 -6.16
N ASN B 83 -9.10 -6.36 -4.88
CA ASN B 83 -10.17 -6.80 -4.00
C ASN B 83 -11.36 -5.85 -4.14
N GLU B 84 -12.26 -6.16 -5.07
CA GLU B 84 -13.43 -5.34 -5.36
C GLU B 84 -14.23 -4.95 -4.10
N SER B 85 -14.31 -5.86 -3.15
CA SER B 85 -15.06 -5.63 -1.91
C SER B 85 -14.54 -4.40 -1.15
N THR B 86 -13.23 -4.30 -0.98
CA THR B 86 -12.64 -3.19 -0.24
C THR B 86 -11.46 -2.55 -0.98
N ALA B 87 -11.54 -2.48 -2.31
CA ALA B 87 -10.45 -1.93 -3.12
C ALA B 87 -10.07 -0.52 -2.67
N VAL B 88 -10.97 0.42 -2.90
CA VAL B 88 -10.74 1.81 -2.53
C VAL B 88 -10.46 1.93 -1.02
N LYS B 89 -11.22 1.16 -0.25
CA LYS B 89 -11.10 1.18 1.21
C LYS B 89 -9.72 0.73 1.68
N GLU B 90 -9.24 -0.40 1.17
CA GLU B 90 -7.93 -0.92 1.55
C GLU B 90 -6.84 -0.02 0.99
N ARG B 91 -7.06 0.49 -0.23
CA ARG B 91 -6.09 1.37 -0.87
C ARG B 91 -5.89 2.62 -0.03
N ASP B 92 -6.98 3.21 0.41
CA ASP B 92 -6.93 4.41 1.21
C ASP B 92 -6.37 4.11 2.59
N ALA B 93 -6.63 2.90 3.10
CA ALA B 93 -6.11 2.51 4.40
C ALA B 93 -4.59 2.53 4.35
N VAL B 94 -4.03 1.99 3.27
CA VAL B 94 -2.59 1.97 3.07
C VAL B 94 -2.08 3.37 2.76
N LYS B 95 -2.87 4.10 2.00
CA LYS B 95 -2.53 5.45 1.57
C LYS B 95 -2.39 6.37 2.78
N ASP B 96 -3.42 6.42 3.60
CA ASP B 96 -3.42 7.26 4.78
C ASP B 96 -2.43 6.79 5.82
N LEU B 97 -2.31 5.49 5.96
CA LEU B 97 -1.37 4.91 6.93
C LEU B 97 0.06 5.14 6.47
N LEU B 98 0.26 5.26 5.17
CA LEU B 98 1.59 5.52 4.65
C LEU B 98 2.00 6.94 4.97
N GLN B 99 1.17 7.93 4.60
CA GLN B 99 1.48 9.33 4.95
C GLN B 99 1.68 9.44 6.47
N GLN B 100 1.21 8.43 7.17
CA GLN B 100 1.34 8.35 8.61
C GLN B 100 2.68 7.75 9.05
N LEU B 101 2.94 6.53 8.59
CA LEU B 101 4.15 5.81 8.97
C LEU B 101 5.38 6.20 8.14
N LEU B 102 5.19 6.50 6.86
CA LEU B 102 6.30 6.84 5.98
C LEU B 102 7.22 7.92 6.57
N PRO B 103 6.73 9.15 6.82
CA PRO B 103 7.57 10.22 7.36
C PRO B 103 7.91 10.02 8.84
N LYS B 104 7.07 9.26 9.54
CA LYS B 104 7.27 8.99 10.96
C LYS B 104 8.59 8.27 11.18
N PHE B 105 8.88 7.34 10.28
CA PHE B 105 10.10 6.55 10.35
C PHE B 105 11.16 7.08 9.40
N LYS B 106 10.96 8.33 8.98
CA LYS B 106 11.89 8.99 8.07
C LYS B 106 12.38 10.30 8.65
N ARG B 107 13.16 11.02 7.87
CA ARG B 107 13.68 12.31 8.27
C ARG B 107 12.53 13.30 8.34
N LYS B 108 12.62 14.27 9.23
CA LYS B 108 11.54 15.25 9.38
C LYS B 108 11.63 16.31 8.29
N ALA B 109 11.37 15.87 7.07
CA ALA B 109 11.38 16.72 5.88
C ALA B 109 10.83 15.93 4.71
N ASN B 110 11.29 14.71 4.65
CA ASN B 110 10.91 13.75 3.64
C ASN B 110 11.65 12.44 3.90
N ARG A 4 -0.96 -15.28 -31.11
CA ARG A 4 -0.29 -16.55 -31.50
C ARG A 4 -1.31 -17.51 -32.08
N ARG A 5 -0.98 -18.80 -32.10
CA ARG A 5 -1.90 -19.81 -32.62
C ARG A 5 -3.13 -19.93 -31.72
N ARG A 6 -2.93 -19.67 -30.44
CA ARG A 6 -4.00 -19.72 -29.46
C ARG A 6 -4.80 -18.43 -29.52
N THR A 7 -6.09 -18.51 -29.21
CA THR A 7 -6.96 -17.34 -29.23
C THR A 7 -6.53 -16.34 -28.15
N GLU A 8 -5.64 -15.43 -28.54
CA GLU A 8 -5.11 -14.41 -27.63
C GLU A 8 -6.23 -13.55 -27.05
N ALA A 9 -7.32 -13.40 -27.81
CA ALA A 9 -8.47 -12.62 -27.37
C ALA A 9 -9.06 -13.19 -26.08
N LEU A 10 -8.94 -14.50 -25.91
CA LEU A 10 -9.45 -15.17 -24.73
C LEU A 10 -8.31 -15.35 -23.73
N GLY A 11 -7.75 -14.24 -23.28
CA GLY A 11 -6.66 -14.29 -22.33
C GLY A 11 -7.00 -13.61 -21.03
N ASP A 12 -8.17 -13.90 -20.49
CA ASP A 12 -8.60 -13.29 -19.23
C ASP A 12 -7.86 -13.92 -18.06
N ALA A 13 -6.88 -13.22 -17.55
CA ALA A 13 -6.08 -13.67 -16.44
C ALA A 13 -5.34 -12.47 -15.84
N GLU A 14 -6.06 -11.35 -15.75
CA GLU A 14 -5.49 -10.10 -15.23
C GLU A 14 -4.53 -9.52 -16.26
N GLU A 15 -4.17 -8.26 -16.11
CA GLU A 15 -3.23 -7.65 -17.00
C GLU A 15 -2.15 -6.95 -16.20
N ASP A 16 -1.18 -6.37 -16.89
CA ASP A 16 -0.08 -5.69 -16.23
C ASP A 16 -0.59 -4.56 -15.34
N GLU A 17 0.08 -4.36 -14.21
CA GLU A 17 -0.29 -3.33 -13.27
C GLU A 17 0.00 -1.95 -13.84
N ASP A 18 -1.02 -1.10 -13.88
CA ASP A 18 -0.89 0.26 -14.39
C ASP A 18 0.28 0.93 -13.70
N ASP A 19 1.22 1.46 -14.47
CA ASP A 19 2.38 2.12 -13.90
C ASP A 19 2.22 3.62 -13.92
N GLU A 20 1.16 4.08 -14.55
CA GLU A 20 0.89 5.49 -14.64
C GLU A 20 -0.42 5.84 -13.98
N ASP A 21 -0.73 7.13 -13.97
CA ASP A 21 -1.95 7.65 -13.41
C ASP A 21 -2.06 7.30 -11.93
N PHE A 22 -1.13 7.84 -11.14
CA PHE A 22 -1.15 7.69 -9.71
C PHE A 22 -1.08 9.06 -9.11
N VAL A 23 -2.02 9.36 -8.25
CA VAL A 23 -2.10 10.63 -7.62
C VAL A 23 -1.23 10.61 -6.40
N GLU A 24 -0.27 11.50 -6.39
CA GLU A 24 0.70 11.55 -5.33
C GLU A 24 0.04 11.66 -3.96
N VAL A 25 0.46 10.77 -3.09
CA VAL A 25 -0.01 10.71 -1.74
C VAL A 25 1.03 11.34 -0.83
N PRO A 26 0.68 12.46 -0.19
CA PRO A 26 1.57 13.18 0.71
C PRO A 26 1.59 12.56 2.11
N GLU A 27 2.48 13.06 2.95
CA GLU A 27 2.58 12.57 4.32
C GLU A 27 1.62 13.36 5.21
N LYS A 28 1.19 12.76 6.31
CA LYS A 28 0.28 13.43 7.22
C LYS A 28 0.87 13.59 8.60
N GLU A 29 1.46 12.51 9.11
CA GLU A 29 2.09 12.48 10.44
C GLU A 29 1.08 12.75 11.56
N GLY A 30 0.65 14.00 11.68
CA GLY A 30 -0.29 14.38 12.72
C GLY A 30 -1.72 14.13 12.31
N TYR A 31 -2.05 12.86 12.13
CA TYR A 31 -3.39 12.45 11.75
C TYR A 31 -3.78 11.18 12.48
N GLU A 32 -5.04 11.08 12.88
CA GLU A 32 -5.53 9.91 13.59
C GLU A 32 -6.13 8.91 12.60
N PRO A 33 -5.79 7.62 12.75
CA PRO A 33 -6.28 6.56 11.86
C PRO A 33 -7.81 6.49 11.83
N HIS A 34 -8.40 7.13 10.82
CA HIS A 34 -9.84 7.14 10.64
C HIS A 34 -10.28 6.02 9.73
N ILE A 35 -11.55 6.03 9.40
CA ILE A 35 -12.12 5.05 8.53
C ILE A 35 -12.80 5.73 7.32
N PRO A 36 -13.68 6.74 7.54
CA PRO A 36 -14.34 7.45 6.45
C PRO A 36 -13.37 8.43 5.77
N ASP A 37 -12.30 7.88 5.20
CA ASP A 37 -11.32 8.71 4.52
C ASP A 37 -11.94 9.40 3.31
N HIS A 38 -11.83 10.71 3.29
CA HIS A 38 -12.35 11.52 2.21
C HIS A 38 -11.45 12.75 2.07
N LEU A 39 -10.20 12.57 2.47
CA LEU A 39 -9.22 13.65 2.44
C LEU A 39 -8.19 13.40 1.35
N ARG A 40 -8.60 13.58 0.12
CA ARG A 40 -7.72 13.37 -1.02
C ARG A 40 -7.29 14.72 -1.58
N PRO A 41 -6.06 15.14 -1.27
CA PRO A 41 -5.51 16.42 -1.74
C PRO A 41 -5.05 16.34 -3.19
N GLU A 42 -5.90 16.80 -4.09
CA GLU A 42 -5.59 16.78 -5.50
C GLU A 42 -5.06 18.15 -5.91
N TYR A 43 -4.26 18.17 -6.96
CA TYR A 43 -3.68 19.42 -7.44
C TYR A 43 -4.21 19.75 -8.83
N GLY A 44 -4.29 21.03 -9.13
CA GLY A 44 -4.78 21.45 -10.43
C GLY A 44 -3.65 21.73 -11.40
N LEU A 45 -2.91 22.78 -11.13
CA LEU A 45 -1.78 23.17 -11.98
C LEU A 45 -0.57 23.48 -11.12
N GLU A 46 -0.69 23.15 -9.84
CA GLU A 46 0.36 23.38 -8.88
C GLU A 46 1.48 22.34 -9.02
N ALA A 47 2.35 22.56 -9.99
CA ALA A 47 3.46 21.65 -10.24
C ALA A 47 4.78 22.41 -10.22
N ALA A 48 4.71 23.65 -9.75
CA ALA A 48 5.88 24.51 -9.65
C ALA A 48 5.57 25.65 -8.71
N MET B 3 8.99 -2.67 15.58
CA MET B 3 10.32 -3.25 15.84
C MET B 3 10.88 -3.89 14.56
N ALA B 4 11.92 -3.28 14.00
CA ALA B 4 12.53 -3.78 12.79
C ALA B 4 13.19 -5.15 13.02
N THR B 5 12.64 -6.16 12.36
CA THR B 5 13.16 -7.53 12.50
C THR B 5 12.98 -8.32 11.20
N SER B 6 12.75 -7.61 10.09
CA SER B 6 12.56 -8.22 8.77
C SER B 6 11.19 -8.90 8.69
N SER B 7 10.44 -8.75 9.76
CA SER B 7 9.10 -9.30 9.91
C SER B 7 8.46 -8.56 11.07
N GLU B 8 8.33 -7.25 10.88
CA GLU B 8 7.79 -6.36 11.89
C GLU B 8 6.31 -6.62 12.16
N GLU B 9 5.81 -5.93 13.17
CA GLU B 9 4.43 -6.02 13.58
C GLU B 9 3.53 -5.61 12.42
N VAL B 10 2.65 -6.51 12.00
CA VAL B 10 1.75 -6.25 10.90
C VAL B 10 0.57 -5.44 11.39
N LEU B 11 0.62 -4.14 11.15
CA LEU B 11 -0.43 -3.23 11.58
C LEU B 11 -1.61 -3.26 10.62
N LEU B 12 -1.32 -3.41 9.33
CA LEU B 12 -2.38 -3.43 8.33
C LEU B 12 -2.32 -4.67 7.45
N ILE B 13 -3.49 -5.22 7.16
CA ILE B 13 -3.59 -6.41 6.33
C ILE B 13 -4.58 -6.19 5.18
N VAL B 14 -4.05 -6.06 3.98
CA VAL B 14 -4.86 -5.88 2.78
C VAL B 14 -4.77 -7.16 1.95
N LYS B 15 -5.86 -7.57 1.35
CA LYS B 15 -5.87 -8.81 0.59
C LYS B 15 -6.10 -8.56 -0.89
N LYS B 16 -5.99 -9.64 -1.66
CA LYS B 16 -6.17 -9.63 -3.09
C LYS B 16 -5.46 -8.45 -3.73
N VAL B 17 -4.15 -8.44 -3.61
CA VAL B 17 -3.31 -7.39 -4.17
C VAL B 17 -2.32 -8.01 -5.13
N ARG B 18 -2.32 -7.53 -6.37
CA ARG B 18 -1.44 -8.06 -7.38
C ARG B 18 -0.29 -7.11 -7.67
N GLN B 19 0.90 -7.66 -7.71
CA GLN B 19 2.11 -6.90 -7.99
C GLN B 19 2.73 -7.42 -9.27
N LYS B 20 2.54 -6.67 -10.35
CA LYS B 20 3.07 -7.02 -11.66
C LYS B 20 2.76 -8.47 -12.04
N LYS B 21 1.46 -8.74 -12.24
CA LYS B 21 0.95 -10.05 -12.62
C LYS B 21 1.18 -11.13 -11.55
N GLN B 22 1.29 -10.71 -10.30
CA GLN B 22 1.48 -11.64 -9.20
C GLN B 22 0.43 -11.40 -8.13
N ASP B 23 -0.42 -12.39 -7.87
CA ASP B 23 -1.49 -12.25 -6.89
C ASP B 23 -0.97 -12.48 -5.47
N GLY B 24 -1.53 -11.75 -4.50
CA GLY B 24 -1.10 -11.90 -3.13
C GLY B 24 -1.84 -10.97 -2.18
N ALA B 25 -1.21 -10.70 -1.04
CA ALA B 25 -1.77 -9.82 -0.03
C ALA B 25 -0.72 -8.80 0.40
N LEU B 26 -1.17 -7.59 0.75
CA LEU B 26 -0.26 -6.54 1.16
C LEU B 26 -0.40 -6.27 2.65
N TYR B 27 0.72 -6.34 3.36
CA TYR B 27 0.71 -6.12 4.78
C TYR B 27 1.58 -4.91 5.14
N LEU B 28 1.07 -4.05 6.01
CA LEU B 28 1.80 -2.89 6.45
C LEU B 28 2.33 -3.10 7.85
N MET B 29 3.63 -2.97 8.02
CA MET B 29 4.22 -3.16 9.32
C MET B 29 4.68 -1.84 9.90
N ALA B 30 4.92 -1.84 11.20
CA ALA B 30 5.33 -0.65 11.94
C ALA B 30 6.55 0.04 11.33
N GLU B 31 7.43 -0.71 10.67
CA GLU B 31 8.64 -0.13 10.11
C GLU B 31 8.73 -0.28 8.58
N ARG B 32 7.84 -1.07 7.97
CA ARG B 32 7.94 -1.27 6.53
C ARG B 32 6.65 -1.76 5.91
N ILE B 33 6.63 -1.76 4.60
CA ILE B 33 5.49 -2.24 3.83
C ILE B 33 5.96 -3.46 3.05
N ALA B 34 5.26 -4.57 3.20
CA ALA B 34 5.65 -5.79 2.52
C ALA B 34 4.48 -6.48 1.85
N TRP B 35 4.74 -7.08 0.72
CA TRP B 35 3.73 -7.79 -0.05
C TRP B 35 4.12 -9.26 -0.18
N ALA B 36 3.17 -10.13 0.06
CA ALA B 36 3.40 -11.56 -0.03
C ALA B 36 2.24 -12.24 -0.74
N PRO B 37 2.53 -13.14 -1.69
CA PRO B 37 1.48 -13.86 -2.42
C PRO B 37 0.60 -14.65 -1.45
N GLU B 38 -0.71 -14.61 -1.67
CA GLU B 38 -1.66 -15.31 -0.81
C GLU B 38 -1.27 -16.78 -0.63
N GLY B 39 -1.16 -17.20 0.62
CA GLY B 39 -0.79 -18.57 0.91
C GLY B 39 0.66 -18.71 1.31
N LYS B 40 1.39 -17.60 1.32
CA LYS B 40 2.80 -17.62 1.69
C LYS B 40 3.01 -16.87 3.00
N ASP B 41 3.97 -17.33 3.80
CA ASP B 41 4.27 -16.70 5.08
C ASP B 41 5.36 -15.63 4.94
N ARG B 42 6.15 -15.75 3.88
CA ARG B 42 7.24 -14.82 3.67
C ARG B 42 6.90 -13.83 2.56
N PHE B 43 7.24 -12.57 2.78
CA PHE B 43 6.97 -11.51 1.84
C PHE B 43 8.11 -11.38 0.83
N THR B 44 7.77 -11.26 -0.44
CA THR B 44 8.76 -11.13 -1.49
C THR B 44 9.15 -9.66 -1.67
N ILE B 45 8.16 -8.78 -1.54
CA ILE B 45 8.40 -7.35 -1.66
C ILE B 45 8.58 -6.75 -0.27
N SER B 46 9.76 -6.19 -0.02
CA SER B 46 10.04 -5.60 1.28
C SER B 46 10.59 -4.19 1.11
N HIS B 47 9.82 -3.20 1.55
CA HIS B 47 10.25 -1.81 1.46
C HIS B 47 10.06 -1.12 2.79
N MET B 48 11.13 -0.54 3.30
CA MET B 48 11.05 0.18 4.55
C MET B 48 10.60 1.59 4.25
N TYR B 49 9.92 2.21 5.19
CA TYR B 49 9.45 3.57 4.98
C TYR B 49 10.64 4.52 4.85
N ALA B 50 11.78 4.08 5.35
CA ALA B 50 13.01 4.87 5.30
C ALA B 50 13.63 4.84 3.90
N ASP B 51 13.06 4.04 3.01
CA ASP B 51 13.57 3.95 1.64
C ASP B 51 12.57 4.59 0.68
N ILE B 52 11.38 4.90 1.19
CA ILE B 52 10.33 5.48 0.37
C ILE B 52 10.33 7.00 0.48
N LYS B 53 10.36 7.67 -0.67
CA LYS B 53 10.36 9.13 -0.72
C LYS B 53 8.95 9.67 -0.49
N CYS B 54 8.03 9.23 -1.32
CA CYS B 54 6.64 9.62 -1.25
C CYS B 54 5.78 8.51 -1.82
N GLN B 55 4.48 8.66 -1.85
CA GLN B 55 3.63 7.62 -2.36
C GLN B 55 2.65 8.24 -3.34
N LYS B 56 2.02 7.43 -4.14
CA LYS B 56 1.00 7.88 -5.08
C LYS B 56 -0.05 6.80 -5.16
N ILE B 57 -1.19 7.12 -5.69
CA ILE B 57 -2.27 6.12 -5.80
C ILE B 57 -2.95 6.22 -7.14
N SER B 58 -3.16 5.11 -7.83
CA SER B 58 -3.88 5.21 -9.08
C SER B 58 -5.29 5.59 -8.70
N PRO B 59 -5.65 6.85 -9.03
CA PRO B 59 -6.92 7.52 -8.68
C PRO B 59 -8.15 6.80 -9.19
N GLU B 60 -9.30 7.23 -8.70
CA GLU B 60 -10.58 6.68 -9.12
C GLU B 60 -10.72 6.91 -10.62
N GLY B 61 -11.33 5.96 -11.30
CA GLY B 61 -11.48 6.07 -12.74
C GLY B 61 -10.70 4.98 -13.44
N LYS B 62 -9.57 4.60 -12.84
CA LYS B 62 -8.77 3.52 -13.38
C LYS B 62 -9.49 2.22 -13.05
N ALA B 63 -9.46 1.26 -13.96
CA ALA B 63 -10.12 -0.02 -13.72
C ALA B 63 -9.38 -0.81 -12.65
N LYS B 64 -8.20 -0.33 -12.32
CA LYS B 64 -7.37 -0.97 -11.31
C LYS B 64 -6.89 0.05 -10.29
N ILE B 65 -7.53 0.05 -9.13
CA ILE B 65 -7.18 0.96 -8.04
C ILE B 65 -5.86 0.50 -7.44
N GLN B 66 -4.83 1.34 -7.50
CA GLN B 66 -3.52 0.89 -7.02
C GLN B 66 -2.76 1.95 -6.23
N LEU B 67 -1.68 1.49 -5.61
CA LEU B 67 -0.79 2.37 -4.86
C LEU B 67 0.60 2.31 -5.48
N GLN B 68 1.29 3.44 -5.50
CA GLN B 68 2.62 3.52 -6.06
C GLN B 68 3.61 4.06 -5.02
N LEU B 69 4.63 3.27 -4.73
CA LEU B 69 5.64 3.69 -3.76
C LEU B 69 6.84 4.26 -4.47
N VAL B 70 7.01 5.57 -4.40
CA VAL B 70 8.16 6.21 -5.03
C VAL B 70 9.31 6.27 -4.05
N LEU B 71 10.31 5.45 -4.27
CA LEU B 71 11.46 5.39 -3.40
C LEU B 71 12.32 6.65 -3.52
N HIS B 72 13.31 6.78 -2.64
CA HIS B 72 14.18 7.94 -2.61
C HIS B 72 14.88 8.23 -3.94
N ALA B 73 15.46 7.21 -4.55
CA ALA B 73 16.18 7.39 -5.82
C ALA B 73 15.23 7.70 -6.97
N GLY B 74 13.98 7.29 -6.81
CA GLY B 74 12.99 7.50 -7.85
C GLY B 74 12.45 6.18 -8.33
N ASP B 75 12.50 5.21 -7.44
CA ASP B 75 12.04 3.87 -7.70
C ASP B 75 10.55 3.82 -7.46
N THR B 76 9.87 2.82 -7.99
CA THR B 76 8.43 2.74 -7.80
C THR B 76 7.93 1.31 -7.69
N THR B 77 7.12 1.06 -6.68
CA THR B 77 6.52 -0.24 -6.46
C THR B 77 5.01 -0.12 -6.60
N ASN B 78 4.42 -0.88 -7.51
CA ASN B 78 2.98 -0.81 -7.75
C ASN B 78 2.24 -1.97 -7.11
N PHE B 79 1.17 -1.65 -6.40
CA PHE B 79 0.35 -2.65 -5.74
C PHE B 79 -1.10 -2.51 -6.19
N HIS B 80 -1.58 -3.49 -6.94
CA HIS B 80 -2.95 -3.47 -7.45
C HIS B 80 -3.92 -4.07 -6.44
N PHE B 81 -4.87 -3.26 -6.00
CA PHE B 81 -5.87 -3.71 -5.05
C PHE B 81 -7.02 -4.35 -5.82
N SER B 82 -6.86 -5.62 -6.14
CA SER B 82 -7.84 -6.38 -6.90
C SER B 82 -8.96 -6.94 -6.01
N ASN B 83 -8.99 -6.53 -4.75
CA ASN B 83 -10.03 -6.98 -3.84
C ASN B 83 -11.31 -6.19 -4.10
N GLU B 84 -12.14 -6.72 -4.98
CA GLU B 84 -13.41 -6.09 -5.37
C GLU B 84 -14.22 -5.56 -4.18
N SER B 85 -14.19 -6.27 -3.07
CA SER B 85 -14.94 -5.89 -1.88
C SER B 85 -14.58 -4.49 -1.37
N THR B 86 -13.32 -4.28 -1.02
CA THR B 86 -12.89 -2.99 -0.48
C THR B 86 -11.61 -2.47 -1.14
N ALA B 87 -11.48 -2.66 -2.44
CA ALA B 87 -10.30 -2.23 -3.19
C ALA B 87 -9.94 -0.78 -2.93
N VAL B 88 -10.94 0.10 -3.07
CA VAL B 88 -10.75 1.52 -2.86
C VAL B 88 -10.27 1.84 -1.44
N LYS B 89 -11.04 1.40 -0.44
CA LYS B 89 -10.71 1.70 0.94
C LYS B 89 -9.47 0.96 1.45
N GLU B 90 -9.21 -0.24 0.96
CA GLU B 90 -8.01 -0.96 1.39
C GLU B 90 -6.79 -0.24 0.85
N ARG B 91 -6.95 0.33 -0.35
CA ARG B 91 -5.89 1.11 -0.97
C ARG B 91 -5.64 2.34 -0.13
N ASP B 92 -6.73 2.95 0.29
CA ASP B 92 -6.70 4.15 1.12
C ASP B 92 -6.15 3.84 2.51
N ALA B 93 -6.42 2.63 3.00
CA ALA B 93 -5.93 2.22 4.31
C ALA B 93 -4.41 2.18 4.28
N VAL B 94 -3.86 1.67 3.18
CA VAL B 94 -2.42 1.59 3.00
C VAL B 94 -1.88 2.98 2.78
N LYS B 95 -2.65 3.76 2.04
CA LYS B 95 -2.31 5.12 1.70
C LYS B 95 -2.24 5.99 2.94
N ASP B 96 -3.30 5.96 3.74
CA ASP B 96 -3.39 6.75 4.97
C ASP B 96 -2.35 6.32 5.99
N LEU B 97 -2.14 5.03 6.09
CA LEU B 97 -1.17 4.51 7.05
C LEU B 97 0.23 4.84 6.58
N LEU B 98 0.39 5.03 5.27
CA LEU B 98 1.67 5.40 4.72
C LEU B 98 1.97 6.84 5.09
N GLN B 99 1.09 7.78 4.72
CA GLN B 99 1.27 9.18 5.13
C GLN B 99 1.45 9.27 6.65
N GLN B 100 1.06 8.21 7.35
CA GLN B 100 1.21 8.13 8.80
C GLN B 100 2.61 7.63 9.19
N LEU B 101 3.02 6.52 8.59
CA LEU B 101 4.31 5.89 8.92
C LEU B 101 5.49 6.41 8.09
N LEU B 102 5.23 6.90 6.89
CA LEU B 102 6.30 7.40 6.02
C LEU B 102 7.11 8.52 6.67
N PRO B 103 6.47 9.60 7.16
CA PRO B 103 7.18 10.72 7.80
C PRO B 103 7.89 10.30 9.08
N LYS B 104 7.44 9.20 9.68
CA LYS B 104 8.02 8.69 10.91
C LYS B 104 9.49 8.32 10.69
N PHE B 105 9.84 7.95 9.47
CA PHE B 105 11.20 7.55 9.15
C PHE B 105 12.00 8.69 8.54
N LYS B 106 11.35 9.83 8.33
CA LYS B 106 12.02 10.99 7.74
C LYS B 106 11.95 12.16 8.71
N ARG B 107 13.10 12.53 9.28
CA ARG B 107 13.14 13.64 10.23
C ARG B 107 14.14 14.68 9.77
N LYS B 108 13.63 15.83 9.34
CA LYS B 108 14.48 16.92 8.87
C LYS B 108 14.03 18.23 9.49
N ALA B 109 14.82 18.76 10.41
CA ALA B 109 14.50 20.02 11.07
C ALA B 109 15.27 21.17 10.45
N ASN B 110 15.66 20.98 9.20
CA ASN B 110 16.41 21.97 8.45
C ASN B 110 16.32 21.65 6.96
N ARG A 4 9.26 -14.54 -18.16
CA ARG A 4 8.10 -15.27 -17.60
C ARG A 4 7.88 -14.94 -16.13
N ARG A 5 6.83 -14.20 -15.84
CA ARG A 5 6.49 -13.86 -14.45
C ARG A 5 5.40 -14.81 -13.97
N ARG A 6 4.33 -14.91 -14.75
CA ARG A 6 3.24 -15.82 -14.44
C ARG A 6 3.00 -16.68 -15.67
N THR A 7 2.84 -16.01 -16.81
CA THR A 7 2.63 -16.68 -18.06
C THR A 7 3.87 -16.49 -18.95
N GLU A 8 4.35 -15.25 -19.00
CA GLU A 8 5.54 -14.90 -19.77
C GLU A 8 5.98 -13.47 -19.44
N ALA A 9 6.47 -12.74 -20.43
CA ALA A 9 6.91 -11.37 -20.21
C ALA A 9 5.81 -10.38 -20.58
N LEU A 10 5.81 -9.94 -21.84
CA LEU A 10 4.80 -8.99 -22.30
C LEU A 10 3.45 -9.69 -22.40
N GLY A 11 3.40 -10.73 -23.21
CA GLY A 11 2.18 -11.48 -23.37
C GLY A 11 1.95 -12.42 -22.22
N ASP A 12 1.28 -11.94 -21.19
CA ASP A 12 0.98 -12.74 -20.01
C ASP A 12 -0.52 -13.03 -19.94
N ALA A 13 -1.03 -13.19 -18.73
CA ALA A 13 -2.44 -13.49 -18.52
C ALA A 13 -3.33 -12.25 -18.67
N GLU A 14 -4.40 -12.22 -17.88
CA GLU A 14 -5.39 -11.14 -17.93
C GLU A 14 -4.78 -9.75 -17.70
N GLU A 15 -5.05 -8.85 -18.66
CA GLU A 15 -4.57 -7.46 -18.64
C GLU A 15 -3.20 -7.33 -18.02
N ASP A 16 -3.10 -6.48 -17.02
CA ASP A 16 -1.87 -6.24 -16.27
C ASP A 16 -2.09 -5.15 -15.24
N GLU A 17 -1.03 -4.74 -14.57
CA GLU A 17 -1.11 -3.69 -13.58
C GLU A 17 -0.86 -2.35 -14.23
N ASP A 18 -1.78 -1.42 -14.07
CA ASP A 18 -1.63 -0.09 -14.64
C ASP A 18 -0.45 0.57 -13.94
N ASP A 19 0.62 0.80 -14.68
CA ASP A 19 1.83 1.39 -14.11
C ASP A 19 1.81 2.91 -14.19
N GLU A 20 0.74 3.47 -14.69
CA GLU A 20 0.62 4.90 -14.81
C GLU A 20 -0.62 5.40 -14.08
N ASP A 21 -0.80 6.70 -14.10
CA ASP A 21 -1.94 7.34 -13.49
C ASP A 21 -2.04 7.02 -12.01
N PHE A 22 -1.06 7.49 -11.25
CA PHE A 22 -1.06 7.36 -9.80
C PHE A 22 -0.93 8.75 -9.23
N VAL A 23 -1.85 9.08 -8.38
CA VAL A 23 -1.88 10.37 -7.76
C VAL A 23 -1.01 10.36 -6.54
N GLU A 24 -0.01 11.22 -6.55
CA GLU A 24 0.94 11.26 -5.48
C GLU A 24 0.25 11.46 -4.14
N VAL A 25 0.47 10.50 -3.28
CA VAL A 25 -0.06 10.52 -1.94
C VAL A 25 0.97 11.19 -1.05
N PRO A 26 0.65 12.41 -0.61
CA PRO A 26 1.54 13.23 0.23
C PRO A 26 1.78 12.64 1.61
N GLU A 27 2.68 13.26 2.33
CA GLU A 27 3.03 12.84 3.68
C GLU A 27 2.21 13.64 4.68
N LYS A 28 1.75 12.99 5.75
CA LYS A 28 0.93 13.67 6.75
C LYS A 28 1.58 13.66 8.13
N GLU A 29 2.37 12.62 8.39
CA GLU A 29 3.09 12.44 9.66
C GLU A 29 2.14 12.14 10.82
N GLY A 30 1.44 13.16 11.27
CA GLY A 30 0.53 12.98 12.39
C GLY A 30 -0.75 13.76 12.21
N TYR A 31 -1.63 13.24 11.35
CA TYR A 31 -2.92 13.90 11.12
C TYR A 31 -3.94 13.45 12.16
N GLU A 32 -3.46 12.56 13.04
CA GLU A 32 -4.24 12.00 14.15
C GLU A 32 -5.55 11.35 13.73
N PRO A 33 -5.52 10.02 13.51
CA PRO A 33 -6.70 9.25 13.17
C PRO A 33 -7.42 8.77 14.44
N HIS A 34 -6.80 9.12 15.58
CA HIS A 34 -7.28 8.78 16.91
C HIS A 34 -7.18 7.31 17.20
N ILE A 35 -7.35 6.99 18.47
CA ILE A 35 -7.30 5.63 18.94
C ILE A 35 -8.12 5.44 20.24
N PRO A 36 -7.93 6.32 21.26
CA PRO A 36 -8.65 6.20 22.54
C PRO A 36 -10.16 6.01 22.37
N ASP A 37 -10.67 4.96 22.99
CA ASP A 37 -12.10 4.61 22.93
C ASP A 37 -12.96 5.73 23.52
N HIS A 38 -12.50 6.30 24.63
CA HIS A 38 -13.21 7.38 25.31
C HIS A 38 -13.15 8.68 24.51
N LEU A 39 -12.43 8.65 23.40
CA LEU A 39 -12.31 9.82 22.54
C LEU A 39 -12.76 9.47 21.12
N ARG A 40 -13.55 8.41 21.02
CA ARG A 40 -14.06 7.97 19.73
C ARG A 40 -15.49 8.46 19.54
N PRO A 41 -15.79 9.08 18.39
CA PRO A 41 -17.12 9.59 18.09
C PRO A 41 -18.02 8.55 17.45
N GLU A 42 -17.70 7.29 17.67
CA GLU A 42 -18.46 6.18 17.13
C GLU A 42 -19.58 5.79 18.10
N TYR A 43 -20.66 6.56 18.06
CA TYR A 43 -21.80 6.31 18.93
C TYR A 43 -22.96 5.73 18.13
N GLY A 44 -23.94 5.18 18.84
CA GLY A 44 -25.09 4.59 18.18
C GLY A 44 -25.28 3.14 18.57
N LEU A 45 -24.60 2.73 19.64
CA LEU A 45 -24.69 1.36 20.11
C LEU A 45 -25.23 1.34 21.53
N GLU A 46 -25.39 2.52 22.10
CA GLU A 46 -25.89 2.67 23.46
C GLU A 46 -27.38 2.36 23.52
N ALA A 47 -27.70 1.09 23.69
CA ALA A 47 -29.09 0.65 23.77
C ALA A 47 -29.36 0.00 25.13
N ALA A 48 -28.38 0.10 26.02
CA ALA A 48 -28.47 -0.46 27.35
C ALA A 48 -27.39 0.15 28.21
N MET B 3 6.00 -17.62 8.36
CA MET B 3 6.48 -17.84 9.74
C MET B 3 7.32 -16.64 10.20
N ALA B 4 8.02 -16.80 11.31
CA ALA B 4 8.85 -15.74 11.85
C ALA B 4 10.02 -15.44 10.91
N THR B 5 10.18 -14.18 10.58
CA THR B 5 11.24 -13.74 9.69
C THR B 5 11.72 -12.36 10.10
N SER B 6 12.76 -11.86 9.46
CA SER B 6 13.30 -10.54 9.77
C SER B 6 12.35 -9.44 9.25
N SER B 7 11.26 -9.23 9.95
CA SER B 7 10.27 -8.22 9.59
C SER B 7 9.64 -7.66 10.86
N GLU B 8 9.01 -6.50 10.74
CA GLU B 8 8.37 -5.86 11.89
C GLU B 8 6.94 -6.38 12.06
N GLU B 9 6.27 -5.90 13.09
CA GLU B 9 4.90 -6.29 13.39
C GLU B 9 3.97 -5.80 12.28
N VAL B 10 2.98 -6.61 11.95
CA VAL B 10 2.02 -6.26 10.91
C VAL B 10 0.94 -5.35 11.49
N LEU B 11 0.96 -4.09 11.08
CA LEU B 11 0.00 -3.12 11.58
C LEU B 11 -1.23 -3.06 10.68
N LEU B 12 -1.04 -3.29 9.38
CA LEU B 12 -2.15 -3.25 8.44
C LEU B 12 -2.15 -4.47 7.53
N ILE B 13 -3.33 -5.02 7.30
CA ILE B 13 -3.48 -6.20 6.45
C ILE B 13 -4.48 -5.95 5.33
N VAL B 14 -4.00 -6.00 4.10
CA VAL B 14 -4.83 -5.82 2.92
C VAL B 14 -4.80 -7.09 2.09
N LYS B 15 -5.94 -7.51 1.56
CA LYS B 15 -5.99 -8.74 0.79
C LYS B 15 -6.12 -8.46 -0.70
N LYS B 16 -5.85 -9.51 -1.50
CA LYS B 16 -5.89 -9.45 -2.95
C LYS B 16 -5.18 -8.22 -3.51
N VAL B 17 -3.87 -8.33 -3.58
CA VAL B 17 -3.03 -7.25 -4.11
C VAL B 17 -2.11 -7.81 -5.19
N ARG B 18 -2.34 -7.41 -6.43
CA ARG B 18 -1.53 -7.88 -7.54
C ARG B 18 -0.32 -7.01 -7.77
N GLN B 19 0.84 -7.63 -7.81
CA GLN B 19 2.09 -6.95 -8.09
C GLN B 19 2.63 -7.50 -9.39
N LYS B 20 2.48 -6.72 -10.46
CA LYS B 20 2.92 -7.10 -11.80
C LYS B 20 2.51 -8.53 -12.17
N LYS B 21 1.19 -8.74 -12.29
CA LYS B 21 0.59 -10.02 -12.66
C LYS B 21 0.60 -11.07 -11.55
N GLN B 22 0.95 -10.69 -10.34
CA GLN B 22 0.97 -11.66 -9.24
C GLN B 22 0.04 -11.22 -8.12
N ASP B 23 -0.99 -12.00 -7.85
CA ASP B 23 -1.95 -11.67 -6.81
C ASP B 23 -1.44 -12.12 -5.45
N GLY B 24 -1.74 -11.33 -4.43
CA GLY B 24 -1.28 -11.67 -3.09
C GLY B 24 -1.93 -10.78 -2.05
N ALA B 25 -1.14 -10.36 -1.07
CA ALA B 25 -1.64 -9.51 0.00
C ALA B 25 -0.56 -8.54 0.46
N LEU B 26 -0.99 -7.33 0.82
CA LEU B 26 -0.09 -6.30 1.28
C LEU B 26 -0.18 -6.17 2.79
N TYR B 27 0.95 -6.19 3.46
CA TYR B 27 0.99 -6.09 4.90
C TYR B 27 1.87 -4.92 5.34
N LEU B 28 1.27 -3.92 5.98
CA LEU B 28 2.02 -2.78 6.47
C LEU B 28 2.64 -3.13 7.81
N MET B 29 3.91 -2.82 7.98
CA MET B 29 4.58 -3.15 9.22
C MET B 29 5.10 -1.89 9.90
N ALA B 30 5.51 -2.03 11.14
CA ALA B 30 5.99 -0.92 11.96
C ALA B 30 6.97 0.01 11.24
N GLU B 31 8.03 -0.54 10.65
CA GLU B 31 9.01 0.30 9.96
C GLU B 31 9.13 -0.03 8.47
N ARG B 32 8.17 -0.78 7.93
CA ARG B 32 8.26 -1.14 6.52
C ARG B 32 6.94 -1.60 5.95
N ILE B 33 6.91 -1.76 4.64
CA ILE B 33 5.75 -2.24 3.94
C ILE B 33 6.16 -3.48 3.13
N ALA B 34 5.49 -4.59 3.38
CA ALA B 34 5.83 -5.82 2.69
C ALA B 34 4.64 -6.40 1.95
N TRP B 35 4.93 -7.17 0.92
CA TRP B 35 3.92 -7.81 0.10
C TRP B 35 4.27 -9.27 -0.12
N ALA B 36 3.27 -10.13 -0.03
CA ALA B 36 3.46 -11.56 -0.24
C ALA B 36 2.32 -12.13 -1.05
N PRO B 37 2.61 -13.00 -2.02
CA PRO B 37 1.58 -13.63 -2.85
C PRO B 37 0.63 -14.45 -1.97
N GLU B 38 -0.61 -14.61 -2.42
CA GLU B 38 -1.59 -15.33 -1.64
C GLU B 38 -1.15 -16.78 -1.41
N GLY B 39 -1.41 -17.26 -0.20
CA GLY B 39 -1.04 -18.61 0.18
C GLY B 39 0.46 -18.78 0.36
N LYS B 40 1.14 -17.70 0.72
CA LYS B 40 2.58 -17.75 0.94
C LYS B 40 2.91 -17.56 2.42
N ASP B 41 3.95 -18.23 2.88
CA ASP B 41 4.37 -18.17 4.27
C ASP B 41 5.34 -17.02 4.52
N ARG B 42 6.01 -16.57 3.47
CA ARG B 42 6.98 -15.47 3.59
C ARG B 42 6.67 -14.37 2.59
N PHE B 43 7.20 -13.19 2.86
CA PHE B 43 6.99 -12.03 1.99
C PHE B 43 8.08 -11.95 0.93
N THR B 44 7.71 -11.45 -0.24
CA THR B 44 8.66 -11.32 -1.34
C THR B 44 9.13 -9.88 -1.49
N ILE B 45 8.22 -8.94 -1.25
CA ILE B 45 8.53 -7.53 -1.35
C ILE B 45 8.69 -6.94 0.04
N SER B 46 9.77 -6.22 0.28
CA SER B 46 10.02 -5.63 1.58
C SER B 46 10.67 -4.25 1.43
N HIS B 47 9.88 -3.20 1.59
CA HIS B 47 10.39 -1.84 1.48
C HIS B 47 10.27 -1.13 2.82
N MET B 48 11.38 -0.66 3.34
CA MET B 48 11.38 0.03 4.60
C MET B 48 10.88 1.44 4.39
N TYR B 49 10.17 1.97 5.37
CA TYR B 49 9.65 3.33 5.28
C TYR B 49 10.79 4.33 5.15
N ALA B 50 11.96 3.93 5.64
CA ALA B 50 13.16 4.77 5.60
C ALA B 50 13.76 4.81 4.20
N ASP B 51 13.15 4.12 3.26
CA ASP B 51 13.65 4.08 1.88
C ASP B 51 12.61 4.59 0.89
N ILE B 52 11.45 5.02 1.40
CA ILE B 52 10.39 5.51 0.55
C ILE B 52 10.28 7.04 0.63
N LYS B 53 10.37 7.70 -0.52
CA LYS B 53 10.27 9.16 -0.59
C LYS B 53 8.83 9.60 -0.36
N CYS B 54 7.94 9.10 -1.20
CA CYS B 54 6.52 9.42 -1.11
C CYS B 54 5.73 8.29 -1.73
N GLN B 55 4.42 8.40 -1.78
CA GLN B 55 3.63 7.36 -2.34
C GLN B 55 2.67 7.96 -3.34
N LYS B 56 2.06 7.13 -4.15
CA LYS B 56 1.08 7.59 -5.13
C LYS B 56 0.01 6.53 -5.21
N ILE B 57 -1.12 6.87 -5.77
CA ILE B 57 -2.20 5.91 -5.86
C ILE B 57 -2.90 6.00 -7.20
N SER B 58 -3.16 4.89 -7.87
CA SER B 58 -3.89 4.98 -9.11
C SER B 58 -5.28 5.42 -8.69
N PRO B 59 -5.61 6.70 -9.01
CA PRO B 59 -6.85 7.38 -8.61
C PRO B 59 -8.12 6.67 -9.04
N GLU B 60 -9.24 7.08 -8.45
CA GLU B 60 -10.52 6.54 -8.79
C GLU B 60 -10.80 6.88 -10.26
N GLY B 61 -11.48 6.00 -10.96
CA GLY B 61 -11.75 6.22 -12.36
C GLY B 61 -11.03 5.19 -13.21
N LYS B 62 -9.87 4.76 -12.73
CA LYS B 62 -9.12 3.71 -13.41
C LYS B 62 -9.89 2.40 -13.25
N ALA B 63 -9.58 1.41 -14.09
CA ALA B 63 -10.25 0.13 -14.00
C ALA B 63 -9.83 -0.64 -12.75
N LYS B 64 -8.94 -0.03 -11.99
CA LYS B 64 -8.43 -0.62 -10.77
C LYS B 64 -7.82 0.46 -9.89
N ILE B 65 -7.83 0.23 -8.58
CA ILE B 65 -7.28 1.18 -7.63
C ILE B 65 -5.96 0.62 -7.10
N GLN B 66 -4.87 1.35 -7.28
CA GLN B 66 -3.56 0.83 -6.86
C GLN B 66 -2.73 1.85 -6.10
N LEU B 67 -1.64 1.37 -5.51
CA LEU B 67 -0.70 2.21 -4.78
C LEU B 67 0.68 2.12 -5.41
N GLN B 68 1.40 3.23 -5.43
CA GLN B 68 2.74 3.27 -6.00
C GLN B 68 3.72 3.80 -4.96
N LEU B 69 4.74 3.03 -4.66
CA LEU B 69 5.75 3.44 -3.70
C LEU B 69 6.94 4.07 -4.39
N VAL B 70 7.07 5.38 -4.26
CA VAL B 70 8.19 6.08 -4.85
C VAL B 70 9.31 6.15 -3.83
N LEU B 71 10.36 5.41 -4.08
CA LEU B 71 11.49 5.36 -3.18
C LEU B 71 12.34 6.63 -3.31
N HIS B 72 13.31 6.78 -2.41
CA HIS B 72 14.17 7.98 -2.38
C HIS B 72 14.98 8.16 -3.66
N ALA B 73 15.26 7.10 -4.39
CA ALA B 73 16.06 7.21 -5.61
C ALA B 73 15.19 7.28 -6.86
N GLY B 74 13.88 7.39 -6.66
CA GLY B 74 12.97 7.46 -7.79
C GLY B 74 12.42 6.10 -8.16
N ASP B 75 12.67 5.14 -7.30
CA ASP B 75 12.22 3.77 -7.49
C ASP B 75 10.73 3.72 -7.27
N THR B 76 10.03 2.79 -7.90
CA THR B 76 8.60 2.71 -7.72
C THR B 76 8.09 1.28 -7.67
N THR B 77 7.28 0.99 -6.67
CA THR B 77 6.68 -0.32 -6.53
C THR B 77 5.17 -0.21 -6.67
N ASN B 78 4.61 -0.92 -7.65
CA ASN B 78 3.18 -0.86 -7.91
C ASN B 78 2.41 -1.99 -7.21
N PHE B 79 1.46 -1.59 -6.38
CA PHE B 79 0.63 -2.54 -5.65
C PHE B 79 -0.83 -2.34 -6.05
N HIS B 80 -1.34 -3.25 -6.86
CA HIS B 80 -2.72 -3.17 -7.32
C HIS B 80 -3.66 -3.86 -6.34
N PHE B 81 -4.61 -3.11 -5.80
CA PHE B 81 -5.58 -3.67 -4.89
C PHE B 81 -6.65 -4.40 -5.69
N SER B 82 -6.37 -5.65 -6.00
CA SER B 82 -7.27 -6.48 -6.79
C SER B 82 -8.39 -7.07 -5.95
N ASN B 83 -8.59 -6.57 -4.74
CA ASN B 83 -9.67 -7.06 -3.89
C ASN B 83 -10.97 -6.39 -4.30
N GLU B 84 -11.79 -7.12 -5.02
CA GLU B 84 -13.06 -6.61 -5.52
C GLU B 84 -14.04 -6.28 -4.39
N SER B 85 -13.65 -6.55 -3.15
CA SER B 85 -14.51 -6.27 -2.01
C SER B 85 -14.30 -4.84 -1.49
N THR B 86 -13.09 -4.51 -1.06
CA THR B 86 -12.83 -3.18 -0.52
C THR B 86 -11.56 -2.55 -1.09
N ALA B 87 -11.25 -2.84 -2.36
CA ALA B 87 -10.06 -2.32 -3.04
C ALA B 87 -9.82 -0.83 -2.76
N VAL B 88 -10.84 -0.03 -3.04
CA VAL B 88 -10.76 1.41 -2.85
C VAL B 88 -10.44 1.78 -1.39
N LYS B 89 -11.15 1.19 -0.45
CA LYS B 89 -10.97 1.50 0.96
C LYS B 89 -9.68 0.93 1.54
N GLU B 90 -9.30 -0.27 1.12
CA GLU B 90 -8.06 -0.88 1.61
C GLU B 90 -6.89 -0.03 1.14
N ARG B 91 -7.02 0.54 -0.06
CA ARG B 91 -5.99 1.42 -0.58
C ARG B 91 -5.85 2.62 0.33
N ASP B 92 -7.00 3.18 0.69
CA ASP B 92 -7.06 4.35 1.56
C ASP B 92 -6.41 4.04 2.90
N ALA B 93 -6.62 2.82 3.39
CA ALA B 93 -6.05 2.40 4.66
C ALA B 93 -4.53 2.41 4.60
N VAL B 94 -3.99 1.91 3.49
CA VAL B 94 -2.54 1.87 3.29
C VAL B 94 -2.04 3.26 3.01
N LYS B 95 -2.80 3.97 2.21
CA LYS B 95 -2.48 5.32 1.79
C LYS B 95 -2.37 6.26 2.97
N ASP B 96 -3.42 6.31 3.78
CA ASP B 96 -3.44 7.17 4.95
C ASP B 96 -2.42 6.75 6.01
N LEU B 97 -2.22 5.46 6.15
CA LEU B 97 -1.26 4.95 7.12
C LEU B 97 0.15 5.24 6.65
N LEU B 98 0.34 5.22 5.33
CA LEU B 98 1.65 5.49 4.77
C LEU B 98 2.01 6.95 5.02
N GLN B 99 1.17 7.91 4.59
CA GLN B 99 1.45 9.32 4.87
C GLN B 99 1.69 9.54 6.36
N GLN B 100 1.11 8.68 7.18
CA GLN B 100 1.26 8.74 8.62
C GLN B 100 2.62 8.19 9.09
N LEU B 101 2.97 7.00 8.63
CA LEU B 101 4.21 6.35 9.06
C LEU B 101 5.45 6.72 8.23
N LEU B 102 5.25 6.94 6.94
CA LEU B 102 6.35 7.25 6.02
C LEU B 102 7.34 8.31 6.54
N PRO B 103 6.89 9.54 6.85
CA PRO B 103 7.80 10.63 7.29
C PRO B 103 8.62 10.34 8.55
N LYS B 104 7.96 9.92 9.63
CA LYS B 104 8.65 9.66 10.89
C LYS B 104 9.66 8.50 10.80
N PHE B 105 9.52 7.68 9.76
CA PHE B 105 10.43 6.56 9.60
C PHE B 105 11.43 6.81 8.48
N LYS B 106 11.18 7.87 7.70
CA LYS B 106 12.05 8.21 6.60
C LYS B 106 13.39 8.72 7.10
N ARG B 107 14.43 7.94 6.89
CA ARG B 107 15.76 8.32 7.32
C ARG B 107 16.67 8.39 6.11
N LYS B 108 16.80 9.59 5.56
CA LYS B 108 17.63 9.88 4.39
C LYS B 108 17.45 11.35 3.98
N ALA B 109 16.37 11.95 4.49
CA ALA B 109 16.04 13.37 4.23
C ALA B 109 15.59 13.61 2.80
N ASN B 110 14.41 13.08 2.46
CA ASN B 110 13.84 13.24 1.13
C ASN B 110 12.42 12.66 1.11
N ARG A 4 -11.26 -10.61 -15.47
CA ARG A 4 -11.51 -11.02 -14.07
C ARG A 4 -11.73 -12.52 -13.97
N ARG A 5 -11.07 -13.30 -14.83
CA ARG A 5 -11.22 -14.75 -14.80
C ARG A 5 -10.26 -15.33 -13.75
N ARG A 6 -9.00 -15.00 -13.91
CA ARG A 6 -7.95 -15.43 -12.99
C ARG A 6 -6.88 -14.35 -13.02
N THR A 7 -7.37 -13.13 -12.95
CA THR A 7 -6.57 -11.92 -12.97
C THR A 7 -5.39 -12.00 -11.98
N GLU A 8 -5.73 -12.35 -10.74
CA GLU A 8 -4.77 -12.44 -9.65
C GLU A 8 -3.44 -13.10 -10.06
N ALA A 9 -3.43 -14.43 -10.19
CA ALA A 9 -2.21 -15.14 -10.58
C ALA A 9 -2.50 -16.56 -11.03
N LEU A 10 -1.66 -17.05 -11.92
CA LEU A 10 -1.77 -18.40 -12.47
C LEU A 10 -0.60 -18.67 -13.40
N GLY A 11 -0.06 -17.60 -13.96
CA GLY A 11 1.06 -17.69 -14.88
C GLY A 11 0.76 -16.95 -16.15
N ASP A 12 -0.51 -16.69 -16.36
CA ASP A 12 -1.00 -15.98 -17.54
C ASP A 12 -1.00 -14.47 -17.31
N ALA A 13 -1.48 -13.75 -18.30
CA ALA A 13 -1.58 -12.31 -18.23
C ALA A 13 -2.79 -11.83 -19.02
N GLU A 14 -3.97 -11.84 -18.40
CA GLU A 14 -5.17 -11.39 -19.08
C GLU A 14 -5.20 -9.87 -19.17
N GLU A 15 -4.29 -9.26 -18.43
CA GLU A 15 -4.09 -7.82 -18.39
C GLU A 15 -2.83 -7.55 -17.59
N ASP A 16 -2.43 -6.29 -17.47
CA ASP A 16 -1.23 -5.96 -16.71
C ASP A 16 -1.45 -4.72 -15.86
N GLU A 17 -0.68 -4.61 -14.79
CA GLU A 17 -0.76 -3.48 -13.89
C GLU A 17 -0.39 -2.20 -14.64
N ASP A 18 -1.31 -1.24 -14.67
CA ASP A 18 -1.05 0.01 -15.35
C ASP A 18 -0.17 0.85 -14.45
N ASP A 19 1.12 0.73 -14.68
CA ASP A 19 2.14 1.45 -13.91
C ASP A 19 2.13 2.94 -14.22
N GLU A 20 0.96 3.47 -14.53
CA GLU A 20 0.80 4.87 -14.85
C GLU A 20 -0.51 5.41 -14.24
N ASP A 21 -0.57 6.73 -14.08
CA ASP A 21 -1.73 7.41 -13.54
C ASP A 21 -1.90 7.11 -12.07
N PHE A 22 -0.98 7.62 -11.27
CA PHE A 22 -1.03 7.49 -9.83
C PHE A 22 -0.89 8.89 -9.25
N VAL A 23 -1.84 9.22 -8.42
CA VAL A 23 -1.87 10.51 -7.80
C VAL A 23 -1.00 10.48 -6.58
N GLU A 24 0.00 11.34 -6.60
CA GLU A 24 0.96 11.39 -5.53
C GLU A 24 0.30 11.57 -4.18
N VAL A 25 0.60 10.65 -3.29
CA VAL A 25 0.11 10.65 -1.95
C VAL A 25 1.14 11.30 -1.04
N PRO A 26 0.81 12.47 -0.50
CA PRO A 26 1.70 13.22 0.39
C PRO A 26 1.74 12.61 1.78
N GLU A 27 2.63 13.13 2.62
CA GLU A 27 2.76 12.64 3.99
C GLU A 27 1.88 13.49 4.91
N LYS A 28 1.45 12.94 6.03
CA LYS A 28 0.60 13.69 6.93
C LYS A 28 1.24 13.84 8.32
N GLU A 29 1.77 12.73 8.84
CA GLU A 29 2.42 12.70 10.16
C GLU A 29 1.47 13.10 11.31
N GLY A 30 1.11 14.37 11.34
CA GLY A 30 0.26 14.88 12.41
C GLY A 30 -1.20 14.89 12.01
N TYR A 31 -1.78 13.71 11.89
CA TYR A 31 -3.17 13.58 11.52
C TYR A 31 -3.79 12.39 12.26
N GLU A 32 -5.05 12.52 12.62
CA GLU A 32 -5.76 11.45 13.30
C GLU A 32 -6.51 10.62 12.27
N PRO A 33 -6.30 9.29 12.26
CA PRO A 33 -6.95 8.36 11.33
C PRO A 33 -8.41 8.70 11.04
N HIS A 34 -9.15 9.16 12.03
CA HIS A 34 -10.54 9.53 11.81
C HIS A 34 -10.66 11.01 11.64
N ILE A 35 -10.41 11.46 10.43
CA ILE A 35 -10.51 12.85 10.10
C ILE A 35 -10.96 12.96 8.67
N PRO A 36 -11.57 14.10 8.32
CA PRO A 36 -12.04 14.35 6.97
C PRO A 36 -10.89 14.50 5.98
N ASP A 37 -10.40 13.37 5.46
CA ASP A 37 -9.30 13.40 4.50
C ASP A 37 -9.69 14.15 3.24
N HIS A 38 -8.90 15.16 2.89
CA HIS A 38 -9.17 15.98 1.72
C HIS A 38 -8.55 15.38 0.47
N LEU A 39 -7.75 14.34 0.65
CA LEU A 39 -7.09 13.67 -0.46
C LEU A 39 -8.03 12.66 -1.11
N ARG A 40 -9.09 13.16 -1.73
CA ARG A 40 -10.06 12.33 -2.39
C ARG A 40 -9.82 12.31 -3.89
N PRO A 41 -9.29 11.20 -4.43
CA PRO A 41 -9.02 11.06 -5.85
C PRO A 41 -10.22 10.47 -6.59
N GLU A 42 -11.39 10.68 -6.01
CA GLU A 42 -12.63 10.18 -6.56
C GLU A 42 -13.27 11.23 -7.46
N TYR A 43 -13.82 10.80 -8.58
CA TYR A 43 -14.46 11.73 -9.50
C TYR A 43 -15.97 11.58 -9.43
N GLY A 44 -16.42 10.46 -8.91
CA GLY A 44 -17.84 10.21 -8.78
C GLY A 44 -18.16 9.39 -7.54
N LEU A 45 -17.29 9.51 -6.54
CA LEU A 45 -17.44 8.79 -5.27
C LEU A 45 -17.36 7.29 -5.49
N GLU A 46 -16.40 6.87 -6.32
CA GLU A 46 -16.19 5.47 -6.62
C GLU A 46 -15.48 4.75 -5.47
N ALA A 47 -16.10 4.76 -4.30
CA ALA A 47 -15.53 4.13 -3.12
C ALA A 47 -15.74 2.61 -3.15
N ALA A 48 -15.10 1.96 -4.11
CA ALA A 48 -15.18 0.53 -4.26
C ALA A 48 -13.91 -0.13 -3.75
N MET B 3 8.26 -1.91 16.03
CA MET B 3 9.66 -2.23 16.35
C MET B 3 10.31 -2.99 15.20
N ALA B 4 11.55 -2.64 14.88
CA ALA B 4 12.28 -3.29 13.79
C ALA B 4 12.99 -4.54 14.30
N THR B 5 12.56 -5.70 13.80
CA THR B 5 13.16 -6.97 14.18
C THR B 5 12.95 -8.02 13.09
N SER B 6 12.65 -7.55 11.88
CA SER B 6 12.41 -8.42 10.72
C SER B 6 11.05 -9.10 10.84
N SER B 7 10.29 -8.66 11.82
CA SER B 7 8.96 -9.17 12.09
C SER B 7 8.16 -8.07 12.78
N GLU B 8 8.08 -6.94 12.09
CA GLU B 8 7.41 -5.76 12.59
C GLU B 8 5.92 -6.00 12.76
N GLU B 9 5.35 -5.32 13.73
CA GLU B 9 3.94 -5.41 14.02
C GLU B 9 3.14 -5.04 12.79
N VAL B 10 2.26 -5.92 12.37
CA VAL B 10 1.44 -5.66 11.19
C VAL B 10 0.26 -4.78 11.59
N LEU B 11 0.41 -3.49 11.33
CA LEU B 11 -0.62 -2.52 11.66
C LEU B 11 -1.77 -2.58 10.68
N LEU B 12 -1.48 -2.95 9.44
CA LEU B 12 -2.53 -3.02 8.43
C LEU B 12 -2.41 -4.29 7.60
N ILE B 13 -3.52 -5.01 7.49
CA ILE B 13 -3.56 -6.23 6.70
C ILE B 13 -4.49 -6.05 5.52
N VAL B 14 -3.90 -5.96 4.34
CA VAL B 14 -4.64 -5.79 3.09
C VAL B 14 -4.67 -7.14 2.36
N LYS B 15 -5.82 -7.49 1.81
CA LYS B 15 -5.93 -8.76 1.12
C LYS B 15 -6.17 -8.58 -0.38
N LYS B 16 -5.91 -9.65 -1.12
CA LYS B 16 -6.07 -9.67 -2.56
C LYS B 16 -5.41 -8.46 -3.23
N VAL B 17 -4.09 -8.39 -3.08
CA VAL B 17 -3.31 -7.32 -3.67
C VAL B 17 -2.34 -7.92 -4.68
N ARG B 18 -2.34 -7.37 -5.87
CA ARG B 18 -1.52 -7.88 -6.94
C ARG B 18 -0.30 -7.03 -7.23
N GLN B 19 0.77 -7.71 -7.59
CA GLN B 19 1.99 -7.06 -7.99
C GLN B 19 2.28 -7.51 -9.42
N LYS B 20 1.97 -6.66 -10.38
CA LYS B 20 2.15 -6.95 -11.81
C LYS B 20 1.75 -8.40 -12.16
N LYS B 21 0.45 -8.68 -12.02
CA LYS B 21 -0.14 -10.00 -12.30
C LYS B 21 0.26 -11.09 -11.28
N GLN B 22 0.55 -10.69 -10.05
CA GLN B 22 0.90 -11.64 -9.00
C GLN B 22 -0.08 -11.53 -7.84
N ASP B 23 -0.74 -12.64 -7.52
CA ASP B 23 -1.73 -12.68 -6.43
C ASP B 23 -1.03 -12.69 -5.07
N GLY B 24 -1.41 -11.77 -4.20
CA GLY B 24 -0.80 -11.69 -2.89
C GLY B 24 -1.58 -10.83 -1.92
N ALA B 25 -0.91 -10.42 -0.86
CA ALA B 25 -1.50 -9.59 0.17
C ALA B 25 -0.48 -8.58 0.68
N LEU B 26 -0.95 -7.39 1.00
CA LEU B 26 -0.06 -6.34 1.49
C LEU B 26 -0.19 -6.19 3.00
N TYR B 27 0.93 -6.19 3.68
CA TYR B 27 0.94 -6.07 5.12
C TYR B 27 1.74 -4.84 5.54
N LEU B 28 1.05 -3.86 6.10
CA LEU B 28 1.72 -2.64 6.57
C LEU B 28 2.28 -2.91 7.94
N MET B 29 3.57 -2.71 8.09
CA MET B 29 4.22 -2.97 9.35
C MET B 29 4.63 -1.66 10.00
N ALA B 30 4.79 -1.69 11.32
CA ALA B 30 5.14 -0.50 12.10
C ALA B 30 6.37 0.24 11.55
N GLU B 31 7.31 -0.47 10.95
CA GLU B 31 8.51 0.17 10.43
C GLU B 31 8.70 -0.01 8.92
N ARG B 32 7.86 -0.83 8.28
CA ARG B 32 8.03 -1.07 6.85
C ARG B 32 6.77 -1.58 6.19
N ILE B 33 6.83 -1.75 4.88
CA ILE B 33 5.72 -2.26 4.11
C ILE B 33 6.18 -3.48 3.32
N ALA B 34 5.46 -4.58 3.43
CA ALA B 34 5.84 -5.79 2.73
C ALA B 34 4.64 -6.43 2.04
N TRP B 35 4.93 -7.08 0.93
CA TRP B 35 3.90 -7.77 0.15
C TRP B 35 4.31 -9.21 -0.05
N ALA B 36 3.38 -10.12 0.21
CA ALA B 36 3.64 -11.54 0.05
C ALA B 36 2.52 -12.19 -0.75
N PRO B 37 2.87 -13.08 -1.70
CA PRO B 37 1.88 -13.77 -2.51
C PRO B 37 0.89 -14.56 -1.64
N GLU B 38 -0.36 -14.61 -2.08
CA GLU B 38 -1.43 -15.28 -1.34
C GLU B 38 -1.07 -16.73 -0.99
N GLY B 39 -1.21 -17.05 0.29
CA GLY B 39 -0.92 -18.40 0.75
C GLY B 39 0.55 -18.62 1.06
N LYS B 40 1.36 -17.59 0.92
CA LYS B 40 2.78 -17.70 1.21
C LYS B 40 3.15 -16.83 2.40
N ASP B 41 4.10 -17.30 3.19
CA ASP B 41 4.57 -16.58 4.35
C ASP B 41 5.87 -15.84 4.05
N ARG B 42 6.28 -15.89 2.78
CA ARG B 42 7.50 -15.25 2.36
C ARG B 42 7.20 -13.99 1.56
N PHE B 43 7.56 -12.85 2.13
CA PHE B 43 7.34 -11.56 1.48
C PHE B 43 8.35 -11.36 0.36
N THR B 44 7.86 -11.19 -0.86
CA THR B 44 8.73 -10.98 -2.01
C THR B 44 9.11 -9.50 -2.12
N ILE B 45 8.23 -8.65 -1.62
CA ILE B 45 8.45 -7.22 -1.64
C ILE B 45 8.58 -6.70 -0.21
N SER B 46 9.68 -6.02 0.08
CA SER B 46 9.90 -5.47 1.40
C SER B 46 10.60 -4.12 1.32
N HIS B 47 9.90 -3.08 1.70
CA HIS B 47 10.45 -1.73 1.68
C HIS B 47 10.27 -1.06 3.02
N MET B 48 11.33 -0.47 3.53
CA MET B 48 11.25 0.24 4.79
C MET B 48 10.75 1.63 4.49
N TYR B 49 9.99 2.20 5.39
CA TYR B 49 9.48 3.55 5.17
C TYR B 49 10.62 4.55 5.06
N ALA B 50 11.77 4.16 5.62
CA ALA B 50 12.96 5.00 5.60
C ALA B 50 13.59 5.06 4.21
N ASP B 51 13.16 4.18 3.31
CA ASP B 51 13.69 4.15 1.95
C ASP B 51 12.69 4.75 0.98
N ILE B 52 11.46 4.93 1.44
CA ILE B 52 10.41 5.47 0.60
C ILE B 52 10.37 6.99 0.67
N LYS B 53 10.41 7.63 -0.49
CA LYS B 53 10.38 9.08 -0.57
C LYS B 53 8.96 9.60 -0.39
N CYS B 54 8.09 9.17 -1.29
CA CYS B 54 6.69 9.56 -1.26
C CYS B 54 5.86 8.42 -1.83
N GLN B 55 4.55 8.58 -1.92
CA GLN B 55 3.73 7.53 -2.44
C GLN B 55 2.77 8.12 -3.44
N LYS B 56 2.12 7.29 -4.23
CA LYS B 56 1.13 7.72 -5.19
C LYS B 56 0.05 6.66 -5.24
N ILE B 57 -1.06 6.99 -5.83
CA ILE B 57 -2.16 6.03 -5.92
C ILE B 57 -2.86 6.14 -7.26
N SER B 58 -3.07 5.06 -8.00
CA SER B 58 -3.81 5.19 -9.23
C SER B 58 -5.21 5.58 -8.81
N PRO B 59 -5.57 6.85 -9.11
CA PRO B 59 -6.82 7.50 -8.70
C PRO B 59 -8.07 6.71 -9.08
N GLU B 60 -9.19 7.11 -8.49
CA GLU B 60 -10.45 6.48 -8.80
C GLU B 60 -10.80 6.78 -10.24
N GLY B 61 -11.59 5.94 -10.86
CA GLY B 61 -11.93 6.14 -12.25
C GLY B 61 -11.09 5.24 -13.12
N LYS B 62 -9.86 5.00 -12.66
CA LYS B 62 -8.95 4.10 -13.37
C LYS B 62 -9.51 2.69 -13.27
N ALA B 63 -9.25 1.88 -14.27
CA ALA B 63 -9.76 0.52 -14.28
C ALA B 63 -9.29 -0.28 -13.06
N LYS B 64 -8.15 0.14 -12.51
CA LYS B 64 -7.60 -0.53 -11.35
C LYS B 64 -7.02 0.48 -10.36
N ILE B 65 -7.60 0.51 -9.16
CA ILE B 65 -7.15 1.40 -8.11
C ILE B 65 -5.93 0.77 -7.43
N GLN B 66 -4.81 1.48 -7.45
CA GLN B 66 -3.57 0.90 -6.92
C GLN B 66 -2.72 1.93 -6.18
N LEU B 67 -1.68 1.43 -5.49
CA LEU B 67 -0.76 2.29 -4.76
C LEU B 67 0.63 2.19 -5.39
N GLN B 68 1.35 3.30 -5.37
CA GLN B 68 2.70 3.35 -5.91
C GLN B 68 3.67 3.90 -4.88
N LEU B 69 4.70 3.14 -4.58
CA LEU B 69 5.70 3.56 -3.62
C LEU B 69 6.92 4.14 -4.34
N VAL B 70 7.12 5.44 -4.22
CA VAL B 70 8.26 6.08 -4.85
C VAL B 70 9.41 6.17 -3.85
N LEU B 71 10.45 5.39 -4.11
CA LEU B 71 11.59 5.37 -3.22
C LEU B 71 12.43 6.64 -3.39
N HIS B 72 13.42 6.81 -2.52
CA HIS B 72 14.27 7.99 -2.53
C HIS B 72 14.96 8.25 -3.87
N ALA B 73 15.55 7.22 -4.46
CA ALA B 73 16.26 7.37 -5.73
C ALA B 73 15.30 7.63 -6.88
N GLY B 74 14.06 7.23 -6.71
CA GLY B 74 13.06 7.41 -7.75
C GLY B 74 12.52 6.07 -8.20
N ASP B 75 12.63 5.11 -7.29
CA ASP B 75 12.19 3.76 -7.51
C ASP B 75 10.69 3.70 -7.29
N THR B 76 10.02 2.69 -7.80
CA THR B 76 8.59 2.61 -7.61
C THR B 76 8.08 1.19 -7.52
N THR B 77 7.20 0.96 -6.57
CA THR B 77 6.60 -0.35 -6.36
C THR B 77 5.08 -0.22 -6.47
N ASN B 78 4.49 -0.90 -7.45
CA ASN B 78 3.05 -0.84 -7.67
C ASN B 78 2.31 -1.98 -6.98
N PHE B 79 1.26 -1.61 -6.26
CA PHE B 79 0.42 -2.57 -5.56
C PHE B 79 -1.03 -2.41 -6.00
N HIS B 80 -1.51 -3.38 -6.76
CA HIS B 80 -2.87 -3.36 -7.28
C HIS B 80 -3.85 -3.97 -6.29
N PHE B 81 -4.87 -3.21 -5.94
CA PHE B 81 -5.90 -3.69 -5.03
C PHE B 81 -6.93 -4.47 -5.83
N SER B 82 -6.57 -5.70 -6.17
CA SER B 82 -7.42 -6.57 -6.97
C SER B 82 -8.73 -6.95 -6.26
N ASN B 83 -8.81 -6.70 -4.96
CA ASN B 83 -10.02 -7.00 -4.21
C ASN B 83 -11.08 -5.96 -4.54
N GLU B 84 -11.94 -6.27 -5.50
CA GLU B 84 -12.99 -5.36 -5.94
C GLU B 84 -13.99 -5.05 -4.82
N SER B 85 -13.95 -5.80 -3.74
CA SER B 85 -14.85 -5.59 -2.63
C SER B 85 -14.50 -4.31 -1.88
N THR B 86 -13.24 -4.17 -1.49
CA THR B 86 -12.78 -3.00 -0.76
C THR B 86 -11.50 -2.42 -1.34
N ALA B 87 -11.36 -2.44 -2.67
CA ALA B 87 -10.17 -1.94 -3.34
C ALA B 87 -9.85 -0.51 -2.92
N VAL B 88 -10.77 0.39 -3.20
CA VAL B 88 -10.61 1.80 -2.85
C VAL B 88 -10.53 1.98 -1.33
N LYS B 89 -11.31 1.18 -0.61
CA LYS B 89 -11.34 1.25 0.85
C LYS B 89 -9.98 0.89 1.44
N GLU B 90 -9.43 -0.25 1.03
CA GLU B 90 -8.13 -0.69 1.53
C GLU B 90 -7.05 0.23 0.97
N ARG B 91 -7.31 0.79 -0.20
CA ARG B 91 -6.38 1.71 -0.84
C ARG B 91 -6.17 2.93 0.03
N ASP B 92 -7.27 3.47 0.55
CA ASP B 92 -7.22 4.64 1.44
C ASP B 92 -6.54 4.27 2.75
N ALA B 93 -6.84 3.07 3.25
CA ALA B 93 -6.26 2.60 4.50
C ALA B 93 -4.74 2.54 4.41
N VAL B 94 -4.23 2.00 3.31
CA VAL B 94 -2.80 1.89 3.10
C VAL B 94 -2.21 3.27 2.85
N LYS B 95 -2.97 4.05 2.12
CA LYS B 95 -2.59 5.40 1.75
C LYS B 95 -2.45 6.29 2.98
N ASP B 96 -3.50 6.36 3.77
CA ASP B 96 -3.52 7.20 4.96
C ASP B 96 -2.52 6.75 6.00
N LEU B 97 -2.38 5.44 6.14
CA LEU B 97 -1.44 4.89 7.11
C LEU B 97 -0.02 5.11 6.64
N LEU B 98 0.15 5.23 5.32
CA LEU B 98 1.46 5.48 4.77
C LEU B 98 1.85 6.92 5.06
N GLN B 99 1.03 7.90 4.64
CA GLN B 99 1.29 9.29 4.98
C GLN B 99 1.46 9.46 6.50
N GLN B 100 1.00 8.46 7.25
CA GLN B 100 1.14 8.44 8.69
C GLN B 100 2.53 7.93 9.11
N LEU B 101 2.93 6.77 8.58
CA LEU B 101 4.20 6.14 8.94
C LEU B 101 5.39 6.61 8.09
N LEU B 102 5.15 7.00 6.86
CA LEU B 102 6.22 7.43 5.96
C LEU B 102 7.06 8.59 6.54
N PRO B 103 6.43 9.68 7.01
CA PRO B 103 7.16 10.83 7.58
C PRO B 103 7.90 10.46 8.88
N LYS B 104 7.47 9.37 9.51
CA LYS B 104 8.10 8.90 10.74
C LYS B 104 9.53 8.44 10.46
N PHE B 105 9.79 8.08 9.21
CA PHE B 105 11.10 7.62 8.80
C PHE B 105 11.78 8.62 7.88
N LYS B 106 11.29 9.86 7.89
CA LYS B 106 11.86 10.89 7.05
C LYS B 106 13.03 11.55 7.78
N ARG B 107 13.99 12.04 6.99
CA ARG B 107 15.17 12.70 7.56
C ARG B 107 14.75 13.89 8.42
N LYS B 108 14.65 13.62 9.70
CA LYS B 108 14.23 14.58 10.70
C LYS B 108 14.27 13.89 12.06
N ALA B 109 13.85 12.63 12.04
CA ALA B 109 13.84 11.80 13.23
C ALA B 109 14.24 10.38 12.86
N ASN B 110 14.85 10.28 11.69
CA ASN B 110 15.30 9.01 11.14
C ASN B 110 16.13 9.29 9.90
N ARG A 4 -3.13 -22.23 -26.57
CA ARG A 4 -1.66 -22.36 -26.45
C ARG A 4 -1.27 -22.38 -24.98
N ARG A 5 -0.14 -23.00 -24.66
CA ARG A 5 0.35 -23.06 -23.29
C ARG A 5 0.66 -21.65 -22.78
N ARG A 6 0.10 -21.31 -21.63
CA ARG A 6 0.31 -20.00 -21.04
C ARG A 6 1.54 -20.02 -20.14
N THR A 7 1.77 -18.96 -19.41
CA THR A 7 2.90 -18.86 -18.52
C THR A 7 2.78 -19.87 -17.38
N GLU A 8 1.73 -19.74 -16.59
CA GLU A 8 1.47 -20.61 -15.47
C GLU A 8 0.39 -21.64 -15.80
N ALA A 9 -0.87 -21.26 -15.59
CA ALA A 9 -1.99 -22.14 -15.87
C ALA A 9 -3.30 -21.36 -15.85
N LEU A 10 -3.77 -21.03 -14.65
CA LEU A 10 -5.01 -20.29 -14.50
C LEU A 10 -4.86 -19.19 -13.45
N GLY A 11 -3.68 -18.59 -13.41
CA GLY A 11 -3.44 -17.51 -12.47
C GLY A 11 -3.67 -16.16 -13.07
N ASP A 12 -2.91 -15.17 -12.66
CA ASP A 12 -3.06 -13.82 -13.19
C ASP A 12 -2.22 -13.62 -14.43
N ALA A 13 -2.87 -13.20 -15.49
CA ALA A 13 -2.23 -12.95 -16.77
C ALA A 13 -3.20 -12.20 -17.67
N GLU A 14 -4.00 -11.33 -17.07
CA GLU A 14 -4.99 -10.56 -17.80
C GLU A 14 -4.62 -9.08 -17.88
N GLU A 15 -5.38 -8.25 -17.17
CA GLU A 15 -5.13 -6.81 -17.16
C GLU A 15 -3.89 -6.50 -16.34
N ASP A 16 -2.83 -6.08 -17.02
CA ASP A 16 -1.57 -5.77 -16.35
C ASP A 16 -1.71 -4.52 -15.50
N GLU A 17 -1.11 -4.57 -14.32
CA GLU A 17 -1.13 -3.45 -13.40
C GLU A 17 -0.41 -2.27 -14.02
N ASP A 18 -1.17 -1.29 -14.50
CA ASP A 18 -0.57 -0.13 -15.14
C ASP A 18 0.27 0.65 -14.16
N ASP A 19 1.50 0.92 -14.57
CA ASP A 19 2.44 1.66 -13.74
C ASP A 19 2.28 3.15 -13.95
N GLU A 20 1.14 3.54 -14.52
CA GLU A 20 0.86 4.94 -14.80
C GLU A 20 -0.42 5.40 -14.15
N ASP A 21 -0.61 6.72 -14.15
CA ASP A 21 -1.77 7.37 -13.58
C ASP A 21 -1.89 7.10 -12.09
N PHE A 22 -0.93 7.61 -11.33
CA PHE A 22 -0.95 7.50 -9.89
C PHE A 22 -0.82 8.89 -9.34
N VAL A 23 -1.75 9.23 -8.49
CA VAL A 23 -1.77 10.52 -7.88
C VAL A 23 -0.92 10.50 -6.65
N GLU A 24 0.08 11.36 -6.65
CA GLU A 24 1.03 11.39 -5.57
C GLU A 24 0.35 11.57 -4.22
N VAL A 25 0.60 10.62 -3.36
CA VAL A 25 0.07 10.61 -2.03
C VAL A 25 1.07 11.27 -1.10
N PRO A 26 0.70 12.44 -0.55
CA PRO A 26 1.55 13.23 0.34
C PRO A 26 1.65 12.67 1.76
N GLU A 27 2.51 13.29 2.56
CA GLU A 27 2.71 12.87 3.94
C GLU A 27 1.74 13.59 4.86
N LYS A 28 1.32 12.92 5.93
CA LYS A 28 0.41 13.53 6.89
C LYS A 28 1.02 13.59 8.28
N GLU A 29 1.64 12.49 8.70
CA GLU A 29 2.31 12.39 10.00
C GLU A 29 1.34 12.45 11.18
N GLY A 30 0.70 13.60 11.37
CA GLY A 30 -0.23 13.76 12.48
C GLY A 30 -1.68 13.73 12.04
N TYR A 31 -2.17 12.54 11.73
CA TYR A 31 -3.56 12.38 11.30
C TYR A 31 -4.09 11.00 11.72
N GLU A 32 -3.33 9.97 11.39
CA GLU A 32 -3.65 8.58 11.69
C GLU A 32 -4.85 8.07 10.88
N PRO A 33 -4.72 6.85 10.32
CA PRO A 33 -5.76 6.24 9.46
C PRO A 33 -7.12 6.11 10.14
N HIS A 34 -8.17 6.24 9.34
CA HIS A 34 -9.52 6.14 9.84
C HIS A 34 -10.07 4.74 9.66
N ILE A 35 -11.34 4.58 9.97
CA ILE A 35 -12.00 3.31 9.87
C ILE A 35 -13.30 3.46 9.08
N PRO A 36 -13.82 2.36 8.49
CA PRO A 36 -15.08 2.37 7.73
C PRO A 36 -16.14 3.28 8.35
N ASP A 37 -16.58 4.27 7.60
CA ASP A 37 -17.56 5.22 8.09
C ASP A 37 -18.92 4.55 8.31
N HIS A 38 -19.32 4.51 9.57
CA HIS A 38 -20.59 3.92 9.95
C HIS A 38 -21.15 4.67 11.16
N LEU A 39 -20.44 5.71 11.56
CA LEU A 39 -20.82 6.53 12.69
C LEU A 39 -20.26 7.94 12.52
N ARG A 40 -21.08 8.81 11.95
CA ARG A 40 -20.69 10.19 11.71
C ARG A 40 -20.42 10.91 13.03
N PRO A 41 -19.27 11.59 13.15
CA PRO A 41 -18.89 12.32 14.35
C PRO A 41 -19.56 13.69 14.45
N GLU A 42 -20.53 13.91 13.58
CA GLU A 42 -21.26 15.15 13.56
C GLU A 42 -22.50 15.04 14.43
N TYR A 43 -22.27 14.82 15.72
CA TYR A 43 -23.35 14.67 16.68
C TYR A 43 -23.93 16.03 17.06
N GLY A 44 -25.24 16.09 17.19
CA GLY A 44 -25.91 17.32 17.54
C GLY A 44 -26.53 17.27 18.92
N LEU A 45 -25.93 16.46 19.80
CA LEU A 45 -26.40 16.29 21.18
C LEU A 45 -27.75 15.59 21.19
N GLU A 46 -27.87 14.58 20.34
CA GLU A 46 -29.08 13.81 20.22
C GLU A 46 -29.20 12.79 21.36
N ALA A 47 -29.66 13.27 22.50
CA ALA A 47 -29.84 12.42 23.67
C ALA A 47 -31.31 12.21 23.97
N ALA A 48 -32.15 12.64 23.03
CA ALA A 48 -33.59 12.53 23.16
C ALA A 48 -34.24 12.70 21.80
N MET B 3 5.64 -15.46 8.20
CA MET B 3 5.62 -16.11 9.53
C MET B 3 7.04 -16.15 10.11
N ALA B 4 7.14 -16.46 11.40
CA ALA B 4 8.43 -16.56 12.10
C ALA B 4 9.06 -15.17 12.22
N THR B 5 10.37 -15.14 12.51
CA THR B 5 11.09 -13.87 12.65
C THR B 5 11.22 -13.13 11.32
N SER B 6 10.72 -13.72 10.25
CA SER B 6 10.77 -13.09 8.96
C SER B 6 9.58 -12.15 8.81
N SER B 7 8.79 -12.05 9.87
CA SER B 7 7.64 -11.18 9.90
C SER B 7 7.48 -10.54 11.27
N GLU B 8 7.62 -9.22 11.31
CA GLU B 8 7.50 -8.45 12.54
C GLU B 8 6.04 -8.06 12.75
N GLU B 9 5.77 -7.36 13.84
CA GLU B 9 4.42 -6.91 14.18
C GLU B 9 3.76 -6.21 13.00
N VAL B 10 2.75 -6.86 12.44
CA VAL B 10 2.02 -6.32 11.32
C VAL B 10 0.96 -5.33 11.80
N LEU B 11 0.96 -4.15 11.22
CA LEU B 11 0.02 -3.11 11.60
C LEU B 11 -1.20 -3.13 10.69
N LEU B 12 -1.00 -3.49 9.43
CA LEU B 12 -2.11 -3.53 8.48
C LEU B 12 -2.04 -4.75 7.58
N ILE B 13 -3.17 -5.38 7.35
CA ILE B 13 -3.23 -6.57 6.50
C ILE B 13 -4.23 -6.37 5.37
N VAL B 14 -3.72 -6.21 4.16
CA VAL B 14 -4.54 -6.05 2.98
C VAL B 14 -4.44 -7.31 2.15
N LYS B 15 -5.54 -7.76 1.58
CA LYS B 15 -5.54 -8.98 0.79
C LYS B 15 -5.90 -8.70 -0.65
N LYS B 16 -5.64 -9.69 -1.51
CA LYS B 16 -5.91 -9.57 -2.94
C LYS B 16 -5.30 -8.30 -3.53
N VAL B 17 -3.98 -8.30 -3.60
CA VAL B 17 -3.22 -7.19 -4.13
C VAL B 17 -2.24 -7.71 -5.18
N ARG B 18 -2.38 -7.26 -6.42
CA ARG B 18 -1.53 -7.73 -7.49
C ARG B 18 -0.35 -6.78 -7.71
N GLN B 19 0.83 -7.37 -7.82
CA GLN B 19 2.05 -6.62 -8.08
C GLN B 19 2.56 -7.02 -9.46
N LYS B 20 2.34 -6.13 -10.43
CA LYS B 20 2.75 -6.35 -11.81
C LYS B 20 2.54 -7.79 -12.30
N LYS B 21 1.26 -8.18 -12.38
CA LYS B 21 0.85 -9.50 -12.83
C LYS B 21 1.11 -10.62 -11.83
N GLN B 22 0.95 -10.32 -10.54
CA GLN B 22 1.13 -11.31 -9.49
C GLN B 22 0.17 -10.97 -8.34
N ASP B 23 -0.79 -11.85 -8.06
CA ASP B 23 -1.74 -11.59 -6.98
C ASP B 23 -1.16 -11.98 -5.63
N GLY B 24 -1.60 -11.31 -4.58
CA GLY B 24 -1.09 -11.61 -3.26
C GLY B 24 -1.72 -10.76 -2.18
N ALA B 25 -1.01 -10.63 -1.06
CA ALA B 25 -1.49 -9.85 0.06
C ALA B 25 -0.42 -8.82 0.46
N LEU B 26 -0.88 -7.65 0.89
CA LEU B 26 0.02 -6.60 1.29
C LEU B 26 -0.03 -6.41 2.80
N TYR B 27 1.12 -6.50 3.44
CA TYR B 27 1.21 -6.37 4.89
C TYR B 27 2.00 -5.13 5.27
N LEU B 28 1.37 -4.24 6.03
CA LEU B 28 2.03 -3.04 6.50
C LEU B 28 2.62 -3.35 7.85
N MET B 29 3.93 -3.27 7.96
CA MET B 29 4.61 -3.61 9.19
C MET B 29 5.05 -2.36 9.92
N ALA B 30 5.46 -2.54 11.17
CA ALA B 30 5.90 -1.46 12.04
C ALA B 30 6.85 -0.49 11.36
N GLU B 31 7.90 -0.99 10.71
CA GLU B 31 8.87 -0.12 10.06
C GLU B 31 9.02 -0.40 8.57
N ARG B 32 8.09 -1.12 7.97
CA ARG B 32 8.20 -1.44 6.55
C ARG B 32 6.90 -1.95 5.96
N ILE B 33 6.89 -2.07 4.65
CA ILE B 33 5.75 -2.59 3.92
C ILE B 33 6.22 -3.79 3.10
N ALA B 34 5.51 -4.89 3.22
CA ALA B 34 5.89 -6.09 2.50
C ALA B 34 4.72 -6.71 1.76
N TRP B 35 5.02 -7.31 0.61
CA TRP B 35 4.01 -7.94 -0.20
C TRP B 35 4.39 -9.39 -0.45
N ALA B 36 3.42 -10.28 -0.31
CA ALA B 36 3.63 -11.70 -0.53
C ALA B 36 2.48 -12.25 -1.35
N PRO B 37 2.73 -13.23 -2.24
CA PRO B 37 1.67 -13.83 -3.05
C PRO B 37 0.61 -14.46 -2.16
N GLU B 38 -0.65 -14.39 -2.59
CA GLU B 38 -1.77 -14.92 -1.82
C GLU B 38 -1.57 -16.39 -1.48
N GLY B 39 -1.48 -16.66 -0.18
CA GLY B 39 -1.28 -18.02 0.27
C GLY B 39 0.12 -18.27 0.79
N LYS B 40 1.00 -17.29 0.65
CA LYS B 40 2.37 -17.43 1.12
C LYS B 40 2.65 -16.49 2.30
N ASP B 41 3.36 -17.04 3.29
CA ASP B 41 3.72 -16.30 4.49
C ASP B 41 5.04 -15.55 4.31
N ARG B 42 5.69 -15.75 3.18
CA ARG B 42 6.97 -15.12 2.91
C ARG B 42 6.81 -14.03 1.86
N PHE B 43 7.11 -12.80 2.26
CA PHE B 43 7.00 -11.65 1.38
C PHE B 43 8.19 -11.55 0.44
N THR B 44 7.92 -11.36 -0.84
CA THR B 44 8.96 -11.23 -1.84
C THR B 44 9.36 -9.76 -1.98
N ILE B 45 8.41 -8.89 -1.68
CA ILE B 45 8.63 -7.45 -1.76
C ILE B 45 8.75 -6.89 -0.35
N SER B 46 9.83 -6.17 -0.09
CA SER B 46 10.05 -5.58 1.23
C SER B 46 10.67 -4.21 1.11
N HIS B 47 9.92 -3.20 1.52
CA HIS B 47 10.40 -1.81 1.48
C HIS B 47 10.21 -1.16 2.83
N MET B 48 11.26 -0.56 3.34
CA MET B 48 11.17 0.12 4.62
C MET B 48 10.67 1.52 4.39
N TYR B 49 9.95 2.06 5.35
CA TYR B 49 9.42 3.41 5.23
C TYR B 49 10.57 4.41 5.10
N ALA B 50 11.74 4.01 5.59
CA ALA B 50 12.93 4.84 5.56
C ALA B 50 13.50 5.00 4.16
N ASP B 51 13.09 4.13 3.23
CA ASP B 51 13.59 4.19 1.87
C ASP B 51 12.57 4.82 0.94
N ILE B 52 11.37 5.06 1.44
CA ILE B 52 10.31 5.61 0.61
C ILE B 52 10.30 7.14 0.66
N LYS B 53 10.40 7.74 -0.52
CA LYS B 53 10.40 9.20 -0.64
C LYS B 53 8.98 9.75 -0.52
N CYS B 54 8.08 9.17 -1.31
CA CYS B 54 6.68 9.57 -1.31
C CYS B 54 5.88 8.43 -1.90
N GLN B 55 4.56 8.54 -1.94
CA GLN B 55 3.77 7.48 -2.48
C GLN B 55 2.80 8.08 -3.46
N LYS B 56 2.18 7.25 -4.29
CA LYS B 56 1.18 7.72 -5.25
C LYS B 56 0.11 6.66 -5.30
N ILE B 57 -1.02 7.00 -5.87
CA ILE B 57 -2.11 6.04 -5.97
C ILE B 57 -2.79 6.14 -7.31
N SER B 58 -3.04 5.04 -8.01
CA SER B 58 -3.77 5.16 -9.26
C SER B 58 -5.16 5.56 -8.84
N PRO B 59 -5.50 6.84 -9.13
CA PRO B 59 -6.73 7.53 -8.73
C PRO B 59 -8.02 6.79 -9.07
N GLU B 60 -9.10 7.25 -8.46
CA GLU B 60 -10.41 6.70 -8.71
C GLU B 60 -10.74 6.94 -10.18
N GLY B 61 -11.38 5.98 -10.81
CA GLY B 61 -11.69 6.10 -12.22
C GLY B 61 -10.94 5.07 -13.02
N LYS B 62 -9.73 4.73 -12.55
CA LYS B 62 -8.96 3.68 -13.19
C LYS B 62 -9.66 2.36 -12.91
N ALA B 63 -9.56 1.41 -13.83
CA ALA B 63 -10.19 0.11 -13.64
C ALA B 63 -9.45 -0.69 -12.58
N LYS B 64 -8.40 -0.09 -12.04
CA LYS B 64 -7.58 -0.71 -11.03
C LYS B 64 -7.11 0.33 -10.02
N ILE B 65 -7.62 0.24 -8.80
CA ILE B 65 -7.24 1.14 -7.73
C ILE B 65 -5.90 0.66 -7.17
N GLN B 66 -4.83 1.41 -7.42
CA GLN B 66 -3.51 0.94 -7.00
C GLN B 66 -2.70 1.97 -6.23
N LEU B 67 -1.60 1.50 -5.66
CA LEU B 67 -0.67 2.34 -4.92
C LEU B 67 0.72 2.22 -5.54
N GLN B 68 1.47 3.32 -5.54
CA GLN B 68 2.81 3.34 -6.09
C GLN B 68 3.78 3.92 -5.07
N LEU B 69 4.77 3.14 -4.68
CA LEU B 69 5.76 3.60 -3.71
C LEU B 69 6.99 4.13 -4.41
N VAL B 70 7.20 5.45 -4.33
CA VAL B 70 8.38 6.05 -4.94
C VAL B 70 9.48 6.16 -3.90
N LEU B 71 10.52 5.37 -4.09
CA LEU B 71 11.63 5.34 -3.16
C LEU B 71 12.51 6.59 -3.33
N HIS B 72 13.50 6.73 -2.46
CA HIS B 72 14.39 7.88 -2.46
C HIS B 72 15.18 8.05 -3.76
N ALA B 73 15.75 6.96 -4.27
CA ALA B 73 16.54 7.02 -5.50
C ALA B 73 15.67 7.28 -6.73
N GLY B 74 14.40 6.92 -6.62
CA GLY B 74 13.48 7.09 -7.73
C GLY B 74 12.92 5.75 -8.16
N ASP B 75 12.85 4.87 -7.17
CA ASP B 75 12.36 3.52 -7.36
C ASP B 75 10.86 3.52 -7.19
N THR B 76 10.18 2.52 -7.70
CA THR B 76 8.74 2.48 -7.57
C THR B 76 8.21 1.05 -7.46
N THR B 77 7.17 0.90 -6.65
CA THR B 77 6.53 -0.38 -6.45
C THR B 77 5.02 -0.22 -6.62
N ASN B 78 4.43 -1.03 -7.49
CA ASN B 78 3.00 -0.95 -7.76
C ASN B 78 2.21 -2.02 -7.03
N PHE B 79 1.18 -1.59 -6.32
CA PHE B 79 0.32 -2.51 -5.58
C PHE B 79 -1.13 -2.31 -6.01
N HIS B 80 -1.64 -3.26 -6.78
CA HIS B 80 -3.02 -3.21 -7.27
C HIS B 80 -3.96 -3.89 -6.30
N PHE B 81 -4.92 -3.15 -5.78
CA PHE B 81 -5.88 -3.72 -4.87
C PHE B 81 -6.98 -4.42 -5.66
N SER B 82 -6.72 -5.68 -6.00
CA SER B 82 -7.64 -6.49 -6.80
C SER B 82 -8.78 -7.04 -5.96
N ASN B 83 -8.91 -6.56 -4.74
CA ASN B 83 -9.99 -7.01 -3.88
C ASN B 83 -11.24 -6.19 -4.14
N GLU B 84 -12.06 -6.68 -5.06
CA GLU B 84 -13.30 -6.02 -5.47
C GLU B 84 -14.17 -5.59 -4.28
N SER B 85 -14.10 -6.34 -3.19
CA SER B 85 -14.89 -6.06 -2.00
C SER B 85 -14.54 -4.72 -1.36
N THR B 86 -13.27 -4.52 -1.01
CA THR B 86 -12.84 -3.29 -0.37
C THR B 86 -11.59 -2.70 -1.03
N ALA B 87 -11.53 -2.74 -2.36
CA ALA B 87 -10.39 -2.23 -3.11
C ALA B 87 -10.05 -0.78 -2.75
N VAL B 88 -11.06 0.08 -2.80
CA VAL B 88 -10.87 1.49 -2.52
C VAL B 88 -10.55 1.73 -1.03
N LYS B 89 -11.17 0.93 -0.17
CA LYS B 89 -10.98 1.09 1.27
C LYS B 89 -9.63 0.55 1.74
N GLU B 90 -9.25 -0.64 1.28
CA GLU B 90 -7.97 -1.21 1.68
C GLU B 90 -6.85 -0.36 1.09
N ARG B 91 -7.15 0.27 -0.04
CA ARG B 91 -6.21 1.17 -0.68
C ARG B 91 -5.97 2.34 0.25
N ASP B 92 -7.07 2.89 0.75
CA ASP B 92 -7.03 4.02 1.67
C ASP B 92 -6.28 3.67 2.94
N ALA B 93 -6.52 2.46 3.44
CA ALA B 93 -5.88 2.01 4.66
C ALA B 93 -4.36 2.04 4.53
N VAL B 94 -3.86 1.58 3.39
CA VAL B 94 -2.41 1.55 3.15
C VAL B 94 -1.92 2.95 2.82
N LYS B 95 -2.69 3.64 2.00
CA LYS B 95 -2.36 4.97 1.53
C LYS B 95 -2.30 5.96 2.70
N ASP B 96 -3.34 5.96 3.51
CA ASP B 96 -3.43 6.86 4.65
C ASP B 96 -2.43 6.49 5.73
N LEU B 97 -2.20 5.20 5.90
CA LEU B 97 -1.26 4.73 6.91
C LEU B 97 0.16 5.02 6.46
N LEU B 98 0.36 5.10 5.16
CA LEU B 98 1.67 5.41 4.63
C LEU B 98 1.98 6.87 4.94
N GLN B 99 1.14 7.80 4.51
CA GLN B 99 1.34 9.22 4.84
C GLN B 99 1.49 9.39 6.34
N GLN B 100 1.00 8.41 7.09
CA GLN B 100 1.10 8.41 8.53
C GLN B 100 2.48 7.96 9.01
N LEU B 101 2.95 6.81 8.53
CA LEU B 101 4.22 6.24 8.97
C LEU B 101 5.43 6.74 8.16
N LEU B 102 5.21 7.06 6.89
CA LEU B 102 6.28 7.50 5.99
C LEU B 102 7.13 8.67 6.54
N PRO B 103 6.53 9.75 7.08
CA PRO B 103 7.30 10.90 7.59
C PRO B 103 8.13 10.60 8.83
N LYS B 104 7.50 10.02 9.86
CA LYS B 104 8.21 9.73 11.12
C LYS B 104 9.22 8.61 10.96
N PHE B 105 9.18 7.89 9.85
CA PHE B 105 10.11 6.81 9.60
C PHE B 105 11.03 7.14 8.43
N LYS B 106 11.04 8.40 8.05
CA LYS B 106 11.87 8.84 6.93
C LYS B 106 13.31 9.05 7.35
N ARG B 107 14.23 8.36 6.67
CA ARG B 107 15.65 8.48 6.96
C ARG B 107 16.41 8.70 5.67
N LYS B 108 16.66 9.97 5.34
CA LYS B 108 17.37 10.29 4.11
C LYS B 108 18.87 10.08 4.28
N ALA B 109 19.39 9.04 3.65
CA ALA B 109 20.81 8.75 3.72
C ALA B 109 21.56 9.60 2.70
N ASN B 110 22.47 10.44 3.21
CA ASN B 110 23.27 11.33 2.38
C ASN B 110 22.38 12.29 1.59
N ARG A 4 2.38 -5.50 -22.05
CA ARG A 4 1.93 -4.12 -21.84
C ARG A 4 3.11 -3.18 -21.67
N ARG A 5 4.17 -3.67 -21.00
CA ARG A 5 5.35 -2.85 -20.78
C ARG A 5 6.48 -3.23 -21.71
N ARG A 6 6.14 -3.76 -22.88
CA ARG A 6 7.14 -4.15 -23.87
C ARG A 6 6.72 -3.69 -25.25
N THR A 7 5.68 -4.33 -25.81
CA THR A 7 5.19 -3.99 -27.13
C THR A 7 3.74 -4.45 -27.30
N GLU A 8 3.37 -5.50 -26.59
CA GLU A 8 2.02 -6.04 -26.66
C GLU A 8 1.03 -5.13 -25.92
N ALA A 9 0.01 -4.68 -26.64
CA ALA A 9 -1.00 -3.80 -26.07
C ALA A 9 -2.08 -4.61 -25.37
N LEU A 10 -2.12 -5.90 -25.66
CA LEU A 10 -3.13 -6.80 -25.08
C LEU A 10 -2.70 -7.23 -23.67
N GLY A 11 -2.56 -6.25 -22.78
CA GLY A 11 -2.17 -6.53 -21.42
C GLY A 11 -0.77 -7.12 -21.34
N ASP A 12 -0.54 -7.94 -20.33
CA ASP A 12 0.76 -8.59 -20.16
C ASP A 12 0.55 -10.06 -19.84
N ALA A 13 0.07 -10.80 -20.85
CA ALA A 13 -0.23 -12.23 -20.72
C ALA A 13 -1.38 -12.45 -19.76
N GLU A 14 -2.05 -11.35 -19.45
CA GLU A 14 -3.17 -11.29 -18.54
C GLU A 14 -3.50 -9.82 -18.31
N GLU A 15 -4.54 -9.52 -17.54
CA GLU A 15 -4.90 -8.14 -17.25
C GLU A 15 -3.76 -7.49 -16.47
N ASP A 16 -3.03 -6.60 -17.12
CA ASP A 16 -1.89 -5.98 -16.48
C ASP A 16 -2.26 -4.71 -15.75
N GLU A 17 -1.73 -4.60 -14.54
CA GLU A 17 -1.98 -3.45 -13.69
C GLU A 17 -1.28 -2.23 -14.28
N ASP A 18 -2.06 -1.24 -14.70
CA ASP A 18 -1.51 -0.04 -15.28
C ASP A 18 -0.76 0.75 -14.22
N ASP A 19 0.55 0.68 -14.30
CA ASP A 19 1.45 1.36 -13.37
C ASP A 19 1.54 2.84 -13.69
N GLU A 20 0.46 3.40 -14.21
CA GLU A 20 0.42 4.82 -14.55
C GLU A 20 -0.76 5.53 -13.92
N ASP A 21 -0.74 6.86 -14.06
CA ASP A 21 -1.80 7.75 -13.57
C ASP A 21 -1.86 7.85 -12.06
N PHE A 22 -0.85 7.35 -11.36
CA PHE A 22 -0.85 7.38 -9.91
C PHE A 22 -0.66 8.80 -9.40
N VAL A 23 -1.55 9.18 -8.51
CA VAL A 23 -1.54 10.47 -7.91
C VAL A 23 -0.66 10.43 -6.69
N GLU A 24 0.36 11.26 -6.70
CA GLU A 24 1.32 11.30 -5.63
C GLU A 24 0.64 11.54 -4.29
N VAL A 25 0.87 10.60 -3.40
CA VAL A 25 0.33 10.64 -2.06
C VAL A 25 1.35 11.25 -1.11
N PRO A 26 1.01 12.43 -0.55
CA PRO A 26 1.85 13.17 0.39
C PRO A 26 1.70 12.64 1.82
N GLU A 27 2.51 13.16 2.73
CA GLU A 27 2.45 12.75 4.13
C GLU A 27 1.47 13.64 4.89
N LYS A 28 0.94 13.16 6.00
CA LYS A 28 0.00 13.93 6.80
C LYS A 28 0.52 14.18 8.21
N GLU A 29 1.24 13.22 8.76
CA GLU A 29 1.82 13.33 10.11
C GLU A 29 0.76 13.33 11.21
N GLY A 30 -0.08 14.35 11.22
CA GLY A 30 -1.10 14.46 12.25
C GLY A 30 -2.50 14.26 11.71
N TYR A 31 -2.84 13.02 11.39
CA TYR A 31 -4.16 12.69 10.88
C TYR A 31 -4.69 11.40 11.51
N GLU A 32 -3.84 10.37 11.50
CA GLU A 32 -4.15 9.04 12.03
C GLU A 32 -5.19 8.33 11.16
N PRO A 33 -4.86 7.09 10.74
CA PRO A 33 -5.70 6.28 9.85
C PRO A 33 -7.14 6.15 10.33
N HIS A 34 -8.07 6.52 9.47
CA HIS A 34 -9.48 6.44 9.78
C HIS A 34 -10.09 5.17 9.21
N ILE A 35 -11.38 5.02 9.46
CA ILE A 35 -12.12 3.88 9.01
C ILE A 35 -13.62 4.19 8.85
N PRO A 36 -14.27 4.87 9.83
CA PRO A 36 -15.69 5.22 9.75
C PRO A 36 -15.99 6.35 8.76
N ASP A 37 -15.06 6.61 7.85
CA ASP A 37 -15.23 7.65 6.85
C ASP A 37 -16.20 7.19 5.76
N HIS A 38 -16.52 5.91 5.78
CA HIS A 38 -17.43 5.33 4.81
C HIS A 38 -18.86 5.81 5.04
N LEU A 39 -19.10 6.40 6.20
CA LEU A 39 -20.42 6.92 6.55
C LEU A 39 -20.59 8.32 5.95
N ARG A 40 -20.58 8.37 4.62
CA ARG A 40 -20.72 9.62 3.90
C ARG A 40 -21.73 9.48 2.78
N PRO A 41 -22.54 10.52 2.53
CA PRO A 41 -23.54 10.52 1.47
C PRO A 41 -22.91 10.72 0.09
N GLU A 42 -23.74 10.78 -0.94
CA GLU A 42 -23.28 10.97 -2.29
C GLU A 42 -23.17 12.47 -2.57
N TYR A 43 -22.42 12.82 -3.59
CA TYR A 43 -22.22 14.22 -3.92
C TYR A 43 -22.73 14.53 -5.33
N GLY A 44 -22.90 13.48 -6.13
CA GLY A 44 -23.39 13.66 -7.48
C GLY A 44 -24.90 13.50 -7.59
N LEU A 45 -25.38 12.34 -7.18
CA LEU A 45 -26.82 12.06 -7.23
C LEU A 45 -27.57 12.81 -6.15
N GLU A 46 -26.88 13.09 -5.05
CA GLU A 46 -27.50 13.81 -3.94
C GLU A 46 -27.12 15.28 -3.97
N ALA A 47 -26.94 15.81 -5.17
CA ALA A 47 -26.58 17.22 -5.35
C ALA A 47 -27.83 18.05 -5.57
N ALA A 48 -28.11 18.94 -4.64
CA ALA A 48 -29.27 19.81 -4.71
C ALA A 48 -29.00 21.08 -3.91
N MET B 3 7.82 -8.49 15.19
CA MET B 3 8.98 -9.07 15.88
C MET B 3 10.26 -8.34 15.47
N ALA B 4 10.11 -7.16 14.86
CA ALA B 4 11.23 -6.35 14.41
C ALA B 4 12.14 -7.13 13.45
N THR B 5 13.41 -6.74 13.37
CA THR B 5 14.38 -7.39 12.50
C THR B 5 14.07 -7.12 11.03
N SER B 6 13.15 -7.88 10.48
CA SER B 6 12.73 -7.74 9.10
C SER B 6 11.25 -8.04 8.98
N SER B 7 10.61 -8.17 10.14
CA SER B 7 9.19 -8.46 10.21
C SER B 7 8.61 -7.87 11.50
N GLU B 8 8.33 -6.58 11.47
CA GLU B 8 7.78 -5.90 12.63
C GLU B 8 6.31 -6.24 12.77
N GLU B 9 5.70 -5.71 13.82
CA GLU B 9 4.30 -5.96 14.09
C GLU B 9 3.44 -5.45 12.94
N VAL B 10 2.48 -6.26 12.53
CA VAL B 10 1.60 -5.91 11.43
C VAL B 10 0.48 -5.01 11.93
N LEU B 11 0.45 -3.80 11.41
CA LEU B 11 -0.57 -2.83 11.81
C LEU B 11 -1.74 -2.86 10.84
N LEU B 12 -1.47 -3.17 9.58
CA LEU B 12 -2.53 -3.19 8.58
C LEU B 12 -2.46 -4.44 7.71
N ILE B 13 -3.61 -4.99 7.38
CA ILE B 13 -3.70 -6.18 6.55
C ILE B 13 -4.64 -5.94 5.36
N VAL B 14 -4.11 -6.10 4.16
CA VAL B 14 -4.87 -5.92 2.93
C VAL B 14 -4.98 -7.25 2.21
N LYS B 15 -6.09 -7.48 1.52
CA LYS B 15 -6.28 -8.74 0.81
C LYS B 15 -6.38 -8.55 -0.70
N LYS B 16 -6.11 -9.63 -1.42
CA LYS B 16 -6.15 -9.66 -2.88
C LYS B 16 -5.45 -8.45 -3.51
N VAL B 17 -4.15 -8.39 -3.27
CA VAL B 17 -3.33 -7.31 -3.79
C VAL B 17 -2.32 -7.88 -4.77
N ARG B 18 -2.29 -7.34 -5.97
CA ARG B 18 -1.39 -7.82 -7.00
C ARG B 18 -0.21 -6.89 -7.21
N GLN B 19 0.97 -7.49 -7.35
CA GLN B 19 2.19 -6.75 -7.59
C GLN B 19 2.77 -7.20 -8.92
N LYS B 20 2.58 -6.39 -9.96
CA LYS B 20 3.10 -6.67 -11.30
C LYS B 20 2.98 -8.13 -11.74
N LYS B 21 1.74 -8.59 -11.93
CA LYS B 21 1.42 -9.95 -12.38
C LYS B 21 1.58 -11.00 -11.28
N GLN B 22 1.48 -10.57 -10.03
CA GLN B 22 1.59 -11.47 -8.90
C GLN B 22 0.51 -11.16 -7.87
N ASP B 23 -0.38 -12.12 -7.63
CA ASP B 23 -1.48 -11.93 -6.67
C ASP B 23 -1.01 -12.28 -5.27
N GLY B 24 -1.63 -11.67 -4.26
CA GLY B 24 -1.24 -11.95 -2.90
C GLY B 24 -1.91 -11.05 -1.89
N ALA B 25 -1.23 -10.82 -0.77
CA ALA B 25 -1.75 -9.97 0.30
C ALA B 25 -0.69 -8.97 0.77
N LEU B 26 -1.14 -7.79 1.12
CA LEU B 26 -0.24 -6.74 1.59
C LEU B 26 -0.38 -6.56 3.10
N TYR B 27 0.75 -6.39 3.76
CA TYR B 27 0.78 -6.22 5.20
C TYR B 27 1.62 -5.00 5.59
N LEU B 28 0.99 -4.04 6.25
CA LEU B 28 1.68 -2.84 6.69
C LEU B 28 2.24 -3.08 8.08
N MET B 29 3.52 -2.80 8.26
CA MET B 29 4.15 -3.02 9.54
C MET B 29 4.58 -1.70 10.15
N ALA B 30 4.82 -1.72 11.46
CA ALA B 30 5.21 -0.53 12.20
C ALA B 30 6.39 0.23 11.59
N GLU B 31 7.37 -0.49 11.04
CA GLU B 31 8.54 0.17 10.47
C GLU B 31 8.69 -0.07 8.97
N ARG B 32 7.83 -0.90 8.38
CA ARG B 32 7.96 -1.20 6.95
C ARG B 32 6.68 -1.73 6.33
N ILE B 33 6.70 -1.85 5.02
CA ILE B 33 5.57 -2.36 4.27
C ILE B 33 6.03 -3.60 3.50
N ALA B 34 5.29 -4.69 3.63
CA ALA B 34 5.65 -5.92 2.97
C ALA B 34 4.46 -6.55 2.25
N TRP B 35 4.77 -7.26 1.18
CA TRP B 35 3.75 -7.93 0.39
C TRP B 35 4.12 -9.39 0.22
N ALA B 36 3.16 -10.27 0.43
CA ALA B 36 3.38 -11.71 0.30
C ALA B 36 2.44 -12.28 -0.74
N PRO B 37 2.96 -13.12 -1.64
CA PRO B 37 2.16 -13.75 -2.70
C PRO B 37 1.07 -14.65 -2.11
N GLU B 38 0.09 -14.98 -2.94
CA GLU B 38 -1.03 -15.82 -2.52
C GLU B 38 -0.59 -17.18 -2.00
N GLY B 39 -0.95 -17.47 -0.75
CA GLY B 39 -0.61 -18.74 -0.15
C GLY B 39 0.86 -18.87 0.20
N LYS B 40 1.62 -17.79 0.01
CA LYS B 40 3.03 -17.81 0.33
C LYS B 40 3.27 -17.22 1.72
N ASP B 41 4.13 -17.89 2.48
CA ASP B 41 4.46 -17.48 3.84
C ASP B 41 5.58 -16.45 3.87
N ARG B 42 6.32 -16.36 2.78
CA ARG B 42 7.44 -15.43 2.71
C ARG B 42 7.12 -14.23 1.82
N PHE B 43 7.41 -13.05 2.34
CA PHE B 43 7.16 -11.80 1.62
C PHE B 43 8.24 -11.59 0.57
N THR B 44 7.82 -11.35 -0.66
CA THR B 44 8.76 -11.13 -1.74
C THR B 44 9.10 -9.64 -1.83
N ILE B 45 8.19 -8.82 -1.33
CA ILE B 45 8.38 -7.38 -1.34
C ILE B 45 8.46 -6.86 0.09
N SER B 46 9.57 -6.21 0.43
CA SER B 46 9.77 -5.67 1.76
C SER B 46 10.48 -4.33 1.68
N HIS B 47 9.77 -3.25 1.99
CA HIS B 47 10.36 -1.91 1.94
C HIS B 47 10.13 -1.20 3.25
N MET B 48 11.17 -0.58 3.76
CA MET B 48 11.05 0.17 4.98
C MET B 48 10.65 1.58 4.62
N TYR B 49 9.91 2.23 5.48
CA TYR B 49 9.48 3.60 5.19
C TYR B 49 10.67 4.54 5.07
N ALA B 50 11.81 4.10 5.60
CA ALA B 50 13.04 4.89 5.55
C ALA B 50 13.68 4.84 4.17
N ASP B 51 13.16 3.98 3.30
CA ASP B 51 13.70 3.86 1.95
C ASP B 51 12.74 4.49 0.94
N ILE B 52 11.58 4.91 1.44
CA ILE B 52 10.56 5.50 0.58
C ILE B 52 10.63 7.02 0.57
N LYS B 53 10.55 7.61 -0.61
CA LYS B 53 10.61 9.07 -0.75
C LYS B 53 9.22 9.66 -0.68
N CYS B 54 8.27 9.00 -1.33
CA CYS B 54 6.87 9.43 -1.36
C CYS B 54 6.04 8.29 -1.92
N GLN B 55 4.73 8.43 -1.94
CA GLN B 55 3.91 7.38 -2.45
C GLN B 55 2.96 7.98 -3.47
N LYS B 56 2.31 7.15 -4.25
CA LYS B 56 1.34 7.60 -5.24
C LYS B 56 0.24 6.58 -5.28
N ILE B 57 -0.88 6.93 -5.85
CA ILE B 57 -1.99 6.00 -5.92
C ILE B 57 -2.71 6.11 -7.24
N SER B 58 -3.05 5.01 -7.88
CA SER B 58 -3.84 5.15 -9.09
C SER B 58 -5.20 5.56 -8.59
N PRO B 59 -5.52 6.85 -8.85
CA PRO B 59 -6.70 7.58 -8.38
C PRO B 59 -8.03 6.88 -8.65
N GLU B 60 -9.04 7.32 -7.92
CA GLU B 60 -10.39 6.81 -8.09
C GLU B 60 -10.81 7.09 -9.52
N GLY B 61 -11.37 6.10 -10.17
CA GLY B 61 -11.75 6.24 -11.56
C GLY B 61 -10.92 5.34 -12.44
N LYS B 62 -9.68 5.09 -12.01
CA LYS B 62 -8.80 4.17 -12.72
C LYS B 62 -9.37 2.78 -12.53
N ALA B 63 -9.32 1.95 -13.57
CA ALA B 63 -9.86 0.60 -13.48
C ALA B 63 -9.12 -0.24 -12.45
N LYS B 64 -7.97 0.26 -12.02
CA LYS B 64 -7.16 -0.43 -11.04
C LYS B 64 -6.77 0.51 -9.91
N ILE B 65 -7.49 0.42 -8.80
CA ILE B 65 -7.20 1.24 -7.64
C ILE B 65 -5.93 0.70 -7.01
N GLN B 66 -4.82 1.45 -7.12
CA GLN B 66 -3.54 0.91 -6.63
C GLN B 66 -2.70 1.95 -5.91
N LEU B 67 -1.64 1.45 -5.27
CA LEU B 67 -0.68 2.28 -4.57
C LEU B 67 0.69 2.08 -5.19
N GLN B 68 1.46 3.15 -5.31
CA GLN B 68 2.79 3.12 -5.87
C GLN B 68 3.79 3.72 -4.90
N LEU B 69 4.78 2.94 -4.51
CA LEU B 69 5.79 3.41 -3.58
C LEU B 69 7.01 3.91 -4.34
N VAL B 70 7.25 5.21 -4.29
CA VAL B 70 8.41 5.78 -4.96
C VAL B 70 9.53 5.92 -3.96
N LEU B 71 10.55 5.10 -4.13
CA LEU B 71 11.69 5.11 -3.24
C LEU B 71 12.55 6.36 -3.46
N HIS B 72 13.61 6.51 -2.68
CA HIS B 72 14.48 7.67 -2.76
C HIS B 72 15.11 7.88 -4.13
N ALA B 73 15.71 6.83 -4.70
CA ALA B 73 16.37 6.94 -5.99
C ALA B 73 15.38 7.14 -7.13
N GLY B 74 14.13 6.76 -6.89
CA GLY B 74 13.10 6.89 -7.91
C GLY B 74 12.54 5.53 -8.25
N ASP B 75 12.76 4.61 -7.33
CA ASP B 75 12.31 3.23 -7.44
C ASP B 75 10.82 3.22 -7.21
N THR B 76 10.13 2.19 -7.70
CA THR B 76 8.70 2.15 -7.52
C THR B 76 8.17 0.73 -7.30
N THR B 77 7.11 0.64 -6.55
CA THR B 77 6.45 -0.63 -6.26
C THR B 77 4.94 -0.46 -6.42
N ASN B 78 4.33 -1.28 -7.27
CA ASN B 78 2.90 -1.19 -7.51
C ASN B 78 2.10 -2.23 -6.74
N PHE B 79 1.14 -1.76 -5.99
CA PHE B 79 0.27 -2.64 -5.24
C PHE B 79 -1.15 -2.45 -5.74
N HIS B 80 -1.61 -3.41 -6.53
CA HIS B 80 -2.94 -3.37 -7.11
C HIS B 80 -3.96 -3.96 -6.15
N PHE B 81 -4.86 -3.13 -5.68
CA PHE B 81 -5.90 -3.57 -4.77
C PHE B 81 -7.00 -4.24 -5.57
N SER B 82 -6.73 -5.46 -6.00
CA SER B 82 -7.64 -6.24 -6.81
C SER B 82 -8.73 -6.91 -5.97
N ASN B 83 -9.13 -6.27 -4.88
CA ASN B 83 -10.17 -6.81 -4.02
C ASN B 83 -11.47 -6.06 -4.29
N GLU B 84 -12.37 -6.71 -5.00
CA GLU B 84 -13.64 -6.11 -5.39
C GLU B 84 -14.52 -5.77 -4.18
N SER B 85 -14.12 -6.21 -3.00
CA SER B 85 -14.88 -5.93 -1.80
C SER B 85 -14.60 -4.54 -1.25
N THR B 86 -13.35 -4.26 -0.88
CA THR B 86 -13.00 -2.96 -0.32
C THR B 86 -11.75 -2.36 -0.96
N ALA B 87 -11.58 -2.56 -2.26
CA ALA B 87 -10.40 -2.04 -2.99
C ALA B 87 -10.13 -0.57 -2.66
N VAL B 88 -11.17 0.24 -2.73
CA VAL B 88 -11.05 1.67 -2.46
C VAL B 88 -10.63 1.94 -1.03
N LYS B 89 -11.30 1.32 -0.07
CA LYS B 89 -11.01 1.54 1.34
C LYS B 89 -9.69 0.92 1.78
N GLU B 90 -9.37 -0.26 1.28
CA GLU B 90 -8.11 -0.91 1.64
C GLU B 90 -6.96 -0.07 1.11
N ARG B 91 -7.15 0.54 -0.06
CA ARG B 91 -6.13 1.42 -0.60
C ARG B 91 -5.96 2.60 0.32
N ASP B 92 -7.09 3.19 0.70
CA ASP B 92 -7.11 4.33 1.61
C ASP B 92 -6.40 3.98 2.91
N ALA B 93 -6.68 2.80 3.42
CA ALA B 93 -6.07 2.34 4.66
C ALA B 93 -4.55 2.34 4.56
N VAL B 94 -4.03 1.90 3.42
CA VAL B 94 -2.60 1.84 3.21
C VAL B 94 -2.05 3.21 2.87
N LYS B 95 -2.75 3.89 1.98
CA LYS B 95 -2.39 5.20 1.51
C LYS B 95 -2.36 6.22 2.65
N ASP B 96 -3.42 6.23 3.45
CA ASP B 96 -3.55 7.14 4.57
C ASP B 96 -2.58 6.78 5.70
N LEU B 97 -2.38 5.50 5.91
CA LEU B 97 -1.47 5.04 6.96
C LEU B 97 -0.04 5.32 6.51
N LEU B 98 0.17 5.36 5.21
CA LEU B 98 1.48 5.67 4.68
C LEU B 98 1.80 7.12 4.93
N GLN B 99 0.91 8.04 4.53
CA GLN B 99 1.12 9.45 4.84
C GLN B 99 1.28 9.65 6.36
N GLN B 100 0.85 8.65 7.11
CA GLN B 100 0.99 8.66 8.57
C GLN B 100 2.35 8.10 9.02
N LEU B 101 2.74 6.95 8.48
CA LEU B 101 4.00 6.29 8.86
C LEU B 101 5.22 6.75 8.06
N LEU B 102 5.02 7.21 6.83
CA LEU B 102 6.11 7.65 5.98
C LEU B 102 6.93 8.77 6.62
N PRO B 103 6.29 9.87 7.10
CA PRO B 103 7.00 11.00 7.73
C PRO B 103 7.68 10.61 9.03
N LYS B 104 7.37 9.42 9.53
CA LYS B 104 7.98 8.93 10.76
C LYS B 104 9.46 8.66 10.49
N PHE B 105 9.74 8.20 9.28
CA PHE B 105 11.10 7.89 8.87
C PHE B 105 11.62 8.99 7.96
N LYS B 106 10.74 9.52 7.12
CA LYS B 106 11.09 10.58 6.19
C LYS B 106 11.06 11.92 6.91
N ARG B 107 12.23 12.52 7.08
CA ARG B 107 12.34 13.80 7.75
C ARG B 107 11.78 14.91 6.88
N LYS B 108 10.93 15.75 7.46
CA LYS B 108 10.32 16.85 6.72
C LYS B 108 9.96 17.98 7.67
N ALA B 109 8.88 17.82 8.41
CA ALA B 109 8.43 18.84 9.36
C ALA B 109 8.89 18.45 10.76
N ASN B 110 9.73 17.45 10.80
CA ASN B 110 10.29 16.91 12.03
C ASN B 110 11.30 15.84 11.62
N ARG A 4 3.58 -13.48 -14.20
CA ARG A 4 4.18 -12.69 -15.30
C ARG A 4 5.18 -13.53 -16.07
N ARG A 5 5.11 -13.44 -17.40
CA ARG A 5 6.03 -14.16 -18.27
C ARG A 5 7.27 -13.30 -18.51
N ARG A 6 8.09 -13.65 -19.49
CA ARG A 6 9.28 -12.87 -19.79
C ARG A 6 8.89 -11.62 -20.56
N THR A 7 8.31 -10.67 -19.85
CA THR A 7 7.88 -9.41 -20.42
C THR A 7 8.04 -8.30 -19.38
N GLU A 8 9.15 -7.59 -19.49
CA GLU A 8 9.49 -6.51 -18.57
C GLU A 8 8.81 -5.21 -18.99
N ALA A 9 7.56 -5.32 -19.41
CA ALA A 9 6.80 -4.16 -19.85
C ALA A 9 5.31 -4.41 -19.67
N LEU A 10 4.50 -3.42 -20.02
CA LEU A 10 3.05 -3.53 -19.90
C LEU A 10 2.49 -4.39 -21.02
N GLY A 11 1.91 -5.54 -20.66
CA GLY A 11 1.35 -6.42 -21.65
C GLY A 11 1.50 -7.89 -21.30
N ASP A 12 1.41 -8.20 -20.01
CA ASP A 12 1.54 -9.57 -19.55
C ASP A 12 0.19 -10.11 -19.09
N ALA A 13 -0.12 -11.34 -19.47
CA ALA A 13 -1.37 -12.00 -19.10
C ALA A 13 -2.58 -11.15 -19.45
N GLU A 14 -3.46 -10.98 -18.47
CA GLU A 14 -4.68 -10.18 -18.64
C GLU A 14 -4.39 -8.68 -18.57
N GLU A 15 -5.36 -7.93 -18.05
CA GLU A 15 -5.24 -6.48 -17.92
C GLU A 15 -4.05 -6.13 -17.02
N ASP A 16 -2.92 -5.80 -17.64
CA ASP A 16 -1.69 -5.47 -16.92
C ASP A 16 -1.91 -4.30 -15.96
N GLU A 17 -1.43 -4.49 -14.74
CA GLU A 17 -1.53 -3.50 -13.67
C GLU A 17 -1.11 -2.12 -14.16
N ASP A 18 -1.96 -1.12 -13.93
CA ASP A 18 -1.69 0.25 -14.34
C ASP A 18 -0.39 0.71 -13.75
N ASP A 19 0.52 1.20 -14.56
CA ASP A 19 1.81 1.68 -14.07
C ASP A 19 1.83 3.19 -14.04
N GLU A 20 0.83 3.78 -14.67
CA GLU A 20 0.72 5.22 -14.72
C GLU A 20 -0.58 5.66 -14.10
N ASP A 21 -0.78 6.98 -14.09
CA ASP A 21 -1.96 7.59 -13.56
C ASP A 21 -2.10 7.26 -12.08
N PHE A 22 -1.12 7.71 -11.30
CA PHE A 22 -1.14 7.55 -9.87
C PHE A 22 -1.04 8.93 -9.26
N VAL A 23 -1.97 9.22 -8.41
CA VAL A 23 -2.02 10.50 -7.76
C VAL A 23 -1.15 10.47 -6.55
N GLU A 24 -0.16 11.36 -6.56
CA GLU A 24 0.80 11.40 -5.50
C GLU A 24 0.15 11.54 -4.14
N VAL A 25 0.46 10.61 -3.27
CA VAL A 25 -0.03 10.59 -1.93
C VAL A 25 0.98 11.29 -1.03
N PRO A 26 0.58 12.45 -0.49
CA PRO A 26 1.43 13.25 0.39
C PRO A 26 1.57 12.62 1.77
N GLU A 27 2.42 13.19 2.59
CA GLU A 27 2.65 12.68 3.94
C GLU A 27 1.83 13.46 4.96
N LYS A 28 1.59 12.84 6.10
CA LYS A 28 0.84 13.47 7.17
C LYS A 28 1.71 13.63 8.41
N GLU A 29 2.59 12.65 8.61
CA GLU A 29 3.53 12.62 9.74
C GLU A 29 2.80 12.56 11.08
N GLY A 30 2.35 13.71 11.55
CA GLY A 30 1.63 13.76 12.81
C GLY A 30 0.21 13.32 12.61
N TYR A 31 -0.64 14.25 12.17
CA TYR A 31 -2.04 13.97 11.88
C TYR A 31 -2.84 13.57 13.12
N GLU A 32 -2.62 12.34 13.58
CA GLU A 32 -3.33 11.79 14.74
C GLU A 32 -4.83 11.68 14.47
N PRO A 33 -5.25 10.54 13.90
CA PRO A 33 -6.64 10.29 13.55
C PRO A 33 -7.50 9.94 14.77
N HIS A 34 -7.40 10.72 15.84
CA HIS A 34 -8.18 10.48 17.04
C HIS A 34 -9.41 11.35 17.08
N ILE A 35 -10.03 11.37 18.26
CA ILE A 35 -11.22 12.14 18.49
C ILE A 35 -11.14 12.92 19.83
N PRO A 36 -10.72 12.27 20.94
CA PRO A 36 -10.61 12.92 22.23
C PRO A 36 -9.21 13.46 22.49
N ASP A 37 -8.96 14.71 22.11
CA ASP A 37 -7.67 15.31 22.37
C ASP A 37 -7.61 15.73 23.83
N HIS A 38 -6.44 15.61 24.45
CA HIS A 38 -6.29 15.94 25.86
C HIS A 38 -4.82 16.06 26.23
N LEU A 39 -4.50 15.80 27.49
CA LEU A 39 -3.13 15.88 27.98
C LEU A 39 -2.29 14.70 27.48
N ARG A 40 -2.02 14.71 26.18
CA ARG A 40 -1.23 13.66 25.56
C ARG A 40 0.26 13.91 25.80
N PRO A 41 1.06 12.84 25.93
CA PRO A 41 2.50 12.96 26.16
C PRO A 41 3.25 13.44 24.92
N GLU A 42 3.24 14.75 24.71
CA GLU A 42 3.92 15.34 23.58
C GLU A 42 5.24 15.93 24.01
N TYR A 43 6.33 15.31 23.60
CA TYR A 43 7.65 15.78 23.97
C TYR A 43 8.58 15.78 22.76
N GLY A 44 9.44 16.78 22.68
CA GLY A 44 10.37 16.88 21.59
C GLY A 44 11.12 18.20 21.60
N LEU A 45 12.30 18.19 22.21
CA LEU A 45 13.12 19.39 22.31
C LEU A 45 14.57 19.00 22.09
N GLU A 46 15.28 18.70 23.19
CA GLU A 46 16.67 18.27 23.17
C GLU A 46 17.64 19.38 22.75
N ALA A 47 17.36 20.03 21.62
CA ALA A 47 18.19 21.11 21.12
C ALA A 47 17.43 22.43 21.16
N ALA A 48 16.41 22.48 22.00
CA ALA A 48 15.59 23.67 22.14
C ALA A 48 14.92 23.66 23.51
N MET B 3 9.27 -4.91 14.55
CA MET B 3 10.28 -4.61 15.58
C MET B 3 11.67 -4.42 14.98
N ALA B 4 12.25 -5.51 14.43
CA ALA B 4 13.58 -5.46 13.83
C ALA B 4 13.96 -6.80 13.18
N THR B 5 12.97 -7.56 12.74
CA THR B 5 13.22 -8.85 12.12
C THR B 5 12.92 -8.83 10.61
N SER B 6 12.13 -9.80 10.15
CA SER B 6 11.75 -9.90 8.74
C SER B 6 10.26 -10.23 8.61
N SER B 7 9.54 -10.06 9.71
CA SER B 7 8.11 -10.31 9.79
C SER B 7 7.61 -9.64 11.06
N GLU B 8 7.46 -8.33 10.98
CA GLU B 8 7.07 -7.53 12.13
C GLU B 8 5.57 -7.44 12.32
N GLU B 9 5.20 -6.74 13.38
CA GLU B 9 3.82 -6.50 13.74
C GLU B 9 3.07 -5.89 12.56
N VAL B 10 2.11 -6.62 12.05
CA VAL B 10 1.32 -6.16 10.92
C VAL B 10 0.22 -5.22 11.40
N LEU B 11 0.43 -3.94 11.18
CA LEU B 11 -0.54 -2.92 11.60
C LEU B 11 -1.72 -2.89 10.64
N LEU B 12 -1.45 -3.18 9.37
CA LEU B 12 -2.52 -3.15 8.37
C LEU B 12 -2.45 -4.40 7.48
N ILE B 13 -3.55 -5.14 7.45
CA ILE B 13 -3.62 -6.34 6.63
C ILE B 13 -4.55 -6.12 5.44
N VAL B 14 -3.97 -6.12 4.26
CA VAL B 14 -4.71 -5.94 3.02
C VAL B 14 -4.69 -7.23 2.23
N LYS B 15 -5.82 -7.60 1.64
CA LYS B 15 -5.89 -8.84 0.89
C LYS B 15 -6.09 -8.59 -0.60
N LYS B 16 -5.78 -9.62 -1.39
CA LYS B 16 -5.89 -9.57 -2.84
C LYS B 16 -5.19 -8.34 -3.42
N VAL B 17 -3.87 -8.40 -3.44
CA VAL B 17 -3.04 -7.32 -3.96
C VAL B 17 -2.06 -7.88 -4.98
N ARG B 18 -2.01 -7.26 -6.15
CA ARG B 18 -1.14 -7.73 -7.21
C ARG B 18 0.06 -6.83 -7.43
N GLN B 19 1.21 -7.46 -7.66
CA GLN B 19 2.43 -6.75 -7.96
C GLN B 19 2.90 -7.18 -9.35
N LYS B 20 2.68 -6.30 -10.32
CA LYS B 20 3.03 -6.54 -11.72
C LYS B 20 2.64 -7.95 -12.19
N LYS B 21 1.34 -8.20 -12.23
CA LYS B 21 0.76 -9.46 -12.67
C LYS B 21 1.06 -10.64 -11.74
N GLN B 22 1.02 -10.39 -10.43
CA GLN B 22 1.22 -11.41 -9.42
C GLN B 22 0.27 -11.14 -8.26
N ASP B 23 -0.65 -12.07 -8.00
CA ASP B 23 -1.61 -11.87 -6.92
C ASP B 23 -1.04 -12.26 -5.57
N GLY B 24 -1.56 -11.63 -4.52
CA GLY B 24 -1.10 -11.89 -3.18
C GLY B 24 -1.78 -10.99 -2.17
N ALA B 25 -1.03 -10.53 -1.19
CA ALA B 25 -1.56 -9.67 -0.15
C ALA B 25 -0.50 -8.67 0.32
N LEU B 26 -0.95 -7.51 0.76
CA LEU B 26 -0.06 -6.47 1.23
C LEU B 26 -0.24 -6.27 2.73
N TYR B 27 0.86 -6.27 3.44
CA TYR B 27 0.83 -6.10 4.89
C TYR B 27 1.68 -4.92 5.33
N LEU B 28 1.07 -3.97 6.02
CA LEU B 28 1.78 -2.79 6.51
C LEU B 28 2.34 -3.10 7.89
N MET B 29 3.61 -2.80 8.09
CA MET B 29 4.23 -3.07 9.38
C MET B 29 4.76 -1.80 10.01
N ALA B 30 5.08 -1.89 11.29
CA ALA B 30 5.57 -0.77 12.09
C ALA B 30 6.69 0.02 11.41
N GLU B 31 7.67 -0.66 10.82
CA GLU B 31 8.79 0.02 10.19
C GLU B 31 8.87 -0.23 8.69
N ARG B 32 7.96 -1.01 8.13
CA ARG B 32 8.07 -1.33 6.71
C ARG B 32 6.76 -1.78 6.09
N ILE B 33 6.78 -1.89 4.78
CA ILE B 33 5.65 -2.36 4.01
C ILE B 33 6.09 -3.56 3.19
N ALA B 34 5.37 -4.65 3.29
CA ALA B 34 5.75 -5.85 2.56
C ALA B 34 4.59 -6.49 1.84
N TRP B 35 4.87 -7.06 0.68
CA TRP B 35 3.89 -7.73 -0.12
C TRP B 35 4.25 -9.20 -0.23
N ALA B 36 3.27 -10.06 -0.08
CA ALA B 36 3.50 -11.49 -0.16
C ALA B 36 2.39 -12.19 -0.93
N PRO B 37 2.75 -13.00 -1.94
CA PRO B 37 1.77 -13.75 -2.72
C PRO B 37 0.92 -14.61 -1.80
N GLU B 38 -0.34 -14.83 -2.16
CA GLU B 38 -1.25 -15.59 -1.33
C GLU B 38 -0.78 -17.03 -1.13
N GLY B 39 -1.10 -17.58 0.03
CA GLY B 39 -0.74 -18.96 0.34
C GLY B 39 0.41 -19.07 1.32
N LYS B 40 1.40 -18.21 1.19
CA LYS B 40 2.57 -18.25 2.07
C LYS B 40 2.63 -17.00 2.94
N ASP B 41 3.04 -17.18 4.20
CA ASP B 41 3.14 -16.07 5.16
C ASP B 41 4.45 -15.31 5.01
N ARG B 42 5.24 -15.64 4.00
CA ARG B 42 6.52 -14.98 3.79
C ARG B 42 6.42 -14.01 2.62
N PHE B 43 6.89 -12.80 2.86
CA PHE B 43 6.83 -11.73 1.87
C PHE B 43 8.01 -11.79 0.90
N THR B 44 7.79 -11.29 -0.30
CA THR B 44 8.82 -11.25 -1.32
C THR B 44 9.27 -9.82 -1.56
N ILE B 45 8.32 -8.89 -1.41
CA ILE B 45 8.60 -7.48 -1.57
C ILE B 45 8.67 -6.82 -0.19
N SER B 46 9.85 -6.40 0.21
CA SER B 46 10.01 -5.77 1.51
C SER B 46 10.64 -4.39 1.36
N HIS B 47 9.85 -3.37 1.64
CA HIS B 47 10.32 -1.99 1.55
C HIS B 47 10.20 -1.31 2.89
N MET B 48 11.29 -0.75 3.37
CA MET B 48 11.26 -0.05 4.62
C MET B 48 10.79 1.37 4.34
N TYR B 49 10.06 1.96 5.26
CA TYR B 49 9.59 3.33 5.07
C TYR B 49 10.79 4.27 4.98
N ALA B 50 11.93 3.78 5.46
CA ALA B 50 13.17 4.54 5.46
C ALA B 50 13.78 4.60 4.06
N ASP B 51 13.22 3.85 3.13
CA ASP B 51 13.72 3.84 1.75
C ASP B 51 12.72 4.51 0.83
N ILE B 52 11.54 4.79 1.36
CA ILE B 52 10.49 5.40 0.56
C ILE B 52 10.45 6.92 0.75
N LYS B 53 10.31 7.63 -0.35
CA LYS B 53 10.26 9.09 -0.33
C LYS B 53 8.82 9.60 -0.23
N CYS B 54 8.00 9.19 -1.19
CA CYS B 54 6.60 9.59 -1.23
C CYS B 54 5.79 8.44 -1.82
N GLN B 55 4.48 8.61 -1.94
CA GLN B 55 3.68 7.55 -2.48
C GLN B 55 2.70 8.15 -3.48
N LYS B 56 2.07 7.32 -4.28
CA LYS B 56 1.06 7.75 -5.23
C LYS B 56 0.00 6.67 -5.28
N ILE B 57 -1.13 6.97 -5.87
CA ILE B 57 -2.19 5.99 -5.97
C ILE B 57 -2.91 6.10 -7.30
N SER B 58 -3.13 5.03 -8.03
CA SER B 58 -3.89 5.16 -9.26
C SER B 58 -5.29 5.53 -8.80
N PRO B 59 -5.66 6.81 -9.07
CA PRO B 59 -6.91 7.45 -8.65
C PRO B 59 -8.16 6.75 -9.15
N GLU B 60 -9.30 7.16 -8.60
CA GLU B 60 -10.59 6.62 -9.03
C GLU B 60 -10.75 6.92 -10.51
N GLY B 61 -11.27 5.96 -11.25
CA GLY B 61 -11.42 6.13 -12.67
C GLY B 61 -10.51 5.17 -13.42
N LYS B 62 -9.35 4.88 -12.83
CA LYS B 62 -8.45 3.91 -13.42
C LYS B 62 -9.09 2.55 -13.25
N ALA B 63 -8.90 1.67 -14.22
CA ALA B 63 -9.50 0.34 -14.16
C ALA B 63 -8.98 -0.45 -12.97
N LYS B 64 -7.80 -0.06 -12.48
CA LYS B 64 -7.21 -0.73 -11.35
C LYS B 64 -6.77 0.28 -10.28
N ILE B 65 -7.50 0.31 -9.18
CA ILE B 65 -7.17 1.20 -8.07
C ILE B 65 -5.92 0.65 -7.40
N GLN B 66 -4.83 1.40 -7.44
CA GLN B 66 -3.57 0.88 -6.91
C GLN B 66 -2.74 1.91 -6.17
N LEU B 67 -1.70 1.43 -5.51
CA LEU B 67 -0.77 2.28 -4.78
C LEU B 67 0.61 2.20 -5.42
N GLN B 68 1.33 3.30 -5.42
CA GLN B 68 2.67 3.35 -5.99
C GLN B 68 3.63 3.93 -4.96
N LEU B 69 4.65 3.17 -4.62
CA LEU B 69 5.65 3.63 -3.66
C LEU B 69 6.85 4.23 -4.38
N VAL B 70 7.03 5.53 -4.25
CA VAL B 70 8.16 6.18 -4.88
C VAL B 70 9.30 6.26 -3.89
N LEU B 71 10.31 5.44 -4.10
CA LEU B 71 11.45 5.39 -3.23
C LEU B 71 12.27 6.68 -3.32
N HIS B 72 13.31 6.78 -2.50
CA HIS B 72 14.15 7.98 -2.46
C HIS B 72 14.77 8.34 -3.80
N ALA B 73 15.40 7.37 -4.46
CA ALA B 73 16.06 7.63 -5.74
C ALA B 73 15.06 7.91 -6.85
N GLY B 74 13.83 7.47 -6.66
CA GLY B 74 12.80 7.66 -7.67
C GLY B 74 12.28 6.33 -8.15
N ASP B 75 12.48 5.33 -7.31
CA ASP B 75 12.07 3.97 -7.58
C ASP B 75 10.58 3.87 -7.35
N THR B 76 9.93 2.85 -7.89
CA THR B 76 8.50 2.74 -7.70
C THR B 76 8.04 1.30 -7.58
N THR B 77 7.18 1.06 -6.60
CA THR B 77 6.61 -0.25 -6.36
C THR B 77 5.10 -0.17 -6.51
N ASN B 78 4.55 -0.88 -7.48
CA ASN B 78 3.11 -0.85 -7.73
C ASN B 78 2.37 -1.95 -6.98
N PHE B 79 1.30 -1.56 -6.33
CA PHE B 79 0.47 -2.49 -5.59
C PHE B 79 -0.98 -2.38 -6.04
N HIS B 80 -1.42 -3.36 -6.81
CA HIS B 80 -2.77 -3.38 -7.35
C HIS B 80 -3.74 -4.02 -6.37
N PHE B 81 -4.77 -3.29 -6.01
CA PHE B 81 -5.77 -3.80 -5.11
C PHE B 81 -6.79 -4.61 -5.89
N SER B 82 -6.46 -5.88 -6.13
CA SER B 82 -7.33 -6.78 -6.90
C SER B 82 -8.51 -7.27 -6.06
N ASN B 83 -8.71 -6.66 -4.91
CA ASN B 83 -9.81 -7.02 -4.05
C ASN B 83 -11.02 -6.16 -4.36
N GLU B 84 -11.85 -6.63 -5.27
CA GLU B 84 -13.07 -5.93 -5.70
C GLU B 84 -13.93 -5.52 -4.51
N SER B 85 -13.94 -6.36 -3.48
CA SER B 85 -14.73 -6.11 -2.28
C SER B 85 -14.34 -4.79 -1.59
N THR B 86 -13.06 -4.61 -1.29
CA THR B 86 -12.63 -3.41 -0.59
C THR B 86 -11.40 -2.74 -1.22
N ALA B 87 -11.30 -2.79 -2.55
CA ALA B 87 -10.15 -2.19 -3.27
C ALA B 87 -9.91 -0.75 -2.85
N VAL B 88 -10.87 0.10 -3.15
CA VAL B 88 -10.79 1.52 -2.82
C VAL B 88 -10.62 1.71 -1.31
N LYS B 89 -11.32 0.89 -0.53
CA LYS B 89 -11.27 0.98 0.93
C LYS B 89 -9.88 0.66 1.46
N GLU B 90 -9.33 -0.48 1.06
CA GLU B 90 -8.00 -0.90 1.50
C GLU B 90 -6.95 0.03 0.92
N ARG B 91 -7.26 0.60 -0.24
CA ARG B 91 -6.36 1.53 -0.91
C ARG B 91 -6.10 2.74 -0.01
N ASP B 92 -7.18 3.36 0.46
CA ASP B 92 -7.09 4.52 1.33
C ASP B 92 -6.47 4.15 2.67
N ALA B 93 -6.75 2.93 3.14
CA ALA B 93 -6.20 2.46 4.41
C ALA B 93 -4.68 2.43 4.35
N VAL B 94 -4.14 1.87 3.28
CA VAL B 94 -2.69 1.79 3.10
C VAL B 94 -2.14 3.18 2.85
N LYS B 95 -2.90 3.94 2.09
CA LYS B 95 -2.54 5.28 1.71
C LYS B 95 -2.41 6.19 2.93
N ASP B 96 -3.44 6.22 3.75
CA ASP B 96 -3.47 7.05 4.95
C ASP B 96 -2.42 6.64 5.97
N LEU B 97 -2.26 5.35 6.16
CA LEU B 97 -1.29 4.84 7.11
C LEU B 97 0.11 5.07 6.59
N LEU B 98 0.27 5.13 5.28
CA LEU B 98 1.58 5.37 4.69
C LEU B 98 1.99 6.80 4.95
N GLN B 99 1.18 7.77 4.53
CA GLN B 99 1.48 9.18 4.81
C GLN B 99 1.74 9.38 6.30
N GLN B 100 1.26 8.46 7.11
CA GLN B 100 1.46 8.48 8.54
C GLN B 100 2.76 7.79 8.97
N LEU B 101 3.03 6.61 8.43
CA LEU B 101 4.22 5.84 8.80
C LEU B 101 5.48 6.18 7.98
N LEU B 102 5.30 6.58 6.73
CA LEU B 102 6.42 6.89 5.84
C LEU B 102 7.37 7.96 6.41
N PRO B 103 6.85 9.17 6.74
CA PRO B 103 7.68 10.26 7.29
C PRO B 103 8.29 9.94 8.65
N LYS B 104 7.88 8.83 9.24
CA LYS B 104 8.40 8.43 10.55
C LYS B 104 9.83 7.91 10.40
N PHE B 105 10.24 7.66 9.17
CA PHE B 105 11.58 7.18 8.88
C PHE B 105 12.25 8.06 7.82
N LYS B 106 11.44 8.77 7.05
CA LYS B 106 11.95 9.67 6.02
C LYS B 106 12.71 10.83 6.63
N ARG B 107 13.77 11.28 5.96
CA ARG B 107 14.55 12.42 6.45
C ARG B 107 13.66 13.65 6.45
N LYS B 108 13.68 14.42 7.53
CA LYS B 108 12.85 15.62 7.62
C LYS B 108 13.39 16.76 6.77
N ALA B 109 13.33 16.57 5.47
CA ALA B 109 13.76 17.59 4.51
C ALA B 109 12.54 18.05 3.73
N ASN B 110 11.41 17.62 4.24
CA ASN B 110 10.10 17.90 3.68
C ASN B 110 9.06 17.62 4.74
N ARG A 4 -0.80 -11.11 -25.43
CA ARG A 4 -1.73 -10.84 -24.31
C ARG A 4 -2.45 -12.13 -23.93
N ARG A 5 -1.81 -12.90 -23.03
CA ARG A 5 -2.35 -14.16 -22.54
C ARG A 5 -2.35 -15.24 -23.62
N ARG A 6 -1.33 -16.10 -23.59
CA ARG A 6 -1.23 -17.18 -24.56
C ARG A 6 -2.07 -18.37 -24.08
N THR A 7 -3.39 -18.22 -24.20
CA THR A 7 -4.35 -19.23 -23.76
C THR A 7 -4.51 -19.17 -22.24
N GLU A 8 -3.39 -19.16 -21.53
CA GLU A 8 -3.37 -19.09 -20.09
C GLU A 8 -2.20 -18.20 -19.66
N ALA A 9 -2.20 -17.77 -18.39
CA ALA A 9 -1.15 -16.91 -17.87
C ALA A 9 0.16 -17.67 -17.71
N LEU A 10 0.96 -17.68 -18.77
CA LEU A 10 2.24 -18.37 -18.76
C LEU A 10 3.39 -17.39 -18.94
N GLY A 11 3.18 -16.17 -18.46
CA GLY A 11 4.21 -15.15 -18.58
C GLY A 11 4.04 -14.29 -19.82
N ASP A 12 2.88 -13.66 -19.92
CA ASP A 12 2.58 -12.79 -21.06
C ASP A 12 2.16 -11.42 -20.54
N ALA A 13 1.22 -10.80 -21.23
CA ALA A 13 0.72 -9.51 -20.81
C ALA A 13 -0.81 -9.54 -20.72
N GLU A 14 -1.31 -10.42 -19.87
CA GLU A 14 -2.75 -10.56 -19.68
C GLU A 14 -3.26 -9.59 -18.61
N GLU A 15 -3.42 -8.32 -19.02
CA GLU A 15 -3.93 -7.26 -18.15
C GLU A 15 -3.17 -7.16 -16.83
N ASP A 16 -2.01 -6.52 -16.87
CA ASP A 16 -1.23 -6.34 -15.67
C ASP A 16 -1.51 -4.99 -15.06
N GLU A 17 -1.09 -4.84 -13.82
CA GLU A 17 -1.28 -3.63 -13.02
C GLU A 17 -0.97 -2.36 -13.80
N ASP A 18 -1.84 -1.35 -13.67
CA ASP A 18 -1.64 -0.08 -14.33
C ASP A 18 -0.42 0.58 -13.74
N ASP A 19 0.53 0.99 -14.56
CA ASP A 19 1.75 1.60 -14.06
C ASP A 19 1.70 3.11 -14.15
N GLU A 20 0.59 3.63 -14.66
CA GLU A 20 0.43 5.06 -14.79
C GLU A 20 -0.81 5.54 -14.06
N ASP A 21 -1.03 6.85 -14.10
CA ASP A 21 -2.17 7.48 -13.48
C ASP A 21 -2.24 7.17 -12.00
N PHE A 22 -1.24 7.65 -11.26
CA PHE A 22 -1.21 7.52 -9.82
C PHE A 22 -1.10 8.90 -9.24
N VAL A 23 -2.00 9.23 -8.36
CA VAL A 23 -2.02 10.50 -7.75
C VAL A 23 -1.10 10.49 -6.57
N GLU A 24 -0.12 11.37 -6.63
CA GLU A 24 0.90 11.41 -5.60
C GLU A 24 0.29 11.58 -4.22
N VAL A 25 0.64 10.67 -3.36
CA VAL A 25 0.19 10.66 -2.00
C VAL A 25 1.24 11.33 -1.12
N PRO A 26 0.91 12.51 -0.60
CA PRO A 26 1.79 13.30 0.27
C PRO A 26 1.93 12.69 1.66
N GLU A 27 2.80 13.26 2.46
CA GLU A 27 3.03 12.77 3.82
C GLU A 27 2.17 13.55 4.82
N LYS A 28 1.83 12.90 5.93
CA LYS A 28 1.01 13.54 6.96
C LYS A 28 1.74 13.59 8.29
N GLU A 29 2.50 12.53 8.58
CA GLU A 29 3.28 12.43 9.82
C GLU A 29 2.39 12.29 11.06
N GLY A 30 1.68 13.35 11.41
CA GLY A 30 0.83 13.33 12.58
C GLY A 30 -0.55 13.87 12.31
N TYR A 31 -1.46 13.00 11.92
CA TYR A 31 -2.85 13.38 11.67
C TYR A 31 -3.77 12.36 12.33
N GLU A 32 -4.90 12.81 12.83
CA GLU A 32 -5.85 11.91 13.48
C GLU A 32 -6.69 11.19 12.43
N PRO A 33 -6.61 9.86 12.37
CA PRO A 33 -7.37 9.04 11.41
C PRO A 33 -8.85 8.94 11.77
N HIS A 34 -9.28 9.78 12.71
CA HIS A 34 -10.66 9.82 13.17
C HIS A 34 -10.87 11.01 14.08
N ILE A 35 -10.06 11.09 15.11
CA ILE A 35 -10.12 12.17 16.07
C ILE A 35 -9.05 11.95 17.13
N PRO A 36 -8.57 13.02 17.78
CA PRO A 36 -7.55 12.94 18.84
C PRO A 36 -8.04 12.20 20.09
N ASP A 37 -8.44 10.94 19.91
CA ASP A 37 -8.89 10.12 21.01
C ASP A 37 -7.90 8.98 21.22
N HIS A 38 -6.83 9.29 21.91
CA HIS A 38 -5.77 8.33 22.19
C HIS A 38 -6.15 7.41 23.34
N LEU A 39 -7.43 7.37 23.69
CA LEU A 39 -7.90 6.52 24.77
C LEU A 39 -8.84 5.45 24.24
N ARG A 40 -8.73 5.17 22.95
CA ARG A 40 -9.58 4.17 22.31
C ARG A 40 -8.91 2.80 22.25
N PRO A 41 -7.67 2.70 21.73
CA PRO A 41 -6.95 1.43 21.64
C PRO A 41 -6.34 1.01 22.97
N GLU A 42 -5.49 -0.02 22.94
CA GLU A 42 -4.83 -0.53 24.12
C GLU A 42 -3.51 0.22 24.33
N TYR A 43 -3.38 1.31 23.61
CA TYR A 43 -2.19 2.15 23.67
C TYR A 43 -2.62 3.61 23.66
N GLY A 44 -1.88 4.44 24.38
CA GLY A 44 -2.20 5.86 24.46
C GLY A 44 -1.77 6.62 23.22
N LEU A 45 -2.37 6.29 22.08
CA LEU A 45 -2.06 6.94 20.81
C LEU A 45 -3.07 6.52 19.75
N GLU A 46 -3.57 7.50 19.01
CA GLU A 46 -4.52 7.23 17.94
C GLU A 46 -3.80 7.24 16.60
N ALA A 47 -2.75 8.06 16.54
CA ALA A 47 -1.94 8.19 15.34
C ALA A 47 -0.55 7.59 15.58
N ALA A 48 -0.55 6.45 16.26
CA ALA A 48 0.69 5.74 16.60
C ALA A 48 1.58 5.55 15.38
N MET B 3 10.57 -9.45 3.06
CA MET B 3 11.90 -10.05 2.81
C MET B 3 11.95 -11.44 3.43
N ALA B 4 13.13 -12.03 3.50
CA ALA B 4 13.29 -13.35 4.11
C ALA B 4 12.89 -13.29 5.57
N THR B 5 13.33 -12.24 6.23
CA THR B 5 13.00 -12.02 7.63
C THR B 5 11.99 -10.89 7.75
N SER B 6 10.72 -11.25 7.88
CA SER B 6 9.65 -10.27 8.01
C SER B 6 8.51 -10.90 8.80
N SER B 7 8.39 -10.54 10.07
CA SER B 7 7.36 -11.07 10.94
C SER B 7 7.08 -10.11 12.10
N GLU B 8 7.25 -8.83 11.85
CA GLU B 8 7.03 -7.82 12.86
C GLU B 8 5.53 -7.51 12.97
N GLU B 9 5.18 -6.66 13.92
CA GLU B 9 3.80 -6.26 14.14
C GLU B 9 3.18 -5.71 12.87
N VAL B 10 2.21 -6.44 12.35
CA VAL B 10 1.51 -6.04 11.14
C VAL B 10 0.44 -5.02 11.51
N LEU B 11 0.73 -3.76 11.24
CA LEU B 11 -0.18 -2.67 11.56
C LEU B 11 -1.40 -2.67 10.63
N LEU B 12 -1.18 -3.07 9.38
CA LEU B 12 -2.29 -3.09 8.42
C LEU B 12 -2.26 -4.35 7.57
N ILE B 13 -3.42 -4.96 7.39
CA ILE B 13 -3.55 -6.17 6.60
C ILE B 13 -4.54 -5.97 5.46
N VAL B 14 -4.03 -5.96 4.23
CA VAL B 14 -4.86 -5.81 3.05
C VAL B 14 -4.81 -7.10 2.24
N LYS B 15 -5.97 -7.58 1.81
CA LYS B 15 -6.02 -8.82 1.06
C LYS B 15 -6.21 -8.58 -0.42
N LYS B 16 -5.94 -9.62 -1.21
CA LYS B 16 -6.06 -9.57 -2.66
C LYS B 16 -5.35 -8.36 -3.25
N VAL B 17 -4.03 -8.41 -3.27
CA VAL B 17 -3.20 -7.34 -3.80
C VAL B 17 -2.22 -7.92 -4.80
N ARG B 18 -2.14 -7.33 -5.98
CA ARG B 18 -1.26 -7.82 -7.02
C ARG B 18 -0.07 -6.91 -7.26
N GLN B 19 1.01 -7.50 -7.71
CA GLN B 19 2.21 -6.77 -8.04
C GLN B 19 2.74 -7.28 -9.37
N LYS B 20 2.50 -6.51 -10.44
CA LYS B 20 2.94 -6.85 -11.79
C LYS B 20 2.64 -8.31 -12.16
N LYS B 21 1.34 -8.63 -12.26
CA LYS B 21 0.85 -9.95 -12.63
C LYS B 21 1.15 -11.02 -11.57
N GLN B 22 1.19 -10.60 -10.31
CA GLN B 22 1.43 -11.52 -9.21
C GLN B 22 0.41 -11.26 -8.11
N ASP B 23 -0.43 -12.25 -7.83
CA ASP B 23 -1.46 -12.11 -6.81
C ASP B 23 -0.94 -12.46 -5.42
N GLY B 24 -1.34 -11.66 -4.44
CA GLY B 24 -0.92 -11.88 -3.08
C GLY B 24 -1.65 -10.97 -2.11
N ALA B 25 -0.98 -10.58 -1.04
CA ALA B 25 -1.56 -9.71 -0.04
C ALA B 25 -0.54 -8.70 0.45
N LEU B 26 -1.01 -7.52 0.84
CA LEU B 26 -0.15 -6.46 1.31
C LEU B 26 -0.27 -6.30 2.81
N TYR B 27 0.87 -6.29 3.49
CA TYR B 27 0.89 -6.17 4.93
C TYR B 27 1.77 -5.00 5.37
N LEU B 28 1.16 -4.01 6.01
CA LEU B 28 1.90 -2.87 6.51
C LEU B 28 2.49 -3.24 7.85
N MET B 29 3.78 -3.07 8.01
CA MET B 29 4.44 -3.45 9.24
C MET B 29 4.94 -2.23 9.98
N ALA B 30 5.37 -2.43 11.22
CA ALA B 30 5.84 -1.35 12.09
C ALA B 30 6.75 -0.34 11.39
N GLU B 31 7.83 -0.80 10.76
CA GLU B 31 8.75 0.13 10.10
C GLU B 31 8.92 -0.21 8.63
N ARG B 32 8.01 -1.00 8.06
CA ARG B 32 8.15 -1.38 6.66
C ARG B 32 6.85 -1.86 6.07
N ILE B 33 6.83 -1.95 4.75
CA ILE B 33 5.68 -2.43 4.02
C ILE B 33 6.14 -3.63 3.18
N ALA B 34 5.45 -4.75 3.34
CA ALA B 34 5.82 -5.94 2.63
C ALA B 34 4.62 -6.57 1.93
N TRP B 35 4.91 -7.23 0.82
CA TRP B 35 3.89 -7.89 0.04
C TRP B 35 4.31 -9.33 -0.20
N ALA B 36 3.38 -10.25 -0.02
CA ALA B 36 3.66 -11.67 -0.21
C ALA B 36 2.53 -12.33 -0.97
N PRO B 37 2.86 -13.21 -1.93
CA PRO B 37 1.85 -13.92 -2.70
C PRO B 37 1.03 -14.84 -1.80
N GLU B 38 -0.28 -14.88 -2.02
CA GLU B 38 -1.17 -15.68 -1.20
C GLU B 38 -0.73 -17.13 -1.13
N GLY B 39 -0.84 -17.70 0.06
CA GLY B 39 -0.44 -19.07 0.29
C GLY B 39 1.01 -19.16 0.68
N LYS B 40 1.72 -18.04 0.62
CA LYS B 40 3.13 -18.01 0.99
C LYS B 40 3.32 -17.16 2.24
N ASP B 41 4.26 -17.58 3.09
CA ASP B 41 4.55 -16.86 4.33
C ASP B 41 5.82 -16.02 4.17
N ARG B 42 6.39 -16.05 2.97
CA ARG B 42 7.61 -15.29 2.71
C ARG B 42 7.30 -14.07 1.84
N PHE B 43 7.48 -12.90 2.41
CA PHE B 43 7.22 -11.65 1.70
C PHE B 43 8.32 -11.36 0.70
N THR B 44 7.96 -11.26 -0.57
CA THR B 44 8.92 -10.98 -1.62
C THR B 44 9.28 -9.50 -1.66
N ILE B 45 8.25 -8.66 -1.67
CA ILE B 45 8.46 -7.22 -1.68
C ILE B 45 8.69 -6.74 -0.26
N SER B 46 9.78 -6.00 -0.06
CA SER B 46 10.11 -5.50 1.26
C SER B 46 10.69 -4.10 1.16
N HIS B 47 9.93 -3.11 1.63
CA HIS B 47 10.38 -1.73 1.61
C HIS B 47 10.18 -1.08 2.95
N MET B 48 11.21 -0.43 3.46
CA MET B 48 11.10 0.25 4.73
C MET B 48 10.61 1.66 4.46
N TYR B 49 9.89 2.21 5.41
CA TYR B 49 9.36 3.57 5.27
C TYR B 49 10.50 4.56 5.08
N ALA B 50 11.65 4.21 5.61
CA ALA B 50 12.85 5.05 5.53
C ALA B 50 13.44 5.08 4.13
N ASP B 51 13.07 4.11 3.29
CA ASP B 51 13.60 4.04 1.93
C ASP B 51 12.62 4.67 0.95
N ILE B 52 11.42 4.95 1.41
CA ILE B 52 10.39 5.49 0.54
C ILE B 52 10.36 7.02 0.62
N LYS B 53 10.45 7.67 -0.54
CA LYS B 53 10.44 9.12 -0.63
C LYS B 53 9.01 9.64 -0.46
N CYS B 54 8.15 9.22 -1.38
CA CYS B 54 6.75 9.61 -1.37
C CYS B 54 5.95 8.47 -1.96
N GLN B 55 4.64 8.61 -2.08
CA GLN B 55 3.85 7.54 -2.63
C GLN B 55 2.83 8.14 -3.58
N LYS B 56 2.18 7.31 -4.36
CA LYS B 56 1.12 7.75 -5.27
C LYS B 56 0.07 6.68 -5.27
N ILE B 57 -1.08 6.99 -5.80
CA ILE B 57 -2.17 6.02 -5.85
C ILE B 57 -2.91 6.11 -7.15
N SER B 58 -3.16 5.01 -7.87
CA SER B 58 -3.95 5.14 -9.07
C SER B 58 -5.34 5.48 -8.59
N PRO B 59 -5.72 6.76 -8.85
CA PRO B 59 -6.96 7.38 -8.40
C PRO B 59 -8.22 6.63 -8.77
N GLU B 60 -9.33 7.03 -8.17
CA GLU B 60 -10.62 6.45 -8.47
C GLU B 60 -10.96 6.74 -9.93
N GLY B 61 -11.60 5.79 -10.58
CA GLY B 61 -11.92 5.94 -11.98
C GLY B 61 -11.16 4.92 -12.81
N LYS B 62 -9.96 4.58 -12.36
CA LYS B 62 -9.17 3.56 -13.02
C LYS B 62 -9.83 2.22 -12.80
N ALA B 63 -9.58 1.28 -13.71
CA ALA B 63 -10.16 -0.05 -13.57
C ALA B 63 -9.40 -0.84 -12.52
N LYS B 64 -8.28 -0.27 -12.06
CA LYS B 64 -7.45 -0.90 -11.06
C LYS B 64 -6.96 0.12 -10.04
N ILE B 65 -7.60 0.14 -8.88
CA ILE B 65 -7.23 1.05 -7.79
C ILE B 65 -5.93 0.54 -7.19
N GLN B 66 -4.85 1.31 -7.28
CA GLN B 66 -3.56 0.82 -6.80
C GLN B 66 -2.72 1.87 -6.08
N LEU B 67 -1.66 1.41 -5.45
CA LEU B 67 -0.72 2.27 -4.75
C LEU B 67 0.66 2.19 -5.40
N GLN B 68 1.38 3.30 -5.42
CA GLN B 68 2.70 3.36 -6.00
C GLN B 68 3.69 3.92 -4.99
N LEU B 69 4.70 3.13 -4.65
CA LEU B 69 5.70 3.58 -3.70
C LEU B 69 6.92 4.14 -4.43
N VAL B 70 7.10 5.45 -4.35
CA VAL B 70 8.24 6.09 -4.99
C VAL B 70 9.38 6.18 -3.99
N LEU B 71 10.39 5.38 -4.21
CA LEU B 71 11.54 5.34 -3.33
C LEU B 71 12.41 6.57 -3.52
N HIS B 72 13.50 6.65 -2.77
CA HIS B 72 14.39 7.80 -2.80
C HIS B 72 15.07 8.00 -4.16
N ALA B 73 15.61 6.93 -4.73
CA ALA B 73 16.31 7.04 -6.02
C ALA B 73 15.35 7.32 -7.17
N GLY B 74 14.09 6.98 -6.96
CA GLY B 74 13.08 7.18 -7.99
C GLY B 74 12.47 5.86 -8.38
N ASP B 75 12.61 4.92 -7.47
CA ASP B 75 12.10 3.57 -7.62
C ASP B 75 10.61 3.57 -7.37
N THR B 76 9.89 2.63 -7.95
CA THR B 76 8.45 2.59 -7.75
C THR B 76 7.91 1.17 -7.64
N THR B 77 7.11 0.95 -6.61
CA THR B 77 6.48 -0.34 -6.41
C THR B 77 4.98 -0.19 -6.57
N ASN B 78 4.38 -0.99 -7.45
CA ASN B 78 2.94 -0.91 -7.72
C ASN B 78 2.17 -2.02 -7.04
N PHE B 79 1.21 -1.63 -6.21
CA PHE B 79 0.36 -2.58 -5.50
C PHE B 79 -1.09 -2.43 -5.92
N HIS B 80 -1.59 -3.43 -6.63
CA HIS B 80 -2.95 -3.42 -7.13
C HIS B 80 -3.91 -4.05 -6.13
N PHE B 81 -4.91 -3.29 -5.73
CA PHE B 81 -5.92 -3.78 -4.81
C PHE B 81 -7.00 -4.50 -5.60
N SER B 82 -6.84 -5.80 -5.77
CA SER B 82 -7.77 -6.60 -6.54
C SER B 82 -8.96 -7.09 -5.71
N ASN B 83 -9.05 -6.64 -4.47
CA ASN B 83 -10.17 -7.04 -3.62
C ASN B 83 -11.41 -6.23 -4.00
N GLU B 84 -12.29 -6.85 -4.76
CA GLU B 84 -13.51 -6.21 -5.24
C GLU B 84 -14.40 -5.71 -4.09
N SER B 85 -14.14 -6.21 -2.88
CA SER B 85 -14.93 -5.82 -1.73
C SER B 85 -14.63 -4.39 -1.27
N THR B 86 -13.39 -4.13 -0.87
CA THR B 86 -13.02 -2.81 -0.39
C THR B 86 -11.73 -2.27 -1.01
N ALA B 87 -11.49 -2.58 -2.28
CA ALA B 87 -10.28 -2.14 -2.98
C ALA B 87 -9.98 -0.66 -2.78
N VAL B 88 -11.01 0.16 -2.86
CA VAL B 88 -10.87 1.60 -2.72
C VAL B 88 -10.54 1.98 -1.27
N LYS B 89 -11.18 1.31 -0.33
CA LYS B 89 -11.00 1.63 1.08
C LYS B 89 -9.73 1.01 1.66
N GLU B 90 -9.36 -0.18 1.21
CA GLU B 90 -8.13 -0.79 1.70
C GLU B 90 -6.96 0.03 1.18
N ARG B 91 -7.12 0.58 -0.02
CA ARG B 91 -6.10 1.43 -0.61
C ARG B 91 -6.01 2.69 0.23
N ASP B 92 -7.17 3.17 0.66
CA ASP B 92 -7.26 4.36 1.49
C ASP B 92 -6.53 4.13 2.80
N ALA B 93 -6.76 2.96 3.38
CA ALA B 93 -6.12 2.59 4.63
C ALA B 93 -4.61 2.62 4.47
N VAL B 94 -4.11 2.01 3.41
CA VAL B 94 -2.67 1.97 3.14
C VAL B 94 -2.15 3.37 2.80
N LYS B 95 -2.90 4.08 1.97
CA LYS B 95 -2.52 5.42 1.54
C LYS B 95 -2.38 6.36 2.73
N ASP B 96 -3.44 6.45 3.52
CA ASP B 96 -3.48 7.32 4.69
C ASP B 96 -2.48 6.90 5.76
N LEU B 97 -2.35 5.61 5.96
CA LEU B 97 -1.44 5.10 6.98
C LEU B 97 0.01 5.26 6.51
N LEU B 98 0.20 5.28 5.20
CA LEU B 98 1.53 5.46 4.67
C LEU B 98 1.97 6.90 4.90
N GLN B 99 1.18 7.88 4.46
CA GLN B 99 1.51 9.29 4.73
C GLN B 99 1.75 9.48 6.23
N GLN B 100 1.15 8.60 7.01
CA GLN B 100 1.30 8.62 8.45
C GLN B 100 2.66 8.05 8.89
N LEU B 101 2.92 6.80 8.52
CA LEU B 101 4.15 6.10 8.93
C LEU B 101 5.38 6.46 8.10
N LEU B 102 5.21 6.70 6.81
CA LEU B 102 6.32 7.00 5.89
C LEU B 102 7.28 8.07 6.44
N PRO B 103 6.80 9.29 6.75
CA PRO B 103 7.68 10.35 7.25
C PRO B 103 7.99 10.22 8.74
N LYS B 104 7.37 9.25 9.41
CA LYS B 104 7.61 9.05 10.83
C LYS B 104 8.86 8.20 11.03
N PHE B 105 9.08 7.26 10.11
CA PHE B 105 10.24 6.38 10.17
C PHE B 105 11.29 6.85 9.19
N LYS B 106 11.16 8.10 8.78
CA LYS B 106 12.05 8.73 7.83
C LYS B 106 12.23 10.19 8.24
N ARG B 107 13.25 10.86 7.75
CA ARG B 107 13.45 12.25 8.11
C ARG B 107 13.47 13.15 6.89
N LYS B 108 12.59 14.13 6.92
CA LYS B 108 12.47 15.09 5.84
C LYS B 108 12.79 16.49 6.37
N ALA B 109 12.56 17.50 5.55
CA ALA B 109 12.78 18.87 5.97
C ALA B 109 11.66 19.32 6.89
N ASN B 110 11.90 19.16 8.19
CA ASN B 110 10.93 19.52 9.23
C ASN B 110 9.71 18.60 9.13
N ARG A 4 5.83 -18.97 -26.18
CA ARG A 4 5.55 -20.42 -26.13
C ARG A 4 4.17 -20.68 -25.58
N ARG A 5 3.92 -20.25 -24.35
CA ARG A 5 2.63 -20.43 -23.71
C ARG A 5 1.80 -19.17 -23.91
N ARG A 6 1.59 -18.81 -25.17
CA ARG A 6 0.84 -17.61 -25.55
C ARG A 6 1.63 -16.35 -25.21
N THR A 7 1.77 -16.08 -23.92
CA THR A 7 2.49 -14.91 -23.46
C THR A 7 3.49 -15.27 -22.36
N GLU A 8 4.71 -14.79 -22.51
CA GLU A 8 5.76 -15.06 -21.54
C GLU A 8 6.18 -13.77 -20.83
N ALA A 9 5.84 -13.69 -19.54
CA ALA A 9 6.16 -12.53 -18.72
C ALA A 9 5.91 -12.86 -17.26
N LEU A 10 5.66 -11.85 -16.44
CA LEU A 10 5.38 -12.07 -15.03
C LEU A 10 3.97 -12.63 -14.88
N GLY A 11 3.85 -13.94 -14.99
CA GLY A 11 2.56 -14.59 -14.90
C GLY A 11 1.89 -14.62 -16.26
N ASP A 12 1.76 -13.43 -16.85
CA ASP A 12 1.16 -13.27 -18.16
C ASP A 12 1.36 -11.83 -18.62
N ALA A 13 0.67 -11.43 -19.69
CA ALA A 13 0.80 -10.07 -20.21
C ALA A 13 -0.54 -9.53 -20.70
N GLU A 14 -1.62 -10.02 -20.11
CA GLU A 14 -2.95 -9.57 -20.48
C GLU A 14 -3.27 -8.24 -19.80
N GLU A 15 -3.97 -8.30 -18.68
CA GLU A 15 -4.32 -7.10 -17.94
C GLU A 15 -3.19 -6.73 -16.98
N ASP A 16 -2.10 -6.23 -17.55
CA ASP A 16 -0.92 -5.82 -16.78
C ASP A 16 -1.28 -4.72 -15.79
N GLU A 17 -0.51 -4.62 -14.72
CA GLU A 17 -0.74 -3.62 -13.68
C GLU A 17 -0.38 -2.23 -14.19
N ASP A 18 -1.36 -1.31 -14.12
CA ASP A 18 -1.16 0.06 -14.56
C ASP A 18 0.00 0.66 -13.78
N ASP A 19 1.04 1.10 -14.49
CA ASP A 19 2.21 1.68 -13.84
C ASP A 19 2.14 3.19 -13.86
N GLU A 20 1.14 3.72 -14.54
CA GLU A 20 0.98 5.16 -14.64
C GLU A 20 -0.33 5.59 -14.00
N ASP A 21 -0.56 6.90 -14.05
CA ASP A 21 -1.76 7.50 -13.50
C ASP A 21 -1.92 7.17 -12.03
N PHE A 22 -0.96 7.66 -11.24
CA PHE A 22 -0.99 7.51 -9.80
C PHE A 22 -0.88 8.90 -9.22
N VAL A 23 -1.82 9.21 -8.38
CA VAL A 23 -1.87 10.50 -7.76
C VAL A 23 -0.99 10.48 -6.55
N GLU A 24 0.00 11.35 -6.56
CA GLU A 24 0.97 11.38 -5.50
C GLU A 24 0.31 11.56 -4.14
N VAL A 25 0.63 10.64 -3.26
CA VAL A 25 0.13 10.65 -1.92
C VAL A 25 1.19 11.27 -1.00
N PRO A 26 0.90 12.48 -0.50
CA PRO A 26 1.81 13.22 0.38
C PRO A 26 1.89 12.63 1.78
N GLU A 27 2.78 13.17 2.59
CA GLU A 27 2.95 12.71 3.96
C GLU A 27 2.11 13.58 4.88
N LYS A 28 1.68 13.03 6.01
CA LYS A 28 0.87 13.80 6.94
C LYS A 28 1.53 13.94 8.30
N GLU A 29 2.07 12.83 8.81
CA GLU A 29 2.75 12.80 10.12
C GLU A 29 1.79 13.10 11.28
N GLY A 30 1.38 14.35 11.40
CA GLY A 30 0.49 14.76 12.47
C GLY A 30 -0.96 14.58 12.07
N TYR A 31 -1.37 13.34 11.89
CA TYR A 31 -2.73 13.01 11.51
C TYR A 31 -3.24 11.81 12.29
N GLU A 32 -2.65 10.64 12.02
CA GLU A 32 -3.00 9.38 12.68
C GLU A 32 -4.51 9.07 12.53
N PRO A 33 -4.86 8.17 11.60
CA PRO A 33 -6.25 7.80 11.33
C PRO A 33 -6.87 6.98 12.47
N HIS A 34 -7.39 7.67 13.47
CA HIS A 34 -8.00 7.03 14.62
C HIS A 34 -8.81 8.02 15.43
N ILE A 35 -9.38 7.51 16.51
CA ILE A 35 -10.16 8.31 17.42
C ILE A 35 -9.86 7.87 18.86
N PRO A 36 -9.97 6.56 19.19
CA PRO A 36 -9.67 6.07 20.52
C PRO A 36 -8.21 5.65 20.60
N ASP A 37 -7.31 6.60 20.43
CA ASP A 37 -5.89 6.32 20.45
C ASP A 37 -5.43 5.91 21.85
N HIS A 38 -5.01 4.66 21.95
CA HIS A 38 -4.53 4.10 23.21
C HIS A 38 -3.53 2.99 22.93
N LEU A 39 -3.02 2.98 21.69
CA LEU A 39 -2.06 1.97 21.27
C LEU A 39 -0.80 2.60 20.72
N ARG A 40 -0.46 3.77 21.25
CA ARG A 40 0.73 4.50 20.82
C ARG A 40 1.99 3.71 21.17
N PRO A 41 2.80 3.36 20.16
CA PRO A 41 4.03 2.61 20.36
C PRO A 41 5.22 3.48 20.71
N GLU A 42 4.95 4.74 20.96
CA GLU A 42 5.98 5.71 21.32
C GLU A 42 6.14 5.76 22.83
N TYR A 43 6.63 4.66 23.39
CA TYR A 43 6.84 4.56 24.83
C TYR A 43 8.17 5.19 25.23
N GLY A 44 8.24 5.66 26.47
CA GLY A 44 9.45 6.29 26.95
C GLY A 44 9.18 7.68 27.50
N LEU A 45 7.92 8.07 27.48
CA LEU A 45 7.51 9.38 27.96
C LEU A 45 6.84 9.26 29.32
N GLU A 46 6.50 8.03 29.68
CA GLU A 46 5.86 7.74 30.96
C GLU A 46 6.85 7.86 32.11
N ALA A 47 8.13 7.93 31.77
CA ALA A 47 9.21 8.05 32.75
C ALA A 47 9.27 6.83 33.66
N ALA A 48 9.29 5.66 33.05
CA ALA A 48 9.35 4.40 33.77
C ALA A 48 10.13 3.39 32.95
N MET B 3 10.40 -7.90 5.99
CA MET B 3 11.59 -8.74 5.71
C MET B 3 11.25 -9.80 4.66
N ALA B 4 12.18 -10.70 4.36
CA ALA B 4 11.92 -11.78 3.41
C ALA B 4 10.87 -12.69 4.01
N THR B 5 11.09 -13.04 5.26
CA THR B 5 10.16 -13.84 6.02
C THR B 5 9.60 -12.95 7.13
N SER B 6 8.93 -11.89 6.68
CA SER B 6 8.36 -10.87 7.57
C SER B 6 7.65 -11.44 8.78
N SER B 7 8.00 -10.89 9.92
CA SER B 7 7.43 -11.26 11.20
C SER B 7 7.30 -10.00 12.05
N GLU B 8 7.44 -8.85 11.39
CA GLU B 8 7.35 -7.57 12.04
C GLU B 8 5.90 -7.25 12.36
N GLU B 9 5.67 -6.43 13.37
CA GLU B 9 4.32 -6.05 13.78
C GLU B 9 3.49 -5.58 12.59
N VAL B 10 2.51 -6.38 12.22
CA VAL B 10 1.64 -6.05 11.10
C VAL B 10 0.55 -5.09 11.57
N LEU B 11 0.74 -3.82 11.27
CA LEU B 11 -0.19 -2.78 11.66
C LEU B 11 -1.39 -2.74 10.73
N LEU B 12 -1.18 -3.09 9.46
CA LEU B 12 -2.27 -3.07 8.49
C LEU B 12 -2.26 -4.32 7.62
N ILE B 13 -3.42 -4.94 7.48
CA ILE B 13 -3.55 -6.15 6.67
C ILE B 13 -4.48 -5.91 5.49
N VAL B 14 -3.91 -6.00 4.29
CA VAL B 14 -4.64 -5.82 3.05
C VAL B 14 -4.70 -7.15 2.31
N LYS B 15 -5.83 -7.46 1.70
CA LYS B 15 -5.97 -8.73 1.00
C LYS B 15 -6.20 -8.56 -0.49
N LYS B 16 -6.01 -9.67 -1.22
CA LYS B 16 -6.18 -9.72 -2.67
C LYS B 16 -5.47 -8.55 -3.36
N VAL B 17 -4.16 -8.53 -3.23
CA VAL B 17 -3.34 -7.49 -3.85
C VAL B 17 -2.40 -8.13 -4.87
N ARG B 18 -2.32 -7.55 -6.04
CA ARG B 18 -1.48 -8.10 -7.08
C ARG B 18 -0.34 -7.17 -7.45
N GLN B 19 0.85 -7.73 -7.53
CA GLN B 19 2.03 -7.00 -7.92
C GLN B 19 2.45 -7.51 -9.28
N LYS B 20 2.16 -6.74 -10.32
CA LYS B 20 2.47 -7.11 -11.70
C LYS B 20 1.96 -8.53 -12.02
N LYS B 21 0.64 -8.68 -11.98
CA LYS B 21 -0.05 -9.93 -12.27
C LYS B 21 0.29 -11.06 -11.29
N GLN B 22 0.94 -10.73 -10.19
CA GLN B 22 1.28 -11.73 -9.18
C GLN B 22 0.32 -11.62 -8.00
N ASP B 23 -0.28 -12.74 -7.63
CA ASP B 23 -1.23 -12.79 -6.51
C ASP B 23 -0.53 -12.59 -5.18
N GLY B 24 -1.18 -11.90 -4.25
CA GLY B 24 -0.59 -11.70 -2.94
C GLY B 24 -1.45 -10.86 -2.03
N ALA B 25 -0.85 -10.46 -0.91
CA ALA B 25 -1.50 -9.64 0.08
C ALA B 25 -0.51 -8.63 0.62
N LEU B 26 -0.98 -7.44 0.94
CA LEU B 26 -0.12 -6.39 1.44
C LEU B 26 -0.26 -6.25 2.95
N TYR B 27 0.87 -6.24 3.64
CA TYR B 27 0.88 -6.12 5.08
C TYR B 27 1.77 -4.97 5.52
N LEU B 28 1.17 -3.93 6.09
CA LEU B 28 1.92 -2.79 6.59
C LEU B 28 2.52 -3.18 7.93
N MET B 29 3.81 -3.03 8.07
CA MET B 29 4.48 -3.41 9.29
C MET B 29 4.95 -2.18 10.05
N ALA B 30 5.45 -2.40 11.26
CA ALA B 30 5.88 -1.32 12.16
C ALA B 30 6.71 -0.24 11.46
N GLU B 31 7.77 -0.61 10.76
CA GLU B 31 8.59 0.37 10.07
C GLU B 31 8.82 -0.03 8.61
N ARG B 32 7.96 -0.88 8.07
CA ARG B 32 8.15 -1.31 6.69
C ARG B 32 6.86 -1.81 6.08
N ILE B 33 6.83 -1.84 4.75
CA ILE B 33 5.66 -2.31 4.02
C ILE B 33 6.08 -3.53 3.22
N ALA B 34 5.39 -4.64 3.41
CA ALA B 34 5.73 -5.86 2.72
C ALA B 34 4.54 -6.48 2.03
N TRP B 35 4.81 -7.22 0.97
CA TRP B 35 3.79 -7.89 0.19
C TRP B 35 4.18 -9.34 0.00
N ALA B 36 3.27 -10.24 0.34
CA ALA B 36 3.52 -11.66 0.22
C ALA B 36 2.41 -12.32 -0.59
N PRO B 37 2.77 -13.13 -1.58
CA PRO B 37 1.81 -13.84 -2.41
C PRO B 37 0.84 -14.67 -1.56
N GLU B 38 -0.43 -14.66 -1.94
CA GLU B 38 -1.47 -15.36 -1.18
C GLU B 38 -1.21 -16.87 -1.17
N GLY B 39 -1.25 -17.45 0.02
CA GLY B 39 -1.01 -18.87 0.17
C GLY B 39 0.46 -19.21 0.23
N LYS B 40 1.30 -18.18 0.22
CA LYS B 40 2.74 -18.35 0.28
C LYS B 40 3.26 -17.80 1.60
N ASP B 41 4.29 -18.44 2.15
CA ASP B 41 4.86 -18.04 3.43
C ASP B 41 6.09 -17.14 3.27
N ARG B 42 6.26 -16.57 2.09
CA ARG B 42 7.42 -15.72 1.84
C ARG B 42 7.02 -14.39 1.21
N PHE B 43 7.64 -13.32 1.66
CA PHE B 43 7.37 -11.99 1.16
C PHE B 43 8.38 -11.65 0.07
N THR B 44 7.90 -11.35 -1.12
CA THR B 44 8.78 -11.02 -2.23
C THR B 44 9.06 -9.51 -2.26
N ILE B 45 8.23 -8.75 -1.57
CA ILE B 45 8.39 -7.30 -1.52
C ILE B 45 8.49 -6.84 -0.06
N SER B 46 9.55 -6.13 0.27
CA SER B 46 9.74 -5.61 1.62
C SER B 46 10.50 -4.28 1.56
N HIS B 47 9.76 -3.19 1.71
CA HIS B 47 10.37 -1.86 1.67
C HIS B 47 10.19 -1.16 3.01
N MET B 48 11.24 -0.53 3.48
CA MET B 48 11.18 0.19 4.73
C MET B 48 10.62 1.57 4.44
N TYR B 49 9.81 2.09 5.35
CA TYR B 49 9.22 3.41 5.16
C TYR B 49 10.31 4.47 5.06
N ALA B 50 11.46 4.18 5.65
CA ALA B 50 12.59 5.09 5.64
C ALA B 50 13.25 5.18 4.27
N ASP B 51 13.00 4.20 3.41
CA ASP B 51 13.59 4.19 2.07
C ASP B 51 12.63 4.82 1.05
N ILE B 52 11.40 5.03 1.48
CA ILE B 52 10.38 5.58 0.60
C ILE B 52 10.35 7.11 0.67
N LYS B 53 10.43 7.75 -0.48
CA LYS B 53 10.41 9.21 -0.56
C LYS B 53 8.98 9.72 -0.42
N CYS B 54 8.10 9.20 -1.26
CA CYS B 54 6.69 9.56 -1.26
C CYS B 54 5.90 8.42 -1.85
N GLN B 55 4.58 8.53 -1.91
CA GLN B 55 3.79 7.47 -2.44
C GLN B 55 2.80 8.07 -3.43
N LYS B 56 2.16 7.25 -4.22
CA LYS B 56 1.15 7.70 -5.16
C LYS B 56 0.09 6.64 -5.23
N ILE B 57 -1.05 6.98 -5.78
CA ILE B 57 -2.13 6.00 -5.89
C ILE B 57 -2.82 6.11 -7.23
N SER B 58 -3.04 5.02 -7.95
CA SER B 58 -3.75 5.15 -9.20
C SER B 58 -5.16 5.53 -8.80
N PRO B 59 -5.50 6.82 -9.11
CA PRO B 59 -6.76 7.47 -8.74
C PRO B 59 -8.01 6.75 -9.21
N GLU B 60 -9.14 7.19 -8.69
CA GLU B 60 -10.42 6.65 -9.07
C GLU B 60 -10.61 6.90 -10.57
N GLY B 61 -11.25 5.97 -11.24
CA GLY B 61 -11.44 6.09 -12.67
C GLY B 61 -10.67 5.03 -13.41
N LYS B 62 -9.52 4.64 -12.86
CA LYS B 62 -8.74 3.56 -13.44
C LYS B 62 -9.47 2.27 -13.18
N ALA B 63 -9.26 1.26 -14.01
CA ALA B 63 -9.92 -0.02 -13.83
C ALA B 63 -9.30 -0.80 -12.68
N LYS B 64 -8.29 -0.21 -12.06
CA LYS B 64 -7.60 -0.84 -10.95
C LYS B 64 -7.03 0.22 -10.01
N ILE B 65 -7.64 0.33 -8.82
CA ILE B 65 -7.20 1.26 -7.80
C ILE B 65 -5.92 0.70 -7.19
N GLN B 66 -4.82 1.42 -7.32
CA GLN B 66 -3.53 0.88 -6.84
C GLN B 66 -2.69 1.92 -6.09
N LEU B 67 -1.63 1.43 -5.46
CA LEU B 67 -0.69 2.29 -4.74
C LEU B 67 0.69 2.17 -5.38
N GLN B 68 1.44 3.26 -5.37
CA GLN B 68 2.77 3.30 -5.93
C GLN B 68 3.75 3.88 -4.93
N LEU B 69 4.77 3.11 -4.58
CA LEU B 69 5.78 3.57 -3.64
C LEU B 69 6.98 4.13 -4.36
N VAL B 70 7.17 5.44 -4.25
CA VAL B 70 8.32 6.07 -4.88
C VAL B 70 9.45 6.19 -3.89
N LEU B 71 10.47 5.39 -4.08
CA LEU B 71 11.61 5.37 -3.18
C LEU B 71 12.46 6.63 -3.36
N HIS B 72 13.51 6.75 -2.56
CA HIS B 72 14.39 7.92 -2.60
C HIS B 72 15.10 8.12 -3.93
N ALA B 73 15.70 7.08 -4.48
CA ALA B 73 16.43 7.19 -5.74
C ALA B 73 15.51 7.44 -6.93
N GLY B 74 14.25 7.05 -6.78
CA GLY B 74 13.29 7.21 -7.84
C GLY B 74 12.75 5.86 -8.25
N ASP B 75 12.74 4.98 -7.28
CA ASP B 75 12.28 3.61 -7.44
C ASP B 75 10.78 3.58 -7.22
N THR B 76 10.10 2.58 -7.75
CA THR B 76 8.66 2.53 -7.58
C THR B 76 8.15 1.09 -7.46
N THR B 77 7.24 0.89 -6.52
CA THR B 77 6.62 -0.40 -6.30
C THR B 77 5.11 -0.27 -6.43
N ASN B 78 4.52 -1.01 -7.36
CA ASN B 78 3.08 -0.95 -7.58
C ASN B 78 2.34 -2.04 -6.82
N PHE B 79 1.22 -1.66 -6.23
CA PHE B 79 0.38 -2.59 -5.49
C PHE B 79 -1.07 -2.45 -5.93
N HIS B 80 -1.53 -3.43 -6.71
CA HIS B 80 -2.89 -3.43 -7.23
C HIS B 80 -3.85 -4.05 -6.24
N PHE B 81 -4.81 -3.26 -5.78
CA PHE B 81 -5.82 -3.74 -4.85
C PHE B 81 -6.90 -4.47 -5.64
N SER B 82 -6.60 -5.71 -6.01
CA SER B 82 -7.52 -6.53 -6.79
C SER B 82 -8.67 -7.09 -5.94
N ASN B 83 -8.99 -6.42 -4.85
CA ASN B 83 -10.08 -6.85 -3.99
C ASN B 83 -11.27 -5.94 -4.19
N GLU B 84 -12.15 -6.31 -5.11
CA GLU B 84 -13.35 -5.55 -5.43
C GLU B 84 -14.10 -5.10 -4.17
N SER B 85 -14.19 -6.01 -3.22
CA SER B 85 -14.88 -5.76 -1.97
C SER B 85 -14.42 -4.47 -1.28
N THR B 86 -13.12 -4.33 -1.03
CA THR B 86 -12.62 -3.15 -0.34
C THR B 86 -11.40 -2.54 -1.03
N ALA B 87 -11.34 -2.60 -2.35
CA ALA B 87 -10.19 -2.06 -3.11
C ALA B 87 -9.91 -0.61 -2.74
N VAL B 88 -10.88 0.26 -3.01
CA VAL B 88 -10.75 1.68 -2.71
C VAL B 88 -10.53 1.90 -1.21
N LYS B 89 -11.22 1.10 -0.41
CA LYS B 89 -11.14 1.19 1.05
C LYS B 89 -9.74 0.85 1.56
N GLU B 90 -9.24 -0.32 1.17
CA GLU B 90 -7.91 -0.75 1.59
C GLU B 90 -6.85 0.18 1.01
N ARG B 91 -7.15 0.74 -0.15
CA ARG B 91 -6.24 1.68 -0.81
C ARG B 91 -5.98 2.86 0.11
N ASP B 92 -7.06 3.47 0.58
CA ASP B 92 -6.99 4.62 1.46
C ASP B 92 -6.37 4.25 2.80
N ALA B 93 -6.61 3.02 3.26
CA ALA B 93 -6.07 2.56 4.52
C ALA B 93 -4.54 2.54 4.48
N VAL B 94 -4.00 2.02 3.38
CA VAL B 94 -2.55 1.95 3.20
C VAL B 94 -2.02 3.34 2.91
N LYS B 95 -2.79 4.08 2.15
CA LYS B 95 -2.45 5.42 1.74
C LYS B 95 -2.31 6.36 2.94
N ASP B 96 -3.36 6.41 3.76
CA ASP B 96 -3.37 7.27 4.93
C ASP B 96 -2.36 6.83 5.97
N LEU B 97 -2.20 5.52 6.12
CA LEU B 97 -1.26 4.99 7.09
C LEU B 97 0.17 5.22 6.60
N LEU B 98 0.33 5.31 5.29
CA LEU B 98 1.63 5.58 4.73
C LEU B 98 2.02 7.02 5.02
N GLN B 99 1.17 7.99 4.63
CA GLN B 99 1.43 9.40 4.95
C GLN B 99 1.63 9.55 6.46
N GLN B 100 1.19 8.57 7.21
CA GLN B 100 1.34 8.55 8.66
C GLN B 100 2.72 8.04 9.08
N LEU B 101 3.06 6.85 8.63
CA LEU B 101 4.34 6.21 9.01
C LEU B 101 5.53 6.67 8.17
N LEU B 102 5.32 6.90 6.88
CA LEU B 102 6.38 7.29 5.95
C LEU B 102 7.26 8.45 6.48
N PRO B 103 6.68 9.59 6.89
CA PRO B 103 7.46 10.72 7.38
C PRO B 103 8.13 10.49 8.73
N LYS B 104 7.58 9.60 9.54
CA LYS B 104 8.13 9.33 10.87
C LYS B 104 9.53 8.74 10.78
N PHE B 105 9.62 7.65 10.03
CA PHE B 105 10.87 6.93 9.86
C PHE B 105 11.79 7.68 8.90
N LYS B 106 11.18 8.46 8.02
CA LYS B 106 11.94 9.26 7.07
C LYS B 106 12.61 10.39 7.85
N ARG B 107 13.92 10.50 7.74
CA ARG B 107 14.64 11.53 8.46
C ARG B 107 14.44 12.89 7.82
N LYS B 108 13.46 13.60 8.36
CA LYS B 108 13.11 14.94 7.89
C LYS B 108 13.49 15.95 8.96
N ALA B 109 12.81 17.10 8.97
CA ALA B 109 13.08 18.12 9.96
C ALA B 109 12.32 17.83 11.25
N ASN B 110 12.14 16.53 11.52
CA ASN B 110 11.42 16.05 12.70
C ASN B 110 11.57 14.54 12.78
N ARG A 4 -6.56 -14.47 -6.28
CA ARG A 4 -6.78 -15.15 -7.59
C ARG A 4 -8.20 -14.91 -8.06
N ARG A 5 -8.33 -14.29 -9.23
CA ARG A 5 -9.62 -13.98 -9.81
C ARG A 5 -10.23 -15.19 -10.53
N ARG A 6 -10.12 -16.35 -9.88
CA ARG A 6 -10.64 -17.63 -10.40
C ARG A 6 -9.78 -18.19 -11.54
N THR A 7 -9.25 -17.30 -12.38
CA THR A 7 -8.42 -17.68 -13.51
C THR A 7 -7.39 -18.75 -13.14
N GLU A 8 -7.50 -19.89 -13.81
CA GLU A 8 -6.64 -21.04 -13.59
C GLU A 8 -5.31 -20.89 -14.34
N ALA A 9 -5.38 -20.84 -15.66
CA ALA A 9 -4.20 -20.72 -16.51
C ALA A 9 -3.47 -19.42 -16.26
N LEU A 10 -4.08 -18.32 -16.68
CA LEU A 10 -3.49 -17.02 -16.51
C LEU A 10 -3.20 -16.81 -15.04
N GLY A 11 -2.12 -16.11 -14.76
CA GLY A 11 -1.72 -15.88 -13.39
C GLY A 11 -2.81 -15.24 -12.54
N ASP A 12 -3.73 -14.54 -13.19
CA ASP A 12 -4.85 -13.90 -12.52
C ASP A 12 -5.71 -13.19 -13.53
N ALA A 13 -5.03 -12.51 -14.39
CA ALA A 13 -5.59 -11.74 -15.47
C ALA A 13 -4.46 -11.19 -16.31
N GLU A 14 -4.64 -11.09 -17.61
CA GLU A 14 -3.58 -10.62 -18.47
C GLU A 14 -3.77 -9.17 -18.91
N GLU A 15 -4.25 -8.33 -18.00
CA GLU A 15 -4.43 -6.92 -18.29
C GLU A 15 -3.27 -6.14 -17.73
N ASP A 16 -2.56 -6.83 -16.86
CA ASP A 16 -1.37 -6.33 -16.17
C ASP A 16 -1.67 -5.15 -15.25
N GLU A 17 -0.72 -4.82 -14.40
CA GLU A 17 -0.86 -3.73 -13.47
C GLU A 17 -0.50 -2.42 -14.13
N ASP A 18 -1.39 -1.43 -14.05
CA ASP A 18 -1.12 -0.14 -14.63
C ASP A 18 0.03 0.48 -13.87
N ASP A 19 1.06 0.90 -14.59
CA ASP A 19 2.23 1.48 -13.95
C ASP A 19 2.23 2.99 -14.08
N GLU A 20 1.15 3.52 -14.62
CA GLU A 20 1.02 4.95 -14.81
C GLU A 20 -0.29 5.45 -14.21
N ASP A 21 -0.41 6.77 -14.05
CA ASP A 21 -1.58 7.40 -13.51
C ASP A 21 -1.79 7.05 -12.06
N PHE A 22 -0.84 7.52 -11.24
CA PHE A 22 -0.89 7.37 -9.79
C PHE A 22 -0.70 8.75 -9.21
N VAL A 23 -1.62 9.12 -8.37
CA VAL A 23 -1.60 10.40 -7.75
C VAL A 23 -0.74 10.35 -6.52
N GLU A 24 0.29 11.18 -6.54
CA GLU A 24 1.26 11.20 -5.48
C GLU A 24 0.61 11.49 -4.14
N VAL A 25 0.68 10.51 -3.27
CA VAL A 25 0.15 10.58 -1.95
C VAL A 25 1.21 11.18 -1.03
N PRO A 26 0.96 12.41 -0.55
CA PRO A 26 1.88 13.14 0.33
C PRO A 26 1.95 12.58 1.74
N GLU A 27 2.86 13.11 2.53
CA GLU A 27 3.04 12.69 3.90
C GLU A 27 2.18 13.55 4.83
N LYS A 28 1.75 12.99 5.94
CA LYS A 28 0.92 13.72 6.89
C LYS A 28 1.59 13.81 8.25
N GLU A 29 2.14 12.69 8.72
CA GLU A 29 2.86 12.61 10.00
C GLU A 29 1.92 12.78 11.21
N GLY A 30 1.42 13.99 11.39
CA GLY A 30 0.56 14.27 12.53
C GLY A 30 -0.89 14.39 12.15
N TYR A 31 -1.51 13.25 11.84
CA TYR A 31 -2.92 13.22 11.47
C TYR A 31 -3.57 11.94 11.99
N GLU A 32 -4.73 12.09 12.62
CA GLU A 32 -5.47 10.95 13.15
C GLU A 32 -6.21 10.25 12.02
N PRO A 33 -6.38 8.92 12.11
CA PRO A 33 -7.09 8.13 11.08
C PRO A 33 -8.60 8.40 11.04
N HIS A 34 -8.95 9.68 10.97
CA HIS A 34 -10.34 10.15 10.91
C HIS A 34 -10.34 11.66 10.79
N ILE A 35 -11.43 12.29 11.17
CA ILE A 35 -11.53 13.72 11.07
C ILE A 35 -10.86 14.37 12.28
N PRO A 36 -10.17 15.51 12.07
CA PRO A 36 -9.49 16.25 13.14
C PRO A 36 -10.34 16.43 14.38
N ASP A 37 -9.95 15.74 15.44
CA ASP A 37 -10.65 15.80 16.71
C ASP A 37 -9.63 15.73 17.84
N HIS A 38 -8.89 14.63 17.86
CA HIS A 38 -7.83 14.34 18.84
C HIS A 38 -8.19 14.73 20.28
N LEU A 39 -9.48 14.68 20.62
CA LEU A 39 -9.93 15.01 21.97
C LEU A 39 -11.11 14.14 22.37
N ARG A 40 -11.21 12.99 21.74
CA ARG A 40 -12.31 12.08 22.02
C ARG A 40 -11.81 10.69 22.42
N PRO A 41 -12.44 10.09 23.44
CA PRO A 41 -12.11 8.75 23.90
C PRO A 41 -12.87 7.71 23.10
N GLU A 42 -13.63 8.23 22.14
CA GLU A 42 -14.45 7.45 21.23
C GLU A 42 -15.69 6.92 21.92
N TYR A 43 -16.67 6.53 21.12
CA TYR A 43 -17.93 6.04 21.65
C TYR A 43 -17.78 4.65 22.26
N GLY A 44 -16.59 4.08 22.12
CA GLY A 44 -16.33 2.78 22.69
C GLY A 44 -15.89 2.87 24.14
N LEU A 45 -15.70 4.09 24.60
CA LEU A 45 -15.28 4.34 25.98
C LEU A 45 -16.11 5.45 26.62
N GLU A 46 -16.50 6.42 25.80
CA GLU A 46 -17.30 7.55 26.27
C GLU A 46 -18.52 7.75 25.38
N ALA A 47 -19.24 8.84 25.61
CA ALA A 47 -20.43 9.14 24.84
C ALA A 47 -20.22 10.39 23.97
N ALA A 48 -18.97 10.81 23.88
CA ALA A 48 -18.62 11.99 23.09
C ALA A 48 -18.29 11.60 21.66
N MET B 3 5.66 -15.28 10.79
CA MET B 3 5.92 -16.25 9.70
C MET B 3 7.30 -16.84 9.86
N ALA B 4 7.71 -17.71 8.94
CA ALA B 4 9.02 -18.32 8.99
C ALA B 4 10.02 -17.46 8.21
N THR B 5 9.81 -16.16 8.32
CA THR B 5 10.64 -15.17 7.65
C THR B 5 10.85 -14.00 8.59
N SER B 6 11.51 -12.95 8.11
CA SER B 6 11.75 -11.76 8.92
C SER B 6 10.43 -11.02 9.15
N SER B 7 9.67 -11.50 10.11
CA SER B 7 8.37 -10.93 10.43
C SER B 7 8.53 -9.62 11.21
N GLU B 8 7.48 -8.81 11.19
CA GLU B 8 7.47 -7.54 11.86
C GLU B 8 6.04 -7.24 12.30
N GLU B 9 5.87 -6.29 13.20
CA GLU B 9 4.55 -5.91 13.68
C GLU B 9 3.68 -5.47 12.51
N VAL B 10 2.70 -6.29 12.18
CA VAL B 10 1.80 -5.98 11.07
C VAL B 10 0.72 -5.01 11.55
N LEU B 11 0.86 -3.76 11.17
CA LEU B 11 -0.08 -2.72 11.57
C LEU B 11 -1.29 -2.70 10.65
N LEU B 12 -1.09 -3.07 9.39
CA LEU B 12 -2.20 -3.06 8.43
C LEU B 12 -2.18 -4.31 7.57
N ILE B 13 -3.33 -4.95 7.44
CA ILE B 13 -3.46 -6.16 6.64
C ILE B 13 -4.39 -5.92 5.45
N VAL B 14 -3.82 -5.96 4.26
CA VAL B 14 -4.57 -5.76 3.03
C VAL B 14 -4.65 -7.08 2.29
N LYS B 15 -5.79 -7.38 1.69
CA LYS B 15 -5.95 -8.64 1.00
C LYS B 15 -6.16 -8.44 -0.50
N LYS B 16 -5.92 -9.52 -1.25
CA LYS B 16 -6.06 -9.53 -2.70
C LYS B 16 -5.34 -8.35 -3.34
N VAL B 17 -4.03 -8.32 -3.20
CA VAL B 17 -3.21 -7.26 -3.76
C VAL B 17 -2.25 -7.86 -4.79
N ARG B 18 -2.28 -7.33 -5.99
CA ARG B 18 -1.41 -7.83 -7.05
C ARG B 18 -0.23 -6.91 -7.32
N GLN B 19 0.93 -7.51 -7.42
CA GLN B 19 2.15 -6.78 -7.71
C GLN B 19 2.72 -7.29 -9.02
N LYS B 20 2.52 -6.51 -10.09
CA LYS B 20 2.99 -6.88 -11.42
C LYS B 20 2.59 -8.30 -11.82
N LYS B 21 1.27 -8.50 -11.98
CA LYS B 21 0.70 -9.79 -12.39
C LYS B 21 0.90 -10.89 -11.35
N GLN B 22 1.17 -10.51 -10.11
CA GLN B 22 1.37 -11.49 -9.04
C GLN B 22 0.31 -11.28 -7.96
N ASP B 23 -0.51 -12.29 -7.75
CA ASP B 23 -1.57 -12.23 -6.75
C ASP B 23 -1.03 -12.49 -5.35
N GLY B 24 -1.35 -11.60 -4.42
CA GLY B 24 -0.89 -11.75 -3.06
C GLY B 24 -1.63 -10.85 -2.09
N ALA B 25 -0.94 -10.47 -1.02
CA ALA B 25 -1.52 -9.61 -0.01
C ALA B 25 -0.48 -8.62 0.49
N LEU B 26 -0.94 -7.43 0.85
CA LEU B 26 -0.06 -6.39 1.33
C LEU B 26 -0.17 -6.26 2.84
N TYR B 27 0.96 -6.20 3.51
CA TYR B 27 0.97 -6.07 4.96
C TYR B 27 1.86 -4.91 5.39
N LEU B 28 1.23 -3.88 5.97
CA LEU B 28 1.97 -2.73 6.46
C LEU B 28 2.61 -3.13 7.77
N MET B 29 3.89 -2.87 7.92
CA MET B 29 4.58 -3.26 9.12
C MET B 29 5.08 -2.04 9.88
N ALA B 30 5.54 -2.28 11.10
CA ALA B 30 6.01 -1.25 12.02
C ALA B 30 6.92 -0.21 11.35
N GLU B 31 7.97 -0.64 10.69
CA GLU B 31 8.88 0.29 10.05
C GLU B 31 9.03 0.03 8.56
N ARG B 32 8.13 -0.77 8.00
CA ARG B 32 8.23 -1.08 6.57
C ARG B 32 6.92 -1.56 5.99
N ILE B 33 6.91 -1.71 4.69
CA ILE B 33 5.75 -2.21 3.98
C ILE B 33 6.17 -3.43 3.16
N ALA B 34 5.50 -4.55 3.38
CA ALA B 34 5.85 -5.76 2.68
C ALA B 34 4.65 -6.37 1.96
N TRP B 35 4.94 -7.13 0.93
CA TRP B 35 3.93 -7.80 0.14
C TRP B 35 4.34 -9.26 -0.09
N ALA B 36 3.39 -10.16 0.02
CA ALA B 36 3.66 -11.58 -0.16
C ALA B 36 2.51 -12.23 -0.92
N PRO B 37 2.83 -13.17 -1.82
CA PRO B 37 1.81 -13.89 -2.60
C PRO B 37 0.82 -14.60 -1.67
N GLU B 38 -0.45 -14.61 -2.05
CA GLU B 38 -1.50 -15.21 -1.24
C GLU B 38 -1.21 -16.66 -0.91
N GLY B 39 -1.41 -17.01 0.35
CA GLY B 39 -1.18 -18.36 0.81
C GLY B 39 0.27 -18.66 1.12
N LYS B 40 1.15 -17.68 0.89
CA LYS B 40 2.57 -17.87 1.15
C LYS B 40 3.03 -16.96 2.28
N ASP B 41 4.02 -17.42 3.05
CA ASP B 41 4.56 -16.64 4.16
C ASP B 41 5.91 -16.04 3.76
N ARG B 42 6.15 -16.02 2.45
CA ARG B 42 7.40 -15.49 1.93
C ARG B 42 7.15 -14.13 1.30
N PHE B 43 7.69 -13.09 1.90
CA PHE B 43 7.53 -11.74 1.39
C PHE B 43 8.56 -11.48 0.30
N THR B 44 8.08 -11.16 -0.89
CA THR B 44 8.97 -10.88 -2.01
C THR B 44 9.27 -9.40 -2.10
N ILE B 45 8.35 -8.59 -1.57
CA ILE B 45 8.51 -7.15 -1.58
C ILE B 45 8.58 -6.63 -0.14
N SER B 46 9.64 -5.89 0.16
CA SER B 46 9.82 -5.34 1.50
C SER B 46 10.55 -4.00 1.41
N HIS B 47 9.79 -2.92 1.57
CA HIS B 47 10.37 -1.58 1.50
C HIS B 47 10.23 -0.88 2.84
N MET B 48 11.34 -0.37 3.35
CA MET B 48 11.32 0.34 4.62
C MET B 48 10.79 1.74 4.38
N TYR B 49 10.04 2.26 5.33
CA TYR B 49 9.50 3.61 5.21
C TYR B 49 10.62 4.63 5.05
N ALA B 50 11.78 4.30 5.60
CA ALA B 50 12.96 5.16 5.54
C ALA B 50 13.61 5.18 4.16
N ASP B 51 13.15 4.31 3.27
CA ASP B 51 13.71 4.25 1.91
C ASP B 51 12.71 4.71 0.88
N ILE B 52 11.54 5.12 1.34
CA ILE B 52 10.49 5.57 0.43
C ILE B 52 10.38 7.10 0.47
N LYS B 53 10.43 7.73 -0.71
CA LYS B 53 10.32 9.19 -0.81
C LYS B 53 8.88 9.63 -0.53
N CYS B 54 7.97 8.95 -1.17
CA CYS B 54 6.54 9.23 -1.04
C CYS B 54 5.76 8.10 -1.66
N GLN B 55 4.46 8.21 -1.67
CA GLN B 55 3.63 7.17 -2.22
C GLN B 55 2.74 7.80 -3.26
N LYS B 56 2.11 6.99 -4.07
CA LYS B 56 1.18 7.46 -5.09
C LYS B 56 0.07 6.47 -5.16
N ILE B 57 -1.03 6.85 -5.75
CA ILE B 57 -2.15 5.95 -5.87
C ILE B 57 -2.81 6.07 -7.21
N SER B 58 -3.05 4.98 -7.91
CA SER B 58 -3.75 5.10 -9.18
C SER B 58 -5.13 5.56 -8.78
N PRO B 59 -5.42 6.84 -9.10
CA PRO B 59 -6.63 7.56 -8.73
C PRO B 59 -7.93 6.90 -9.16
N GLU B 60 -9.02 7.36 -8.57
CA GLU B 60 -10.34 6.87 -8.91
C GLU B 60 -10.61 7.17 -10.38
N GLY B 61 -11.27 6.25 -11.05
CA GLY B 61 -11.53 6.40 -12.46
C GLY B 61 -10.79 5.35 -13.25
N LYS B 62 -9.63 4.96 -12.73
CA LYS B 62 -8.85 3.90 -13.36
C LYS B 62 -9.62 2.59 -13.20
N ALA B 63 -9.39 1.64 -14.09
CA ALA B 63 -10.09 0.36 -14.03
C ALA B 63 -9.55 -0.50 -12.88
N LYS B 64 -8.56 0.04 -12.16
CA LYS B 64 -7.96 -0.64 -11.05
C LYS B 64 -7.32 0.37 -10.11
N ILE B 65 -7.77 0.36 -8.86
CA ILE B 65 -7.25 1.26 -7.83
C ILE B 65 -5.97 0.68 -7.26
N GLN B 66 -4.86 1.42 -7.37
CA GLN B 66 -3.57 0.88 -6.91
C GLN B 66 -2.74 1.89 -6.13
N LEU B 67 -1.67 1.40 -5.52
CA LEU B 67 -0.74 2.23 -4.78
C LEU B 67 0.65 2.09 -5.41
N GLN B 68 1.40 3.18 -5.41
CA GLN B 68 2.74 3.19 -5.97
C GLN B 68 3.74 3.73 -4.97
N LEU B 69 4.76 2.96 -4.67
CA LEU B 69 5.78 3.41 -3.73
C LEU B 69 6.96 4.01 -4.47
N VAL B 70 7.10 5.33 -4.39
CA VAL B 70 8.22 5.99 -5.04
C VAL B 70 9.37 6.10 -4.07
N LEU B 71 10.43 5.36 -4.34
CA LEU B 71 11.58 5.35 -3.47
C LEU B 71 12.45 6.59 -3.68
N HIS B 72 13.56 6.66 -2.97
CA HIS B 72 14.45 7.82 -3.04
C HIS B 72 15.23 7.91 -4.35
N ALA B 73 15.42 6.81 -5.05
CA ALA B 73 16.19 6.84 -6.30
C ALA B 73 15.27 6.86 -7.52
N GLY B 74 13.99 7.10 -7.29
CA GLY B 74 13.03 7.13 -8.38
C GLY B 74 12.48 5.76 -8.67
N ASP B 75 12.59 4.89 -7.67
CA ASP B 75 12.11 3.52 -7.76
C ASP B 75 10.63 3.51 -7.49
N THR B 76 9.90 2.57 -8.05
CA THR B 76 8.47 2.53 -7.84
C THR B 76 7.94 1.11 -7.75
N THR B 77 7.15 0.86 -6.72
CA THR B 77 6.54 -0.45 -6.50
C THR B 77 5.03 -0.31 -6.62
N ASN B 78 4.42 -1.06 -7.53
CA ASN B 78 2.97 -0.98 -7.74
C ASN B 78 2.21 -2.07 -7.02
N PHE B 79 1.28 -1.65 -6.18
CA PHE B 79 0.44 -2.57 -5.44
C PHE B 79 -1.02 -2.38 -5.86
N HIS B 80 -1.52 -3.31 -6.64
CA HIS B 80 -2.89 -3.25 -7.12
C HIS B 80 -3.85 -3.87 -6.13
N PHE B 81 -4.81 -3.10 -5.67
CA PHE B 81 -5.82 -3.57 -4.75
C PHE B 81 -6.89 -4.32 -5.53
N SER B 82 -6.57 -5.55 -5.90
CA SER B 82 -7.48 -6.39 -6.67
C SER B 82 -8.58 -7.00 -5.81
N ASN B 83 -8.86 -6.36 -4.68
CA ASN B 83 -9.90 -6.83 -3.79
C ASN B 83 -11.20 -6.11 -4.11
N GLU B 84 -11.99 -6.73 -4.97
CA GLU B 84 -13.26 -6.16 -5.44
C GLU B 84 -14.17 -5.72 -4.29
N SER B 85 -13.99 -6.29 -3.12
CA SER B 85 -14.81 -5.96 -1.97
C SER B 85 -14.40 -4.63 -1.33
N THR B 86 -13.12 -4.46 -1.05
CA THR B 86 -12.65 -3.25 -0.39
C THR B 86 -11.43 -2.60 -1.05
N ALA B 87 -11.34 -2.69 -2.38
CA ALA B 87 -10.22 -2.12 -3.13
C ALA B 87 -9.94 -0.67 -2.74
N VAL B 88 -10.89 0.19 -3.04
CA VAL B 88 -10.79 1.62 -2.74
C VAL B 88 -10.60 1.83 -1.23
N LYS B 89 -11.33 1.06 -0.44
CA LYS B 89 -11.30 1.16 1.02
C LYS B 89 -9.90 0.85 1.57
N GLU B 90 -9.35 -0.29 1.18
CA GLU B 90 -8.02 -0.69 1.62
C GLU B 90 -6.98 0.26 1.06
N ARG B 91 -7.26 0.80 -0.12
CA ARG B 91 -6.37 1.75 -0.77
C ARG B 91 -6.14 2.93 0.15
N ASP B 92 -7.22 3.51 0.63
CA ASP B 92 -7.16 4.67 1.51
C ASP B 92 -6.53 4.31 2.85
N ALA B 93 -6.77 3.08 3.31
CA ALA B 93 -6.20 2.63 4.58
C ALA B 93 -4.69 2.60 4.50
N VAL B 94 -4.16 2.06 3.41
CA VAL B 94 -2.72 1.98 3.22
C VAL B 94 -2.16 3.36 2.92
N LYS B 95 -2.94 4.10 2.15
CA LYS B 95 -2.58 5.43 1.72
C LYS B 95 -2.45 6.38 2.91
N ASP B 96 -3.48 6.44 3.74
CA ASP B 96 -3.48 7.31 4.90
C ASP B 96 -2.50 6.85 5.96
N LEU B 97 -2.34 5.55 6.09
CA LEU B 97 -1.43 5.00 7.09
C LEU B 97 0.00 5.23 6.63
N LEU B 98 0.20 5.27 5.32
CA LEU B 98 1.52 5.51 4.78
C LEU B 98 1.93 6.94 5.08
N GLN B 99 1.12 7.93 4.66
CA GLN B 99 1.42 9.33 4.98
C GLN B 99 1.63 9.52 6.48
N GLN B 100 1.08 8.60 7.26
CA GLN B 100 1.22 8.61 8.71
C GLN B 100 2.55 8.01 9.17
N LEU B 101 2.89 6.83 8.65
CA LEU B 101 4.11 6.14 9.05
C LEU B 101 5.35 6.50 8.23
N LEU B 102 5.17 6.69 6.91
CA LEU B 102 6.27 6.99 5.99
C LEU B 102 7.24 8.07 6.50
N PRO B 103 6.75 9.28 6.87
CA PRO B 103 7.64 10.35 7.36
C PRO B 103 8.14 10.11 8.78
N LYS B 104 7.33 9.42 9.59
CA LYS B 104 7.67 9.15 10.98
C LYS B 104 8.90 8.25 11.09
N PHE B 105 9.10 7.41 10.08
CA PHE B 105 10.23 6.51 10.08
C PHE B 105 11.24 6.89 9.01
N LYS B 106 11.18 8.13 8.54
CA LYS B 106 12.12 8.55 7.52
C LYS B 106 13.49 8.80 8.13
N ARG B 107 14.41 7.91 7.83
CA ARG B 107 15.78 8.01 8.32
C ARG B 107 16.74 7.37 7.34
N LYS B 108 17.33 8.17 6.46
CA LYS B 108 18.25 7.63 5.48
C LYS B 108 19.63 7.42 6.07
N ALA B 109 19.80 6.29 6.72
CA ALA B 109 21.07 5.92 7.34
C ALA B 109 21.48 4.55 6.85
N ASN B 110 21.00 4.22 5.66
CA ASN B 110 21.25 2.94 5.03
C ASN B 110 21.07 3.09 3.54
N ARG A 4 -9.01 -14.86 -17.04
CA ARG A 4 -9.79 -14.10 -16.06
C ARG A 4 -11.27 -14.13 -16.43
N ARG A 5 -11.61 -13.53 -17.57
CA ARG A 5 -12.99 -13.51 -18.02
C ARG A 5 -13.10 -13.00 -19.45
N ARG A 6 -12.27 -13.54 -20.32
CA ARG A 6 -12.27 -13.18 -21.73
C ARG A 6 -12.50 -14.44 -22.56
N THR A 7 -11.44 -14.95 -23.15
CA THR A 7 -11.50 -16.17 -23.94
C THR A 7 -10.58 -17.20 -23.32
N GLU A 8 -10.34 -17.03 -22.03
CA GLU A 8 -9.44 -17.88 -21.26
C GLU A 8 -10.17 -18.51 -20.07
N ALA A 9 -9.39 -18.93 -19.08
CA ALA A 9 -9.94 -19.53 -17.88
C ALA A 9 -9.51 -18.73 -16.64
N LEU A 10 -9.08 -19.43 -15.59
CA LEU A 10 -8.65 -18.78 -14.37
C LEU A 10 -7.13 -18.65 -14.33
N GLY A 11 -6.44 -19.64 -14.88
CA GLY A 11 -5.00 -19.62 -14.91
C GLY A 11 -4.46 -18.85 -16.09
N ASP A 12 -4.40 -17.54 -15.95
CA ASP A 12 -3.92 -16.66 -17.01
C ASP A 12 -3.51 -15.32 -16.43
N ALA A 13 -3.19 -14.38 -17.31
CA ALA A 13 -2.78 -13.04 -16.92
C ALA A 13 -3.65 -12.01 -17.63
N GLU A 14 -4.25 -11.09 -16.87
CA GLU A 14 -5.10 -10.06 -17.44
C GLU A 14 -4.29 -9.09 -18.32
N GLU A 15 -3.72 -8.08 -17.70
CA GLU A 15 -2.89 -7.11 -18.42
C GLU A 15 -1.49 -7.11 -17.85
N ASP A 16 -0.96 -5.94 -17.55
CA ASP A 16 0.39 -5.85 -16.97
C ASP A 16 0.44 -4.87 -15.81
N GLU A 17 -0.74 -4.49 -15.32
CA GLU A 17 -0.86 -3.53 -14.23
C GLU A 17 -0.38 -2.15 -14.68
N ASP A 18 -1.32 -1.21 -14.81
CA ASP A 18 -1.00 0.13 -15.26
C ASP A 18 -0.16 0.84 -14.22
N ASP A 19 1.12 0.97 -14.52
CA ASP A 19 2.07 1.63 -13.63
C ASP A 19 1.98 3.14 -13.77
N GLU A 20 0.82 3.65 -14.18
CA GLU A 20 0.66 5.08 -14.36
C GLU A 20 -0.60 5.64 -13.74
N ASP A 21 -0.71 6.97 -13.86
CA ASP A 21 -1.82 7.76 -13.37
C ASP A 21 -1.80 7.92 -11.87
N PHE A 22 -0.78 7.40 -11.22
CA PHE A 22 -0.72 7.45 -9.76
C PHE A 22 -0.50 8.86 -9.26
N VAL A 23 -1.41 9.25 -8.38
CA VAL A 23 -1.39 10.55 -7.78
C VAL A 23 -0.49 10.50 -6.58
N GLU A 24 0.53 11.32 -6.59
CA GLU A 24 1.49 11.33 -5.52
C GLU A 24 0.83 11.55 -4.19
N VAL A 25 1.04 10.60 -3.31
CA VAL A 25 0.51 10.63 -1.98
C VAL A 25 1.57 11.20 -1.04
N PRO A 26 1.26 12.35 -0.45
CA PRO A 26 2.14 13.04 0.49
C PRO A 26 1.98 12.50 1.90
N GLU A 27 2.84 12.96 2.80
CA GLU A 27 2.77 12.58 4.19
C GLU A 27 1.77 13.48 4.91
N LYS A 28 1.23 13.02 6.03
CA LYS A 28 0.25 13.80 6.77
C LYS A 28 0.74 14.21 8.14
N GLU A 29 1.36 13.28 8.87
CA GLU A 29 1.85 13.53 10.22
C GLU A 29 0.70 13.80 11.19
N GLY A 30 0.12 14.99 11.09
CA GLY A 30 -0.97 15.37 11.99
C GLY A 30 -2.33 14.96 11.46
N TYR A 31 -2.59 13.66 11.47
CA TYR A 31 -3.87 13.13 11.03
C TYR A 31 -4.22 11.90 11.86
N GLU A 32 -5.50 11.76 12.20
CA GLU A 32 -5.97 10.62 12.99
C GLU A 32 -6.20 9.41 12.09
N PRO A 33 -5.31 8.40 12.17
CA PRO A 33 -5.41 7.19 11.37
C PRO A 33 -6.23 6.10 12.05
N HIS A 34 -6.29 4.94 11.39
CA HIS A 34 -7.02 3.81 11.93
C HIS A 34 -6.25 2.54 11.71
N ILE A 35 -6.88 1.44 12.04
CA ILE A 35 -6.30 0.13 11.91
C ILE A 35 -7.34 -0.97 11.62
N PRO A 36 -8.50 -0.97 12.31
CA PRO A 36 -9.53 -2.02 12.10
C PRO A 36 -10.31 -1.89 10.80
N ASP A 37 -9.61 -1.80 9.69
CA ASP A 37 -10.25 -1.73 8.37
C ASP A 37 -9.78 -2.88 7.51
N HIS A 38 -8.69 -3.51 7.94
CA HIS A 38 -8.12 -4.65 7.22
C HIS A 38 -9.12 -5.81 7.23
N LEU A 39 -9.95 -5.84 8.25
CA LEU A 39 -10.98 -6.84 8.41
C LEU A 39 -12.27 -6.12 8.76
N ARG A 40 -12.97 -5.68 7.71
CA ARG A 40 -14.21 -4.93 7.87
C ARG A 40 -15.28 -5.71 8.64
N PRO A 41 -15.63 -5.23 9.84
CA PRO A 41 -16.63 -5.84 10.68
C PRO A 41 -18.01 -5.21 10.45
N GLU A 42 -18.54 -5.41 9.25
CA GLU A 42 -19.82 -4.86 8.87
C GLU A 42 -20.94 -5.74 9.43
N TYR A 43 -21.02 -5.78 10.75
CA TYR A 43 -22.04 -6.56 11.42
C TYR A 43 -22.87 -5.65 12.31
N GLY A 44 -24.15 -5.97 12.44
CA GLY A 44 -25.03 -5.15 13.26
C GLY A 44 -25.97 -4.33 12.42
N LEU A 45 -26.28 -4.84 11.24
CA LEU A 45 -27.18 -4.16 10.32
C LEU A 45 -28.52 -4.88 10.28
N GLU A 46 -28.57 -6.00 11.00
CA GLU A 46 -29.76 -6.81 11.09
C GLU A 46 -30.82 -6.13 11.95
N ALA A 47 -31.69 -5.36 11.32
CA ALA A 47 -32.75 -4.66 12.02
C ALA A 47 -34.09 -5.35 11.81
N ALA A 48 -34.08 -6.40 11.02
CA ALA A 48 -35.26 -7.17 10.71
C ALA A 48 -34.85 -8.48 10.06
N MET B 3 8.69 -1.69 15.57
CA MET B 3 9.95 -2.35 15.11
C MET B 3 10.18 -3.62 15.90
N ALA B 4 10.51 -4.71 15.20
CA ALA B 4 10.76 -5.98 15.86
C ALA B 4 12.11 -6.55 15.44
N THR B 5 12.14 -7.35 14.37
CA THR B 5 13.38 -7.95 13.90
C THR B 5 13.29 -8.36 12.42
N SER B 6 13.03 -9.65 12.17
CA SER B 6 12.92 -10.18 10.83
C SER B 6 11.75 -9.54 10.10
N SER B 7 10.76 -9.18 10.89
CA SER B 7 9.57 -8.53 10.38
C SER B 7 9.06 -7.56 11.44
N GLU B 8 8.18 -6.66 11.06
CA GLU B 8 7.64 -5.70 12.01
C GLU B 8 6.21 -6.04 12.38
N GLU B 9 5.69 -5.31 13.34
CA GLU B 9 4.32 -5.49 13.80
C GLU B 9 3.36 -5.19 12.66
N VAL B 10 2.46 -6.11 12.39
CA VAL B 10 1.50 -5.95 11.31
C VAL B 10 0.33 -5.09 11.77
N LEU B 11 0.18 -3.93 11.16
CA LEU B 11 -0.89 -3.02 11.51
C LEU B 11 -2.01 -3.08 10.48
N LEU B 12 -1.65 -3.38 9.25
CA LEU B 12 -2.64 -3.44 8.17
C LEU B 12 -2.47 -4.69 7.31
N ILE B 13 -3.59 -5.30 6.94
CA ILE B 13 -3.57 -6.50 6.11
C ILE B 13 -4.50 -6.35 4.92
N VAL B 14 -3.92 -6.22 3.74
CA VAL B 14 -4.68 -6.09 2.51
C VAL B 14 -4.67 -7.41 1.77
N LYS B 15 -5.78 -7.77 1.14
CA LYS B 15 -5.87 -9.04 0.43
C LYS B 15 -6.03 -8.86 -1.07
N LYS B 16 -5.70 -9.91 -1.82
CA LYS B 16 -5.78 -9.92 -3.28
C LYS B 16 -5.21 -8.66 -3.92
N VAL B 17 -3.90 -8.50 -3.77
CA VAL B 17 -3.18 -7.37 -4.33
C VAL B 17 -2.21 -7.85 -5.40
N ARG B 18 -2.42 -7.40 -6.62
CA ARG B 18 -1.58 -7.79 -7.74
C ARG B 18 -0.39 -6.86 -7.89
N GLN B 19 0.80 -7.43 -7.81
CA GLN B 19 2.01 -6.67 -8.02
C GLN B 19 2.58 -7.06 -9.36
N LYS B 20 2.38 -6.20 -10.36
CA LYS B 20 2.83 -6.43 -11.73
C LYS B 20 2.67 -7.90 -12.16
N LYS B 21 1.40 -8.32 -12.25
CA LYS B 21 1.02 -9.66 -12.65
C LYS B 21 1.37 -10.73 -11.63
N GLN B 22 1.18 -10.41 -10.36
CA GLN B 22 1.43 -11.34 -9.27
C GLN B 22 0.39 -11.11 -8.19
N ASP B 23 -0.45 -12.10 -7.93
CA ASP B 23 -1.49 -11.95 -6.90
C ASP B 23 -0.89 -12.19 -5.53
N GLY B 24 -1.33 -11.42 -4.55
CA GLY B 24 -0.80 -11.55 -3.21
C GLY B 24 -1.53 -10.72 -2.19
N ALA B 25 -0.89 -10.52 -1.05
CA ALA B 25 -1.45 -9.73 0.02
C ALA B 25 -0.44 -8.69 0.51
N LEU B 26 -0.94 -7.52 0.87
CA LEU B 26 -0.08 -6.44 1.33
C LEU B 26 -0.21 -6.26 2.83
N TYR B 27 0.90 -6.29 3.53
CA TYR B 27 0.90 -6.15 4.98
C TYR B 27 1.67 -4.91 5.39
N LEU B 28 0.98 -3.96 6.02
CA LEU B 28 1.62 -2.74 6.50
C LEU B 28 2.16 -2.99 7.88
N MET B 29 3.44 -2.69 8.08
CA MET B 29 4.05 -2.91 9.36
C MET B 29 4.55 -1.58 9.94
N ALA B 30 4.78 -1.60 11.24
CA ALA B 30 5.23 -0.42 11.99
C ALA B 30 6.35 0.38 11.30
N GLU B 31 7.38 -0.30 10.81
CA GLU B 31 8.49 0.41 10.18
C GLU B 31 8.68 0.02 8.70
N ARG B 32 7.82 -0.83 8.16
CA ARG B 32 7.99 -1.27 6.79
C ARG B 32 6.71 -1.77 6.15
N ILE B 33 6.76 -1.94 4.84
CA ILE B 33 5.63 -2.45 4.08
C ILE B 33 6.09 -3.68 3.30
N ALA B 34 5.32 -4.75 3.38
CA ALA B 34 5.69 -5.97 2.69
C ALA B 34 4.53 -6.57 1.93
N TRP B 35 4.86 -7.29 0.87
CA TRP B 35 3.86 -7.94 0.03
C TRP B 35 4.27 -9.38 -0.23
N ALA B 36 3.31 -10.29 -0.14
CA ALA B 36 3.55 -11.70 -0.37
C ALA B 36 2.44 -12.26 -1.23
N PRO B 37 2.76 -13.12 -2.20
CA PRO B 37 1.74 -13.73 -3.08
C PRO B 37 0.69 -14.48 -2.27
N GLU B 38 -0.54 -14.52 -2.76
CA GLU B 38 -1.62 -15.20 -2.06
C GLU B 38 -1.33 -16.68 -1.90
N GLY B 39 -1.47 -17.16 -0.68
CA GLY B 39 -1.20 -18.55 -0.40
C GLY B 39 0.26 -18.78 -0.05
N LYS B 40 1.06 -17.72 -0.13
CA LYS B 40 2.47 -17.84 0.18
C LYS B 40 2.76 -17.42 1.63
N ASP B 41 3.57 -18.21 2.30
CA ASP B 41 3.96 -17.99 3.69
C ASP B 41 5.19 -17.10 3.81
N ARG B 42 5.60 -16.46 2.73
CA ARG B 42 6.79 -15.62 2.76
C ARG B 42 6.62 -14.40 1.85
N PHE B 43 7.00 -13.24 2.37
CA PHE B 43 6.92 -11.99 1.63
C PHE B 43 8.06 -11.89 0.63
N THR B 44 7.73 -11.58 -0.61
CA THR B 44 8.73 -11.44 -1.65
C THR B 44 9.13 -9.97 -1.80
N ILE B 45 8.22 -9.08 -1.42
CA ILE B 45 8.46 -7.65 -1.49
C ILE B 45 8.55 -7.08 -0.09
N SER B 46 9.68 -6.51 0.25
CA SER B 46 9.87 -5.91 1.56
C SER B 46 10.54 -4.55 1.42
N HIS B 47 9.82 -3.50 1.77
CA HIS B 47 10.34 -2.15 1.68
C HIS B 47 10.18 -1.42 2.99
N MET B 48 11.25 -0.83 3.47
CA MET B 48 11.20 -0.06 4.68
C MET B 48 10.82 1.35 4.29
N TYR B 49 10.10 2.05 5.14
CA TYR B 49 9.72 3.43 4.82
C TYR B 49 10.98 4.29 4.75
N ALA B 50 12.07 3.74 5.26
CA ALA B 50 13.35 4.42 5.25
C ALA B 50 13.95 4.40 3.85
N ASP B 51 13.38 3.58 2.98
CA ASP B 51 13.85 3.46 1.59
C ASP B 51 12.86 4.16 0.65
N ILE B 52 11.72 4.55 1.20
CA ILE B 52 10.69 5.20 0.41
C ILE B 52 10.82 6.73 0.48
N LYS B 53 10.64 7.38 -0.66
CA LYS B 53 10.73 8.83 -0.73
C LYS B 53 9.34 9.47 -0.71
N CYS B 54 8.41 8.84 -1.43
CA CYS B 54 7.03 9.30 -1.50
C CYS B 54 6.17 8.18 -2.03
N GLN B 55 4.86 8.31 -1.94
CA GLN B 55 3.99 7.27 -2.42
C GLN B 55 3.06 7.89 -3.44
N LYS B 56 2.38 7.08 -4.22
CA LYS B 56 1.43 7.58 -5.21
C LYS B 56 0.30 6.59 -5.30
N ILE B 57 -0.82 7.01 -5.82
CA ILE B 57 -1.97 6.11 -5.94
C ILE B 57 -2.70 6.24 -7.26
N SER B 58 -3.02 5.15 -7.94
CA SER B 58 -3.82 5.31 -9.14
C SER B 58 -5.16 5.76 -8.62
N PRO B 59 -5.54 7.00 -9.01
CA PRO B 59 -6.71 7.72 -8.53
C PRO B 59 -8.01 6.99 -8.73
N GLU B 60 -9.04 7.51 -8.09
CA GLU B 60 -10.37 6.99 -8.23
C GLU B 60 -10.79 7.26 -9.67
N GLY B 61 -11.35 6.26 -10.32
CA GLY B 61 -11.71 6.40 -11.71
C GLY B 61 -10.89 5.48 -12.58
N LYS B 62 -9.66 5.20 -12.16
CA LYS B 62 -8.82 4.23 -12.88
C LYS B 62 -9.52 2.89 -12.76
N ALA B 63 -9.40 2.04 -13.76
CA ALA B 63 -10.07 0.72 -13.73
C ALA B 63 -9.50 -0.17 -12.64
N LYS B 64 -8.51 0.35 -11.92
CA LYS B 64 -7.87 -0.38 -10.85
C LYS B 64 -7.29 0.59 -9.83
N ILE B 65 -7.86 0.56 -8.63
CA ILE B 65 -7.40 1.41 -7.55
C ILE B 65 -6.09 0.83 -7.03
N GLN B 66 -4.99 1.56 -7.19
CA GLN B 66 -3.69 1.01 -6.80
C GLN B 66 -2.80 2.02 -6.07
N LEU B 67 -1.71 1.51 -5.50
CA LEU B 67 -0.72 2.31 -4.80
C LEU B 67 0.65 2.11 -5.44
N GLN B 68 1.45 3.16 -5.45
CA GLN B 68 2.79 3.11 -6.01
C GLN B 68 3.80 3.64 -5.00
N LEU B 69 4.79 2.83 -4.67
CA LEU B 69 5.83 3.25 -3.75
C LEU B 69 7.03 3.78 -4.50
N VAL B 70 7.25 5.08 -4.43
CA VAL B 70 8.39 5.68 -5.10
C VAL B 70 9.56 5.79 -4.12
N LEU B 71 10.58 5.00 -4.38
CA LEU B 71 11.75 4.97 -3.52
C LEU B 71 12.64 6.19 -3.76
N HIS B 72 13.81 6.20 -3.15
CA HIS B 72 14.73 7.33 -3.25
C HIS B 72 15.40 7.46 -4.62
N ALA B 73 15.70 6.34 -5.27
CA ALA B 73 16.37 6.39 -6.56
C ALA B 73 15.39 6.46 -7.72
N GLY B 74 14.12 6.68 -7.41
CA GLY B 74 13.10 6.73 -8.44
C GLY B 74 12.50 5.37 -8.68
N ASP B 75 12.73 4.48 -7.73
CA ASP B 75 12.22 3.12 -7.79
C ASP B 75 10.73 3.15 -7.53
N THR B 76 10.00 2.20 -8.07
CA THR B 76 8.56 2.20 -7.84
C THR B 76 8.01 0.80 -7.67
N THR B 77 7.22 0.63 -6.63
CA THR B 77 6.58 -0.65 -6.35
C THR B 77 5.07 -0.48 -6.45
N ASN B 78 4.48 -1.07 -7.49
CA ASN B 78 3.04 -0.96 -7.72
C ASN B 78 2.26 -2.08 -7.04
N PHE B 79 1.19 -1.68 -6.37
CA PHE B 79 0.32 -2.62 -5.68
C PHE B 79 -1.12 -2.42 -6.15
N HIS B 80 -1.60 -3.33 -6.98
CA HIS B 80 -2.96 -3.26 -7.50
C HIS B 80 -3.91 -3.95 -6.55
N PHE B 81 -4.81 -3.17 -5.95
CA PHE B 81 -5.78 -3.73 -5.03
C PHE B 81 -6.90 -4.42 -5.79
N SER B 82 -6.61 -5.64 -6.26
CA SER B 82 -7.56 -6.43 -7.02
C SER B 82 -8.58 -7.10 -6.11
N ASN B 83 -8.96 -6.41 -5.05
CA ASN B 83 -9.94 -6.93 -4.12
C ASN B 83 -11.25 -6.19 -4.31
N GLU B 84 -12.09 -6.73 -5.18
CA GLU B 84 -13.40 -6.15 -5.51
C GLU B 84 -14.23 -5.80 -4.26
N SER B 85 -13.94 -6.49 -3.17
CA SER B 85 -14.66 -6.28 -1.92
C SER B 85 -14.28 -4.94 -1.26
N THR B 86 -13.00 -4.73 -0.98
CA THR B 86 -12.57 -3.50 -0.31
C THR B 86 -11.37 -2.83 -0.99
N ALA B 87 -11.32 -2.89 -2.32
CA ALA B 87 -10.21 -2.30 -3.09
C ALA B 87 -9.96 -0.85 -2.74
N VAL B 88 -11.01 -0.06 -2.74
CA VAL B 88 -10.89 1.36 -2.46
C VAL B 88 -10.52 1.60 -1.00
N LYS B 89 -11.15 0.84 -0.11
CA LYS B 89 -10.91 0.97 1.32
C LYS B 89 -9.51 0.56 1.71
N GLU B 90 -9.09 -0.62 1.28
CA GLU B 90 -7.76 -1.13 1.60
C GLU B 90 -6.69 -0.24 0.99
N ARG B 91 -6.97 0.31 -0.18
CA ARG B 91 -6.04 1.22 -0.85
C ARG B 91 -5.84 2.45 0.01
N ASP B 92 -6.96 3.03 0.44
CA ASP B 92 -6.94 4.23 1.25
C ASP B 92 -6.37 3.94 2.63
N ALA B 93 -6.67 2.76 3.15
CA ALA B 93 -6.15 2.37 4.45
C ALA B 93 -4.63 2.37 4.41
N VAL B 94 -4.08 1.85 3.31
CA VAL B 94 -2.64 1.81 3.12
C VAL B 94 -2.10 3.20 2.80
N LYS B 95 -2.83 3.91 1.95
CA LYS B 95 -2.45 5.24 1.52
C LYS B 95 -2.37 6.21 2.70
N ASP B 96 -3.45 6.27 3.47
CA ASP B 96 -3.55 7.15 4.62
C ASP B 96 -2.58 6.74 5.73
N LEU B 97 -2.42 5.44 5.90
CA LEU B 97 -1.52 4.94 6.92
C LEU B 97 -0.08 5.18 6.47
N LEU B 98 0.14 5.24 5.17
CA LEU B 98 1.46 5.52 4.67
C LEU B 98 1.82 6.96 5.00
N GLN B 99 0.96 7.92 4.62
CA GLN B 99 1.20 9.31 4.99
C GLN B 99 1.32 9.45 6.51
N GLN B 100 0.89 8.42 7.24
CA GLN B 100 1.00 8.38 8.70
C GLN B 100 2.31 7.75 9.17
N LEU B 101 2.72 6.66 8.54
CA LEU B 101 3.96 5.96 8.92
C LEU B 101 5.19 6.51 8.23
N LEU B 102 5.02 6.95 6.98
CA LEU B 102 6.13 7.50 6.20
C LEU B 102 6.85 8.65 6.92
N PRO B 103 6.12 9.62 7.54
CA PRO B 103 6.72 10.75 8.28
C PRO B 103 7.76 10.33 9.32
N LYS B 104 7.65 9.11 9.85
CA LYS B 104 8.62 8.63 10.84
C LYS B 104 9.99 8.49 10.18
N PHE B 105 9.95 8.37 8.86
CA PHE B 105 11.14 8.22 8.04
C PHE B 105 11.10 9.30 6.95
N LYS B 106 10.32 10.34 7.22
CA LYS B 106 10.09 11.46 6.31
C LYS B 106 11.36 12.08 5.73
N ARG B 107 11.55 11.87 4.43
CA ARG B 107 12.65 12.44 3.68
C ARG B 107 12.18 12.63 2.25
N LYS B 108 11.70 13.82 1.93
CA LYS B 108 11.18 14.07 0.60
C LYS B 108 12.07 15.04 -0.16
N ALA B 109 12.99 14.50 -0.94
CA ALA B 109 13.88 15.30 -1.76
C ALA B 109 13.36 15.30 -3.18
N ASN B 110 12.13 14.81 -3.29
CA ASN B 110 11.40 14.69 -4.55
C ASN B 110 10.07 14.02 -4.27
N ARG A 4 13.37 -8.93 -17.55
CA ARG A 4 12.36 -9.96 -17.93
C ARG A 4 11.26 -9.99 -16.89
N ARG A 5 10.06 -10.40 -17.30
CA ARG A 5 8.92 -10.49 -16.39
C ARG A 5 8.74 -11.95 -15.96
N ARG A 6 7.52 -12.35 -15.66
CA ARG A 6 7.23 -13.71 -15.23
C ARG A 6 7.28 -14.67 -16.42
N THR A 7 6.36 -15.63 -16.42
CA THR A 7 6.28 -16.63 -17.48
C THR A 7 4.83 -16.75 -17.93
N GLU A 8 4.21 -15.60 -18.16
CA GLU A 8 2.82 -15.55 -18.59
C GLU A 8 2.64 -16.18 -19.96
N ALA A 9 2.28 -17.46 -19.96
CA ALA A 9 2.09 -18.20 -21.19
C ALA A 9 1.19 -19.41 -20.96
N LEU A 10 0.89 -19.70 -19.70
CA LEU A 10 0.05 -20.84 -19.35
C LEU A 10 -1.38 -20.37 -19.14
N GLY A 11 -1.72 -19.25 -19.75
CA GLY A 11 -3.04 -18.69 -19.61
C GLY A 11 -3.08 -17.68 -18.48
N ASP A 12 -1.92 -17.52 -17.84
CA ASP A 12 -1.77 -16.59 -16.73
C ASP A 12 -1.35 -15.22 -17.23
N ALA A 13 -1.75 -14.91 -18.46
CA ALA A 13 -1.42 -13.63 -19.08
C ALA A 13 -2.68 -12.85 -19.44
N GLU A 14 -3.26 -12.19 -18.46
CA GLU A 14 -4.46 -11.40 -18.70
C GLU A 14 -4.22 -9.91 -18.41
N GLU A 15 -5.08 -9.31 -17.60
CA GLU A 15 -4.97 -7.89 -17.26
C GLU A 15 -3.66 -7.59 -16.54
N ASP A 16 -3.07 -6.45 -16.84
CA ASP A 16 -1.81 -6.05 -16.23
C ASP A 16 -2.00 -4.80 -15.38
N GLU A 17 -1.26 -4.72 -14.29
CA GLU A 17 -1.34 -3.58 -13.38
C GLU A 17 -1.00 -2.28 -14.08
N ASP A 18 -1.87 -1.28 -13.94
CA ASP A 18 -1.64 0.03 -14.54
C ASP A 18 -0.43 0.64 -13.88
N ASP A 19 0.59 0.96 -14.67
CA ASP A 19 1.81 1.52 -14.11
C ASP A 19 1.83 3.03 -14.19
N GLU A 20 0.77 3.61 -14.73
CA GLU A 20 0.67 5.04 -14.84
C GLU A 20 -0.56 5.57 -14.12
N ASP A 21 -0.73 6.88 -14.16
CA ASP A 21 -1.86 7.55 -13.56
C ASP A 21 -1.96 7.23 -12.08
N PHE A 22 -0.97 7.67 -11.32
CA PHE A 22 -0.97 7.53 -9.88
C PHE A 22 -0.81 8.91 -9.31
N VAL A 23 -1.73 9.26 -8.44
CA VAL A 23 -1.74 10.54 -7.83
C VAL A 23 -0.84 10.51 -6.62
N GLU A 24 0.16 11.36 -6.64
CA GLU A 24 1.14 11.38 -5.58
C GLU A 24 0.48 11.57 -4.24
N VAL A 25 0.75 10.63 -3.37
CA VAL A 25 0.25 10.64 -2.03
C VAL A 25 1.26 11.27 -1.10
N PRO A 26 0.92 12.45 -0.57
CA PRO A 26 1.77 13.19 0.36
C PRO A 26 1.68 12.59 1.76
N GLU A 27 2.50 13.08 2.66
CA GLU A 27 2.49 12.60 4.04
C GLU A 27 1.62 13.51 4.89
N LYS A 28 1.12 13.01 6.00
CA LYS A 28 0.25 13.82 6.85
C LYS A 28 0.94 14.27 8.13
N GLU A 29 1.64 13.35 8.79
CA GLU A 29 2.34 13.64 10.04
C GLU A 29 1.36 13.93 11.18
N GLY A 30 0.76 15.12 11.15
CA GLY A 30 -0.19 15.52 12.18
C GLY A 30 -1.56 14.90 11.98
N TYR A 31 -1.60 13.58 12.01
CA TYR A 31 -2.83 12.83 11.83
C TYR A 31 -2.63 11.42 12.41
N GLU A 32 -3.71 10.71 12.66
CA GLU A 32 -3.63 9.35 13.20
C GLU A 32 -5.01 8.72 13.19
N PRO A 33 -5.11 7.41 12.88
CA PRO A 33 -6.41 6.69 12.85
C PRO A 33 -7.08 6.63 14.22
N HIS A 34 -6.36 7.09 15.25
CA HIS A 34 -6.84 7.13 16.64
C HIS A 34 -7.63 5.87 17.02
N ILE A 35 -8.79 6.06 17.61
CA ILE A 35 -9.62 4.94 18.03
C ILE A 35 -11.09 5.21 17.70
N PRO A 36 -11.85 4.14 17.40
CA PRO A 36 -13.29 4.24 17.08
C PRO A 36 -14.13 4.84 18.21
N ASP A 37 -15.44 4.83 18.02
CA ASP A 37 -16.39 5.39 18.98
C ASP A 37 -16.42 4.57 20.27
N HIS A 38 -16.30 3.26 20.16
CA HIS A 38 -16.32 2.39 21.33
C HIS A 38 -15.29 1.28 21.18
N LEU A 39 -15.31 0.32 22.11
CA LEU A 39 -14.38 -0.80 22.08
C LEU A 39 -14.74 -1.79 20.99
N ARG A 40 -14.28 -1.51 19.77
CA ARG A 40 -14.53 -2.36 18.62
C ARG A 40 -13.23 -2.65 17.90
N PRO A 41 -13.14 -3.78 17.19
CA PRO A 41 -11.93 -4.17 16.47
C PRO A 41 -11.83 -3.62 15.05
N GLU A 42 -12.56 -2.55 14.79
CA GLU A 42 -12.56 -1.92 13.48
C GLU A 42 -13.06 -0.48 13.60
N TYR A 43 -13.01 0.25 12.48
CA TYR A 43 -13.46 1.64 12.47
C TYR A 43 -14.85 1.73 11.84
N GLY A 44 -15.18 0.75 11.01
CA GLY A 44 -16.49 0.76 10.37
C GLY A 44 -16.42 0.42 8.90
N LEU A 45 -15.22 0.47 8.33
CA LEU A 45 -15.05 0.17 6.91
C LEU A 45 -14.37 -1.18 6.74
N GLU A 46 -14.14 -1.86 7.85
CA GLU A 46 -13.49 -3.15 7.85
C GLU A 46 -14.47 -4.29 7.56
N ALA A 47 -15.28 -4.11 6.53
CA ALA A 47 -16.24 -5.13 6.13
C ALA A 47 -15.51 -6.24 5.39
N ALA A 48 -14.30 -5.90 4.93
CA ALA A 48 -13.43 -6.82 4.21
C ALA A 48 -12.02 -6.26 4.22
N MET B 3 10.33 -5.37 14.27
CA MET B 3 11.52 -5.30 15.16
C MET B 3 12.81 -5.43 14.35
N ALA B 4 12.89 -6.48 13.53
CA ALA B 4 14.03 -6.72 12.67
C ALA B 4 13.52 -6.87 11.24
N THR B 5 13.75 -8.02 10.61
CA THR B 5 13.25 -8.25 9.27
C THR B 5 13.11 -9.74 8.96
N SER B 6 11.94 -10.26 9.25
CA SER B 6 11.61 -11.65 8.99
C SER B 6 10.09 -11.76 8.90
N SER B 7 9.44 -11.07 9.83
CA SER B 7 7.99 -11.02 9.96
C SER B 7 7.69 -10.15 11.17
N GLU B 8 7.71 -8.84 10.95
CA GLU B 8 7.51 -7.90 12.04
C GLU B 8 6.05 -7.59 12.30
N GLU B 9 5.85 -6.74 13.30
CA GLU B 9 4.53 -6.32 13.73
C GLU B 9 3.72 -5.80 12.55
N VAL B 10 2.73 -6.58 12.13
CA VAL B 10 1.87 -6.20 11.03
C VAL B 10 0.77 -5.28 11.53
N LEU B 11 0.80 -4.03 11.09
CA LEU B 11 -0.18 -3.05 11.51
C LEU B 11 -1.37 -3.02 10.57
N LEU B 12 -1.14 -3.33 9.30
CA LEU B 12 -2.22 -3.32 8.32
C LEU B 12 -2.17 -4.55 7.43
N ILE B 13 -3.30 -5.21 7.26
CA ILE B 13 -3.40 -6.41 6.44
C ILE B 13 -4.38 -6.22 5.29
N VAL B 14 -3.87 -6.13 4.08
CA VAL B 14 -4.68 -5.97 2.89
C VAL B 14 -4.61 -7.25 2.06
N LYS B 15 -5.76 -7.76 1.66
CA LYS B 15 -5.81 -8.99 0.88
C LYS B 15 -5.99 -8.69 -0.59
N LYS B 16 -5.72 -9.69 -1.44
CA LYS B 16 -5.84 -9.57 -2.88
C LYS B 16 -5.16 -8.32 -3.41
N VAL B 17 -3.84 -8.36 -3.47
CA VAL B 17 -3.03 -7.27 -3.97
C VAL B 17 -2.10 -7.81 -5.04
N ARG B 18 -2.19 -7.25 -6.22
CA ARG B 18 -1.37 -7.69 -7.34
C ARG B 18 -0.14 -6.83 -7.54
N GLN B 19 0.97 -7.48 -7.83
CA GLN B 19 2.21 -6.81 -8.11
C GLN B 19 2.76 -7.35 -9.42
N LYS B 20 2.59 -6.58 -10.49
CA LYS B 20 3.06 -6.95 -11.82
C LYS B 20 2.71 -8.40 -12.20
N LYS B 21 1.40 -8.66 -12.34
CA LYS B 21 0.87 -9.97 -12.73
C LYS B 21 1.04 -11.03 -11.64
N GLN B 22 1.02 -10.61 -10.38
CA GLN B 22 1.15 -11.55 -9.27
C GLN B 22 0.14 -11.19 -8.19
N ASP B 23 -0.78 -12.10 -7.92
CA ASP B 23 -1.79 -11.86 -6.89
C ASP B 23 -1.26 -12.26 -5.52
N GLY B 24 -1.55 -11.45 -4.52
CA GLY B 24 -1.08 -11.74 -3.19
C GLY B 24 -1.74 -10.88 -2.13
N ALA B 25 -1.01 -10.59 -1.07
CA ALA B 25 -1.53 -9.78 0.02
C ALA B 25 -0.46 -8.78 0.45
N LEU B 26 -0.90 -7.59 0.83
CA LEU B 26 0.01 -6.54 1.27
C LEU B 26 -0.10 -6.37 2.78
N TYR B 27 1.04 -6.43 3.45
CA TYR B 27 1.08 -6.29 4.89
C TYR B 27 1.90 -5.09 5.32
N LEU B 28 1.24 -4.09 5.89
CA LEU B 28 1.94 -2.91 6.36
C LEU B 28 2.52 -3.24 7.72
N MET B 29 3.82 -3.13 7.85
CA MET B 29 4.47 -3.46 9.09
C MET B 29 4.91 -2.21 9.82
N ALA B 30 5.25 -2.38 11.09
CA ALA B 30 5.67 -1.29 11.94
C ALA B 30 6.72 -0.38 11.30
N GLU B 31 7.80 -0.98 10.80
CA GLU B 31 8.88 -0.19 10.22
C GLU B 31 8.99 -0.36 8.69
N ARG B 32 8.06 -1.07 8.06
CA ARG B 32 8.18 -1.30 6.62
C ARG B 32 6.89 -1.79 6.00
N ILE B 33 6.89 -1.88 4.69
CA ILE B 33 5.74 -2.39 3.95
C ILE B 33 6.20 -3.60 3.13
N ALA B 34 5.49 -4.70 3.27
CA ALA B 34 5.87 -5.91 2.56
C ALA B 34 4.70 -6.53 1.83
N TRP B 35 5.00 -7.19 0.72
CA TRP B 35 3.99 -7.84 -0.09
C TRP B 35 4.37 -9.30 -0.30
N ALA B 36 3.40 -10.18 -0.16
CA ALA B 36 3.61 -11.60 -0.34
C ALA B 36 2.53 -12.17 -1.25
N PRO B 37 2.86 -13.14 -2.11
CA PRO B 37 1.88 -13.76 -3.00
C PRO B 37 0.75 -14.42 -2.21
N GLU B 38 -0.39 -14.61 -2.85
CA GLU B 38 -1.55 -15.19 -2.18
C GLU B 38 -1.25 -16.58 -1.61
N GLY B 39 -1.78 -16.81 -0.41
CA GLY B 39 -1.57 -18.06 0.28
C GLY B 39 -0.14 -18.24 0.74
N LYS B 40 0.65 -17.17 0.66
CA LYS B 40 2.05 -17.23 1.08
C LYS B 40 2.28 -16.34 2.29
N ASP B 41 3.13 -16.79 3.20
CA ASP B 41 3.45 -16.03 4.40
C ASP B 41 4.82 -15.38 4.27
N ARG B 42 5.47 -15.64 3.13
CA ARG B 42 6.80 -15.10 2.89
C ARG B 42 6.71 -13.95 1.88
N PHE B 43 7.07 -12.77 2.34
CA PHE B 43 7.02 -11.57 1.53
C PHE B 43 8.18 -11.52 0.55
N THR B 44 7.87 -11.33 -0.72
CA THR B 44 8.88 -11.23 -1.75
C THR B 44 9.29 -9.78 -1.95
N ILE B 45 8.38 -8.88 -1.60
CA ILE B 45 8.62 -7.45 -1.71
C ILE B 45 8.71 -6.84 -0.33
N SER B 46 9.83 -6.22 -0.01
CA SER B 46 10.03 -5.60 1.29
C SER B 46 10.66 -4.23 1.15
N HIS B 47 9.95 -3.21 1.59
CA HIS B 47 10.45 -1.84 1.53
C HIS B 47 10.27 -1.17 2.87
N MET B 48 11.36 -0.64 3.40
CA MET B 48 11.30 0.04 4.67
C MET B 48 10.82 1.46 4.42
N TYR B 49 10.11 2.02 5.39
CA TYR B 49 9.59 3.38 5.25
C TYR B 49 10.75 4.37 5.10
N ALA B 50 11.91 3.98 5.60
CA ALA B 50 13.10 4.83 5.55
C ALA B 50 13.74 4.81 4.17
N ASP B 51 13.21 3.99 3.26
CA ASP B 51 13.74 3.91 1.91
C ASP B 51 12.77 4.56 0.93
N ILE B 52 11.59 4.88 1.41
CA ILE B 52 10.56 5.46 0.58
C ILE B 52 10.56 6.99 0.69
N LYS B 53 10.51 7.66 -0.45
CA LYS B 53 10.50 9.12 -0.50
C LYS B 53 9.08 9.66 -0.38
N CYS B 54 8.19 9.13 -1.21
CA CYS B 54 6.79 9.52 -1.24
C CYS B 54 6.00 8.39 -1.84
N GLN B 55 4.69 8.53 -1.98
CA GLN B 55 3.91 7.47 -2.53
C GLN B 55 2.92 8.08 -3.51
N LYS B 56 2.26 7.26 -4.31
CA LYS B 56 1.25 7.71 -5.25
C LYS B 56 0.16 6.66 -5.28
N ILE B 57 -0.97 7.00 -5.85
CA ILE B 57 -2.08 6.05 -5.93
C ILE B 57 -2.77 6.17 -7.26
N SER B 58 -3.06 5.08 -7.95
CA SER B 58 -3.81 5.23 -9.19
C SER B 58 -5.20 5.63 -8.75
N PRO B 59 -5.51 6.92 -9.04
CA PRO B 59 -6.74 7.62 -8.63
C PRO B 59 -8.04 6.91 -9.02
N GLU B 60 -9.13 7.40 -8.45
CA GLU B 60 -10.45 6.88 -8.74
C GLU B 60 -10.74 7.14 -10.22
N GLY B 61 -11.40 6.20 -10.86
CA GLY B 61 -11.68 6.34 -12.27
C GLY B 61 -10.95 5.28 -13.07
N LYS B 62 -9.77 4.90 -12.59
CA LYS B 62 -9.01 3.84 -13.21
C LYS B 62 -9.73 2.53 -12.96
N ALA B 63 -9.54 1.55 -13.84
CA ALA B 63 -10.20 0.26 -13.67
C ALA B 63 -9.51 -0.55 -12.58
N LYS B 64 -8.48 0.03 -11.99
CA LYS B 64 -7.72 -0.64 -10.95
C LYS B 64 -7.17 0.39 -9.95
N ILE B 65 -7.75 0.39 -8.76
CA ILE B 65 -7.32 1.27 -7.68
C ILE B 65 -6.01 0.73 -7.14
N GLN B 66 -4.91 1.47 -7.32
CA GLN B 66 -3.61 0.94 -6.89
C GLN B 66 -2.74 1.97 -6.17
N LEU B 67 -1.66 1.48 -5.58
CA LEU B 67 -0.71 2.33 -4.88
C LEU B 67 0.66 2.23 -5.55
N GLN B 68 1.45 3.29 -5.46
CA GLN B 68 2.77 3.33 -6.03
C GLN B 68 3.76 3.87 -5.00
N LEU B 69 4.77 3.10 -4.69
CA LEU B 69 5.77 3.52 -3.72
C LEU B 69 6.98 4.12 -4.43
N VAL B 70 7.16 5.42 -4.29
CA VAL B 70 8.30 6.09 -4.90
C VAL B 70 9.43 6.17 -3.90
N LEU B 71 10.45 5.36 -4.12
CA LEU B 71 11.58 5.31 -3.23
C LEU B 71 12.44 6.57 -3.36
N HIS B 72 13.47 6.67 -2.54
CA HIS B 72 14.34 7.85 -2.52
C HIS B 72 15.00 8.14 -3.87
N ALA B 73 15.59 7.13 -4.50
CA ALA B 73 16.27 7.33 -5.78
C ALA B 73 15.29 7.61 -6.91
N GLY B 74 14.04 7.22 -6.72
CA GLY B 74 13.03 7.41 -7.74
C GLY B 74 12.46 6.10 -8.19
N ASP B 75 12.66 5.11 -7.35
CA ASP B 75 12.20 3.75 -7.58
C ASP B 75 10.70 3.70 -7.34
N THR B 76 10.01 2.76 -7.96
CA THR B 76 8.58 2.68 -7.78
C THR B 76 8.08 1.25 -7.70
N THR B 77 7.27 0.99 -6.69
CA THR B 77 6.67 -0.31 -6.48
C THR B 77 5.15 -0.19 -6.60
N ASN B 78 4.58 -0.83 -7.61
CA ASN B 78 3.14 -0.77 -7.84
C ASN B 78 2.39 -1.87 -7.10
N PHE B 79 1.34 -1.48 -6.42
CA PHE B 79 0.51 -2.43 -5.67
C PHE B 79 -0.95 -2.28 -6.08
N HIS B 80 -1.43 -3.22 -6.86
CA HIS B 80 -2.80 -3.21 -7.34
C HIS B 80 -3.72 -3.89 -6.35
N PHE B 81 -4.72 -3.16 -5.88
CA PHE B 81 -5.67 -3.73 -4.94
C PHE B 81 -6.72 -4.53 -5.70
N SER B 82 -6.38 -5.78 -5.99
CA SER B 82 -7.25 -6.68 -6.73
C SER B 82 -8.36 -7.25 -5.85
N ASN B 83 -8.60 -6.59 -4.72
CA ASN B 83 -9.63 -7.00 -3.79
C ASN B 83 -10.94 -6.30 -4.16
N GLU B 84 -11.74 -6.95 -4.99
CA GLU B 84 -13.00 -6.38 -5.46
C GLU B 84 -13.92 -5.95 -4.32
N SER B 85 -13.78 -6.61 -3.17
CA SER B 85 -14.60 -6.29 -2.01
C SER B 85 -14.35 -4.88 -1.49
N THR B 86 -13.12 -4.59 -1.08
CA THR B 86 -12.79 -3.28 -0.53
C THR B 86 -11.53 -2.68 -1.14
N ALA B 87 -11.36 -2.81 -2.46
CA ALA B 87 -10.18 -2.31 -3.16
C ALA B 87 -9.91 -0.84 -2.86
N VAL B 88 -10.95 -0.05 -2.81
CA VAL B 88 -10.82 1.38 -2.56
C VAL B 88 -10.49 1.62 -1.09
N LYS B 89 -11.24 0.96 -0.23
CA LYS B 89 -11.08 1.09 1.21
C LYS B 89 -9.68 0.67 1.66
N GLU B 90 -9.22 -0.50 1.20
CA GLU B 90 -7.88 -0.98 1.56
C GLU B 90 -6.83 -0.04 0.99
N ARG B 91 -7.12 0.52 -0.17
CA ARG B 91 -6.22 1.47 -0.82
C ARG B 91 -6.04 2.67 0.08
N ASP B 92 -7.15 3.19 0.58
CA ASP B 92 -7.13 4.35 1.46
C ASP B 92 -6.45 4.03 2.79
N ALA B 93 -6.68 2.82 3.29
CA ALA B 93 -6.08 2.39 4.53
C ALA B 93 -4.56 2.41 4.41
N VAL B 94 -4.06 1.81 3.33
CA VAL B 94 -2.62 1.76 3.07
C VAL B 94 -2.10 3.17 2.76
N LYS B 95 -2.90 3.92 2.02
CA LYS B 95 -2.54 5.26 1.61
C LYS B 95 -2.37 6.19 2.81
N ASP B 96 -3.44 6.32 3.59
CA ASP B 96 -3.44 7.18 4.77
C ASP B 96 -2.43 6.76 5.81
N LEU B 97 -2.26 5.47 5.97
CA LEU B 97 -1.31 4.95 6.94
C LEU B 97 0.11 5.14 6.44
N LEU B 98 0.28 5.13 5.13
CA LEU B 98 1.60 5.36 4.57
C LEU B 98 1.99 6.80 4.81
N GLN B 99 1.14 7.75 4.39
CA GLN B 99 1.40 9.17 4.66
C GLN B 99 1.64 9.38 6.16
N GLN B 100 1.19 8.43 6.96
CA GLN B 100 1.44 8.43 8.40
C GLN B 100 2.79 7.81 8.78
N LEU B 101 2.98 6.56 8.45
CA LEU B 101 4.21 5.84 8.80
C LEU B 101 5.43 6.33 8.03
N LEU B 102 5.25 6.73 6.78
CA LEU B 102 6.36 7.19 5.95
C LEU B 102 7.17 8.30 6.63
N PRO B 103 6.56 9.44 7.01
CA PRO B 103 7.30 10.53 7.66
C PRO B 103 7.56 10.29 9.15
N LYS B 104 6.95 9.24 9.70
CA LYS B 104 7.15 8.92 11.10
C LYS B 104 8.50 8.25 11.29
N PHE B 105 9.03 7.73 10.19
CA PHE B 105 10.33 7.08 10.18
C PHE B 105 11.28 7.87 9.29
N LYS B 106 10.75 8.39 8.19
CA LYS B 106 11.53 9.20 7.27
C LYS B 106 11.33 10.67 7.63
N ARG B 107 12.40 11.36 7.94
CA ARG B 107 12.29 12.77 8.31
C ARG B 107 11.80 13.59 7.12
N LYS B 108 10.50 13.83 7.11
CA LYS B 108 9.86 14.60 6.06
C LYS B 108 10.37 16.02 6.00
N ALA B 109 10.98 16.37 4.88
CA ALA B 109 11.50 17.70 4.66
C ALA B 109 10.70 18.35 3.55
N ASN B 110 9.51 17.81 3.36
CA ASN B 110 8.59 18.26 2.35
C ASN B 110 7.20 18.40 2.95
N ARG A 4 2.95 -11.77 -21.54
CA ARG A 4 4.09 -12.50 -20.95
C ARG A 4 5.30 -11.59 -20.79
N ARG A 5 5.57 -10.77 -21.79
CA ARG A 5 6.71 -9.85 -21.75
C ARG A 5 6.25 -8.54 -21.12
N ARG A 6 5.96 -8.61 -19.82
CA ARG A 6 5.47 -7.45 -19.08
C ARG A 6 4.20 -6.93 -19.75
N THR A 7 4.31 -5.76 -20.37
CA THR A 7 3.20 -5.18 -21.08
C THR A 7 3.32 -5.51 -22.56
N GLU A 8 2.45 -6.40 -23.04
CA GLU A 8 2.47 -6.84 -24.44
C GLU A 8 2.34 -5.68 -25.41
N ALA A 9 1.35 -4.82 -25.19
CA ALA A 9 1.13 -3.69 -26.07
C ALA A 9 1.51 -2.39 -25.37
N LEU A 10 0.61 -1.92 -24.51
CA LEU A 10 0.84 -0.69 -23.75
C LEU A 10 -0.24 -0.56 -22.69
N GLY A 11 -1.48 -0.75 -23.12
CA GLY A 11 -2.60 -0.68 -22.21
C GLY A 11 -2.83 -1.99 -21.49
N ASP A 12 -1.98 -2.26 -20.49
CA ASP A 12 -2.06 -3.47 -19.68
C ASP A 12 -1.73 -4.73 -20.50
N ALA A 13 -1.86 -5.87 -19.84
CA ALA A 13 -1.60 -7.17 -20.42
C ALA A 13 -2.37 -8.19 -19.59
N GLU A 14 -1.73 -9.31 -19.28
CA GLU A 14 -2.35 -10.33 -18.45
C GLU A 14 -2.29 -9.88 -16.98
N GLU A 15 -2.92 -8.73 -16.70
CA GLU A 15 -2.93 -8.14 -15.37
C GLU A 15 -1.52 -7.65 -15.04
N ASP A 16 -1.07 -6.68 -15.82
CA ASP A 16 0.26 -6.13 -15.65
C ASP A 16 0.21 -4.86 -14.82
N GLU A 17 -0.96 -4.62 -14.24
CA GLU A 17 -1.24 -3.45 -13.41
C GLU A 17 -1.27 -2.16 -14.22
N ASP A 18 -2.01 -1.19 -13.71
CA ASP A 18 -2.08 0.11 -14.34
C ASP A 18 -0.91 0.91 -13.81
N ASP A 19 0.26 0.68 -14.40
CA ASP A 19 1.51 1.31 -13.96
C ASP A 19 1.53 2.83 -14.11
N GLU A 20 0.50 3.40 -14.71
CA GLU A 20 0.44 4.84 -14.88
C GLU A 20 -0.73 5.41 -14.11
N ASP A 21 -0.88 6.72 -14.22
CA ASP A 21 -1.96 7.43 -13.58
C ASP A 21 -2.02 7.16 -12.09
N PHE A 22 -1.02 7.63 -11.36
CA PHE A 22 -1.00 7.55 -9.91
C PHE A 22 -0.87 8.94 -9.40
N VAL A 23 -1.78 9.32 -8.54
CA VAL A 23 -1.79 10.62 -7.96
C VAL A 23 -0.93 10.61 -6.74
N GLU A 24 0.08 11.46 -6.76
CA GLU A 24 1.03 11.51 -5.69
C GLU A 24 0.35 11.71 -4.34
N VAL A 25 0.65 10.79 -3.46
CA VAL A 25 0.13 10.80 -2.12
C VAL A 25 1.15 11.47 -1.21
N PRO A 26 0.77 12.65 -0.66
CA PRO A 26 1.62 13.43 0.23
C PRO A 26 1.82 12.75 1.57
N GLU A 27 2.68 13.31 2.39
CA GLU A 27 2.96 12.76 3.70
C GLU A 27 2.22 13.55 4.77
N LYS A 28 1.99 12.94 5.93
CA LYS A 28 1.27 13.63 7.00
C LYS A 28 2.08 13.76 8.27
N GLU A 29 2.72 12.66 8.68
CA GLU A 29 3.51 12.61 9.92
C GLU A 29 2.63 12.76 11.16
N GLY A 30 1.81 13.80 11.19
CA GLY A 30 0.96 14.04 12.35
C GLY A 30 -0.48 14.31 11.97
N TYR A 31 -1.25 13.24 11.85
CA TYR A 31 -2.66 13.34 11.52
C TYR A 31 -3.43 12.21 12.22
N GLU A 32 -2.66 11.38 12.93
CA GLU A 32 -3.13 10.20 13.68
C GLU A 32 -4.65 10.12 13.81
N PRO A 33 -5.28 9.29 12.96
CA PRO A 33 -6.73 9.11 12.91
C PRO A 33 -7.21 8.04 13.89
N HIS A 34 -6.59 7.97 15.06
CA HIS A 34 -6.96 6.97 16.04
C HIS A 34 -6.61 7.43 17.44
N ILE A 35 -7.07 6.66 18.41
CA ILE A 35 -6.84 6.95 19.81
C ILE A 35 -6.88 5.64 20.61
N PRO A 36 -6.24 5.60 21.80
CA PRO A 36 -6.22 4.41 22.66
C PRO A 36 -7.57 3.70 22.69
N ASP A 37 -7.53 2.39 22.46
CA ASP A 37 -8.75 1.59 22.46
C ASP A 37 -9.46 1.62 23.81
N HIS A 38 -10.76 1.91 23.75
CA HIS A 38 -11.62 1.99 24.94
C HIS A 38 -13.00 2.48 24.54
N LEU A 39 -13.05 3.25 23.45
CA LEU A 39 -14.31 3.80 22.95
C LEU A 39 -15.06 2.80 22.07
N ARG A 40 -15.29 1.61 22.60
CA ARG A 40 -16.00 0.57 21.86
C ARG A 40 -17.24 0.13 22.64
N PRO A 41 -18.42 0.63 22.25
CA PRO A 41 -19.68 0.30 22.91
C PRO A 41 -20.23 -1.06 22.49
N GLU A 42 -19.37 -2.07 22.49
CA GLU A 42 -19.75 -3.42 22.12
C GLU A 42 -19.84 -4.29 23.36
N TYR A 43 -19.74 -3.65 24.51
CA TYR A 43 -19.78 -4.32 25.80
C TYR A 43 -20.77 -3.60 26.70
N GLY A 44 -21.12 -4.24 27.81
CA GLY A 44 -22.05 -3.65 28.74
C GLY A 44 -23.24 -4.56 29.01
N LEU A 45 -23.07 -5.83 28.69
CA LEU A 45 -24.12 -6.83 28.89
C LEU A 45 -23.63 -7.91 29.84
N GLU A 46 -22.32 -7.92 30.07
CA GLU A 46 -21.68 -8.89 30.95
C GLU A 46 -21.99 -8.57 32.41
N ALA A 47 -22.33 -7.31 32.68
CA ALA A 47 -22.64 -6.86 34.02
C ALA A 47 -23.75 -5.83 33.98
N ALA A 48 -24.56 -5.82 35.03
CA ALA A 48 -25.67 -4.88 35.14
C ALA A 48 -26.04 -4.71 36.60
N MET B 3 10.97 -17.79 14.14
CA MET B 3 10.39 -19.02 13.54
C MET B 3 10.38 -18.88 12.03
N ALA B 4 9.59 -19.70 11.34
CA ALA B 4 9.49 -19.62 9.89
C ALA B 4 8.98 -18.25 9.49
N THR B 5 7.74 -17.96 9.86
CA THR B 5 7.14 -16.67 9.59
C THR B 5 7.45 -15.73 10.74
N SER B 6 8.38 -14.82 10.53
CA SER B 6 8.75 -13.87 11.57
C SER B 6 9.15 -12.54 10.93
N SER B 7 8.41 -11.50 11.28
CA SER B 7 8.67 -10.17 10.75
C SER B 7 8.20 -9.13 11.76
N GLU B 8 8.09 -7.88 11.35
CA GLU B 8 7.65 -6.81 12.23
C GLU B 8 6.15 -6.93 12.50
N GLU B 9 5.67 -6.22 13.51
CA GLU B 9 4.26 -6.23 13.86
C GLU B 9 3.42 -5.75 12.69
N VAL B 10 2.42 -6.54 12.33
CA VAL B 10 1.54 -6.21 11.22
C VAL B 10 0.48 -5.23 11.69
N LEU B 11 0.65 -3.96 11.33
CA LEU B 11 -0.28 -2.91 11.74
C LEU B 11 -1.47 -2.84 10.78
N LEU B 12 -1.23 -3.11 9.51
CA LEU B 12 -2.30 -3.07 8.51
C LEU B 12 -2.31 -4.33 7.66
N ILE B 13 -3.47 -4.95 7.53
CA ILE B 13 -3.61 -6.16 6.74
C ILE B 13 -4.48 -5.92 5.52
N VAL B 14 -3.88 -6.07 4.34
CA VAL B 14 -4.58 -5.89 3.08
C VAL B 14 -4.73 -7.24 2.38
N LYS B 15 -5.85 -7.44 1.69
CA LYS B 15 -6.10 -8.69 1.00
C LYS B 15 -6.25 -8.51 -0.50
N LYS B 16 -6.09 -9.62 -1.22
CA LYS B 16 -6.19 -9.67 -2.68
C LYS B 16 -5.48 -8.51 -3.37
N VAL B 17 -4.18 -8.45 -3.21
CA VAL B 17 -3.36 -7.41 -3.81
C VAL B 17 -2.43 -8.04 -4.82
N ARG B 18 -2.46 -7.56 -6.04
CA ARG B 18 -1.62 -8.12 -7.08
C ARG B 18 -0.41 -7.24 -7.36
N GLN B 19 0.74 -7.88 -7.43
CA GLN B 19 2.00 -7.22 -7.70
C GLN B 19 2.65 -7.85 -8.92
N LYS B 20 2.65 -7.12 -10.03
CA LYS B 20 3.24 -7.56 -11.28
C LYS B 20 2.80 -8.97 -11.69
N LYS B 21 1.51 -9.11 -12.00
CA LYS B 21 0.91 -10.37 -12.45
C LYS B 21 0.92 -11.46 -11.38
N GLN B 22 1.03 -11.06 -10.12
CA GLN B 22 1.04 -12.03 -9.02
C GLN B 22 0.05 -11.62 -7.95
N ASP B 23 -0.87 -12.50 -7.60
CA ASP B 23 -1.88 -12.20 -6.58
C ASP B 23 -1.32 -12.50 -5.20
N GLY B 24 -1.82 -11.82 -4.19
CA GLY B 24 -1.34 -12.05 -2.85
C GLY B 24 -1.96 -11.13 -1.83
N ALA B 25 -1.21 -10.84 -0.77
CA ALA B 25 -1.69 -9.96 0.29
C ALA B 25 -0.61 -8.98 0.72
N LEU B 26 -1.04 -7.78 1.06
CA LEU B 26 -0.14 -6.73 1.49
C LEU B 26 -0.27 -6.53 3.00
N TYR B 27 0.85 -6.33 3.65
CA TYR B 27 0.85 -6.13 5.11
C TYR B 27 1.75 -4.97 5.51
N LEU B 28 1.16 -3.98 6.17
CA LEU B 28 1.91 -2.84 6.66
C LEU B 28 2.47 -3.20 8.02
N MET B 29 3.76 -3.06 8.20
CA MET B 29 4.39 -3.42 9.45
C MET B 29 4.92 -2.19 10.18
N ALA B 30 5.43 -2.43 11.38
CA ALA B 30 5.94 -1.38 12.26
C ALA B 30 6.79 -0.34 11.53
N GLU B 31 7.81 -0.78 10.81
CA GLU B 31 8.66 0.16 10.10
C GLU B 31 8.82 -0.23 8.63
N ARG B 32 7.92 -1.05 8.11
CA ARG B 32 8.05 -1.48 6.72
C ARG B 32 6.74 -1.92 6.12
N ILE B 33 6.71 -1.99 4.80
CA ILE B 33 5.57 -2.43 4.04
C ILE B 33 6.00 -3.64 3.22
N ALA B 34 5.32 -4.75 3.39
CA ALA B 34 5.68 -5.95 2.67
C ALA B 34 4.48 -6.61 1.99
N TRP B 35 4.77 -7.29 0.90
CA TRP B 35 3.75 -7.98 0.13
C TRP B 35 4.17 -9.43 -0.07
N ALA B 36 3.23 -10.34 0.16
CA ALA B 36 3.50 -11.75 0.01
C ALA B 36 2.46 -12.38 -0.92
N PRO B 37 2.90 -13.24 -1.84
CA PRO B 37 2.01 -13.93 -2.79
C PRO B 37 0.97 -14.80 -2.08
N GLU B 38 -0.10 -15.09 -2.78
CA GLU B 38 -1.21 -15.89 -2.24
C GLU B 38 -0.75 -17.25 -1.71
N GLY B 39 -1.22 -17.56 -0.50
CA GLY B 39 -0.91 -18.83 0.14
C GLY B 39 0.55 -18.98 0.52
N LYS B 40 1.35 -17.94 0.29
CA LYS B 40 2.76 -17.99 0.62
C LYS B 40 3.09 -17.01 1.73
N ASP B 41 3.89 -17.47 2.69
CA ASP B 41 4.28 -16.65 3.83
C ASP B 41 5.63 -15.98 3.58
N ARG B 42 6.04 -15.99 2.32
CA ARG B 42 7.31 -15.40 1.93
C ARG B 42 7.06 -14.09 1.21
N PHE B 43 7.45 -13.00 1.85
CA PHE B 43 7.28 -11.67 1.27
C PHE B 43 8.32 -11.42 0.20
N THR B 44 7.86 -11.16 -1.01
CA THR B 44 8.74 -10.89 -2.13
C THR B 44 9.08 -9.41 -2.19
N ILE B 45 8.16 -8.59 -1.69
CA ILE B 45 8.33 -7.15 -1.65
C ILE B 45 8.42 -6.68 -0.21
N SER B 46 9.50 -6.01 0.15
CA SER B 46 9.66 -5.53 1.51
C SER B 46 10.43 -4.20 1.51
N HIS B 47 9.71 -3.11 1.69
CA HIS B 47 10.31 -1.78 1.72
C HIS B 47 10.08 -1.13 3.06
N MET B 48 11.08 -0.48 3.59
CA MET B 48 10.94 0.21 4.85
C MET B 48 10.45 1.61 4.55
N TYR B 49 9.66 2.16 5.45
CA TYR B 49 9.13 3.52 5.26
C TYR B 49 10.27 4.52 5.12
N ALA B 50 11.40 4.18 5.73
CA ALA B 50 12.58 5.05 5.70
C ALA B 50 13.28 5.02 4.35
N ASP B 51 12.90 4.08 3.47
CA ASP B 51 13.52 3.99 2.15
C ASP B 51 12.62 4.61 1.10
N ILE B 52 11.39 4.92 1.48
CA ILE B 52 10.42 5.48 0.57
C ILE B 52 10.43 7.01 0.64
N LYS B 53 10.42 7.65 -0.53
CA LYS B 53 10.42 9.11 -0.59
C LYS B 53 9.01 9.66 -0.45
N CYS B 54 8.15 9.26 -1.37
CA CYS B 54 6.75 9.68 -1.37
C CYS B 54 5.91 8.55 -1.94
N GLN B 55 4.61 8.72 -2.03
CA GLN B 55 3.78 7.67 -2.54
C GLN B 55 2.82 8.26 -3.54
N LYS B 56 2.17 7.43 -4.33
CA LYS B 56 1.16 7.87 -5.29
C LYS B 56 0.08 6.83 -5.31
N ILE B 57 -1.06 7.16 -5.87
CA ILE B 57 -2.16 6.21 -5.94
C ILE B 57 -2.85 6.26 -7.26
N SER B 58 -3.16 5.13 -7.88
CA SER B 58 -3.90 5.20 -9.11
C SER B 58 -5.28 5.66 -8.70
N PRO B 59 -5.59 6.92 -9.07
CA PRO B 59 -6.81 7.64 -8.69
C PRO B 59 -8.10 6.92 -9.03
N GLU B 60 -9.19 7.43 -8.48
CA GLU B 60 -10.51 6.90 -8.73
C GLU B 60 -10.86 7.16 -10.18
N GLY B 61 -11.54 6.21 -10.80
CA GLY B 61 -11.88 6.33 -12.20
C GLY B 61 -11.16 5.28 -13.00
N LYS B 62 -9.96 4.92 -12.54
CA LYS B 62 -9.19 3.86 -13.17
C LYS B 62 -9.93 2.55 -12.97
N ALA B 63 -9.72 1.59 -13.87
CA ALA B 63 -10.39 0.30 -13.75
C ALA B 63 -9.74 -0.52 -12.63
N LYS B 64 -8.58 -0.07 -12.20
CA LYS B 64 -7.84 -0.73 -11.14
C LYS B 64 -7.27 0.29 -10.17
N ILE B 65 -7.78 0.29 -8.94
CA ILE B 65 -7.33 1.20 -7.90
C ILE B 65 -6.02 0.68 -7.31
N GLN B 66 -4.95 1.48 -7.38
CA GLN B 66 -3.65 0.99 -6.90
C GLN B 66 -2.85 2.04 -6.13
N LEU B 67 -1.79 1.58 -5.50
CA LEU B 67 -0.86 2.44 -4.77
C LEU B 67 0.53 2.31 -5.37
N GLN B 68 1.28 3.40 -5.37
CA GLN B 68 2.63 3.40 -5.90
C GLN B 68 3.60 3.95 -4.87
N LEU B 69 4.68 3.22 -4.62
CA LEU B 69 5.69 3.63 -3.68
C LEU B 69 6.90 4.21 -4.40
N VAL B 70 7.11 5.51 -4.29
CA VAL B 70 8.25 6.13 -4.93
C VAL B 70 9.40 6.21 -3.93
N LEU B 71 10.40 5.38 -4.13
CA LEU B 71 11.54 5.33 -3.25
C LEU B 71 12.40 6.59 -3.39
N HIS B 72 13.43 6.69 -2.57
CA HIS B 72 14.30 7.87 -2.57
C HIS B 72 14.98 8.14 -3.91
N ALA B 73 15.57 7.12 -4.53
CA ALA B 73 16.27 7.30 -5.80
C ALA B 73 15.29 7.58 -6.95
N GLY B 74 14.03 7.20 -6.76
CA GLY B 74 13.04 7.40 -7.79
C GLY B 74 12.46 6.07 -8.22
N ASP B 75 12.64 5.09 -7.36
CA ASP B 75 12.17 3.74 -7.58
C ASP B 75 10.68 3.71 -7.34
N THR B 76 9.98 2.76 -7.93
CA THR B 76 8.54 2.70 -7.74
C THR B 76 8.03 1.27 -7.61
N THR B 77 7.23 1.05 -6.58
CA THR B 77 6.63 -0.24 -6.34
C THR B 77 5.12 -0.12 -6.47
N ASN B 78 4.55 -0.87 -7.41
CA ASN B 78 3.10 -0.82 -7.65
C ASN B 78 2.37 -1.93 -6.93
N PHE B 79 1.22 -1.59 -6.36
CA PHE B 79 0.39 -2.54 -5.66
C PHE B 79 -1.06 -2.40 -6.10
N HIS B 80 -1.55 -3.37 -6.83
CA HIS B 80 -2.92 -3.36 -7.33
C HIS B 80 -3.87 -3.96 -6.29
N PHE B 81 -4.81 -3.15 -5.83
CA PHE B 81 -5.80 -3.62 -4.87
C PHE B 81 -6.93 -4.32 -5.61
N SER B 82 -6.65 -5.55 -6.01
CA SER B 82 -7.60 -6.35 -6.77
C SER B 82 -8.72 -6.95 -5.92
N ASN B 83 -8.93 -6.39 -4.74
CA ASN B 83 -9.99 -6.87 -3.86
C ASN B 83 -11.27 -6.12 -4.13
N GLU B 84 -12.18 -6.75 -4.83
CA GLU B 84 -13.46 -6.15 -5.21
C GLU B 84 -14.29 -5.72 -4.00
N SER B 85 -13.99 -6.30 -2.84
CA SER B 85 -14.72 -5.99 -1.63
C SER B 85 -14.26 -4.69 -0.97
N THR B 86 -12.95 -4.53 -0.79
CA THR B 86 -12.43 -3.33 -0.14
C THR B 86 -11.26 -2.70 -0.89
N ALA B 87 -11.30 -2.70 -2.23
CA ALA B 87 -10.20 -2.13 -3.04
C ALA B 87 -9.87 -0.71 -2.63
N VAL B 88 -10.79 0.20 -2.90
CA VAL B 88 -10.63 1.61 -2.57
C VAL B 88 -10.37 1.80 -1.07
N LYS B 89 -11.12 1.06 -0.26
CA LYS B 89 -11.04 1.14 1.18
C LYS B 89 -9.65 0.75 1.70
N GLU B 90 -9.13 -0.38 1.24
CA GLU B 90 -7.81 -0.83 1.66
C GLU B 90 -6.73 0.07 1.06
N ARG B 91 -6.98 0.54 -0.15
CA ARG B 91 -6.05 1.43 -0.84
C ARG B 91 -5.80 2.67 0.00
N ASP B 92 -6.90 3.30 0.43
CA ASP B 92 -6.83 4.49 1.24
C ASP B 92 -6.28 4.20 2.63
N ALA B 93 -6.53 3.00 3.13
CA ALA B 93 -6.02 2.61 4.44
C ALA B 93 -4.50 2.60 4.43
N VAL B 94 -3.93 2.02 3.37
CA VAL B 94 -2.48 1.95 3.22
C VAL B 94 -1.95 3.33 2.88
N LYS B 95 -2.74 4.06 2.11
CA LYS B 95 -2.41 5.38 1.65
C LYS B 95 -2.30 6.37 2.82
N ASP B 96 -3.36 6.46 3.61
CA ASP B 96 -3.40 7.37 4.75
C ASP B 96 -2.40 6.98 5.83
N LEU B 97 -2.17 5.68 5.98
CA LEU B 97 -1.23 5.19 6.98
C LEU B 97 0.19 5.41 6.51
N LEU B 98 0.39 5.40 5.19
CA LEU B 98 1.73 5.62 4.64
C LEU B 98 2.13 7.06 4.92
N GLN B 99 1.38 8.03 4.40
CA GLN B 99 1.66 9.45 4.69
C GLN B 99 1.91 9.64 6.18
N GLN B 100 1.21 8.87 6.98
CA GLN B 100 1.36 8.89 8.42
C GLN B 100 2.73 8.38 8.89
N LEU B 101 3.07 7.17 8.47
CA LEU B 101 4.30 6.53 8.91
C LEU B 101 5.54 6.86 8.07
N LEU B 102 5.36 7.11 6.78
CA LEU B 102 6.48 7.38 5.86
C LEU B 102 7.48 8.43 6.41
N PRO B 103 7.08 9.69 6.65
CA PRO B 103 8.00 10.71 7.14
C PRO B 103 8.28 10.58 8.64
N LYS B 104 7.45 9.82 9.33
CA LYS B 104 7.62 9.62 10.75
C LYS B 104 8.80 8.71 11.04
N PHE B 105 8.92 7.66 10.25
CA PHE B 105 10.00 6.71 10.44
C PHE B 105 11.29 7.20 9.81
N LYS B 106 11.20 8.14 8.88
CA LYS B 106 12.40 8.72 8.32
C LYS B 106 13.02 9.53 9.44
N ARG B 107 14.17 9.06 9.96
CA ARG B 107 14.83 9.71 11.08
C ARG B 107 15.01 11.21 10.84
N LYS B 108 14.02 11.96 11.36
CA LYS B 108 13.89 13.42 11.28
C LYS B 108 14.80 14.08 10.23
N ALA B 109 14.52 13.75 8.99
CA ALA B 109 15.22 14.30 7.84
C ALA B 109 14.21 14.44 6.72
N ASN B 110 12.95 14.40 7.15
CA ASN B 110 11.79 14.48 6.28
C ASN B 110 10.57 14.62 7.17
N ARG A 4 8.68 -9.29 -12.25
CA ARG A 4 9.76 -10.25 -12.58
C ARG A 4 10.87 -9.59 -13.39
N ARG A 5 10.59 -8.39 -13.93
CA ARG A 5 11.57 -7.66 -14.73
C ARG A 5 11.78 -8.42 -16.05
N ARG A 6 10.67 -8.92 -16.56
CA ARG A 6 10.63 -9.70 -17.78
C ARG A 6 9.15 -9.82 -18.17
N THR A 7 8.81 -10.72 -19.08
CA THR A 7 7.42 -10.91 -19.44
C THR A 7 6.64 -11.34 -18.21
N GLU A 8 5.93 -10.39 -17.61
CA GLU A 8 5.16 -10.64 -16.40
C GLU A 8 4.01 -11.61 -16.66
N ALA A 9 4.27 -12.88 -16.33
CA ALA A 9 3.30 -13.94 -16.50
C ALA A 9 3.86 -15.23 -15.91
N LEU A 10 2.98 -16.06 -15.39
CA LEU A 10 3.38 -17.35 -14.81
C LEU A 10 2.34 -18.40 -15.15
N GLY A 11 1.27 -18.43 -14.37
CA GLY A 11 0.19 -19.37 -14.61
C GLY A 11 -1.09 -18.62 -14.86
N ASP A 12 -1.04 -17.34 -14.58
CA ASP A 12 -2.16 -16.43 -14.75
C ASP A 12 -1.82 -15.39 -15.81
N ALA A 13 -2.81 -14.98 -16.58
CA ALA A 13 -2.60 -13.98 -17.62
C ALA A 13 -3.90 -13.25 -17.94
N GLU A 14 -4.27 -12.32 -17.09
CA GLU A 14 -5.48 -11.54 -17.28
C GLU A 14 -5.17 -10.04 -17.32
N GLU A 15 -5.90 -9.26 -16.52
CA GLU A 15 -5.70 -7.82 -16.47
C GLU A 15 -4.31 -7.49 -15.93
N ASP A 16 -3.72 -6.42 -16.42
CA ASP A 16 -2.38 -6.05 -15.98
C ASP A 16 -2.40 -4.74 -15.23
N GLU A 17 -1.64 -4.68 -14.14
CA GLU A 17 -1.54 -3.49 -13.32
C GLU A 17 -1.20 -2.28 -14.17
N ASP A 18 -2.12 -1.31 -14.23
CA ASP A 18 -1.90 -0.10 -14.99
C ASP A 18 -0.96 0.77 -14.18
N ASP A 19 0.32 0.65 -14.50
CA ASP A 19 1.40 1.34 -13.78
C ASP A 19 1.42 2.85 -14.04
N GLU A 20 0.35 3.40 -14.59
CA GLU A 20 0.30 4.82 -14.86
C GLU A 20 -0.86 5.46 -14.12
N ASP A 21 -0.84 6.78 -14.04
CA ASP A 21 -1.88 7.56 -13.39
C ASP A 21 -2.00 7.23 -11.92
N PHE A 22 -0.97 7.59 -11.15
CA PHE A 22 -0.99 7.43 -9.72
C PHE A 22 -0.81 8.82 -9.14
N VAL A 23 -1.72 9.19 -8.29
CA VAL A 23 -1.70 10.48 -7.70
C VAL A 23 -0.80 10.46 -6.50
N GLU A 24 0.21 11.30 -6.55
CA GLU A 24 1.20 11.33 -5.51
C GLU A 24 0.57 11.55 -4.15
N VAL A 25 0.88 10.63 -3.26
CA VAL A 25 0.39 10.66 -1.91
C VAL A 25 1.44 11.29 -1.01
N PRO A 26 1.08 12.42 -0.40
CA PRO A 26 1.97 13.15 0.51
C PRO A 26 1.85 12.64 1.93
N GLU A 27 2.71 13.15 2.81
CA GLU A 27 2.68 12.78 4.22
C GLU A 27 1.65 13.65 4.95
N LYS A 28 1.15 13.18 6.07
CA LYS A 28 0.17 13.96 6.81
C LYS A 28 0.66 14.34 8.21
N GLU A 29 1.37 13.41 8.85
CA GLU A 29 1.91 13.63 10.19
C GLU A 29 0.81 13.82 11.23
N GLY A 30 0.29 15.04 11.32
CA GLY A 30 -0.73 15.36 12.31
C GLY A 30 -2.12 15.02 11.82
N TYR A 31 -2.39 13.75 11.64
CA TYR A 31 -3.69 13.30 11.19
C TYR A 31 -4.17 12.13 12.03
N GLU A 32 -5.44 12.15 12.39
CA GLU A 32 -6.04 11.09 13.17
C GLU A 32 -7.28 10.59 12.46
N PRO A 33 -7.41 9.25 12.32
CA PRO A 33 -8.57 8.63 11.66
C PRO A 33 -9.83 8.69 12.52
N HIS A 34 -10.19 9.89 12.95
CA HIS A 34 -11.35 10.09 13.78
C HIS A 34 -12.34 11.02 13.12
N ILE A 35 -13.36 11.37 13.88
CA ILE A 35 -14.40 12.23 13.40
C ILE A 35 -14.70 13.37 14.41
N PRO A 36 -14.88 13.07 15.72
CA PRO A 36 -15.16 14.10 16.71
C PRO A 36 -13.92 14.90 17.12
N ASP A 37 -12.74 14.39 16.76
CA ASP A 37 -11.46 15.03 17.05
C ASP A 37 -11.17 15.09 18.57
N HIS A 38 -11.70 16.11 19.24
CA HIS A 38 -11.49 16.31 20.67
C HIS A 38 -12.35 15.38 21.52
N LEU A 39 -13.59 15.19 21.09
CA LEU A 39 -14.52 14.35 21.81
C LEU A 39 -14.32 12.89 21.43
N ARG A 40 -13.11 12.39 21.67
CA ARG A 40 -12.77 11.02 21.33
C ARG A 40 -12.22 10.28 22.54
N PRO A 41 -12.27 8.95 22.51
CA PRO A 41 -11.73 8.12 23.59
C PRO A 41 -10.22 7.97 23.44
N GLU A 42 -9.66 6.92 24.01
CA GLU A 42 -8.23 6.68 23.90
C GLU A 42 -7.96 5.43 23.09
N TYR A 43 -6.70 5.04 23.00
CA TYR A 43 -6.32 3.85 22.26
C TYR A 43 -6.20 2.66 23.20
N GLY A 44 -6.99 2.68 24.27
CA GLY A 44 -6.96 1.60 25.22
C GLY A 44 -8.06 0.60 24.97
N LEU A 45 -8.91 0.90 23.98
CA LEU A 45 -10.03 0.05 23.59
C LEU A 45 -11.07 -0.01 24.71
N GLU A 46 -11.38 1.16 25.26
CA GLU A 46 -12.36 1.27 26.34
C GLU A 46 -13.76 0.86 25.84
N ALA A 47 -14.13 -0.38 26.13
CA ALA A 47 -15.43 -0.89 25.73
C ALA A 47 -16.18 -1.43 26.93
N ALA A 48 -15.66 -1.13 28.10
CA ALA A 48 -16.25 -1.56 29.36
C ALA A 48 -15.71 -0.71 30.49
N MET B 3 12.28 -17.06 13.87
CA MET B 3 11.33 -18.07 13.32
C MET B 3 11.29 -17.97 11.81
N ALA B 4 10.28 -18.57 11.19
CA ALA B 4 10.14 -18.50 9.74
C ALA B 4 9.76 -17.09 9.32
N THR B 5 8.53 -16.71 9.62
CA THR B 5 8.03 -15.39 9.29
C THR B 5 8.47 -14.37 10.36
N SER B 6 9.75 -14.08 10.40
CA SER B 6 10.29 -13.14 11.38
C SER B 6 10.19 -11.71 10.86
N SER B 7 9.32 -10.92 11.49
CA SER B 7 9.12 -9.53 11.12
C SER B 7 8.46 -8.80 12.30
N GLU B 8 8.19 -7.51 12.12
CA GLU B 8 7.57 -6.72 13.17
C GLU B 8 6.05 -6.90 13.12
N GLU B 9 5.36 -6.26 14.06
CA GLU B 9 3.90 -6.34 14.12
C GLU B 9 3.26 -5.77 12.85
N VAL B 10 2.17 -6.39 12.43
CA VAL B 10 1.46 -5.98 11.24
C VAL B 10 0.37 -4.97 11.60
N LEU B 11 0.59 -3.72 11.25
CA LEU B 11 -0.35 -2.65 11.55
C LEU B 11 -1.54 -2.67 10.61
N LEU B 12 -1.32 -3.05 9.35
CA LEU B 12 -2.40 -3.08 8.37
C LEU B 12 -2.35 -4.33 7.52
N ILE B 13 -3.51 -4.92 7.28
CA ILE B 13 -3.60 -6.13 6.46
C ILE B 13 -4.60 -5.96 5.33
N VAL B 14 -4.08 -5.96 4.11
CA VAL B 14 -4.91 -5.82 2.91
C VAL B 14 -4.82 -7.09 2.10
N LYS B 15 -5.95 -7.72 1.84
CA LYS B 15 -5.97 -8.97 1.08
C LYS B 15 -6.20 -8.70 -0.40
N LYS B 16 -5.95 -9.72 -1.22
CA LYS B 16 -6.10 -9.61 -2.67
C LYS B 16 -5.35 -8.41 -3.24
N VAL B 17 -4.03 -8.54 -3.31
CA VAL B 17 -3.19 -7.50 -3.84
C VAL B 17 -2.26 -8.09 -4.90
N ARG B 18 -2.39 -7.63 -6.13
CA ARG B 18 -1.58 -8.13 -7.22
C ARG B 18 -0.41 -7.20 -7.53
N GLN B 19 0.77 -7.79 -7.65
CA GLN B 19 1.97 -7.06 -7.97
C GLN B 19 2.51 -7.55 -9.31
N LYS B 20 2.29 -6.77 -10.37
CA LYS B 20 2.75 -7.11 -11.72
C LYS B 20 2.46 -8.56 -12.10
N LYS B 21 1.17 -8.89 -12.23
CA LYS B 21 0.73 -10.23 -12.60
C LYS B 21 1.08 -11.28 -11.54
N GLN B 22 0.94 -10.90 -10.28
CA GLN B 22 1.21 -11.80 -9.17
C GLN B 22 0.23 -11.49 -8.04
N ASP B 23 -0.62 -12.44 -7.68
CA ASP B 23 -1.59 -12.19 -6.62
C ASP B 23 -0.99 -12.45 -5.25
N GLY B 24 -1.51 -11.76 -4.25
CA GLY B 24 -1.01 -11.91 -2.90
C GLY B 24 -1.71 -11.00 -1.93
N ALA B 25 -0.99 -10.55 -0.92
CA ALA B 25 -1.55 -9.67 0.10
C ALA B 25 -0.51 -8.67 0.58
N LEU B 26 -0.97 -7.46 0.88
CA LEU B 26 -0.09 -6.42 1.34
C LEU B 26 -0.24 -6.24 2.84
N TYR B 27 0.89 -6.22 3.53
CA TYR B 27 0.89 -6.07 4.97
C TYR B 27 1.72 -4.86 5.40
N LEU B 28 1.06 -3.88 6.00
CA LEU B 28 1.76 -2.70 6.48
C LEU B 28 2.36 -3.01 7.82
N MET B 29 3.64 -2.80 7.97
CA MET B 29 4.32 -3.12 9.20
C MET B 29 4.79 -1.85 9.90
N ALA B 30 5.06 -1.97 11.20
CA ALA B 30 5.47 -0.85 12.03
C ALA B 30 6.63 -0.03 11.44
N GLU B 31 7.62 -0.71 10.86
CA GLU B 31 8.77 0.00 10.31
C GLU B 31 8.90 -0.18 8.79
N ARG B 32 8.00 -0.94 8.17
CA ARG B 32 8.12 -1.19 6.74
C ARG B 32 6.82 -1.64 6.11
N ILE B 33 6.86 -1.85 4.80
CA ILE B 33 5.72 -2.34 4.06
C ILE B 33 6.16 -3.55 3.25
N ALA B 34 5.45 -4.65 3.39
CA ALA B 34 5.82 -5.85 2.68
C ALA B 34 4.63 -6.49 1.98
N TRP B 35 4.92 -7.18 0.89
CA TRP B 35 3.91 -7.85 0.11
C TRP B 35 4.34 -9.29 -0.14
N ALA B 36 3.41 -10.21 0.05
CA ALA B 36 3.70 -11.62 -0.16
C ALA B 36 2.56 -12.29 -0.91
N PRO B 37 2.88 -13.18 -1.86
CA PRO B 37 1.87 -13.90 -2.63
C PRO B 37 0.99 -14.74 -1.71
N GLU B 38 -0.31 -14.73 -1.98
CA GLU B 38 -1.28 -15.44 -1.15
C GLU B 38 -0.90 -16.90 -0.92
N GLY B 39 -1.05 -17.33 0.33
CA GLY B 39 -0.73 -18.69 0.70
C GLY B 39 0.73 -18.89 1.06
N LYS B 40 1.55 -17.88 0.84
CA LYS B 40 2.97 -17.97 1.16
C LYS B 40 3.33 -17.01 2.28
N ASP B 41 4.26 -17.42 3.14
CA ASP B 41 4.71 -16.59 4.25
C ASP B 41 6.02 -15.90 3.88
N ARG B 42 6.34 -15.95 2.60
CA ARG B 42 7.57 -15.36 2.10
C ARG B 42 7.26 -14.07 1.37
N PHE B 43 7.69 -12.96 1.93
CA PHE B 43 7.47 -11.66 1.32
C PHE B 43 8.46 -11.44 0.19
N THR B 44 7.92 -11.23 -1.01
CA THR B 44 8.75 -11.00 -2.17
C THR B 44 9.12 -9.52 -2.27
N ILE B 45 8.26 -8.70 -1.67
CA ILE B 45 8.46 -7.26 -1.65
C ILE B 45 8.61 -6.80 -0.21
N SER B 46 9.72 -6.14 0.09
CA SER B 46 9.96 -5.65 1.44
C SER B 46 10.67 -4.30 1.39
N HIS B 47 9.94 -3.23 1.65
CA HIS B 47 10.51 -1.89 1.63
C HIS B 47 10.29 -1.21 2.97
N MET B 48 11.35 -0.63 3.50
CA MET B 48 11.25 0.08 4.74
C MET B 48 10.83 1.50 4.42
N TYR B 49 10.13 2.14 5.33
CA TYR B 49 9.68 3.51 5.08
C TYR B 49 10.88 4.44 4.91
N ALA B 50 12.03 4.02 5.40
CA ALA B 50 13.25 4.80 5.31
C ALA B 50 13.84 4.76 3.90
N ASP B 51 13.36 3.82 3.08
CA ASP B 51 13.85 3.70 1.71
C ASP B 51 12.87 4.36 0.75
N ILE B 52 11.71 4.73 1.27
CA ILE B 52 10.67 5.35 0.46
C ILE B 52 10.81 6.87 0.47
N LYS B 53 10.64 7.48 -0.69
CA LYS B 53 10.73 8.93 -0.81
C LYS B 53 9.34 9.56 -0.69
N CYS B 54 8.39 8.99 -1.43
CA CYS B 54 7.01 9.44 -1.42
C CYS B 54 6.12 8.31 -1.91
N GLN B 55 4.82 8.50 -1.94
CA GLN B 55 3.94 7.46 -2.37
C GLN B 55 2.97 8.04 -3.38
N LYS B 56 2.31 7.22 -4.15
CA LYS B 56 1.30 7.67 -5.11
C LYS B 56 0.20 6.63 -5.11
N ILE B 57 -0.92 6.97 -5.69
CA ILE B 57 -2.04 6.03 -5.73
C ILE B 57 -2.78 6.14 -7.05
N SER B 58 -3.06 5.05 -7.75
CA SER B 58 -3.84 5.19 -8.96
C SER B 58 -5.22 5.59 -8.46
N PRO B 59 -5.56 6.88 -8.73
CA PRO B 59 -6.78 7.56 -8.27
C PRO B 59 -8.07 6.82 -8.56
N GLU B 60 -9.15 7.23 -7.89
CA GLU B 60 -10.45 6.65 -8.13
C GLU B 60 -10.84 6.96 -9.57
N GLY B 61 -11.33 5.96 -10.28
CA GLY B 61 -11.70 6.16 -11.66
C GLY B 61 -10.81 5.35 -12.59
N LYS B 62 -9.63 5.00 -12.10
CA LYS B 62 -8.72 4.17 -12.88
C LYS B 62 -9.30 2.77 -12.96
N ALA B 63 -8.88 1.99 -13.94
CA ALA B 63 -9.40 0.63 -14.09
C ALA B 63 -9.15 -0.18 -12.84
N LYS B 64 -8.04 0.08 -12.18
CA LYS B 64 -7.71 -0.63 -10.96
C LYS B 64 -7.11 0.33 -9.94
N ILE B 65 -7.66 0.32 -8.75
CA ILE B 65 -7.19 1.18 -7.66
C ILE B 65 -5.90 0.62 -7.10
N GLN B 66 -4.82 1.39 -7.15
CA GLN B 66 -3.53 0.87 -6.70
C GLN B 66 -2.69 1.91 -5.96
N LEU B 67 -1.61 1.43 -5.35
CA LEU B 67 -0.67 2.29 -4.63
C LEU B 67 0.70 2.17 -5.30
N GLN B 68 1.43 3.28 -5.34
CA GLN B 68 2.75 3.32 -5.93
C GLN B 68 3.78 3.83 -4.93
N LEU B 69 4.78 3.01 -4.63
CA LEU B 69 5.81 3.41 -3.70
C LEU B 69 7.01 3.97 -4.46
N VAL B 70 7.20 5.27 -4.41
CA VAL B 70 8.32 5.88 -5.09
C VAL B 70 9.50 5.97 -4.14
N LEU B 71 10.54 5.23 -4.46
CA LEU B 71 11.72 5.20 -3.63
C LEU B 71 12.58 6.44 -3.88
N HIS B 72 13.69 6.53 -3.16
CA HIS B 72 14.59 7.68 -3.24
C HIS B 72 15.17 7.91 -4.64
N ALA B 73 15.72 6.87 -5.25
CA ALA B 73 16.34 7.01 -6.57
C ALA B 73 15.31 7.26 -7.67
N GLY B 74 14.07 6.90 -7.39
CA GLY B 74 13.01 7.06 -8.36
C GLY B 74 12.40 5.72 -8.71
N ASP B 75 12.58 4.80 -7.78
CA ASP B 75 12.10 3.44 -7.91
C ASP B 75 10.62 3.44 -7.60
N THR B 76 9.90 2.44 -8.07
CA THR B 76 8.48 2.41 -7.82
C THR B 76 7.95 0.99 -7.65
N THR B 77 7.19 0.79 -6.59
CA THR B 77 6.58 -0.50 -6.31
C THR B 77 5.07 -0.38 -6.41
N ASN B 78 4.50 -0.92 -7.48
CA ASN B 78 3.07 -0.86 -7.71
C ASN B 78 2.32 -2.00 -7.05
N PHE B 79 1.31 -1.65 -6.28
CA PHE B 79 0.48 -2.63 -5.58
C PHE B 79 -0.98 -2.47 -6.01
N HIS B 80 -1.44 -3.41 -6.81
CA HIS B 80 -2.81 -3.40 -7.30
C HIS B 80 -3.74 -4.09 -6.31
N PHE B 81 -4.75 -3.37 -5.87
CA PHE B 81 -5.71 -3.91 -4.93
C PHE B 81 -6.79 -4.66 -5.70
N SER B 82 -6.60 -5.97 -5.81
CA SER B 82 -7.52 -6.82 -6.54
C SER B 82 -8.67 -7.30 -5.66
N ASN B 83 -8.87 -6.67 -4.52
CA ASN B 83 -9.97 -7.05 -3.64
C ASN B 83 -11.24 -6.36 -4.10
N GLU B 84 -12.10 -7.12 -4.76
CA GLU B 84 -13.33 -6.59 -5.31
C GLU B 84 -14.29 -6.10 -4.22
N SER B 85 -13.95 -6.33 -2.96
CA SER B 85 -14.79 -5.90 -1.87
C SER B 85 -14.58 -4.41 -1.53
N THR B 86 -13.36 -4.06 -1.12
CA THR B 86 -13.06 -2.68 -0.77
C THR B 86 -11.75 -2.18 -1.37
N ALA B 87 -11.41 -2.66 -2.57
CA ALA B 87 -10.16 -2.28 -3.26
C ALA B 87 -9.84 -0.80 -3.11
N VAL B 88 -10.83 0.03 -3.36
CA VAL B 88 -10.69 1.47 -3.29
C VAL B 88 -10.28 1.94 -1.89
N LYS B 89 -11.00 1.48 -0.87
CA LYS B 89 -10.74 1.92 0.48
C LYS B 89 -9.60 1.17 1.17
N GLU B 90 -9.30 -0.05 0.75
CA GLU B 90 -8.17 -0.75 1.34
C GLU B 90 -6.90 -0.03 0.90
N ARG B 91 -6.97 0.58 -0.29
CA ARG B 91 -5.86 1.36 -0.80
C ARG B 91 -5.72 2.59 0.07
N ASP B 92 -6.87 3.22 0.35
CA ASP B 92 -6.91 4.40 1.20
C ASP B 92 -6.35 4.09 2.58
N ALA B 93 -6.63 2.89 3.08
CA ALA B 93 -6.13 2.47 4.37
C ALA B 93 -4.60 2.43 4.35
N VAL B 94 -4.04 1.93 3.26
CA VAL B 94 -2.59 1.84 3.11
C VAL B 94 -2.03 3.22 2.86
N LYS B 95 -2.73 3.96 2.01
CA LYS B 95 -2.34 5.29 1.63
C LYS B 95 -2.33 6.22 2.84
N ASP B 96 -3.43 6.26 3.59
CA ASP B 96 -3.56 7.12 4.76
C ASP B 96 -2.57 6.72 5.84
N LEU B 97 -2.36 5.43 6.01
CA LEU B 97 -1.43 4.95 7.02
C LEU B 97 -0.01 5.23 6.58
N LEU B 98 0.20 5.32 5.28
CA LEU B 98 1.53 5.63 4.76
C LEU B 98 1.85 7.08 5.09
N GLN B 99 1.01 8.02 4.69
CA GLN B 99 1.20 9.43 5.06
C GLN B 99 1.31 9.58 6.59
N GLN B 100 0.90 8.53 7.31
CA GLN B 100 1.00 8.50 8.77
C GLN B 100 2.33 7.88 9.23
N LEU B 101 2.74 6.77 8.61
CA LEU B 101 3.95 6.06 8.99
C LEU B 101 5.20 6.59 8.28
N LEU B 102 5.05 7.10 7.08
CA LEU B 102 6.18 7.64 6.32
C LEU B 102 6.91 8.75 7.11
N PRO B 103 6.17 9.73 7.71
CA PRO B 103 6.79 10.79 8.52
C PRO B 103 7.55 10.25 9.73
N LYS B 104 7.17 9.05 10.18
CA LYS B 104 7.84 8.41 11.31
C LYS B 104 9.29 8.10 10.91
N PHE B 105 9.51 8.11 9.61
CA PHE B 105 10.82 7.86 9.02
C PHE B 105 11.19 9.04 8.13
N LYS B 106 10.51 10.18 8.38
CA LYS B 106 10.67 11.43 7.63
C LYS B 106 12.06 11.55 7.00
N ARG B 107 12.07 11.50 5.68
CA ARG B 107 13.30 11.56 4.92
C ARG B 107 13.88 12.98 4.91
N LYS B 108 15.12 13.09 5.36
CA LYS B 108 15.82 14.36 5.41
C LYS B 108 17.31 14.10 5.27
N ALA B 109 18.12 14.58 6.21
CA ALA B 109 19.56 14.35 6.18
C ALA B 109 19.88 13.01 6.82
N ASN B 110 18.87 12.14 6.81
CA ASN B 110 18.95 10.80 7.37
C ASN B 110 17.65 10.07 7.06
#